data_6PV7
#
_entry.id   6PV7
#
loop_
_entity.id
_entity.type
_entity.pdbx_description
1 polymer 'Fusion protein of Neuronal acetylcholine receptor subunit alpha-3 and Soluble cytochrome b562'
2 polymer 'Fusion protein of Neuronal acetylcholine receptor subunit beta-4 and Soluble cytochrome b562'
3 polymer 'IgG2b Fab heavy chain'
4 polymer 'Kappa Fab light chain'
5 branched 2-acetamido-2-deoxy-beta-D-glucopyranose-(1-4)-2-acetamido-2-deoxy-beta-D-glucopyranose
6 branched alpha-D-mannopyranose-(1-3)-[alpha-D-mannopyranose-(1-6)]beta-D-mannopyranose-(1-4)-2-acetamido-2-deoxy-beta-D-glucopyranose-(1-4)-2-acetamido-2-deoxy-beta-D-glucopyranose
7 branched beta-D-mannopyranose-(1-4)-2-acetamido-2-deoxy-beta-D-glucopyranose-(1-4)-2-acetamido-2-deoxy-beta-D-glucopyranose
8 non-polymer (S)-3-(1-METHYLPYRROLIDIN-2-YL)PYRIDINE
9 non-polymer 'CHOLESTEROL HEMISUCCINATE'
10 non-polymer 'SODIUM ION'
11 non-polymer 2-acetamido-2-deoxy-beta-D-glucopyranose
12 non-polymer nonane
13 water water
#
loop_
_entity_poly.entity_id
_entity_poly.type
_entity_poly.pdbx_seq_one_letter_code
_entity_poly.pdbx_strand_id
1 'polypeptide(L)'
;SEAEHRLFERLFEDYNEIIRPVANVSDPVIIHFEVSMSQLVKVDEVNQIMETNLWLKQIWNDYKLKWNPSDYGGAEFMRV
PAQKIWKPDIVLYNNAVGDFQVDDKTKALLKYTGEVTWIPPAIFKSSCKIDVTYFPFDYQNCTMKFGSWSYDKAKIDLVL
IGSSMNLKDYWESGEWAIIKAPGYKHDIKYNCCEEIYPDITYSLYIRRLPLFYTINLIIPCLLISFLTVLVFYLPSDCGE
KVTLCISVLLSLTVFLLVITETIPSTSLVIPLIGEYLLFTMIFVTLSIVITVFVLNVHYRTPTTHTMPSWVKTVFLNLLP
RVMFMTRPTSNEGNAQKPRPLYGAELSADLEDNWETLNDNLKVIEKADNAAQVKDALTKMRAAALDAQKATPPKLEDKSP
DSPEMKDFRHGFDILVGQIDDALKLANEGKVKEAQAAAEQLKTTRNAYIQKYLLSALSPEIKEAIQSVKYIAENMKAQNE
AKEIQDDWKYVAMVIDRIFLWVFTLVCILGTAGLFLQPLMAREDA
;
A,D
2 'polypeptide(L)'
;RVANAEEKLMDDLLNKTRYNNLIRPATSSSQLISIKLQLSLAQLISVNEREQIMTTNVWLKQEWTDYRLTWNSSRYEGVN
ILRIPAKRIWLPDIVLYNNADGTYEVSVYTNLIVRSNGSVLWLPPAIYKSACKIEVKYFPFDQQNCTLKFRSWTYDHTEI
DMVLMTPTASMDDFTPSGEWDIVALPGRRTVNPQDPSYVDVTYDFIIKRKPLFYTINLIIPCVLTTLLAILVFYLPSDCG
EKMTLCISVLLALTFFLLLISKIVPPTSLDVPLIGKYLMFTMVLVTFSIVTSVCVLNVHHRSPSTHTMAPWVKRCFLHKL
PTFLFMKRPGPDSSPARAFPADLEDNWETLNDNLKVIEKADNAAQVKDALTKMRAAALDAQKATPPKLEDKSPDSPEMKD
FRHGFDILVGQIDDALKLANEGKVKEAQAAAEQLKTTRNAYIQKYLSGRFRQDVQEALEGVSFIAQHMKNDDEDQSVVED
WKYVAMVVDRLFLWVFMFVCVLGTVGLFLPPLFQTHAASEGPYAAQRDSAWSHPQFEK
;
B,C,E
3 'polypeptide(L)'
;QVQLQQSGPELVRPGVSVKISCKGSGYTFTDYALYWVRQSHAKSLEWIGVINPYSGNTNYNQKFKGKATMTVDKSSSTAY
MELARLTSDDSAIYYCASGYDGYPYTMDYWGPGASVTVSSAKTTPPSVYPLAPGCGDTTGSSVTLGCLVKGYFPESVTVT
WNSGSLSSSVHTFPALLQSGLYTMSSSVTVPSSTWPSQTVTCSVAHPASSTTVDKKLEP
;
F,H
4 'polypeptide(L)'
;QIVLTQSPAIMSASPGEKVTMTCSASSSMTYMHWYQQKSGTSPKRWIYDTSQLASGVPARFRGSGSGTSFSLTISSMEAE
DAATYYCQQWSSNPLTFGGGTKLELKRADAAPTVSIFPPSSEQLTSGGASVVCFLNNFYPKDINVKWKIDGSERQNGVLN
SWTDQDSKDSTYSMSSTLTLTKDEYERHNSYTCEATHKTSTSPIVKSFNRNEC
;
G,I
#
loop_
_chem_comp.id
_chem_comp.type
_chem_comp.name
_chem_comp.formula
BMA D-saccharide, beta linking beta-D-mannopyranose 'C6 H12 O6'
DD9 non-polymer nonane 'C9 H20'
MAN D-saccharide, alpha linking alpha-D-mannopyranose 'C6 H12 O6'
NA non-polymer 'SODIUM ION' 'Na 1'
NAG D-saccharide, beta linking 2-acetamido-2-deoxy-beta-D-glucopyranose 'C8 H15 N O6'
NCT non-polymer (S)-3-(1-METHYLPYRROLIDIN-2-YL)PYRIDINE 'C10 H14 N2'
Y01 non-polymer 'CHOLESTEROL HEMISUCCINATE' 'C31 H50 O4'
#
# COMPACT_ATOMS: atom_id res chain seq x y z
N SER A 1 9.25 5.83 -43.63
CA SER A 1 10.10 5.92 -44.81
C SER A 1 10.52 4.54 -45.29
N GLU A 2 10.71 4.41 -46.60
CA GLU A 2 11.22 3.16 -47.15
C GLU A 2 12.69 2.97 -46.81
N ALA A 3 13.46 4.07 -46.86
CA ALA A 3 14.89 3.98 -46.56
C ALA A 3 15.14 3.71 -45.09
N GLU A 4 14.34 4.29 -44.20
CA GLU A 4 14.47 3.99 -42.78
C GLU A 4 14.03 2.57 -42.45
N HIS A 5 13.04 2.05 -43.19
CA HIS A 5 12.64 0.66 -43.01
C HIS A 5 13.75 -0.30 -43.47
N ARG A 6 14.41 0.03 -44.57
CA ARG A 6 15.53 -0.79 -45.04
C ARG A 6 16.71 -0.69 -44.10
N LEU A 7 16.95 0.49 -43.52
CA LEU A 7 18.01 0.65 -42.53
C LEU A 7 17.73 -0.14 -41.26
N PHE A 8 16.47 -0.17 -40.82
CA PHE A 8 16.14 -0.96 -39.63
C PHE A 8 16.24 -2.45 -39.93
N GLU A 9 15.97 -2.84 -41.17
CA GLU A 9 16.11 -4.25 -41.53
C GLU A 9 17.58 -4.65 -41.63
N ARG A 10 18.43 -3.74 -42.14
CA ARG A 10 19.85 -4.02 -42.29
C ARG A 10 20.58 -3.95 -40.95
N LEU A 11 20.06 -3.16 -40.01
CA LEU A 11 20.79 -2.83 -38.80
C LEU A 11 20.81 -4.00 -37.81
N PHE A 12 19.74 -4.79 -37.77
CA PHE A 12 19.55 -5.84 -36.76
C PHE A 12 19.43 -7.21 -37.39
N GLU A 13 20.13 -7.44 -38.51
CA GLU A 13 20.15 -8.77 -39.11
C GLU A 13 20.97 -9.73 -38.28
N ASP A 14 22.12 -9.28 -37.77
CA ASP A 14 22.92 -10.06 -36.84
C ASP A 14 23.50 -9.13 -35.78
N TYR A 15 23.01 -9.25 -34.55
CA TYR A 15 23.45 -8.36 -33.47
C TYR A 15 23.37 -9.13 -32.17
N ASN A 16 24.51 -9.63 -31.71
CA ASN A 16 24.60 -10.22 -30.37
C ASN A 16 24.38 -9.14 -29.33
N GLU A 17 23.26 -9.21 -28.64
CA GLU A 17 22.87 -8.22 -27.63
C GLU A 17 23.51 -8.45 -26.29
N ILE A 18 24.47 -9.37 -26.19
CA ILE A 18 25.08 -9.70 -24.91
C ILE A 18 26.60 -9.57 -24.91
N ILE A 19 27.23 -9.15 -26.00
CA ILE A 19 28.66 -8.86 -25.98
C ILE A 19 28.88 -7.37 -25.91
N ARG A 20 29.93 -6.97 -25.20
CA ARG A 20 30.21 -5.55 -25.02
C ARG A 20 30.74 -4.93 -26.32
N PRO A 21 30.29 -3.73 -26.68
CA PRO A 21 30.38 -3.22 -28.04
C PRO A 21 31.65 -2.42 -28.32
N VAL A 22 32.80 -3.06 -28.17
CA VAL A 22 34.07 -2.43 -28.49
C VAL A 22 34.62 -3.03 -29.77
N ALA A 23 35.35 -2.22 -30.53
CA ALA A 23 36.05 -2.75 -31.69
C ALA A 23 37.22 -3.61 -31.26
N ASN A 24 38.04 -3.10 -30.35
CA ASN A 24 39.18 -3.81 -29.81
C ASN A 24 38.90 -4.14 -28.35
N VAL A 25 39.29 -5.35 -27.92
CA VAL A 25 38.80 -5.90 -26.68
C VAL A 25 39.44 -5.22 -25.47
N SER A 26 40.67 -4.72 -25.62
CA SER A 26 41.39 -4.11 -24.51
C SER A 26 41.09 -2.61 -24.36
N ASP A 27 39.91 -2.18 -24.77
CA ASP A 27 39.46 -0.80 -24.71
C ASP A 27 38.17 -0.74 -23.91
N PRO A 28 38.07 0.10 -22.88
CA PRO A 28 36.81 0.20 -22.15
C PRO A 28 35.78 1.06 -22.88
N VAL A 29 34.50 0.73 -22.66
CA VAL A 29 33.46 1.66 -23.07
C VAL A 29 33.43 2.85 -22.12
N ILE A 30 32.99 3.98 -22.64
CA ILE A 30 33.02 5.24 -21.89
C ILE A 30 31.59 5.74 -21.83
N ILE A 31 30.98 5.67 -20.65
CA ILE A 31 29.55 5.89 -20.48
C ILE A 31 29.38 7.24 -19.79
N HIS A 32 28.98 8.25 -20.55
CA HIS A 32 28.69 9.55 -19.98
C HIS A 32 27.38 9.50 -19.21
N PHE A 33 27.43 9.84 -17.93
CA PHE A 33 26.36 9.55 -17.00
C PHE A 33 25.86 10.82 -16.33
N GLU A 34 24.54 10.96 -16.23
CA GLU A 34 23.91 12.15 -15.66
C GLU A 34 22.60 11.72 -15.04
N VAL A 35 22.25 12.33 -13.91
CA VAL A 35 20.96 12.04 -13.29
C VAL A 35 20.18 13.34 -13.16
N SER A 36 18.88 13.24 -13.39
CA SER A 36 17.98 14.37 -13.30
C SER A 36 16.86 14.02 -12.34
N MET A 37 16.37 14.99 -11.59
CA MET A 37 15.36 14.74 -10.57
C MET A 37 14.07 15.44 -10.94
N SER A 38 12.99 14.67 -10.99
CA SER A 38 11.66 15.25 -11.16
C SER A 38 11.14 15.79 -9.84
N GLN A 39 11.06 14.96 -8.81
CA GLN A 39 10.70 15.44 -7.49
C GLN A 39 11.31 14.56 -6.41
N LEU A 40 11.30 15.10 -5.20
CA LEU A 40 11.72 14.41 -3.99
C LEU A 40 10.45 14.01 -3.25
N VAL A 41 10.06 12.73 -3.35
CA VAL A 41 8.72 12.32 -2.98
C VAL A 41 8.50 12.44 -1.48
N LYS A 42 9.28 11.67 -0.70
CA LYS A 42 9.29 11.83 0.75
C LYS A 42 10.59 11.29 1.29
N VAL A 43 10.98 11.80 2.45
CA VAL A 43 12.06 11.24 3.25
C VAL A 43 11.47 10.79 4.58
N ASP A 44 11.38 9.47 4.77
CA ASP A 44 10.81 8.92 5.99
C ASP A 44 11.84 9.05 7.10
N GLU A 45 11.55 9.91 8.08
CA GLU A 45 12.48 10.09 9.18
C GLU A 45 12.51 8.87 10.09
N VAL A 46 11.37 8.20 10.27
CA VAL A 46 11.28 7.08 11.18
C VAL A 46 11.99 5.86 10.60
N ASN A 47 11.79 5.59 9.31
CA ASN A 47 12.35 4.35 8.69
C ASN A 47 13.75 4.58 8.08
N GLN A 48 14.16 5.84 7.95
CA GLN A 48 15.45 6.22 7.34
C GLN A 48 15.55 5.72 5.91
N ILE A 49 14.63 6.21 5.07
CA ILE A 49 14.52 5.79 3.68
C ILE A 49 14.15 7.03 2.89
N MET A 50 14.34 6.98 1.57
CA MET A 50 14.26 8.21 0.78
C MET A 50 13.76 7.87 -0.62
N GLU A 51 12.60 8.39 -0.99
CA GLU A 51 11.97 8.08 -2.26
C GLU A 51 12.18 9.23 -3.24
N THR A 52 12.81 8.93 -4.38
CA THR A 52 13.10 9.92 -5.41
C THR A 52 12.63 9.42 -6.77
N ASN A 53 12.32 10.37 -7.65
CA ASN A 53 11.97 10.12 -9.05
C ASN A 53 13.10 10.63 -9.93
N LEU A 54 13.81 9.72 -10.61
CA LEU A 54 15.04 10.08 -11.29
C LEU A 54 15.00 9.64 -12.75
N TRP A 55 15.57 10.47 -13.61
CA TRP A 55 15.85 10.14 -15.00
C TRP A 55 17.35 9.88 -15.13
N LEU A 56 17.72 8.76 -15.75
CA LEU A 56 19.11 8.31 -15.75
C LEU A 56 19.70 8.45 -17.15
N LYS A 57 20.20 9.64 -17.48
CA LYS A 57 20.76 9.89 -18.80
C LYS A 57 22.07 9.16 -18.97
N GLN A 58 22.14 8.24 -19.94
CA GLN A 58 23.33 7.45 -20.20
C GLN A 58 23.68 7.52 -21.68
N ILE A 59 24.90 7.92 -22.00
CA ILE A 59 25.34 8.09 -23.38
C ILE A 59 26.58 7.25 -23.60
N TRP A 60 26.54 6.34 -24.56
CA TRP A 60 27.74 5.57 -24.89
C TRP A 60 27.85 5.43 -26.40
N ASN A 61 28.83 4.66 -26.85
CA ASN A 61 29.14 4.55 -28.27
C ASN A 61 29.20 3.08 -28.66
N ASP A 62 28.91 2.80 -29.93
CA ASP A 62 28.81 1.44 -30.42
C ASP A 62 29.39 1.38 -31.82
N TYR A 63 30.32 0.45 -32.04
CA TYR A 63 31.00 0.39 -33.33
C TYR A 63 30.15 -0.27 -34.39
N LYS A 64 29.16 -1.06 -34.00
CA LYS A 64 28.41 -1.87 -34.93
C LYS A 64 27.13 -1.18 -35.40
N LEU A 65 26.69 -0.14 -34.72
CA LEU A 65 25.44 0.55 -35.05
C LEU A 65 25.67 1.89 -35.73
N LYS A 66 26.62 2.00 -36.63
CA LYS A 66 26.86 3.23 -37.38
C LYS A 66 26.55 3.02 -38.86
N TRP A 67 26.00 4.05 -39.50
CA TRP A 67 25.59 3.96 -40.89
C TRP A 67 25.92 5.25 -41.61
N ASN A 68 25.64 5.28 -42.92
CA ASN A 68 25.90 6.39 -43.83
C ASN A 68 24.63 7.15 -44.11
N PRO A 69 24.57 8.46 -43.89
CA PRO A 69 23.32 9.19 -44.18
C PRO A 69 23.07 9.40 -45.66
N SER A 70 24.11 9.49 -46.48
CA SER A 70 23.94 9.75 -47.90
C SER A 70 23.43 8.54 -48.66
N ASP A 71 23.52 7.35 -48.09
CA ASP A 71 23.06 6.14 -48.75
C ASP A 71 21.72 5.66 -48.24
N TYR A 72 21.28 6.11 -47.07
CA TYR A 72 19.99 5.71 -46.50
C TYR A 72 19.12 6.95 -46.32
N GLY A 73 18.52 7.39 -47.43
CA GLY A 73 17.51 8.44 -47.48
C GLY A 73 17.73 9.77 -46.78
N GLY A 74 18.95 10.05 -46.33
CA GLY A 74 19.17 11.19 -45.47
C GLY A 74 18.83 10.98 -44.02
N ALA A 75 18.61 9.73 -43.59
CA ALA A 75 18.24 9.45 -42.22
C ALA A 75 19.44 9.57 -41.29
N GLU A 76 19.23 10.21 -40.14
CA GLU A 76 20.29 10.38 -39.16
C GLU A 76 19.94 9.90 -37.76
N PHE A 77 18.67 9.64 -37.46
CA PHE A 77 18.27 9.19 -36.14
C PHE A 77 17.33 8.00 -36.26
N MET A 78 17.55 6.99 -35.42
CA MET A 78 16.67 5.85 -35.33
C MET A 78 16.23 5.65 -33.88
N ARG A 79 15.01 5.18 -33.70
CA ARG A 79 14.54 4.74 -32.40
C ARG A 79 14.49 3.22 -32.38
N VAL A 80 15.14 2.63 -31.39
CA VAL A 80 15.18 1.18 -31.24
C VAL A 80 14.66 0.83 -29.86
N PRO A 81 14.12 -0.37 -29.65
CA PRO A 81 13.77 -0.77 -28.28
C PRO A 81 15.01 -0.98 -27.44
N ALA A 82 14.86 -0.80 -26.13
CA ALA A 82 15.97 -1.02 -25.22
C ALA A 82 16.32 -2.49 -25.06
N GLN A 83 15.43 -3.39 -25.46
CA GLN A 83 15.66 -4.81 -25.30
C GLN A 83 16.61 -5.37 -26.37
N LYS A 84 16.67 -4.74 -27.55
CA LYS A 84 17.48 -5.31 -28.62
C LYS A 84 18.95 -4.91 -28.53
N ILE A 85 19.27 -3.74 -28.03
CA ILE A 85 20.65 -3.27 -28.02
C ILE A 85 21.33 -3.68 -26.73
N TRP A 86 22.66 -3.62 -26.73
CA TRP A 86 23.42 -3.76 -25.50
C TRP A 86 23.29 -2.50 -24.67
N LYS A 87 23.23 -2.66 -23.34
CA LYS A 87 23.10 -1.51 -22.47
C LYS A 87 23.68 -1.86 -21.10
N PRO A 88 24.37 -0.92 -20.45
CA PRO A 88 25.05 -1.25 -19.18
C PRO A 88 24.10 -1.46 -18.02
N ASP A 89 24.65 -1.87 -16.88
CA ASP A 89 23.86 -2.10 -15.66
C ASP A 89 24.37 -1.19 -14.55
N ILE A 90 23.89 0.05 -14.54
CA ILE A 90 24.21 1.01 -13.49
C ILE A 90 23.24 0.75 -12.34
N VAL A 91 23.78 0.34 -11.20
CA VAL A 91 22.99 -0.14 -10.07
C VAL A 91 23.41 0.63 -8.85
N LEU A 92 22.44 1.22 -8.14
CA LEU A 92 22.80 1.95 -6.93
C LEU A 92 22.98 0.96 -5.79
N TYR A 93 24.08 1.11 -5.06
CA TYR A 93 24.45 0.14 -3.99
C TYR A 93 23.55 0.27 -2.76
N ASN A 94 23.35 1.48 -2.24
CA ASN A 94 22.56 1.67 -1.03
C ASN A 94 21.07 1.78 -1.37
N ASN A 95 20.50 0.64 -1.73
CA ASN A 95 19.09 0.51 -1.99
C ASN A 95 18.44 -0.21 -0.80
N ALA A 96 17.13 -0.04 -0.64
CA ALA A 96 16.45 -0.54 0.55
C ALA A 96 15.13 -1.25 0.28
N VAL A 97 14.53 -1.15 -0.91
CA VAL A 97 13.27 -1.82 -1.21
C VAL A 97 13.37 -2.44 -2.60
N GLY A 98 13.16 -3.75 -2.68
CA GLY A 98 12.84 -4.39 -3.95
C GLY A 98 14.04 -4.73 -4.82
N ASP A 99 13.75 -4.85 -6.12
CA ASP A 99 14.75 -5.19 -7.11
C ASP A 99 15.69 -4.02 -7.39
N PHE A 100 16.80 -4.30 -8.07
CA PHE A 100 17.79 -3.27 -8.34
C PHE A 100 17.80 -2.80 -9.79
N GLN A 101 17.43 -3.65 -10.74
CA GLN A 101 17.46 -3.26 -12.15
C GLN A 101 16.33 -2.31 -12.48
N VAL A 102 16.58 -1.43 -13.45
CA VAL A 102 15.56 -0.54 -14.00
C VAL A 102 14.92 -1.25 -15.19
N ASP A 103 13.62 -1.04 -15.38
CA ASP A 103 12.91 -1.72 -16.46
C ASP A 103 13.26 -1.11 -17.81
N ASP A 104 12.88 -1.82 -18.87
CA ASP A 104 13.14 -1.41 -20.25
C ASP A 104 11.84 -1.44 -21.05
N LYS A 105 11.07 -0.36 -20.92
CA LYS A 105 9.96 -0.05 -21.80
C LYS A 105 10.24 1.15 -22.68
N THR A 106 11.24 1.95 -22.35
CA THR A 106 11.59 3.14 -23.08
C THR A 106 12.36 2.78 -24.34
N LYS A 107 12.70 3.78 -25.15
CA LYS A 107 13.34 3.57 -26.44
C LYS A 107 14.63 4.35 -26.52
N ALA A 108 15.65 3.74 -27.12
CA ALA A 108 16.94 4.40 -27.26
C ALA A 108 16.95 5.27 -28.51
N LEU A 109 18.03 6.01 -28.70
CA LEU A 109 18.15 6.97 -29.82
C LEU A 109 19.52 6.78 -30.47
N LEU A 110 19.53 6.17 -31.64
CA LEU A 110 20.76 5.95 -32.39
C LEU A 110 21.02 7.15 -33.29
N LYS A 111 22.17 7.77 -33.12
CA LYS A 111 22.72 8.72 -34.08
C LYS A 111 23.62 7.94 -35.04
N TYR A 112 23.82 8.48 -36.23
CA TYR A 112 24.53 7.75 -37.29
C TYR A 112 26.01 7.54 -36.98
N THR A 113 26.56 8.30 -36.05
CA THR A 113 27.94 8.16 -35.64
C THR A 113 28.14 7.07 -34.59
N GLY A 114 27.09 6.34 -34.23
CA GLY A 114 27.18 5.30 -33.24
C GLY A 114 26.75 5.69 -31.85
N GLU A 115 26.47 6.98 -31.62
CA GLU A 115 26.15 7.46 -30.28
C GLU A 115 24.77 6.98 -29.86
N VAL A 116 24.70 6.30 -28.73
CA VAL A 116 23.46 5.77 -28.19
C VAL A 116 23.13 6.54 -26.93
N THR A 117 21.88 6.97 -26.80
CA THR A 117 21.41 7.77 -25.67
C THR A 117 20.20 7.08 -25.07
N TRP A 118 20.27 6.77 -23.77
CA TRP A 118 19.23 5.98 -23.12
C TRP A 118 18.81 6.69 -21.85
N ILE A 119 17.51 6.97 -21.72
CA ILE A 119 16.97 7.73 -20.61
C ILE A 119 15.88 6.90 -19.92
N PRO A 120 16.19 6.04 -18.96
CA PRO A 120 15.13 5.37 -18.22
C PRO A 120 14.68 6.20 -17.03
N PRO A 121 13.39 6.20 -16.74
CA PRO A 121 12.90 6.75 -15.48
C PRO A 121 12.81 5.68 -14.41
N ALA A 122 12.95 6.10 -13.16
CA ALA A 122 12.93 5.14 -12.07
C ALA A 122 12.54 5.81 -10.77
N ILE A 123 11.95 5.03 -9.87
CA ILE A 123 11.80 5.40 -8.47
C ILE A 123 12.94 4.74 -7.71
N PHE A 124 13.43 5.43 -6.70
CA PHE A 124 14.51 4.86 -5.90
C PHE A 124 14.24 5.07 -4.42
N LYS A 125 14.41 4.01 -3.64
CA LYS A 125 14.32 4.02 -2.19
C LYS A 125 15.76 3.93 -1.65
N SER A 126 16.41 5.07 -1.56
CA SER A 126 17.72 5.11 -0.92
C SER A 126 17.59 4.96 0.59
N SER A 127 18.71 4.70 1.24
CA SER A 127 18.72 4.40 2.67
C SER A 127 19.71 5.30 3.40
N CYS A 128 19.58 6.60 3.20
CA CYS A 128 20.46 7.54 3.87
C CYS A 128 20.13 7.62 5.36
N LYS A 129 21.17 7.83 6.17
CA LYS A 129 21.00 8.01 7.60
C LYS A 129 20.77 9.48 7.90
N ILE A 130 20.01 9.73 8.96
CA ILE A 130 19.65 11.08 9.33
C ILE A 130 20.06 11.34 10.78
N ASP A 131 20.33 12.59 11.07
CA ASP A 131 20.58 13.06 12.43
C ASP A 131 19.48 14.04 12.84
N VAL A 132 18.89 13.80 14.00
CA VAL A 132 17.80 14.63 14.47
C VAL A 132 18.21 15.35 15.76
N THR A 133 19.50 15.67 15.88
CA THR A 133 19.98 16.40 17.04
C THR A 133 19.42 17.81 17.10
N TYR A 134 19.05 18.38 15.95
CA TYR A 134 18.32 19.63 15.88
C TYR A 134 16.98 19.31 15.24
N PHE A 135 15.90 19.86 15.77
CA PHE A 135 14.59 19.56 15.20
C PHE A 135 13.63 20.69 15.54
N PRO A 136 12.98 21.30 14.55
CA PRO A 136 13.03 21.05 13.11
C PRO A 136 14.03 21.96 12.39
N PHE A 137 15.01 22.47 13.12
CA PHE A 137 15.96 23.44 12.57
C PHE A 137 17.20 22.75 12.03
N ASP A 138 17.03 21.74 11.18
CA ASP A 138 18.13 20.85 10.83
C ASP A 138 18.44 20.87 9.33
N TYR A 139 19.69 20.58 9.01
CA TYR A 139 20.17 20.38 7.66
C TYR A 139 20.52 18.90 7.54
N GLN A 140 20.12 18.26 6.44
CA GLN A 140 20.40 16.84 6.28
C GLN A 140 21.07 16.55 4.95
N ASN A 141 21.87 15.49 4.96
CA ASN A 141 22.75 15.10 3.88
C ASN A 141 22.44 13.65 3.53
N CYS A 142 22.10 13.40 2.27
CA CYS A 142 21.75 12.05 1.86
C CYS A 142 22.40 11.71 0.52
N THR A 143 22.97 10.50 0.44
CA THR A 143 23.83 10.12 -0.66
C THR A 143 23.21 8.99 -1.49
N MET A 144 23.55 8.98 -2.76
CA MET A 144 23.20 7.92 -3.70
C MET A 144 24.46 7.49 -4.44
N LYS A 145 24.63 6.19 -4.64
CA LYS A 145 25.92 5.63 -5.06
C LYS A 145 25.70 4.75 -6.29
N PHE A 146 25.71 5.34 -7.48
CA PHE A 146 25.49 4.61 -8.71
C PHE A 146 26.80 4.01 -9.20
N GLY A 147 26.68 2.94 -9.98
CA GLY A 147 27.86 2.32 -10.55
C GLY A 147 27.59 1.00 -11.22
N SER A 148 28.49 0.58 -12.11
CA SER A 148 28.33 -0.70 -12.78
C SER A 148 28.58 -1.84 -11.80
N TRP A 149 27.73 -2.86 -11.86
CA TRP A 149 27.81 -3.93 -10.89
C TRP A 149 28.91 -4.94 -11.20
N SER A 150 29.17 -5.22 -12.47
CA SER A 150 30.07 -6.31 -12.86
C SER A 150 31.37 -5.86 -13.50
N TYR A 151 31.31 -4.93 -14.44
CA TYR A 151 32.46 -4.59 -15.26
C TYR A 151 33.46 -3.75 -14.48
N ASP A 152 34.73 -3.87 -14.86
CA ASP A 152 35.84 -3.28 -14.12
C ASP A 152 35.97 -1.80 -14.45
N LYS A 153 37.10 -1.21 -14.06
CA LYS A 153 37.45 0.12 -14.53
C LYS A 153 38.10 0.04 -15.90
N ALA A 154 38.65 -1.12 -16.25
CA ALA A 154 39.25 -1.35 -17.55
C ALA A 154 38.25 -1.84 -18.58
N LYS A 155 36.97 -1.92 -18.24
CA LYS A 155 35.96 -2.36 -19.21
C LYS A 155 34.79 -1.39 -19.26
N ILE A 156 34.46 -0.73 -18.14
CA ILE A 156 33.60 0.45 -18.14
C ILE A 156 34.35 1.57 -17.43
N ASP A 157 34.49 2.71 -18.11
CA ASP A 157 34.95 3.94 -17.48
C ASP A 157 33.77 4.89 -17.45
N LEU A 158 33.36 5.29 -16.25
CA LEU A 158 32.25 6.23 -16.09
C LEU A 158 32.77 7.66 -16.13
N VAL A 159 31.97 8.56 -16.73
CA VAL A 159 32.30 9.97 -16.85
C VAL A 159 31.04 10.77 -16.53
N LEU A 160 31.16 11.74 -15.62
CA LEU A 160 30.03 12.64 -15.40
C LEU A 160 29.93 13.63 -16.55
N ILE A 161 28.69 13.98 -16.89
CA ILE A 161 28.47 14.98 -17.93
C ILE A 161 28.67 16.38 -17.37
N GLY A 162 27.90 16.74 -16.35
CA GLY A 162 28.05 18.01 -15.68
C GLY A 162 28.89 17.89 -14.42
N SER A 163 28.53 18.67 -13.41
CA SER A 163 29.14 18.54 -12.10
C SER A 163 28.10 18.47 -11.00
N SER A 164 26.81 18.42 -11.33
CA SER A 164 25.74 18.36 -10.35
C SER A 164 24.54 17.69 -10.98
N MET A 165 23.58 17.34 -10.13
CA MET A 165 22.32 16.80 -10.60
C MET A 165 21.48 17.90 -11.23
N ASN A 166 20.76 17.56 -12.30
CA ASN A 166 19.89 18.54 -12.94
C ASN A 166 18.66 18.83 -12.08
N LEU A 167 18.44 20.11 -11.81
CA LEU A 167 17.24 20.59 -11.14
C LEU A 167 16.46 21.52 -12.05
N LYS A 168 16.48 21.24 -13.35
CA LYS A 168 15.78 22.07 -14.32
C LYS A 168 14.30 21.72 -14.41
N ASP A 169 13.99 20.42 -14.35
CA ASP A 169 12.60 19.95 -14.34
C ASP A 169 12.15 19.57 -12.93
N TYR A 170 12.72 20.19 -11.91
CA TYR A 170 12.45 19.84 -10.52
C TYR A 170 11.08 20.34 -10.11
N TRP A 171 10.16 19.42 -9.86
CA TRP A 171 8.90 19.77 -9.21
C TRP A 171 9.17 20.14 -7.76
N GLU A 172 8.74 21.34 -7.38
CA GLU A 172 8.97 21.85 -6.00
C GLU A 172 8.36 20.87 -4.99
N SER A 173 8.88 20.88 -3.76
CA SER A 173 8.36 20.00 -2.71
C SER A 173 7.37 20.72 -1.81
N GLY A 174 7.76 21.84 -1.23
CA GLY A 174 6.94 22.54 -0.26
C GLY A 174 7.25 22.20 1.18
N GLU A 175 8.13 21.26 1.42
CA GLU A 175 8.53 20.84 2.75
C GLU A 175 10.04 20.82 2.93
N TRP A 176 10.79 20.45 1.91
CA TRP A 176 12.24 20.40 1.95
C TRP A 176 12.81 21.28 0.84
N ALA A 177 13.80 22.09 1.17
CA ALA A 177 14.44 22.98 0.20
C ALA A 177 15.85 22.48 -0.07
N ILE A 178 16.17 22.30 -1.35
CA ILE A 178 17.49 21.78 -1.74
C ILE A 178 18.48 22.94 -1.77
N ILE A 179 19.58 22.78 -1.04
CA ILE A 179 20.66 23.76 -1.03
C ILE A 179 21.64 23.44 -2.15
N LYS A 180 22.17 22.22 -2.18
CA LYS A 180 23.13 21.82 -3.19
C LYS A 180 23.13 20.31 -3.35
N ALA A 181 23.46 19.85 -4.55
CA ALA A 181 23.52 18.42 -4.86
C ALA A 181 24.67 18.12 -5.82
N PRO A 182 25.88 17.97 -5.30
CA PRO A 182 27.02 17.67 -6.18
C PRO A 182 27.15 16.18 -6.45
N GLY A 183 28.01 15.88 -7.42
CA GLY A 183 28.30 14.51 -7.82
C GLY A 183 29.78 14.28 -8.04
N TYR A 184 30.30 13.18 -7.51
CA TYR A 184 31.73 12.92 -7.38
C TYR A 184 32.05 11.51 -7.86
N LYS A 185 33.09 11.39 -8.67
CA LYS A 185 33.52 10.09 -9.20
C LYS A 185 34.62 9.50 -8.34
N HIS A 186 34.45 8.23 -7.95
CA HIS A 186 35.46 7.52 -7.18
C HIS A 186 35.85 6.23 -7.90
N ASP A 187 37.05 5.74 -7.56
CA ASP A 187 37.59 4.49 -8.10
C ASP A 187 38.02 3.66 -6.89
N ILE A 188 37.16 2.74 -6.46
CA ILE A 188 37.34 2.07 -5.18
C ILE A 188 37.61 0.59 -5.41
N LYS A 189 38.18 -0.04 -4.38
CA LYS A 189 38.58 -1.43 -4.43
C LYS A 189 37.96 -2.16 -3.24
N TYR A 190 37.18 -3.19 -3.52
CA TYR A 190 36.50 -3.94 -2.48
C TYR A 190 37.37 -5.08 -1.97
N ASN A 191 37.03 -5.57 -0.78
CA ASN A 191 37.81 -6.64 -0.17
C ASN A 191 37.40 -8.03 -0.62
N CYS A 192 36.31 -8.15 -1.39
CA CYS A 192 36.03 -9.41 -2.06
C CYS A 192 37.05 -9.68 -3.15
N CYS A 193 37.35 -8.65 -3.93
CA CYS A 193 37.77 -8.82 -5.31
C CYS A 193 39.04 -8.01 -5.55
N GLU A 194 39.89 -8.49 -6.45
CA GLU A 194 41.23 -7.96 -6.60
C GLU A 194 41.34 -6.82 -7.61
N GLU A 195 40.22 -6.27 -8.06
CA GLU A 195 40.23 -5.29 -9.14
C GLU A 195 39.44 -4.04 -8.75
N ILE A 196 39.69 -2.95 -9.46
CA ILE A 196 39.17 -1.64 -9.12
C ILE A 196 37.87 -1.40 -9.87
N TYR A 197 36.84 -0.97 -9.15
CA TYR A 197 35.54 -0.65 -9.69
C TYR A 197 35.25 0.84 -9.54
N PRO A 198 34.77 1.51 -10.59
CA PRO A 198 34.42 2.92 -10.48
C PRO A 198 32.96 3.12 -10.10
N ASP A 199 32.67 4.29 -9.54
CA ASP A 199 31.31 4.62 -9.15
C ASP A 199 31.14 6.15 -9.11
N ILE A 200 29.89 6.59 -9.08
CA ILE A 200 29.54 8.00 -9.06
C ILE A 200 28.55 8.23 -7.93
N THR A 201 28.88 9.15 -7.03
CA THR A 201 28.11 9.41 -5.82
C THR A 201 27.51 10.81 -5.88
N TYR A 202 26.19 10.90 -5.75
CA TYR A 202 25.49 12.16 -5.65
C TYR A 202 25.09 12.42 -4.21
N SER A 203 25.05 13.69 -3.82
CA SER A 203 24.88 14.05 -2.41
C SER A 203 23.88 15.21 -2.26
N LEU A 204 22.61 14.89 -2.05
CA LEU A 204 21.61 15.92 -1.78
C LEU A 204 21.82 16.51 -0.39
N TYR A 205 21.77 17.84 -0.31
CA TYR A 205 21.91 18.56 0.95
C TYR A 205 20.68 19.43 1.10
N ILE A 206 19.72 18.93 1.88
CA ILE A 206 18.40 19.53 1.98
C ILE A 206 18.25 20.15 3.36
N ARG A 207 17.25 21.03 3.47
CA ARG A 207 16.89 21.60 4.76
C ARG A 207 15.38 21.58 4.91
N ARG A 208 14.92 21.30 6.12
CA ARG A 208 13.50 21.37 6.42
C ARG A 208 13.11 22.82 6.57
N LEU A 209 11.96 23.19 5.99
CA LEU A 209 11.36 24.49 6.22
C LEU A 209 10.55 24.40 7.51
N PRO A 210 10.97 25.08 8.58
CA PRO A 210 10.40 24.83 9.91
C PRO A 210 9.24 25.74 10.33
N LEU A 211 8.08 25.52 9.76
CA LEU A 211 6.90 26.25 10.21
C LEU A 211 5.75 25.34 10.62
N PHE A 212 5.68 24.13 10.08
CA PHE A 212 4.64 23.20 10.49
C PHE A 212 4.90 22.65 11.88
N TYR A 213 6.16 22.56 12.29
CA TYR A 213 6.49 21.99 13.59
C TYR A 213 6.65 23.02 14.68
N THR A 214 7.07 24.25 14.33
CA THR A 214 7.17 25.28 15.35
C THR A 214 5.82 25.88 15.73
N ILE A 215 4.76 25.58 14.97
CA ILE A 215 3.43 26.05 15.32
C ILE A 215 2.60 24.91 15.92
N ASN A 216 3.09 23.68 15.88
CA ASN A 216 2.35 22.53 16.36
C ASN A 216 3.10 21.66 17.35
N LEU A 217 4.40 21.88 17.56
CA LEU A 217 5.15 21.05 18.50
C LEU A 217 6.06 21.83 19.44
N ILE A 218 6.45 23.05 19.12
CA ILE A 218 7.41 23.80 19.95
C ILE A 218 6.72 24.88 20.78
N ILE A 219 5.83 25.66 20.17
CA ILE A 219 5.10 26.68 20.93
C ILE A 219 4.13 26.10 21.96
N PRO A 220 3.34 25.05 21.68
CA PRO A 220 2.56 24.46 22.81
C PRO A 220 3.42 23.77 23.86
N CYS A 221 4.53 23.15 23.47
CA CYS A 221 5.43 22.51 24.44
C CYS A 221 6.06 23.54 25.36
N LEU A 222 6.58 24.62 24.79
CA LEU A 222 7.18 25.69 25.60
C LEU A 222 6.11 26.40 26.44
N LEU A 223 4.91 26.53 25.87
CA LEU A 223 3.83 27.25 26.53
C LEU A 223 3.26 26.48 27.71
N ILE A 224 3.32 25.14 27.68
CA ILE A 224 2.94 24.38 28.86
C ILE A 224 4.12 24.10 29.78
N SER A 225 5.36 24.20 29.29
CA SER A 225 6.50 24.04 30.19
C SER A 225 6.75 25.31 30.99
N PHE A 226 6.18 26.44 30.57
CA PHE A 226 6.19 27.65 31.40
C PHE A 226 5.08 27.67 32.45
N LEU A 227 4.45 26.53 32.74
CA LEU A 227 3.44 26.43 33.78
C LEU A 227 3.87 25.57 34.95
N THR A 228 5.08 25.00 34.91
CA THR A 228 5.56 24.16 35.99
C THR A 228 6.09 24.96 37.18
N VAL A 229 6.31 26.26 37.01
CA VAL A 229 6.79 27.11 38.09
C VAL A 229 5.68 27.99 38.63
N LEU A 230 4.53 28.02 37.96
CA LEU A 230 3.39 28.84 38.33
C LEU A 230 2.57 28.22 39.47
N VAL A 231 2.94 27.03 39.92
CA VAL A 231 2.21 26.36 40.99
C VAL A 231 2.44 27.06 42.32
N PHE A 232 3.65 27.54 42.54
CA PHE A 232 4.10 27.97 43.85
C PHE A 232 3.58 29.34 44.26
N TYR A 233 2.88 30.05 43.38
CA TYR A 233 2.23 31.29 43.76
C TYR A 233 0.76 31.06 44.09
N LEU A 234 0.25 29.86 43.90
CA LEU A 234 -1.13 29.52 44.21
C LEU A 234 -1.24 29.18 45.69
N PRO A 235 -2.03 29.75 46.54
CA PRO A 235 -2.16 29.49 47.98
C PRO A 235 -2.64 28.08 48.26
N SER A 236 -2.17 27.54 49.39
CA SER A 236 -2.54 26.19 49.79
C SER A 236 -3.93 26.12 50.42
N ASP A 237 -4.58 27.26 50.67
CA ASP A 237 -5.93 27.25 51.19
C ASP A 237 -6.91 26.74 50.15
N CYS A 238 -6.65 27.02 48.88
CA CYS A 238 -7.39 26.38 47.80
C CYS A 238 -6.93 24.93 47.65
N GLY A 239 -7.69 24.16 46.87
CA GLY A 239 -7.38 22.76 46.72
C GLY A 239 -6.98 22.38 45.30
N GLU A 240 -6.25 23.28 44.63
CA GLU A 240 -5.92 23.04 43.19
C GLU A 240 -4.40 22.99 42.99
N LYS A 241 -3.63 22.83 44.05
CA LYS A 241 -2.14 22.75 43.94
C LYS A 241 -1.75 21.50 43.15
N VAL A 242 -2.48 20.40 43.32
CA VAL A 242 -2.16 19.09 42.65
C VAL A 242 -2.70 19.04 41.21
N THR A 243 -3.94 19.43 40.97
CA THR A 243 -4.56 19.32 39.65
C THR A 243 -3.69 19.95 38.57
N LEU A 244 -3.12 21.12 38.85
CA LEU A 244 -2.27 21.82 37.91
C LEU A 244 -1.00 21.03 37.60
N CYS A 245 -0.36 20.49 38.65
CA CYS A 245 0.86 19.70 38.51
C CYS A 245 0.61 18.41 37.75
N ILE A 246 -0.47 17.70 38.10
CA ILE A 246 -0.85 16.47 37.41
C ILE A 246 -1.14 16.73 35.95
N SER A 247 -1.81 17.84 35.64
CA SER A 247 -2.18 18.16 34.27
C SER A 247 -0.96 18.47 33.43
N VAL A 248 -0.01 19.26 33.96
CA VAL A 248 1.16 19.58 33.15
C VAL A 248 2.09 18.36 33.02
N LEU A 249 2.13 17.47 34.03
CA LEU A 249 2.91 16.24 33.91
C LEU A 249 2.36 15.32 32.82
N LEU A 250 1.04 15.11 32.82
CA LEU A 250 0.44 14.24 31.80
C LEU A 250 0.50 14.85 30.41
N SER A 251 0.42 16.18 30.29
CA SER A 251 0.51 16.81 28.98
C SER A 251 1.93 16.72 28.41
N LEU A 252 2.95 16.86 29.27
CA LEU A 252 4.32 16.63 28.83
C LEU A 252 4.56 15.17 28.45
N THR A 253 3.88 14.24 29.13
CA THR A 253 3.99 12.83 28.76
C THR A 253 3.40 12.56 27.37
N VAL A 254 2.25 13.20 27.07
CA VAL A 254 1.64 13.06 25.74
C VAL A 254 2.51 13.67 24.65
N PHE A 255 3.11 14.84 24.92
CA PHE A 255 4.04 15.40 23.94
C PHE A 255 5.31 14.57 23.77
N LEU A 256 5.73 13.86 24.82
CA LEU A 256 6.85 12.92 24.69
C LEU A 256 6.47 11.74 23.80
N LEU A 257 5.22 11.25 23.91
CA LEU A 257 4.73 10.23 22.98
C LEU A 257 4.73 10.72 21.54
N VAL A 258 4.32 11.98 21.32
CA VAL A 258 4.29 12.53 19.97
C VAL A 258 5.71 12.65 19.40
N ILE A 259 6.66 13.09 20.21
CA ILE A 259 8.01 13.29 19.69
C ILE A 259 8.73 11.96 19.51
N THR A 260 8.39 10.92 20.29
CA THR A 260 8.97 9.62 19.99
C THR A 260 8.20 8.91 18.87
N GLU A 261 7.04 9.44 18.47
CA GLU A 261 6.42 8.97 17.24
C GLU A 261 7.07 9.59 16.00
N THR A 262 7.51 10.85 16.09
CA THR A 262 8.02 11.52 14.91
C THR A 262 9.47 11.19 14.55
N ILE A 263 10.36 11.02 15.53
CA ILE A 263 11.79 10.92 15.25
C ILE A 263 12.19 9.45 15.11
N PRO A 264 13.36 9.12 14.52
CA PRO A 264 13.80 7.72 14.55
C PRO A 264 14.35 7.30 15.91
N SER A 265 14.73 6.04 16.04
CA SER A 265 15.25 5.48 17.28
C SER A 265 16.77 5.34 17.26
N THR A 266 17.46 6.28 16.61
CA THR A 266 18.92 6.25 16.55
C THR A 266 19.48 6.67 17.89
N SER A 267 20.30 5.80 18.49
CA SER A 267 20.84 6.01 19.82
C SER A 267 22.19 6.71 19.81
N LEU A 268 22.57 7.29 18.66
CA LEU A 268 23.87 7.99 18.54
C LEU A 268 23.85 9.24 19.41
N VAL A 269 22.98 10.20 19.06
CA VAL A 269 22.80 11.43 19.81
C VAL A 269 21.33 11.61 20.12
N ILE A 270 21.05 12.42 21.13
CA ILE A 270 19.68 12.69 21.55
C ILE A 270 19.27 14.08 21.04
N PRO A 271 18.00 14.29 20.68
CA PRO A 271 17.57 15.62 20.26
C PRO A 271 17.53 16.59 21.43
N LEU A 272 17.65 17.87 21.10
CA LEU A 272 17.53 18.90 22.13
C LEU A 272 16.10 19.01 22.65
N ILE A 273 15.11 18.69 21.82
CA ILE A 273 13.72 18.84 22.26
C ILE A 273 13.33 17.69 23.18
N GLY A 274 13.82 16.48 22.88
CA GLY A 274 13.57 15.36 23.79
C GLY A 274 14.30 15.49 25.11
N GLU A 275 15.52 16.05 25.05
CA GLU A 275 16.26 16.39 26.27
C GLU A 275 15.50 17.45 27.08
N TYR A 276 14.90 18.42 26.41
CA TYR A 276 14.13 19.45 27.11
C TYR A 276 12.87 18.88 27.74
N LEU A 277 12.22 17.94 27.04
CA LEU A 277 11.04 17.27 27.60
C LEU A 277 11.40 16.44 28.83
N LEU A 278 12.50 15.69 28.78
CA LEU A 278 12.93 14.91 29.94
C LEU A 278 13.31 15.80 31.12
N PHE A 279 14.01 16.91 30.83
CA PHE A 279 14.38 17.89 31.84
C PHE A 279 13.15 18.47 32.55
N THR A 280 12.15 18.87 31.75
CA THR A 280 10.95 19.48 32.32
C THR A 280 10.11 18.46 33.07
N MET A 281 10.09 17.20 32.61
CA MET A 281 9.36 16.16 33.35
C MET A 281 10.02 15.86 34.71
N ILE A 282 11.36 15.82 34.75
CA ILE A 282 12.07 15.60 36.00
C ILE A 282 11.78 16.72 36.99
N PHE A 283 11.84 17.97 36.53
CA PHE A 283 11.61 19.07 37.47
C PHE A 283 10.13 19.24 37.82
N VAL A 284 9.20 18.84 36.97
CA VAL A 284 7.81 18.94 37.40
C VAL A 284 7.46 17.81 38.37
N THR A 285 8.11 16.64 38.26
CA THR A 285 7.91 15.60 39.25
C THR A 285 8.50 16.00 40.60
N LEU A 286 9.66 16.66 40.58
CA LEU A 286 10.20 17.20 41.82
C LEU A 286 9.31 18.31 42.38
N SER A 287 8.60 19.03 41.51
CA SER A 287 7.65 20.03 41.99
C SER A 287 6.44 19.38 42.67
N ILE A 288 5.99 18.22 42.20
CA ILE A 288 4.83 17.66 42.91
C ILE A 288 5.28 17.02 44.22
N VAL A 289 6.52 16.50 44.29
CA VAL A 289 6.96 15.93 45.56
C VAL A 289 7.33 17.03 46.55
N ILE A 290 7.53 18.27 46.08
CA ILE A 290 7.61 19.41 47.00
C ILE A 290 6.22 19.88 47.42
N THR A 291 5.25 19.92 46.49
CA THR A 291 3.96 20.49 46.84
C THR A 291 3.14 19.58 47.76
N VAL A 292 3.39 18.27 47.75
CA VAL A 292 2.72 17.42 48.73
C VAL A 292 3.29 17.66 50.13
N PHE A 293 4.58 18.01 50.21
CA PHE A 293 5.21 18.32 51.49
C PHE A 293 4.71 19.66 52.03
N VAL A 294 4.52 20.64 51.16
CA VAL A 294 4.04 21.92 51.67
C VAL A 294 2.54 21.85 52.01
N LEU A 295 1.78 20.96 51.35
CA LEU A 295 0.40 20.75 51.79
C LEU A 295 0.34 20.00 53.12
N ASN A 296 1.32 19.13 53.40
CA ASN A 296 1.33 18.51 54.72
C ASN A 296 1.78 19.49 55.80
N VAL A 297 2.66 20.44 55.46
CA VAL A 297 3.09 21.44 56.44
C VAL A 297 1.95 22.40 56.76
N HIS A 298 1.15 22.77 55.75
CA HIS A 298 0.08 23.74 55.96
C HIS A 298 -1.02 23.22 56.88
N TYR A 299 -1.66 22.11 56.51
CA TYR A 299 -2.73 21.52 57.33
C TYR A 299 -2.10 20.78 58.50
N ARG A 300 -1.80 21.52 59.55
CA ARG A 300 -1.16 20.93 60.73
C ARG A 300 -1.53 21.77 61.95
N THR A 301 -2.01 21.10 62.99
CA THR A 301 -2.59 21.69 64.19
C THR A 301 -1.76 21.38 65.42
N PRO A 302 -1.85 22.19 66.48
CA PRO A 302 -1.11 21.85 67.71
C PRO A 302 -1.68 20.67 68.49
N THR A 303 -2.86 20.18 68.15
CA THR A 303 -3.39 18.99 68.82
C THR A 303 -2.85 17.69 68.24
N THR A 304 -2.10 17.75 67.14
CA THR A 304 -1.49 16.57 66.54
C THR A 304 0.02 16.63 66.44
N HIS A 305 0.61 17.83 66.43
CA HIS A 305 2.05 17.97 66.24
C HIS A 305 2.59 19.04 67.17
N THR A 306 3.83 18.85 67.60
CA THR A 306 4.56 19.83 68.38
C THR A 306 5.53 20.57 67.47
N MET A 307 5.56 21.88 67.61
CA MET A 307 6.42 22.67 66.73
C MET A 307 7.83 22.73 67.30
N PRO A 308 8.86 22.38 66.51
CA PRO A 308 10.24 22.37 67.04
C PRO A 308 10.81 23.74 67.33
N SER A 309 12.05 23.78 67.81
CA SER A 309 12.71 25.02 68.17
C SER A 309 13.51 25.62 67.03
N TRP A 310 14.15 24.78 66.21
CA TRP A 310 14.96 25.28 65.11
C TRP A 310 14.11 25.80 63.95
N VAL A 311 12.84 25.40 63.88
CA VAL A 311 11.95 25.94 62.85
C VAL A 311 11.44 27.33 63.23
N LYS A 312 11.54 27.70 64.50
CA LYS A 312 11.14 29.04 64.90
C LYS A 312 12.13 30.10 64.43
N THR A 313 13.40 29.73 64.28
CA THR A 313 14.43 30.69 63.88
C THR A 313 14.69 30.67 62.38
N VAL A 314 14.63 29.50 61.76
CA VAL A 314 15.01 29.39 60.35
C VAL A 314 13.84 29.74 59.43
N PHE A 315 12.75 29.00 59.53
CA PHE A 315 11.58 29.19 58.66
C PHE A 315 10.67 30.32 59.12
N LEU A 316 11.05 31.10 60.10
CA LEU A 316 10.20 32.18 60.59
C LEU A 316 10.93 33.48 60.85
N ASN A 317 12.24 33.47 61.06
CA ASN A 317 13.00 34.69 61.31
C ASN A 317 14.17 34.89 60.36
N LEU A 318 14.86 33.82 59.98
CA LEU A 318 16.05 33.95 59.15
C LEU A 318 15.69 34.17 57.69
N LEU A 319 14.75 33.39 57.17
CA LEU A 319 14.38 33.46 55.76
C LEU A 319 13.47 34.61 55.34
N PRO A 320 12.39 35.01 56.07
CA PRO A 320 11.59 36.16 55.58
C PRO A 320 12.32 37.49 55.57
N ARG A 321 13.41 37.65 56.33
CA ARG A 321 14.23 38.84 56.16
C ARG A 321 15.02 38.78 54.85
N VAL A 322 15.32 37.58 54.36
CA VAL A 322 16.02 37.43 53.10
C VAL A 322 15.05 37.51 51.93
N MET A 323 13.92 36.82 52.04
CA MET A 323 12.97 36.75 50.93
C MET A 323 12.10 37.99 50.80
N PHE A 324 12.26 38.97 51.70
CA PHE A 324 11.45 40.19 51.79
C PHE A 324 9.96 39.86 51.96
N MET A 325 9.63 39.26 53.10
CA MET A 325 8.26 38.98 53.46
C MET A 325 7.83 39.76 54.70
N THR A 326 8.57 39.62 55.80
CA THR A 326 8.45 40.42 57.04
C THR A 326 7.08 40.36 57.68
N ARG A 327 6.43 39.18 57.61
CA ARG A 327 5.13 38.89 58.22
C ARG A 327 4.00 39.86 57.82
N ILE A 461 -25.59 31.67 91.87
CA ILE A 461 -25.17 33.07 91.96
C ILE A 461 -23.69 33.18 91.63
N LYS A 462 -22.86 32.51 92.43
CA LYS A 462 -21.43 32.44 92.14
C LYS A 462 -21.14 31.52 90.95
N GLU A 463 -22.05 30.58 90.67
CA GLU A 463 -21.88 29.64 89.57
C GLU A 463 -21.89 30.36 88.22
N ALA A 464 -22.71 31.40 88.09
CA ALA A 464 -22.74 32.18 86.86
C ALA A 464 -21.44 32.94 86.64
N ILE A 465 -20.86 33.48 87.71
CA ILE A 465 -19.61 34.23 87.59
C ILE A 465 -18.45 33.29 87.27
N GLN A 466 -18.44 32.09 87.88
CA GLN A 466 -17.46 31.08 87.51
C GLN A 466 -17.66 30.60 86.07
N SER A 467 -18.89 30.61 85.58
CA SER A 467 -19.14 30.24 84.19
C SER A 467 -18.63 31.30 83.22
N VAL A 468 -18.75 32.57 83.58
CA VAL A 468 -18.18 33.64 82.76
C VAL A 468 -16.66 33.56 82.74
N LYS A 469 -16.06 33.21 83.89
CA LYS A 469 -14.63 32.94 83.95
C LYS A 469 -14.23 31.78 83.04
N TYR A 470 -15.06 30.73 83.01
CA TYR A 470 -14.81 29.58 82.14
C TYR A 470 -14.91 29.97 80.67
N ILE A 471 -15.86 30.83 80.31
CA ILE A 471 -16.01 31.31 78.94
C ILE A 471 -14.78 32.12 78.51
N ALA A 472 -14.29 32.98 79.40
CA ALA A 472 -13.10 33.78 79.09
C ALA A 472 -11.87 32.91 78.91
N GLU A 473 -11.71 31.87 79.75
CA GLU A 473 -10.56 30.99 79.61
C GLU A 473 -10.64 30.15 78.33
N ASN A 474 -11.86 29.72 77.96
CA ASN A 474 -12.05 28.95 76.73
C ASN A 474 -11.72 29.80 75.50
N MET A 475 -12.15 31.06 75.49
CA MET A 475 -11.85 31.93 74.35
C MET A 475 -10.36 32.25 74.28
N LYS A 476 -9.68 32.38 75.42
CA LYS A 476 -8.25 32.61 75.39
C LYS A 476 -7.49 31.40 74.85
N ALA A 477 -7.91 30.19 75.24
CA ALA A 477 -7.26 28.98 74.73
C ALA A 477 -7.48 28.80 73.23
N GLN A 478 -8.69 29.12 72.75
CA GLN A 478 -8.96 29.01 71.32
C GLN A 478 -8.16 30.03 70.53
N ASN A 479 -7.98 31.24 71.09
CA ASN A 479 -7.15 32.25 70.45
C ASN A 479 -5.69 31.81 70.34
N GLU A 480 -5.16 31.20 71.41
CA GLU A 480 -3.77 30.74 71.38
C GLU A 480 -3.57 29.59 70.40
N ALA A 481 -4.54 28.68 70.30
CA ALA A 481 -4.46 27.61 69.30
C ALA A 481 -4.50 28.16 67.87
N LYS A 482 -5.31 29.19 67.63
CA LYS A 482 -5.35 29.81 66.31
C LYS A 482 -4.03 30.52 65.99
N GLU A 483 -3.35 31.07 67.00
CA GLU A 483 -2.02 31.65 66.79
C GLU A 483 -1.02 30.58 66.34
N ILE A 484 -1.07 29.41 66.96
CA ILE A 484 -0.16 28.32 66.58
C ILE A 484 -0.45 27.85 65.15
N GLN A 485 -1.73 27.76 64.79
CA GLN A 485 -2.08 27.34 63.43
C GLN A 485 -1.67 28.38 62.38
N ASP A 486 -1.73 29.67 62.72
CA ASP A 486 -1.22 30.69 61.80
C ASP A 486 0.29 30.59 61.62
N ASP A 487 1.03 30.22 62.68
CA ASP A 487 2.46 29.99 62.52
C ASP A 487 2.75 28.81 61.59
N TRP A 488 1.97 27.73 61.73
CA TRP A 488 2.12 26.59 60.82
C TRP A 488 1.77 26.94 59.39
N LYS A 489 0.84 27.86 59.17
CA LYS A 489 0.56 28.26 57.79
C LYS A 489 1.67 29.15 57.23
N TYR A 490 2.24 30.00 58.08
CA TYR A 490 3.25 30.94 57.58
C TYR A 490 4.55 30.23 57.20
N VAL A 491 4.93 29.17 57.92
CA VAL A 491 6.16 28.47 57.52
C VAL A 491 5.99 27.75 56.18
N ALA A 492 4.76 27.28 55.88
CA ALA A 492 4.49 26.68 54.58
C ALA A 492 4.54 27.72 53.48
N MET A 493 4.05 28.93 53.76
CA MET A 493 4.16 30.01 52.79
C MET A 493 5.62 30.39 52.51
N VAL A 494 6.47 30.33 53.53
CA VAL A 494 7.90 30.61 53.35
C VAL A 494 8.56 29.55 52.45
N ILE A 495 8.27 28.27 52.71
CA ILE A 495 8.82 27.18 51.87
C ILE A 495 8.33 27.32 50.43
N ASP A 496 7.07 27.74 50.27
CA ASP A 496 6.49 27.94 48.95
C ASP A 496 7.22 29.03 48.18
N ARG A 497 7.55 30.14 48.85
CA ARG A 497 8.23 31.25 48.18
C ARG A 497 9.67 30.91 47.81
N ILE A 498 10.39 30.20 48.70
CA ILE A 498 11.78 29.88 48.37
C ILE A 498 11.85 28.89 47.21
N PHE A 499 10.92 27.93 47.14
CA PHE A 499 10.96 27.06 45.97
C PHE A 499 10.44 27.73 44.69
N LEU A 500 9.59 28.75 44.81
CA LEU A 500 9.22 29.54 43.65
C LEU A 500 10.43 30.22 43.03
N TRP A 501 11.24 30.89 43.87
CA TRP A 501 12.42 31.58 43.33
C TRP A 501 13.45 30.61 42.78
N VAL A 502 13.66 29.48 43.46
CA VAL A 502 14.63 28.49 43.00
C VAL A 502 14.22 27.90 41.65
N PHE A 503 12.97 27.46 41.52
CA PHE A 503 12.56 26.88 40.24
C PHE A 503 12.40 27.91 39.13
N THR A 504 12.13 29.18 39.44
CA THR A 504 12.14 30.20 38.38
C THR A 504 13.55 30.39 37.82
N LEU A 505 14.56 30.44 38.69
CA LEU A 505 15.93 30.57 38.22
C LEU A 505 16.38 29.33 37.44
N VAL A 506 16.01 28.14 37.93
CA VAL A 506 16.40 26.90 37.23
C VAL A 506 15.69 26.78 35.89
N CYS A 507 14.43 27.22 35.80
CA CYS A 507 13.70 27.14 34.54
C CYS A 507 14.25 28.11 33.50
N ILE A 508 14.58 29.34 33.90
CA ILE A 508 15.16 30.29 32.96
C ILE A 508 16.55 29.84 32.52
N LEU A 509 17.35 29.30 33.45
CA LEU A 509 18.68 28.81 33.11
C LEU A 509 18.63 27.60 32.18
N GLY A 510 17.65 26.71 32.39
CA GLY A 510 17.52 25.55 31.53
C GLY A 510 17.05 25.91 30.13
N THR A 511 16.02 26.76 30.03
CA THR A 511 15.55 27.18 28.70
C THR A 511 16.54 28.08 27.98
N ALA A 512 17.47 28.71 28.69
CA ALA A 512 18.53 29.45 28.00
C ALA A 512 19.64 28.52 27.55
N GLY A 513 20.18 27.71 28.46
CA GLY A 513 21.37 26.94 28.15
C GLY A 513 21.15 25.69 27.33
N LEU A 514 19.91 25.19 27.30
CA LEU A 514 19.66 23.92 26.64
C LEU A 514 18.82 24.04 25.38
N PHE A 515 18.06 25.13 25.23
CA PHE A 515 17.08 25.23 24.15
C PHE A 515 17.47 26.27 23.10
N LEU A 516 17.82 27.49 23.50
CA LEU A 516 18.18 28.50 22.51
C LEU A 516 19.65 28.43 22.14
N GLN A 517 20.55 28.30 23.13
CA GLN A 517 21.98 28.56 22.95
C GLN A 517 22.72 27.59 22.02
N PRO A 518 22.51 26.24 22.05
CA PRO A 518 23.17 25.43 21.02
C PRO A 518 22.48 25.56 19.68
N LEU A 519 21.18 25.84 19.71
CA LEU A 519 20.35 25.81 18.52
C LEU A 519 20.54 27.03 17.63
N MET A 520 21.16 28.09 18.15
CA MET A 520 21.46 29.28 17.35
C MET A 520 22.57 28.99 16.34
N ARG B 1 30.95 -10.48 -40.42
CA ARG B 1 31.62 -9.21 -40.70
C ARG B 1 32.77 -8.98 -39.73
N VAL B 2 32.98 -7.72 -39.38
CA VAL B 2 33.96 -7.36 -38.35
C VAL B 2 33.38 -7.76 -37.00
N ALA B 3 34.06 -8.69 -36.31
CA ALA B 3 33.62 -9.18 -35.02
C ALA B 3 34.73 -9.03 -34.00
N ASN B 4 34.34 -9.05 -32.72
CA ASN B 4 35.32 -9.05 -31.63
C ASN B 4 36.00 -10.40 -31.52
N ALA B 5 36.96 -10.47 -30.59
CA ALA B 5 37.41 -11.77 -30.11
C ALA B 5 36.34 -12.39 -29.22
N GLU B 6 35.65 -11.56 -28.43
CA GLU B 6 34.65 -12.07 -27.50
C GLU B 6 33.41 -12.56 -28.21
N GLU B 7 33.08 -11.95 -29.36
CA GLU B 7 31.93 -12.41 -30.13
C GLU B 7 32.20 -13.77 -30.76
N LYS B 8 33.42 -13.97 -31.27
CA LYS B 8 33.80 -15.29 -31.79
C LYS B 8 33.87 -16.32 -30.69
N LEU B 9 34.31 -15.91 -29.50
CA LEU B 9 34.37 -16.82 -28.36
C LEU B 9 32.98 -17.22 -27.89
N MET B 10 32.04 -16.27 -27.91
CA MET B 10 30.66 -16.59 -27.53
C MET B 10 29.96 -17.41 -28.59
N ASP B 11 30.37 -17.25 -29.85
CA ASP B 11 29.85 -18.15 -30.87
C ASP B 11 30.41 -19.56 -30.71
N ASP B 12 31.65 -19.69 -30.25
CA ASP B 12 32.26 -21.01 -30.14
C ASP B 12 31.83 -21.75 -28.87
N LEU B 13 31.52 -21.05 -27.78
CA LEU B 13 31.14 -21.76 -26.57
C LEU B 13 29.71 -22.30 -26.63
N LEU B 14 28.73 -21.40 -26.77
CA LEU B 14 27.34 -21.81 -26.56
C LEU B 14 26.73 -22.48 -27.77
N ASN B 15 26.65 -21.77 -28.91
CA ASN B 15 25.93 -22.30 -30.06
C ASN B 15 26.71 -23.33 -30.86
N LYS B 16 28.03 -23.36 -30.76
CA LYS B 16 28.79 -24.36 -31.50
C LYS B 16 28.70 -25.73 -30.84
N THR B 17 28.94 -25.81 -29.54
CA THR B 17 28.98 -27.06 -28.83
C THR B 17 27.61 -27.50 -28.30
N ARG B 18 26.54 -26.77 -28.68
CA ARG B 18 25.15 -27.06 -28.33
C ARG B 18 24.96 -27.11 -26.81
N TYR B 19 25.20 -25.97 -26.18
CA TYR B 19 25.26 -25.90 -24.73
C TYR B 19 23.85 -25.92 -24.14
N ASN B 20 23.66 -26.71 -23.07
CA ASN B 20 22.37 -26.86 -22.42
C ASN B 20 22.51 -26.52 -20.95
N ASN B 21 21.68 -25.59 -20.47
CA ASN B 21 21.75 -25.13 -19.10
C ASN B 21 20.95 -25.99 -18.13
N LEU B 22 20.18 -26.95 -18.62
CA LEU B 22 19.33 -27.73 -17.73
C LEU B 22 20.05 -28.89 -17.08
N ILE B 23 21.18 -29.33 -17.62
CA ILE B 23 21.89 -30.50 -17.12
C ILE B 23 23.21 -30.06 -16.50
N ARG B 24 23.53 -30.66 -15.35
CA ARG B 24 24.64 -30.20 -14.50
C ARG B 24 25.97 -30.77 -14.99
N PRO B 25 27.08 -30.04 -14.74
CA PRO B 25 28.39 -30.54 -15.20
C PRO B 25 28.99 -31.65 -14.34
N ALA B 26 28.58 -32.89 -14.60
CA ALA B 26 29.18 -34.04 -13.97
C ALA B 26 29.99 -34.81 -15.01
N THR B 27 31.27 -35.01 -14.73
CA THR B 27 32.13 -35.74 -15.66
C THR B 27 31.77 -37.22 -15.67
N SER B 28 31.28 -37.73 -14.56
CA SER B 28 30.88 -39.13 -14.47
C SER B 28 29.60 -39.28 -13.64
N SER B 29 29.27 -40.51 -13.25
CA SER B 29 28.11 -40.77 -12.43
C SER B 29 28.49 -40.64 -10.97
N SER B 30 27.54 -40.06 -10.20
CA SER B 30 27.68 -39.81 -8.76
C SER B 30 28.92 -38.97 -8.44
N GLN B 31 29.01 -37.79 -9.06
CA GLN B 31 30.06 -36.82 -8.78
C GLN B 31 29.45 -35.59 -8.12
N LEU B 32 30.04 -35.18 -7.01
CA LEU B 32 29.54 -34.04 -6.23
C LEU B 32 30.24 -32.79 -6.72
N ILE B 33 29.47 -31.86 -7.28
CA ILE B 33 30.01 -30.56 -7.67
C ILE B 33 30.23 -29.75 -6.41
N SER B 34 31.50 -29.52 -6.05
CA SER B 34 31.83 -28.83 -4.81
C SER B 34 31.71 -27.32 -5.02
N ILE B 35 30.50 -26.83 -4.83
CA ILE B 35 30.25 -25.39 -4.91
C ILE B 35 30.54 -24.77 -3.55
N LYS B 36 31.06 -23.55 -3.56
CA LYS B 36 31.44 -22.94 -2.30
C LYS B 36 30.96 -21.50 -2.25
N LEU B 37 30.65 -21.05 -1.04
CA LEU B 37 29.97 -19.78 -0.90
C LEU B 37 30.44 -19.08 0.36
N GLN B 38 30.37 -17.75 0.33
CA GLN B 38 30.66 -16.95 1.52
C GLN B 38 29.85 -15.66 1.44
N LEU B 39 29.43 -15.17 2.60
CA LEU B 39 28.54 -14.02 2.69
C LEU B 39 29.31 -12.79 3.15
N SER B 40 28.91 -11.63 2.62
CA SER B 40 29.42 -10.34 3.06
C SER B 40 28.23 -9.45 3.33
N LEU B 41 28.07 -9.00 4.58
CA LEU B 41 26.99 -8.12 4.91
C LEU B 41 27.33 -6.71 4.43
N ALA B 42 26.32 -5.95 4.00
CA ALA B 42 26.54 -4.58 3.59
C ALA B 42 25.91 -3.56 4.53
N GLN B 43 24.64 -3.76 4.93
CA GLN B 43 23.98 -2.82 5.82
C GLN B 43 22.81 -3.47 6.52
N LEU B 44 22.77 -3.38 7.85
CA LEU B 44 21.52 -3.52 8.58
C LEU B 44 20.66 -2.28 8.36
N ILE B 45 19.47 -2.46 7.79
CA ILE B 45 18.56 -1.36 7.56
C ILE B 45 17.30 -1.47 8.43
N SER B 46 16.79 -2.67 8.69
CA SER B 46 15.66 -2.79 9.59
C SER B 46 15.73 -4.10 10.37
N VAL B 47 15.47 -4.02 11.68
CA VAL B 47 15.41 -5.19 12.57
C VAL B 47 14.03 -5.14 13.24
N ASN B 48 12.98 -4.91 12.43
CA ASN B 48 11.59 -4.72 12.87
C ASN B 48 11.11 -5.79 13.86
N GLU B 49 10.77 -5.35 15.07
CA GLU B 49 10.50 -6.24 16.19
C GLU B 49 9.02 -6.55 16.34
N ARG B 50 8.13 -5.68 15.91
CA ARG B 50 6.71 -5.97 16.04
C ARG B 50 6.27 -7.00 15.01
N GLU B 51 6.87 -6.97 13.82
CA GLU B 51 6.59 -7.94 12.79
C GLU B 51 7.61 -9.07 12.74
N GLN B 52 8.69 -8.95 13.52
CA GLN B 52 9.78 -9.94 13.61
C GLN B 52 10.42 -10.22 12.25
N ILE B 53 10.84 -9.15 11.58
CA ILE B 53 11.44 -9.23 10.26
C ILE B 53 12.71 -8.39 10.27
N MET B 54 13.82 -8.98 9.86
CA MET B 54 15.01 -8.18 9.59
C MET B 54 15.22 -8.11 8.09
N THR B 55 15.71 -6.97 7.64
CA THR B 55 16.02 -6.76 6.23
C THR B 55 17.50 -6.40 6.13
N THR B 56 18.22 -7.15 5.30
CA THR B 56 19.64 -6.89 5.09
C THR B 56 19.99 -7.03 3.63
N ASN B 57 20.92 -6.19 3.17
CA ASN B 57 21.56 -6.43 1.87
C ASN B 57 22.84 -7.22 2.07
N VAL B 58 22.92 -8.35 1.39
CA VAL B 58 24.06 -9.24 1.51
C VAL B 58 24.63 -9.50 0.14
N TRP B 59 25.91 -9.85 0.11
CA TRP B 59 26.61 -10.22 -1.12
C TRP B 59 27.05 -11.66 -0.88
N LEU B 60 26.39 -12.62 -1.53
CA LEU B 60 26.76 -14.02 -1.40
C LEU B 60 27.59 -14.39 -2.63
N LYS B 61 28.88 -14.58 -2.42
CA LYS B 61 29.78 -15.00 -3.48
C LYS B 61 29.77 -16.52 -3.50
N GLN B 62 29.21 -17.11 -4.55
CA GLN B 62 29.22 -18.55 -4.69
C GLN B 62 29.84 -18.92 -6.03
N GLU B 63 30.73 -19.91 -5.99
CA GLU B 63 31.59 -20.20 -7.12
C GLU B 63 31.83 -21.70 -7.21
N TRP B 64 32.07 -22.16 -8.44
CA TRP B 64 32.24 -23.58 -8.73
C TRP B 64 33.09 -23.71 -9.99
N THR B 65 33.14 -24.93 -10.53
CA THR B 65 33.96 -25.23 -11.70
C THR B 65 33.12 -25.95 -12.73
N ASP B 66 32.96 -25.33 -13.90
CA ASP B 66 32.20 -25.90 -15.01
C ASP B 66 33.20 -26.19 -16.12
N TYR B 67 33.38 -27.48 -16.44
CA TYR B 67 34.41 -27.90 -17.37
C TYR B 67 34.06 -27.61 -18.81
N ARG B 68 32.78 -27.39 -19.12
CA ARG B 68 32.38 -27.10 -20.48
C ARG B 68 32.70 -25.68 -20.90
N LEU B 69 32.89 -24.78 -19.95
CA LEU B 69 33.19 -23.37 -20.26
C LEU B 69 34.69 -23.11 -20.13
N THR B 70 35.45 -23.79 -20.98
CA THR B 70 36.90 -23.59 -21.06
C THR B 70 37.29 -23.23 -22.48
N TRP B 71 38.34 -22.42 -22.60
CA TRP B 71 38.84 -22.03 -23.91
C TRP B 71 40.34 -21.74 -23.79
N ASN B 72 41.00 -21.71 -24.94
CA ASN B 72 42.40 -21.35 -24.99
C ASN B 72 42.55 -19.84 -25.03
N SER B 73 43.53 -19.33 -24.29
CA SER B 73 43.65 -17.88 -24.14
C SER B 73 44.30 -17.23 -25.35
N SER B 74 45.34 -17.84 -25.91
CA SER B 74 46.10 -17.21 -26.97
C SER B 74 45.45 -17.33 -28.34
N ARG B 75 44.36 -18.09 -28.46
CA ARG B 75 43.69 -18.22 -29.75
C ARG B 75 42.81 -17.01 -30.04
N TYR B 76 42.21 -16.44 -29.00
CA TYR B 76 41.28 -15.32 -29.13
C TYR B 76 41.93 -14.01 -28.70
N GLU B 77 43.20 -13.82 -29.06
CA GLU B 77 44.07 -12.64 -28.83
C GLU B 77 44.08 -12.16 -27.37
N GLY B 78 43.76 -13.04 -26.43
CA GLY B 78 43.97 -12.80 -25.02
C GLY B 78 42.74 -12.34 -24.29
N VAL B 79 42.02 -13.28 -23.70
CA VAL B 79 40.86 -13.01 -22.84
C VAL B 79 40.89 -14.03 -21.71
N ASN B 80 40.99 -13.55 -20.48
CA ASN B 80 41.04 -14.41 -19.30
C ASN B 80 39.75 -14.40 -18.51
N ILE B 81 38.93 -13.37 -18.65
CA ILE B 81 37.65 -13.28 -17.98
C ILE B 81 36.61 -12.90 -19.02
N LEU B 82 35.40 -13.44 -18.85
CA LEU B 82 34.35 -13.27 -19.86
C LEU B 82 33.03 -13.31 -19.11
N ARG B 83 32.16 -12.33 -19.36
CA ARG B 83 30.96 -12.16 -18.56
C ARG B 83 29.72 -12.42 -19.40
N ILE B 84 28.81 -13.21 -18.85
CA ILE B 84 27.65 -13.71 -19.59
C ILE B 84 26.44 -13.61 -18.68
N PRO B 85 25.23 -13.44 -19.24
CA PRO B 85 24.04 -13.36 -18.38
C PRO B 85 23.73 -14.71 -17.74
N ALA B 86 23.10 -14.64 -16.57
CA ALA B 86 22.96 -15.83 -15.73
C ALA B 86 21.88 -16.84 -16.12
N LYS B 87 21.06 -16.46 -17.10
CA LYS B 87 19.95 -17.34 -17.54
C LYS B 87 20.37 -18.16 -18.80
N ARG B 88 21.69 -18.35 -18.98
CA ARG B 88 22.08 -19.11 -20.16
C ARG B 88 22.90 -20.31 -19.69
N ILE B 89 23.47 -20.26 -18.49
CA ILE B 89 24.32 -21.36 -18.05
C ILE B 89 23.75 -22.01 -16.80
N TRP B 90 24.34 -23.15 -16.45
CA TRP B 90 23.92 -23.89 -15.27
C TRP B 90 24.34 -23.16 -14.01
N LEU B 91 23.44 -23.10 -13.03
CA LEU B 91 23.75 -22.59 -11.72
C LEU B 91 22.77 -23.17 -10.71
N PRO B 92 23.22 -23.52 -9.52
CA PRO B 92 22.32 -24.09 -8.51
C PRO B 92 21.46 -22.99 -7.90
N ASP B 93 20.29 -23.39 -7.42
CA ASP B 93 19.28 -22.43 -6.97
C ASP B 93 19.34 -22.23 -5.46
N ILE B 94 20.49 -21.78 -4.96
CA ILE B 94 20.66 -21.57 -3.52
C ILE B 94 19.95 -20.30 -3.10
N VAL B 95 18.99 -20.42 -2.19
CA VAL B 95 18.17 -19.31 -1.70
C VAL B 95 17.99 -19.44 -0.20
N LEU B 96 17.26 -18.48 0.38
CA LEU B 96 16.81 -18.59 1.75
C LEU B 96 15.63 -19.54 1.86
N TYR B 97 15.50 -20.18 3.03
CA TYR B 97 14.25 -20.82 3.40
C TYR B 97 13.53 -20.16 4.56
N ASN B 98 14.11 -19.13 5.19
CA ASN B 98 13.39 -18.41 6.24
C ASN B 98 13.24 -16.94 5.83
N ASN B 99 12.12 -16.63 5.19
CA ASN B 99 11.79 -15.26 4.86
C ASN B 99 10.30 -15.02 5.10
N ALA B 100 9.94 -13.76 5.31
CA ALA B 100 8.55 -13.44 5.65
C ALA B 100 7.66 -13.42 4.41
N ASP B 101 8.20 -13.08 3.26
CA ASP B 101 7.43 -13.09 2.02
C ASP B 101 7.51 -14.46 1.36
N GLY B 102 7.08 -14.54 0.11
CA GLY B 102 7.23 -15.73 -0.69
C GLY B 102 8.36 -15.69 -1.67
N THR B 103 9.06 -14.56 -1.76
CA THR B 103 10.14 -14.40 -2.73
C THR B 103 11.40 -15.06 -2.18
N TYR B 104 11.70 -16.25 -2.69
CA TYR B 104 12.94 -16.93 -2.33
C TYR B 104 14.11 -16.41 -3.16
N GLU B 105 13.92 -16.32 -4.47
CA GLU B 105 15.00 -16.10 -5.41
C GLU B 105 15.35 -14.62 -5.52
N VAL B 106 16.45 -14.35 -6.21
CA VAL B 106 16.91 -13.00 -6.47
C VAL B 106 16.15 -12.44 -7.66
N SER B 107 15.50 -11.29 -7.48
CA SER B 107 14.69 -10.66 -8.51
C SER B 107 15.49 -9.71 -9.39
N VAL B 108 16.81 -9.87 -9.47
CA VAL B 108 17.68 -8.96 -10.20
C VAL B 108 18.31 -9.63 -11.42
N TYR B 109 19.03 -10.75 -11.20
CA TYR B 109 19.59 -11.62 -12.24
C TYR B 109 20.57 -10.88 -13.16
N THR B 110 21.68 -10.48 -12.56
CA THR B 110 22.76 -9.81 -13.28
C THR B 110 23.57 -10.83 -14.07
N ASN B 111 24.70 -10.38 -14.60
CA ASN B 111 25.61 -11.25 -15.33
C ASN B 111 26.75 -11.73 -14.43
N LEU B 112 27.40 -12.81 -14.86
CA LEU B 112 28.37 -13.51 -14.03
C LEU B 112 29.63 -13.81 -14.84
N ILE B 113 30.70 -14.08 -14.11
CA ILE B 113 32.06 -14.08 -14.62
C ILE B 113 32.54 -15.52 -14.74
N VAL B 114 33.05 -15.89 -15.92
CA VAL B 114 33.67 -17.19 -16.12
C VAL B 114 35.07 -16.96 -16.67
N ARG B 115 36.03 -17.76 -16.20
CA ARG B 115 37.43 -17.61 -16.55
C ARG B 115 37.88 -18.74 -17.46
N SER B 116 39.16 -18.69 -17.85
CA SER B 116 39.73 -19.70 -18.72
C SER B 116 39.88 -21.05 -18.03
N ASN B 117 39.92 -21.07 -16.70
CA ASN B 117 39.91 -22.32 -15.95
C ASN B 117 38.63 -23.11 -16.18
N GLY B 118 37.51 -22.40 -16.35
CA GLY B 118 36.20 -22.98 -16.16
C GLY B 118 35.57 -22.62 -14.84
N SER B 119 36.26 -21.85 -14.01
CA SER B 119 35.74 -21.46 -12.70
C SER B 119 34.71 -20.36 -12.86
N VAL B 120 33.49 -20.63 -12.41
CA VAL B 120 32.37 -19.72 -12.54
C VAL B 120 32.13 -19.08 -11.18
N LEU B 121 32.02 -17.75 -11.15
CA LEU B 121 31.74 -16.98 -9.96
C LEU B 121 30.42 -16.25 -10.13
N TRP B 122 29.61 -16.19 -9.08
CA TRP B 122 28.35 -15.48 -9.16
C TRP B 122 28.08 -14.79 -7.82
N LEU B 123 27.83 -13.49 -7.89
CA LEU B 123 27.65 -12.66 -6.71
C LEU B 123 26.45 -11.75 -6.98
N PRO B 124 25.25 -12.23 -6.69
CA PRO B 124 24.05 -11.46 -7.05
C PRO B 124 23.74 -10.40 -6.00
N PRO B 125 23.24 -9.25 -6.42
CA PRO B 125 22.83 -8.23 -5.43
C PRO B 125 21.49 -8.59 -4.83
N ALA B 126 21.38 -8.48 -3.51
CA ALA B 126 20.17 -8.95 -2.87
C ALA B 126 19.94 -8.23 -1.55
N ILE B 127 18.70 -7.82 -1.33
CA ILE B 127 18.18 -7.52 -0.01
C ILE B 127 17.22 -8.64 0.36
N TYR B 128 17.22 -9.02 1.63
CA TYR B 128 16.39 -10.11 2.09
C TYR B 128 15.60 -9.67 3.31
N LYS B 129 14.32 -10.07 3.32
CA LYS B 129 13.43 -9.89 4.45
C LYS B 129 13.37 -11.21 5.22
N SER B 130 14.43 -11.49 5.97
CA SER B 130 14.49 -12.69 6.77
C SER B 130 13.57 -12.58 7.97
N ALA B 131 13.16 -13.73 8.50
CA ALA B 131 12.22 -13.81 9.62
C ALA B 131 12.91 -14.51 10.78
N CYS B 132 13.19 -13.76 11.84
CA CYS B 132 13.82 -14.31 13.04
C CYS B 132 13.01 -13.95 14.26
N LYS B 133 13.06 -14.82 15.27
CA LYS B 133 12.32 -14.60 16.50
C LYS B 133 13.10 -13.66 17.42
N ILE B 134 12.35 -12.98 18.29
CA ILE B 134 12.87 -11.91 19.14
C ILE B 134 12.86 -12.39 20.59
N GLU B 135 14.00 -12.30 21.25
CA GLU B 135 14.11 -12.53 22.69
C GLU B 135 14.00 -11.18 23.37
N VAL B 136 12.87 -10.94 24.03
CA VAL B 136 12.49 -9.59 24.43
C VAL B 136 12.37 -9.49 25.96
N LYS B 137 12.99 -10.42 26.69
CA LYS B 137 12.94 -10.39 28.16
C LYS B 137 13.69 -9.19 28.72
N TYR B 138 14.95 -9.00 28.32
CA TYR B 138 15.77 -7.92 28.85
C TYR B 138 15.72 -6.68 27.95
N PHE B 139 14.51 -6.19 27.73
CA PHE B 139 14.33 -4.99 26.92
C PHE B 139 14.68 -3.77 27.75
N PRO B 140 15.48 -2.82 27.24
CA PRO B 140 16.18 -2.76 25.94
C PRO B 140 17.65 -3.20 25.98
N PHE B 141 18.06 -3.90 27.03
CA PHE B 141 19.45 -4.31 27.22
C PHE B 141 19.69 -5.71 26.67
N ASP B 142 19.29 -5.97 25.42
CA ASP B 142 19.13 -7.34 24.95
C ASP B 142 20.03 -7.68 23.77
N GLN B 143 20.42 -8.95 23.73
CA GLN B 143 21.05 -9.59 22.59
C GLN B 143 19.99 -10.21 21.68
N GLN B 144 20.27 -10.24 20.39
CA GLN B 144 19.37 -10.85 19.41
C GLN B 144 20.14 -11.86 18.57
N ASN B 145 19.58 -13.03 18.39
CA ASN B 145 20.14 -14.06 17.52
C ASN B 145 19.20 -14.24 16.33
N CYS B 146 19.68 -13.94 15.14
CA CYS B 146 18.87 -14.11 13.94
C CYS B 146 19.67 -14.81 12.85
N THR B 147 19.04 -15.77 12.19
CA THR B 147 19.77 -16.70 11.33
C THR B 147 19.34 -16.54 9.88
N LEU B 148 20.21 -16.98 8.97
CA LEU B 148 19.94 -17.03 7.54
C LEU B 148 20.30 -18.41 7.02
N LYS B 149 19.34 -19.10 6.42
CA LYS B 149 19.48 -20.49 5.99
C LYS B 149 19.55 -20.56 4.46
N PHE B 150 20.76 -20.67 3.92
CA PHE B 150 20.93 -20.81 2.48
C PHE B 150 21.04 -22.28 2.10
N ARG B 151 20.18 -22.70 1.17
CA ARG B 151 20.21 -24.03 0.58
C ARG B 151 19.43 -24.00 -0.72
N SER B 152 19.59 -25.06 -1.51
CA SER B 152 18.98 -25.13 -2.84
C SER B 152 17.71 -25.96 -2.80
N TRP B 153 16.77 -25.68 -3.69
CA TRP B 153 15.48 -26.41 -3.79
C TRP B 153 15.51 -27.52 -4.86
N THR B 154 16.38 -27.38 -5.92
CA THR B 154 16.48 -28.40 -6.96
C THR B 154 17.33 -29.57 -6.50
N TYR B 155 18.60 -29.32 -6.20
CA TYR B 155 19.52 -30.41 -5.94
C TYR B 155 19.63 -30.69 -4.45
N ASP B 156 20.29 -31.80 -4.13
CA ASP B 156 20.43 -32.26 -2.76
C ASP B 156 21.87 -32.67 -2.47
N HIS B 157 22.12 -33.30 -1.32
CA HIS B 157 23.49 -33.64 -0.93
C HIS B 157 24.06 -34.77 -1.77
N THR B 158 23.21 -35.61 -2.35
CA THR B 158 23.70 -36.66 -3.21
C THR B 158 24.13 -36.16 -4.57
N GLU B 159 23.89 -34.90 -4.90
CA GLU B 159 24.22 -34.36 -6.22
C GLU B 159 25.09 -33.11 -6.18
N ILE B 160 25.04 -32.31 -5.11
CA ILE B 160 25.96 -31.19 -4.94
C ILE B 160 26.47 -31.19 -3.51
N ASP B 161 27.73 -30.78 -3.33
CA ASP B 161 28.22 -30.38 -2.02
C ASP B 161 27.85 -28.93 -1.75
N MET B 162 28.23 -28.44 -0.59
CA MET B 162 28.05 -27.02 -0.26
C MET B 162 29.08 -26.68 0.80
N VAL B 163 30.20 -26.09 0.38
CA VAL B 163 31.37 -25.93 1.23
C VAL B 163 31.43 -24.49 1.72
N LEU B 164 31.31 -24.32 3.02
CA LEU B 164 31.50 -23.01 3.63
C LEU B 164 32.98 -22.65 3.61
N MET B 165 33.32 -21.50 3.03
CA MET B 165 34.74 -21.17 2.82
C MET B 165 35.38 -20.62 4.09
N THR B 166 34.90 -19.48 4.57
CA THR B 166 35.42 -18.86 5.79
C THR B 166 34.48 -19.15 6.96
N PRO B 167 35.01 -19.22 8.19
CA PRO B 167 34.13 -19.46 9.34
C PRO B 167 33.20 -18.30 9.66
N THR B 168 33.64 -17.06 9.42
CA THR B 168 32.84 -15.89 9.74
C THR B 168 32.53 -15.10 8.47
N ALA B 169 31.33 -14.53 8.43
CA ALA B 169 30.95 -13.64 7.35
C ALA B 169 31.72 -12.33 7.47
N SER B 170 32.19 -11.82 6.32
CA SER B 170 33.06 -10.67 6.32
C SER B 170 32.27 -9.39 6.61
N MET B 171 33.01 -8.36 7.00
CA MET B 171 32.48 -7.10 7.52
C MET B 171 33.13 -5.93 6.80
N ASP B 172 33.15 -5.99 5.46
CA ASP B 172 34.07 -5.18 4.69
C ASP B 172 33.45 -3.85 4.23
N ASP B 173 32.33 -3.90 3.53
CA ASP B 173 31.64 -2.68 3.10
C ASP B 173 30.57 -2.26 4.09
N PHE B 174 30.75 -2.62 5.36
CA PHE B 174 29.71 -2.43 6.36
C PHE B 174 29.66 -0.97 6.79
N THR B 175 28.47 -0.38 6.71
CA THR B 175 28.10 0.90 7.29
C THR B 175 27.48 0.68 8.67
N PRO B 176 27.93 1.40 9.69
CA PRO B 176 27.38 1.18 11.04
C PRO B 176 25.96 1.67 11.16
N SER B 177 25.11 0.85 11.77
CA SER B 177 23.67 1.04 11.71
C SER B 177 23.18 2.20 12.56
N GLY B 178 23.86 2.51 13.66
CA GLY B 178 23.44 3.58 14.53
C GLY B 178 22.53 3.16 15.66
N GLU B 179 21.66 2.18 15.40
CA GLU B 179 20.82 1.61 16.45
C GLU B 179 21.37 0.29 16.99
N TRP B 180 21.86 -0.58 16.12
CA TRP B 180 22.32 -1.89 16.52
C TRP B 180 23.84 -2.01 16.36
N ASP B 181 24.41 -3.07 16.94
CA ASP B 181 25.84 -3.34 16.88
C ASP B 181 26.03 -4.79 16.53
N ILE B 182 26.77 -5.06 15.48
CA ILE B 182 27.17 -6.43 15.20
C ILE B 182 28.40 -6.76 16.03
N VAL B 183 28.34 -7.87 16.76
CA VAL B 183 29.38 -8.26 17.70
C VAL B 183 30.12 -9.51 17.25
N ALA B 184 29.43 -10.44 16.60
CA ALA B 184 30.06 -11.61 16.00
C ALA B 184 29.12 -12.12 14.92
N LEU B 185 29.70 -12.70 13.86
CA LEU B 185 28.93 -13.25 12.76
C LEU B 185 29.45 -14.64 12.41
N PRO B 186 29.09 -15.66 13.18
CA PRO B 186 29.53 -17.02 12.85
C PRO B 186 28.68 -17.62 11.75
N GLY B 187 29.18 -18.70 11.17
CA GLY B 187 28.47 -19.42 10.13
C GLY B 187 28.82 -20.89 10.16
N ARG B 188 27.86 -21.77 9.89
CA ARG B 188 28.07 -23.20 10.04
C ARG B 188 27.35 -23.95 8.92
N ARG B 189 27.72 -25.22 8.78
CA ARG B 189 27.22 -26.09 7.72
C ARG B 189 26.56 -27.29 8.37
N THR B 190 25.26 -27.42 8.18
CA THR B 190 24.43 -28.39 8.89
C THR B 190 24.11 -29.56 7.98
N VAL B 191 24.51 -30.76 8.39
CA VAL B 191 24.15 -32.00 7.70
C VAL B 191 23.68 -32.99 8.77
N ASN B 192 22.66 -33.79 8.43
CA ASN B 192 22.09 -34.72 9.38
C ASN B 192 22.56 -36.12 9.08
N PRO B 193 23.31 -36.75 9.99
CA PRO B 193 23.58 -38.19 9.83
C PRO B 193 22.30 -38.99 10.02
N GLN B 194 22.27 -40.15 9.34
CA GLN B 194 21.08 -40.99 9.15
C GLN B 194 19.93 -40.21 8.53
N ASP B 195 20.26 -39.28 7.64
CA ASP B 195 19.33 -38.53 6.81
C ASP B 195 20.11 -37.91 5.65
N PRO B 196 20.40 -38.67 4.59
CA PRO B 196 21.11 -38.09 3.45
C PRO B 196 20.22 -37.15 2.64
N SER B 197 20.78 -36.59 1.56
CA SER B 197 20.14 -35.55 0.73
C SER B 197 19.73 -34.34 1.58
N TYR B 198 20.67 -33.84 2.37
CA TYR B 198 20.44 -32.67 3.20
C TYR B 198 21.68 -31.79 3.17
N VAL B 199 21.54 -30.57 2.66
CA VAL B 199 22.58 -29.56 2.72
C VAL B 199 22.02 -28.27 3.28
N ASP B 200 22.87 -27.50 3.95
CA ASP B 200 22.45 -26.29 4.63
C ASP B 200 23.70 -25.48 4.94
N VAL B 201 23.62 -24.16 4.75
CA VAL B 201 24.63 -23.24 5.26
C VAL B 201 23.88 -22.14 5.98
N THR B 202 24.06 -22.06 7.29
CA THR B 202 23.36 -21.05 8.07
C THR B 202 24.37 -20.04 8.60
N TYR B 203 23.98 -18.77 8.62
CA TYR B 203 24.78 -17.71 9.19
C TYR B 203 24.03 -17.11 10.35
N ASP B 204 24.70 -17.01 11.50
CA ASP B 204 24.12 -16.43 12.71
C ASP B 204 24.56 -14.99 12.81
N PHE B 205 23.62 -14.10 13.10
CA PHE B 205 23.89 -12.70 13.39
C PHE B 205 23.48 -12.50 14.83
N ILE B 206 24.44 -12.32 15.72
CA ILE B 206 24.15 -11.93 17.09
C ILE B 206 24.37 -10.42 17.20
N ILE B 207 23.32 -9.71 17.61
CA ILE B 207 23.22 -8.28 17.45
C ILE B 207 22.94 -7.68 18.82
N LYS B 208 23.78 -6.78 19.28
CA LYS B 208 23.54 -6.04 20.50
C LYS B 208 22.80 -4.75 20.14
N ARG B 209 22.08 -4.18 21.09
CA ARG B 209 21.41 -2.91 20.89
C ARG B 209 22.24 -1.78 21.51
N LYS B 210 22.29 -0.62 20.83
CA LYS B 210 22.69 0.61 21.48
C LYS B 210 21.48 1.13 22.24
N PRO B 211 21.48 1.09 23.58
CA PRO B 211 20.23 1.19 24.33
C PRO B 211 19.88 2.59 24.85
N LEU B 212 20.60 3.64 24.46
CA LEU B 212 20.45 4.92 25.14
C LEU B 212 19.13 5.61 24.80
N PHE B 213 18.57 5.35 23.63
CA PHE B 213 17.32 5.99 23.21
C PHE B 213 16.14 5.52 24.07
N TYR B 214 15.92 4.22 24.12
CA TYR B 214 14.80 3.70 24.89
C TYR B 214 15.02 3.86 26.38
N THR B 215 16.29 3.87 26.84
CA THR B 215 16.60 4.23 28.21
C THR B 215 16.12 5.64 28.52
N ILE B 216 16.65 6.62 27.79
CA ILE B 216 16.39 8.03 28.06
C ILE B 216 14.96 8.45 27.75
N ASN B 217 14.18 7.61 27.05
CA ASN B 217 12.78 7.94 26.80
C ASN B 217 11.77 7.08 27.54
N LEU B 218 12.15 5.93 28.11
CA LEU B 218 11.14 5.10 28.76
C LEU B 218 11.52 4.65 30.17
N ILE B 219 12.82 4.49 30.47
CA ILE B 219 13.18 3.96 31.77
C ILE B 219 13.05 5.04 32.85
N ILE B 220 13.42 6.28 32.52
CA ILE B 220 13.34 7.41 33.44
C ILE B 220 11.88 7.79 33.76
N PRO B 221 10.93 7.87 32.79
CA PRO B 221 9.54 8.10 33.23
C PRO B 221 8.91 6.92 33.94
N CYS B 222 9.38 5.69 33.69
CA CYS B 222 8.91 4.53 34.43
C CYS B 222 9.23 4.63 35.91
N VAL B 223 10.51 4.87 36.24
CA VAL B 223 10.91 4.99 37.64
C VAL B 223 10.34 6.28 38.24
N LEU B 224 10.09 7.29 37.41
CA LEU B 224 9.43 8.52 37.87
C LEU B 224 8.00 8.25 38.36
N THR B 225 7.16 7.69 37.49
CA THR B 225 5.77 7.41 37.88
C THR B 225 5.66 6.27 38.88
N THR B 226 6.70 5.44 39.03
CA THR B 226 6.71 4.49 40.13
C THR B 226 7.05 5.18 41.44
N LEU B 227 7.98 6.13 41.40
CA LEU B 227 8.34 6.90 42.59
C LEU B 227 7.20 7.77 43.08
N LEU B 228 6.27 8.14 42.20
CA LEU B 228 5.11 8.90 42.64
C LEU B 228 3.99 8.03 43.23
N ALA B 229 4.22 6.76 43.54
CA ALA B 229 3.15 5.86 43.96
C ALA B 229 3.12 5.55 45.44
N ILE B 230 4.19 5.81 46.18
CA ILE B 230 4.22 5.60 47.62
C ILE B 230 4.13 6.95 48.30
N LEU B 231 3.48 7.88 47.62
CA LEU B 231 3.51 9.28 47.96
C LEU B 231 2.15 9.86 48.31
N VAL B 232 1.06 9.14 48.01
CA VAL B 232 -0.29 9.61 48.34
C VAL B 232 -0.62 9.44 49.81
N PHE B 233 0.25 8.82 50.60
CA PHE B 233 -0.02 8.59 52.01
C PHE B 233 0.53 9.68 52.90
N TYR B 234 1.51 10.44 52.42
CA TYR B 234 2.02 11.57 53.17
C TYR B 234 1.12 12.79 53.04
N LEU B 235 0.23 12.76 52.06
CA LEU B 235 -0.73 13.84 51.84
C LEU B 235 -1.85 13.75 52.86
N PRO B 236 -2.18 14.82 53.57
CA PRO B 236 -3.23 14.76 54.58
C PRO B 236 -4.61 14.68 53.97
N SER B 237 -5.50 13.96 54.66
CA SER B 237 -6.87 13.80 54.20
C SER B 237 -7.74 15.03 54.45
N ASP B 238 -7.23 16.01 55.19
CA ASP B 238 -8.00 17.24 55.41
C ASP B 238 -8.12 18.04 54.12
N CYS B 239 -7.10 17.98 53.27
CA CYS B 239 -7.22 18.51 51.92
C CYS B 239 -8.07 17.57 51.06
N GLY B 240 -8.45 18.04 49.89
CA GLY B 240 -9.32 17.26 49.03
C GLY B 240 -8.67 16.84 47.73
N GLU B 241 -7.41 16.42 47.79
CA GLU B 241 -6.65 16.14 46.57
C GLU B 241 -5.97 14.78 46.62
N LYS B 242 -6.56 13.81 47.31
CA LYS B 242 -5.94 12.48 47.38
C LYS B 242 -6.36 11.61 46.20
N MET B 243 -7.67 11.58 45.92
CA MET B 243 -8.19 10.69 44.88
C MET B 243 -7.76 11.14 43.49
N THR B 244 -7.58 12.45 43.30
CA THR B 244 -7.02 12.98 42.06
C THR B 244 -5.63 12.42 41.79
N LEU B 245 -4.77 12.43 42.82
CA LEU B 245 -3.41 11.94 42.67
C LEU B 245 -3.37 10.42 42.45
N CYS B 246 -4.23 9.68 43.16
CA CYS B 246 -4.26 8.22 43.02
C CYS B 246 -4.73 7.79 41.63
N ILE B 247 -5.86 8.37 41.17
CA ILE B 247 -6.40 8.05 39.85
C ILE B 247 -5.44 8.48 38.75
N SER B 248 -4.72 9.59 38.96
CA SER B 248 -3.79 10.07 37.94
C SER B 248 -2.55 9.20 37.83
N VAL B 249 -2.05 8.68 38.97
CA VAL B 249 -0.93 7.75 38.92
C VAL B 249 -1.32 6.44 38.24
N LEU B 250 -2.51 5.92 38.54
CA LEU B 250 -2.97 4.70 37.87
C LEU B 250 -3.20 4.93 36.38
N LEU B 251 -3.63 6.13 36.00
CA LEU B 251 -3.81 6.47 34.58
C LEU B 251 -2.47 6.50 33.85
N ALA B 252 -1.46 7.13 34.45
CA ALA B 252 -0.16 7.20 33.80
C ALA B 252 0.50 5.83 33.69
N LEU B 253 0.33 4.97 34.71
CA LEU B 253 0.87 3.62 34.64
C LEU B 253 0.19 2.78 33.56
N THR B 254 -1.14 2.85 33.44
CA THR B 254 -1.81 2.15 32.35
C THR B 254 -1.42 2.71 30.98
N PHE B 255 -1.14 4.01 30.91
CA PHE B 255 -0.69 4.62 29.66
C PHE B 255 0.68 4.08 29.25
N PHE B 256 1.62 4.00 30.19
CA PHE B 256 2.92 3.45 29.83
C PHE B 256 2.86 1.95 29.55
N LEU B 257 1.90 1.23 30.16
CA LEU B 257 1.74 -0.19 29.83
C LEU B 257 1.22 -0.37 28.41
N LEU B 258 0.23 0.45 28.01
CA LEU B 258 -0.25 0.36 26.64
C LEU B 258 0.75 0.91 25.64
N LEU B 259 1.67 1.78 26.08
CA LEU B 259 2.74 2.23 25.19
C LEU B 259 3.79 1.14 25.00
N ILE B 260 4.18 0.45 26.08
CA ILE B 260 5.21 -0.57 25.99
C ILE B 260 4.67 -1.84 25.33
N SER B 261 3.35 -2.07 25.35
CA SER B 261 2.81 -3.22 24.62
C SER B 261 2.72 -2.99 23.12
N LYS B 262 3.11 -1.82 22.63
CA LYS B 262 3.11 -1.52 21.20
C LYS B 262 4.45 -1.76 20.54
N ILE B 263 5.56 -1.36 21.20
CA ILE B 263 6.90 -1.55 20.66
C ILE B 263 7.40 -2.97 20.86
N VAL B 264 6.74 -3.76 21.69
CA VAL B 264 7.11 -5.14 22.00
C VAL B 264 6.40 -6.03 20.99
N PRO B 265 6.91 -7.21 20.63
CA PRO B 265 6.12 -8.12 19.81
C PRO B 265 5.03 -8.79 20.64
N PRO B 266 3.90 -9.11 20.02
CA PRO B 266 2.82 -9.83 20.73
C PRO B 266 3.06 -11.34 20.80
N THR B 267 4.04 -11.74 21.61
CA THR B 267 4.33 -13.13 21.86
C THR B 267 4.17 -13.43 23.35
N SER B 268 3.97 -14.71 23.65
CA SER B 268 3.75 -15.15 25.02
C SER B 268 4.86 -16.09 25.51
N LEU B 269 6.07 -15.93 24.96
CA LEU B 269 7.23 -16.60 25.54
C LEU B 269 7.50 -16.09 26.95
N ASP B 270 7.79 -14.80 27.07
CA ASP B 270 7.82 -14.13 28.36
C ASP B 270 7.60 -12.64 28.13
N VAL B 271 6.92 -12.01 29.08
CA VAL B 271 6.76 -10.55 29.09
C VAL B 271 8.10 -9.94 29.42
N PRO B 272 8.40 -8.72 28.96
CA PRO B 272 9.61 -8.05 29.42
C PRO B 272 9.49 -7.61 30.87
N LEU B 273 10.64 -7.25 31.45
CA LEU B 273 10.67 -6.84 32.85
C LEU B 273 9.98 -5.51 33.08
N ILE B 274 9.87 -4.66 32.06
CA ILE B 274 9.14 -3.41 32.18
C ILE B 274 7.64 -3.68 32.33
N GLY B 275 7.10 -4.62 31.54
CA GLY B 275 5.68 -4.93 31.64
C GLY B 275 5.32 -5.59 32.96
N LYS B 276 6.20 -6.47 33.45
CA LYS B 276 5.98 -7.11 34.74
C LYS B 276 6.09 -6.11 35.88
N TYR B 277 7.04 -5.17 35.75
CA TYR B 277 7.22 -4.13 36.77
C TYR B 277 6.03 -3.19 36.83
N LEU B 278 5.51 -2.79 35.67
CA LEU B 278 4.34 -1.93 35.64
C LEU B 278 3.08 -2.66 36.10
N MET B 279 2.98 -3.96 35.85
CA MET B 279 1.83 -4.73 36.35
C MET B 279 1.85 -4.80 37.88
N PHE B 280 3.03 -5.06 38.46
CA PHE B 280 3.20 -5.06 39.91
C PHE B 280 2.85 -3.70 40.51
N THR B 281 3.36 -2.62 39.92
CA THR B 281 3.12 -1.29 40.44
C THR B 281 1.67 -0.85 40.25
N MET B 282 1.01 -1.36 39.21
CA MET B 282 -0.38 -1.02 38.95
C MET B 282 -1.32 -1.68 39.96
N VAL B 283 -1.07 -2.96 40.28
CA VAL B 283 -1.84 -3.63 41.33
C VAL B 283 -1.58 -2.95 42.69
N LEU B 284 -0.35 -2.48 42.90
CA LEU B 284 -0.03 -1.77 44.15
C LEU B 284 -0.77 -0.43 44.23
N VAL B 285 -0.88 0.30 43.13
CA VAL B 285 -1.61 1.57 43.12
C VAL B 285 -3.11 1.35 43.31
N THR B 286 -3.65 0.22 42.82
CA THR B 286 -5.07 -0.06 43.05
C THR B 286 -5.34 -0.38 44.53
N PHE B 287 -4.44 -1.15 45.16
CA PHE B 287 -4.53 -1.34 46.61
C PHE B 287 -4.36 -0.02 47.36
N SER B 288 -3.55 0.89 46.82
CA SER B 288 -3.41 2.22 47.42
C SER B 288 -4.71 3.01 47.32
N ILE B 289 -5.45 2.87 46.22
CA ILE B 289 -6.73 3.57 46.08
C ILE B 289 -7.74 3.04 47.09
N VAL B 290 -7.83 1.72 47.23
CA VAL B 290 -8.84 1.19 48.14
C VAL B 290 -8.47 1.46 49.61
N THR B 291 -7.18 1.45 49.96
CA THR B 291 -6.84 1.82 51.33
C THR B 291 -6.90 3.32 51.56
N SER B 292 -6.82 4.14 50.51
CA SER B 292 -6.98 5.58 50.68
C SER B 292 -8.43 5.94 50.89
N VAL B 293 -9.35 5.24 50.23
CA VAL B 293 -10.77 5.43 50.50
C VAL B 293 -11.12 4.93 51.89
N CYS B 294 -10.51 3.82 52.31
CA CYS B 294 -10.75 3.33 53.67
C CYS B 294 -10.18 4.27 54.74
N VAL B 295 -9.04 4.91 54.48
CA VAL B 295 -8.47 5.82 55.46
C VAL B 295 -9.11 7.21 55.38
N LEU B 296 -9.84 7.50 54.30
CA LEU B 296 -10.57 8.75 54.21
C LEU B 296 -11.97 8.63 54.80
N ASN B 297 -12.50 7.41 54.91
CA ASN B 297 -13.78 7.26 55.60
C ASN B 297 -13.64 7.52 57.10
N VAL B 298 -12.55 7.03 57.71
CA VAL B 298 -12.37 7.18 59.16
C VAL B 298 -11.98 8.60 59.55
N HIS B 299 -11.63 9.46 58.59
CA HIS B 299 -11.32 10.84 58.92
C HIS B 299 -12.57 11.67 59.18
N HIS B 300 -13.67 11.35 58.47
CA HIS B 300 -14.89 12.14 58.52
C HIS B 300 -15.95 11.52 59.42
N ARG B 301 -15.54 10.82 60.48
CA ARG B 301 -16.49 10.21 61.43
C ARG B 301 -16.71 11.18 62.57
N SER B 302 -17.95 11.58 62.78
CA SER B 302 -18.38 12.53 63.79
C SER B 302 -18.82 11.81 65.05
N PRO B 303 -18.82 12.48 66.21
CA PRO B 303 -19.34 11.84 67.42
C PRO B 303 -20.84 11.63 67.41
N SER B 304 -21.59 12.39 66.61
CA SER B 304 -23.04 12.28 66.61
C SER B 304 -23.55 11.05 65.87
N THR B 305 -22.75 10.49 64.96
CA THR B 305 -23.19 9.39 64.12
C THR B 305 -22.42 8.10 64.34
N HIS B 306 -21.32 8.12 65.11
CA HIS B 306 -20.51 6.92 65.30
C HIS B 306 -20.06 6.86 66.76
N THR B 307 -19.72 5.65 67.19
CA THR B 307 -19.20 5.41 68.53
C THR B 307 -17.85 4.73 68.42
N MET B 308 -16.83 5.33 69.05
CA MET B 308 -15.48 4.81 68.97
C MET B 308 -15.37 3.57 69.85
N ALA B 309 -15.12 2.42 69.23
CA ALA B 309 -15.06 1.14 69.92
C ALA B 309 -13.79 1.07 70.79
N PRO B 310 -13.78 0.22 71.83
CA PRO B 310 -12.59 0.13 72.68
C PRO B 310 -11.38 -0.52 72.01
N TRP B 311 -11.56 -1.30 70.94
CA TRP B 311 -10.40 -1.94 70.35
C TRP B 311 -9.57 -0.97 69.52
N VAL B 312 -10.22 -0.02 68.84
CA VAL B 312 -9.47 1.02 68.15
C VAL B 312 -8.87 1.99 69.15
N LYS B 313 -9.50 2.15 70.32
CA LYS B 313 -8.90 2.88 71.45
C LYS B 313 -7.59 2.23 71.89
N ARG B 314 -7.59 0.92 72.12
CA ARG B 314 -6.38 0.29 72.63
C ARG B 314 -5.34 0.03 71.55
N CYS B 315 -5.72 -0.05 70.28
CA CYS B 315 -4.77 -0.34 69.21
C CYS B 315 -4.25 0.93 68.54
N PHE B 316 -5.12 1.73 67.95
CA PHE B 316 -4.71 2.80 67.05
C PHE B 316 -4.52 4.13 67.76
N LEU B 317 -4.37 4.12 69.09
CA LEU B 317 -4.26 5.37 69.82
C LEU B 317 -3.10 5.32 70.81
N HIS B 318 -2.75 4.12 71.28
CA HIS B 318 -1.72 3.96 72.30
C HIS B 318 -0.51 3.16 71.82
N LYS B 319 -0.73 1.97 71.27
CA LYS B 319 0.39 1.09 70.92
C LYS B 319 1.11 1.55 69.66
N LEU B 320 0.37 1.70 68.57
CA LEU B 320 0.95 2.07 67.28
C LEU B 320 1.54 3.48 67.18
N PRO B 321 1.02 4.53 67.83
CA PRO B 321 1.77 5.79 67.84
C PRO B 321 3.08 5.75 68.61
N THR B 322 3.30 4.75 69.47
CA THR B 322 4.62 4.53 70.04
C THR B 322 5.45 3.57 69.22
N PHE B 323 4.80 2.67 68.47
CA PHE B 323 5.50 1.73 67.61
C PHE B 323 6.03 2.39 66.35
N LEU B 324 5.37 3.46 65.88
CA LEU B 324 5.73 4.13 64.64
C LEU B 324 6.38 5.48 64.85
N PHE B 325 6.79 5.78 66.10
CA PHE B 325 7.44 7.05 66.49
C PHE B 325 6.56 8.27 66.17
N MET B 326 5.30 8.22 66.61
CA MET B 326 4.39 9.33 66.41
C MET B 326 4.36 10.27 67.61
N LYS B 327 3.96 9.73 68.77
CA LYS B 327 4.03 10.40 70.09
C LYS B 327 3.21 11.68 70.13
N ARG B 328 1.95 11.57 69.66
CA ARG B 328 0.96 12.67 69.61
C ARG B 328 1.46 13.94 68.93
N ARG B 451 -37.34 39.65 90.28
CA ARG B 451 -36.16 38.81 90.17
C ARG B 451 -36.40 37.78 89.06
N GLN B 452 -37.65 37.72 88.57
CA GLN B 452 -38.00 36.77 87.53
C GLN B 452 -37.36 37.13 86.19
N ASP B 453 -37.00 38.40 85.98
CA ASP B 453 -36.18 38.74 84.84
C ASP B 453 -34.71 38.48 85.12
N VAL B 454 -34.29 38.62 86.38
CA VAL B 454 -32.88 38.47 86.73
C VAL B 454 -32.49 37.00 86.77
N GLN B 455 -33.39 36.13 87.23
CA GLN B 455 -33.04 34.73 87.45
C GLN B 455 -32.85 33.97 86.14
N GLU B 456 -33.57 34.35 85.09
CA GLU B 456 -33.40 33.67 83.81
C GLU B 456 -32.11 34.07 83.10
N ALA B 457 -31.53 35.22 83.45
CA ALA B 457 -30.25 35.60 82.86
C ALA B 457 -29.11 34.71 83.39
N LEU B 458 -29.13 34.42 84.69
CA LEU B 458 -28.14 33.51 85.28
C LEU B 458 -28.28 32.11 84.71
N GLU B 459 -29.51 31.65 84.55
CA GLU B 459 -29.77 30.33 83.97
C GLU B 459 -29.34 30.28 82.51
N GLY B 460 -29.52 31.38 81.78
CA GLY B 460 -29.05 31.44 80.40
C GLY B 460 -27.54 31.40 80.29
N VAL B 461 -26.84 32.12 81.17
CA VAL B 461 -25.38 32.11 81.15
C VAL B 461 -24.85 30.73 81.53
N SER B 462 -25.51 30.06 82.48
CA SER B 462 -25.13 28.69 82.82
C SER B 462 -25.35 27.73 81.66
N PHE B 463 -26.44 27.91 80.91
CA PHE B 463 -26.68 27.07 79.75
C PHE B 463 -25.66 27.30 78.64
N ILE B 464 -25.25 28.56 78.44
CA ILE B 464 -24.25 28.87 77.43
C ILE B 464 -22.91 28.24 77.78
N ALA B 465 -22.53 28.29 79.06
CA ALA B 465 -21.26 27.69 79.47
C ALA B 465 -21.29 26.17 79.36
N GLN B 466 -22.40 25.54 79.74
CA GLN B 466 -22.49 24.08 79.63
C GLN B 466 -22.54 23.63 78.17
N HIS B 467 -23.14 24.43 77.29
CA HIS B 467 -23.14 24.06 75.88
C HIS B 467 -21.76 24.23 75.25
N MET B 468 -20.99 25.24 75.68
CA MET B 468 -19.61 25.34 75.21
C MET B 468 -18.75 24.19 75.72
N LYS B 469 -19.04 23.68 76.92
CA LYS B 469 -18.34 22.50 77.42
C LYS B 469 -18.65 21.26 76.58
N ASN B 470 -19.92 21.07 76.21
CA ASN B 470 -20.29 19.95 75.34
C ASN B 470 -19.65 20.07 73.96
N ASP B 471 -19.56 21.31 73.45
CA ASP B 471 -18.93 21.54 72.14
C ASP B 471 -17.43 21.23 72.19
N ASP B 472 -16.76 21.57 73.29
CA ASP B 472 -15.36 21.23 73.45
C ASP B 472 -15.13 19.73 73.51
N GLU B 473 -16.04 19.00 74.19
CA GLU B 473 -15.92 17.54 74.24
C GLU B 473 -16.08 16.90 72.87
N ASP B 474 -17.08 17.34 72.09
CA ASP B 474 -17.28 16.78 70.77
C ASP B 474 -16.14 17.14 69.81
N GLN B 475 -15.55 18.33 69.97
CA GLN B 475 -14.40 18.71 69.15
C GLN B 475 -13.18 17.86 69.49
N SER B 476 -13.00 17.50 70.77
CA SER B 476 -11.91 16.62 71.14
C SER B 476 -12.10 15.22 70.56
N VAL B 477 -13.35 14.72 70.52
CA VAL B 477 -13.58 13.39 69.97
C VAL B 477 -13.37 13.38 68.45
N VAL B 478 -13.75 14.45 67.75
CA VAL B 478 -13.56 14.43 66.30
C VAL B 478 -12.07 14.62 65.94
N GLU B 479 -11.31 15.35 66.76
CA GLU B 479 -9.86 15.38 66.55
C GLU B 479 -9.21 14.04 66.87
N ASP B 480 -9.81 13.27 67.77
CA ASP B 480 -9.31 11.92 68.04
C ASP B 480 -9.54 11.00 66.84
N TRP B 481 -10.69 11.13 66.18
CA TRP B 481 -10.93 10.38 64.93
C TRP B 481 -9.92 10.77 63.84
N LYS B 482 -9.61 12.06 63.75
CA LYS B 482 -8.61 12.52 62.77
C LYS B 482 -7.24 11.93 63.06
N TYR B 483 -6.88 11.81 64.35
CA TYR B 483 -5.57 11.24 64.69
C TYR B 483 -5.52 9.75 64.38
N VAL B 484 -6.63 9.04 64.57
CA VAL B 484 -6.69 7.62 64.21
C VAL B 484 -6.49 7.43 62.71
N ALA B 485 -7.11 8.32 61.91
CA ALA B 485 -6.90 8.29 60.45
C ALA B 485 -5.45 8.54 60.08
N MET B 486 -4.79 9.48 60.78
CA MET B 486 -3.38 9.78 60.52
C MET B 486 -2.47 8.60 60.83
N VAL B 487 -2.76 7.88 61.92
CA VAL B 487 -1.96 6.71 62.30
C VAL B 487 -2.10 5.59 61.27
N VAL B 488 -3.33 5.32 60.82
CA VAL B 488 -3.56 4.29 59.79
C VAL B 488 -2.85 4.67 58.49
N ASP B 489 -2.82 5.97 58.18
CA ASP B 489 -2.17 6.44 56.97
C ASP B 489 -0.66 6.22 57.01
N ARG B 490 -0.01 6.56 58.13
CA ARG B 490 1.43 6.33 58.27
C ARG B 490 1.78 4.84 58.31
N LEU B 491 0.90 4.02 58.88
CA LEU B 491 1.10 2.57 58.91
C LEU B 491 1.15 1.99 57.50
N PHE B 492 0.16 2.34 56.67
CA PHE B 492 0.16 1.83 55.31
C PHE B 492 1.26 2.46 54.45
N LEU B 493 1.72 3.66 54.81
CA LEU B 493 2.90 4.22 54.16
C LEU B 493 4.12 3.34 54.36
N TRP B 494 4.40 2.95 55.61
CA TRP B 494 5.56 2.08 55.86
C TRP B 494 5.38 0.70 55.22
N VAL B 495 4.17 0.15 55.27
CA VAL B 495 3.93 -1.20 54.74
C VAL B 495 4.14 -1.24 53.23
N PHE B 496 3.49 -0.32 52.50
CA PHE B 496 3.66 -0.30 51.05
C PHE B 496 5.03 0.13 50.61
N MET B 497 5.75 0.95 51.41
CA MET B 497 7.13 1.28 51.05
C MET B 497 8.03 0.06 51.14
N PHE B 498 7.88 -0.74 52.20
CA PHE B 498 8.69 -1.94 52.36
C PHE B 498 8.38 -2.97 51.27
N VAL B 499 7.10 -3.14 50.95
CA VAL B 499 6.71 -4.09 49.91
C VAL B 499 7.19 -3.62 48.54
N CYS B 500 7.16 -2.32 48.28
CA CYS B 500 7.61 -1.81 46.98
C CYS B 500 9.13 -1.94 46.81
N VAL B 501 9.89 -1.72 47.90
CA VAL B 501 11.34 -1.90 47.83
C VAL B 501 11.71 -3.36 47.58
N LEU B 502 11.05 -4.29 48.31
CA LEU B 502 11.31 -5.71 48.06
C LEU B 502 10.85 -6.14 46.66
N GLY B 503 9.80 -5.50 46.15
CA GLY B 503 9.36 -5.81 44.79
C GLY B 503 10.35 -5.38 43.73
N THR B 504 10.89 -4.17 43.87
CA THR B 504 11.90 -3.70 42.92
C THR B 504 13.17 -4.55 42.98
N VAL B 505 13.57 -4.97 44.19
CA VAL B 505 14.76 -5.82 44.32
C VAL B 505 14.50 -7.20 43.69
N GLY B 506 13.33 -7.79 43.98
CA GLY B 506 13.03 -9.12 43.46
C GLY B 506 12.81 -9.14 41.97
N LEU B 507 12.39 -8.02 41.38
CA LEU B 507 12.25 -7.97 39.93
C LEU B 507 13.59 -7.70 39.25
N PHE B 508 14.30 -6.66 39.67
CA PHE B 508 15.57 -6.31 39.03
C PHE B 508 16.77 -6.95 39.70
N LEU B 509 16.59 -8.13 40.31
CA LEU B 509 17.72 -8.97 40.69
C LEU B 509 18.67 -9.32 39.55
N PRO B 510 18.21 -9.73 38.33
CA PRO B 510 19.26 -9.91 37.34
C PRO B 510 19.65 -8.61 36.64
N ASN C 4 25.46 -36.46 -23.85
CA ASN C 4 25.32 -37.36 -22.71
C ASN C 4 24.11 -38.28 -22.89
N ALA C 5 23.75 -38.97 -21.82
CA ALA C 5 22.55 -39.80 -21.83
C ALA C 5 21.32 -38.99 -21.48
N GLU C 6 21.46 -38.01 -20.58
CA GLU C 6 20.33 -37.21 -20.15
C GLU C 6 19.88 -36.23 -21.24
N GLU C 7 20.82 -35.77 -22.07
CA GLU C 7 20.46 -34.80 -23.10
C GLU C 7 19.76 -35.49 -24.27
N LYS C 8 20.10 -36.76 -24.53
CA LYS C 8 19.40 -37.52 -25.55
C LYS C 8 18.02 -37.94 -25.06
N LEU C 9 17.92 -38.30 -23.77
CA LEU C 9 16.66 -38.74 -23.20
C LEU C 9 15.65 -37.60 -23.14
N MET C 10 16.14 -36.39 -22.87
CA MET C 10 15.28 -35.22 -22.78
C MET C 10 14.70 -34.86 -24.14
N ASP C 11 15.49 -35.05 -25.20
CA ASP C 11 15.01 -34.74 -26.54
C ASP C 11 14.11 -35.86 -27.06
N ASP C 12 14.36 -37.10 -26.63
CA ASP C 12 13.55 -38.23 -27.10
C ASP C 12 12.19 -38.27 -26.43
N LEU C 13 12.13 -37.85 -25.16
CA LEU C 13 10.86 -37.90 -24.38
C LEU C 13 9.93 -36.74 -24.73
N LEU C 14 10.46 -35.52 -24.76
CA LEU C 14 9.70 -34.31 -24.99
C LEU C 14 10.03 -33.80 -26.39
N ASN C 15 9.20 -34.19 -27.34
CA ASN C 15 9.36 -33.83 -28.74
C ASN C 15 8.03 -33.28 -29.22
N LYS C 16 8.08 -32.24 -30.06
CA LYS C 16 6.86 -31.50 -30.39
C LYS C 16 5.94 -32.32 -31.27
N THR C 17 6.47 -33.29 -32.02
CA THR C 17 5.62 -34.10 -32.86
C THR C 17 4.92 -35.20 -32.07
N ARG C 18 5.40 -35.46 -30.84
CA ARG C 18 4.84 -36.59 -30.06
C ARG C 18 4.42 -36.20 -28.65
N TYR C 19 4.77 -35.00 -28.18
CA TYR C 19 4.35 -34.63 -26.80
C TYR C 19 3.67 -33.26 -26.77
N ASN C 20 2.53 -33.19 -26.08
CA ASN C 20 1.74 -31.93 -25.94
C ASN C 20 1.42 -31.71 -24.46
N ASN C 21 1.89 -30.59 -23.90
CA ASN C 21 1.66 -30.28 -22.50
C ASN C 21 0.27 -29.71 -22.22
N LEU C 22 -0.67 -29.88 -23.13
CA LEU C 22 -2.01 -29.34 -22.97
C LEU C 22 -3.10 -30.40 -23.07
N ILE C 23 -2.74 -31.64 -23.39
CA ILE C 23 -3.75 -32.74 -23.48
C ILE C 23 -3.55 -33.62 -22.24
N ARG C 24 -4.62 -34.12 -21.61
CA ARG C 24 -4.34 -34.86 -20.37
C ARG C 24 -4.12 -36.34 -20.68
N PRO C 25 -3.08 -36.94 -20.07
CA PRO C 25 -2.67 -38.32 -20.35
C PRO C 25 -3.60 -39.47 -19.96
N ALA C 26 -4.66 -39.68 -20.76
CA ALA C 26 -5.53 -40.83 -20.52
C ALA C 26 -5.33 -41.82 -21.65
N THR C 27 -5.24 -43.12 -21.29
CA THR C 27 -5.04 -44.16 -22.28
C THR C 27 -6.25 -44.31 -23.19
N SER C 28 -7.44 -44.09 -22.63
CA SER C 28 -8.68 -44.16 -23.40
C SER C 28 -9.61 -43.03 -22.94
N SER C 29 -10.87 -43.10 -23.32
CA SER C 29 -11.86 -42.14 -22.87
C SER C 29 -12.40 -42.60 -21.52
N SER C 30 -12.86 -41.62 -20.73
CA SER C 30 -13.40 -41.81 -19.37
C SER C 30 -12.42 -42.55 -18.46
N GLN C 31 -11.17 -42.09 -18.45
CA GLN C 31 -10.16 -42.56 -17.52
C GLN C 31 -9.81 -41.44 -16.55
N LEU C 32 -9.84 -41.76 -15.26
CA LEU C 32 -9.62 -40.77 -14.21
C LEU C 32 -8.15 -40.83 -13.82
N ILE C 33 -7.44 -39.73 -14.02
CA ILE C 33 -6.03 -39.65 -13.64
C ILE C 33 -5.98 -39.40 -12.14
N SER C 34 -5.60 -40.42 -11.37
CA SER C 34 -5.56 -40.34 -9.92
C SER C 34 -4.31 -39.59 -9.50
N ILE C 35 -4.45 -38.30 -9.29
CA ILE C 35 -3.39 -37.45 -8.78
C ILE C 35 -3.51 -37.43 -7.26
N LYS C 36 -2.40 -37.36 -6.55
CA LYS C 36 -2.49 -37.37 -5.10
C LYS C 36 -1.52 -36.38 -4.48
N LEU C 37 -1.95 -35.76 -3.39
CA LEU C 37 -1.29 -34.58 -2.86
C LEU C 37 -1.27 -34.65 -1.34
N GLN C 38 -0.32 -33.93 -0.75
CA GLN C 38 -0.32 -33.72 0.69
C GLN C 38 0.39 -32.40 0.98
N LEU C 39 -0.02 -31.75 2.06
CA LEU C 39 0.41 -30.40 2.40
C LEU C 39 1.48 -30.45 3.47
N SER C 40 2.43 -29.52 3.37
CA SER C 40 3.57 -29.43 4.28
C SER C 40 3.65 -27.98 4.77
N LEU C 41 3.20 -27.73 5.99
CA LEU C 41 3.16 -26.37 6.50
C LEU C 41 4.56 -25.95 6.93
N ALA C 42 4.87 -24.65 6.77
CA ALA C 42 6.17 -24.14 7.19
C ALA C 42 6.08 -23.11 8.30
N GLN C 43 5.18 -22.14 8.21
CA GLN C 43 5.13 -21.05 9.17
C GLN C 43 3.77 -20.36 9.12
N LEU C 44 3.20 -20.07 10.29
CA LEU C 44 2.03 -19.19 10.40
C LEU C 44 2.54 -17.77 10.61
N ILE C 45 2.70 -17.02 9.51
CA ILE C 45 3.36 -15.73 9.64
C ILE C 45 2.41 -14.64 10.12
N SER C 46 1.11 -14.72 9.79
CA SER C 46 0.15 -13.78 10.34
C SER C 46 -1.24 -14.41 10.31
N VAL C 47 -2.00 -14.26 11.39
CA VAL C 47 -3.35 -14.80 11.52
C VAL C 47 -4.28 -13.62 11.80
N ASN C 48 -4.13 -12.54 11.02
CA ASN C 48 -4.89 -11.29 11.07
C ASN C 48 -6.39 -11.52 11.29
N GLU C 49 -6.90 -10.91 12.36
CA GLU C 49 -8.22 -11.21 12.89
C GLU C 49 -9.29 -10.20 12.51
N ARG C 50 -8.93 -8.93 12.38
CA ARG C 50 -9.92 -7.93 12.00
C ARG C 50 -10.31 -8.04 10.54
N GLU C 51 -9.35 -8.38 9.67
CA GLU C 51 -9.62 -8.62 8.27
C GLU C 51 -9.92 -10.08 7.97
N GLN C 52 -9.78 -10.96 8.98
CA GLN C 52 -10.10 -12.40 8.90
C GLN C 52 -9.29 -13.10 7.81
N ILE C 53 -7.98 -12.92 7.84
CA ILE C 53 -7.06 -13.48 6.86
C ILE C 53 -5.97 -14.19 7.62
N MET C 54 -5.72 -15.46 7.30
CA MET C 54 -4.53 -16.12 7.78
C MET C 54 -3.56 -16.27 6.61
N THR C 55 -2.27 -16.14 6.90
CA THR C 55 -1.23 -16.13 5.87
C THR C 55 -0.25 -17.25 6.18
N THR C 56 -0.22 -18.26 5.32
CA THR C 56 0.65 -19.41 5.51
C THR C 56 1.61 -19.55 4.34
N ASN C 57 2.68 -20.29 4.58
CA ASN C 57 3.51 -20.80 3.50
C ASN C 57 3.62 -22.31 3.61
N VAL C 58 3.45 -22.98 2.48
CA VAL C 58 3.34 -24.43 2.42
C VAL C 58 4.21 -24.94 1.28
N TRP C 59 4.50 -26.23 1.34
CA TRP C 59 5.32 -26.94 0.37
C TRP C 59 4.50 -28.05 -0.26
N LEU C 60 3.25 -27.72 -0.64
CA LEU C 60 2.25 -28.67 -1.20
C LEU C 60 2.89 -29.59 -2.23
N LYS C 61 2.92 -30.90 -1.95
CA LYS C 61 3.52 -31.90 -2.87
C LYS C 61 2.41 -32.69 -3.54
N GLN C 62 2.62 -33.11 -4.80
CA GLN C 62 1.63 -33.86 -5.55
C GLN C 62 2.31 -34.70 -6.62
N GLU C 63 1.81 -35.93 -6.78
CA GLU C 63 2.40 -36.89 -7.68
C GLU C 63 1.31 -37.57 -8.48
N TRP C 64 1.66 -37.99 -9.69
CA TRP C 64 0.71 -38.60 -10.61
C TRP C 64 1.46 -39.50 -11.58
N THR C 65 0.74 -40.04 -12.57
CA THR C 65 1.28 -41.03 -13.50
C THR C 65 1.06 -40.56 -14.93
N ASP C 66 2.15 -40.15 -15.58
CA ASP C 66 2.14 -39.73 -17.01
C ASP C 66 2.69 -40.90 -17.82
N TYR C 67 1.88 -41.49 -18.71
CA TYR C 67 2.31 -42.67 -19.51
C TYR C 67 3.08 -42.23 -20.76
N ARG C 68 3.16 -40.93 -21.03
CA ARG C 68 3.88 -40.43 -22.23
C ARG C 68 5.33 -40.08 -21.82
N LEU C 69 5.68 -40.31 -20.56
CA LEU C 69 7.05 -40.02 -20.06
C LEU C 69 7.67 -41.30 -19.48
N THR C 70 7.55 -42.41 -20.22
CA THR C 70 8.07 -43.72 -19.76
C THR C 70 9.17 -44.23 -20.69
N TRP C 71 10.24 -44.79 -20.11
CA TRP C 71 11.36 -45.34 -20.85
C TRP C 71 11.98 -46.39 -19.95
N ASN C 72 12.71 -47.34 -20.53
CA ASN C 72 13.44 -48.20 -19.60
C ASN C 72 14.88 -47.75 -19.49
N SER C 73 15.53 -48.21 -18.42
CA SER C 73 16.83 -47.68 -18.03
C SER C 73 17.96 -48.14 -18.95
N SER C 74 17.88 -49.37 -19.45
CA SER C 74 19.04 -50.02 -20.07
C SER C 74 19.44 -49.42 -21.40
N ARG C 75 18.55 -48.69 -22.08
CA ARG C 75 18.96 -47.98 -23.28
C ARG C 75 19.82 -46.77 -22.94
N TYR C 76 19.54 -46.11 -21.82
CA TYR C 76 19.94 -44.74 -21.58
C TYR C 76 20.94 -44.63 -20.44
N GLU C 77 21.76 -45.67 -20.29
CA GLU C 77 22.93 -45.70 -19.41
C GLU C 77 22.58 -45.48 -17.94
N GLY C 78 21.60 -46.23 -17.46
CA GLY C 78 21.32 -46.27 -16.04
C GLY C 78 20.63 -45.07 -15.45
N VAL C 79 20.09 -44.18 -16.28
CA VAL C 79 19.46 -42.96 -15.79
C VAL C 79 18.01 -43.25 -15.44
N ASN C 80 17.58 -42.84 -14.24
CA ASN C 80 16.22 -43.06 -13.79
C ASN C 80 15.54 -41.85 -13.18
N ILE C 81 16.19 -40.68 -13.15
CA ILE C 81 15.56 -39.45 -12.69
C ILE C 81 15.89 -38.34 -13.68
N LEU C 82 15.06 -37.29 -13.65
CA LEU C 82 15.28 -36.10 -14.46
C LEU C 82 14.97 -34.85 -13.65
N ARG C 83 15.36 -33.71 -14.20
CA ARG C 83 15.07 -32.40 -13.65
C ARG C 83 14.51 -31.58 -14.82
N ILE C 84 13.19 -31.42 -14.85
CA ILE C 84 12.52 -30.74 -15.95
C ILE C 84 11.89 -29.47 -15.39
N PRO C 85 11.90 -28.35 -16.11
CA PRO C 85 11.05 -27.22 -15.73
C PRO C 85 9.58 -27.61 -15.79
N ALA C 86 8.83 -27.20 -14.77
CA ALA C 86 7.46 -27.67 -14.60
C ALA C 86 6.52 -27.13 -15.67
N LYS C 87 6.79 -25.95 -16.22
CA LYS C 87 5.93 -25.36 -17.24
C LYS C 87 6.06 -26.03 -18.60
N ARG C 88 6.87 -27.06 -18.73
CA ARG C 88 7.11 -27.73 -20.00
C ARG C 88 6.30 -29.01 -20.15
N ILE C 89 5.90 -29.65 -19.06
CA ILE C 89 5.10 -30.87 -19.16
C ILE C 89 3.69 -30.62 -18.64
N TRP C 90 2.83 -31.64 -18.71
CA TRP C 90 1.42 -31.51 -18.26
C TRP C 90 1.34 -31.53 -16.74
N LEU C 91 0.53 -30.63 -16.16
CA LEU C 91 0.36 -30.56 -14.71
C LEU C 91 -1.09 -30.16 -14.40
N PRO C 92 -1.69 -30.75 -13.38
CA PRO C 92 -3.03 -30.31 -12.97
C PRO C 92 -2.96 -28.99 -12.23
N ASP C 93 -4.00 -28.18 -12.41
CA ASP C 93 -4.00 -26.82 -11.89
C ASP C 93 -4.72 -26.74 -10.54
N ILE C 94 -4.20 -27.47 -9.55
CA ILE C 94 -4.79 -27.46 -8.22
C ILE C 94 -4.39 -26.17 -7.51
N VAL C 95 -5.40 -25.38 -7.09
CA VAL C 95 -5.20 -24.15 -6.35
C VAL C 95 -6.17 -24.14 -5.17
N LEU C 96 -6.18 -23.04 -4.41
CA LEU C 96 -7.20 -22.88 -3.40
C LEU C 96 -8.14 -21.76 -3.79
N TYR C 97 -9.37 -21.85 -3.29
CA TYR C 97 -10.44 -20.93 -3.64
C TYR C 97 -10.73 -19.88 -2.59
N ASN C 98 -10.77 -20.25 -1.32
CA ASN C 98 -11.08 -19.28 -0.27
C ASN C 98 -9.82 -18.47 0.05
N ASN C 99 -9.58 -17.45 -0.77
CA ASN C 99 -8.46 -16.54 -0.54
C ASN C 99 -8.95 -15.10 -0.56
N ALA C 100 -8.16 -14.23 0.07
CA ALA C 100 -8.51 -12.82 0.10
C ALA C 100 -8.04 -12.09 -1.15
N ASP C 101 -6.88 -12.47 -1.67
CA ASP C 101 -6.36 -11.85 -2.89
C ASP C 101 -6.88 -12.61 -4.11
N GLY C 102 -6.36 -12.26 -5.28
CA GLY C 102 -6.62 -13.03 -6.48
C GLY C 102 -5.49 -13.98 -6.76
N THR C 103 -4.67 -14.26 -5.74
CA THR C 103 -3.52 -15.15 -5.88
C THR C 103 -4.00 -16.58 -5.70
N TYR C 104 -4.31 -17.23 -6.82
CA TYR C 104 -4.71 -18.63 -6.83
C TYR C 104 -3.50 -19.56 -6.97
N GLU C 105 -2.68 -19.32 -7.98
CA GLU C 105 -1.66 -20.27 -8.41
C GLU C 105 -0.44 -20.24 -7.48
N VAL C 106 0.59 -20.98 -7.86
CA VAL C 106 1.78 -21.17 -7.04
C VAL C 106 2.81 -20.10 -7.43
N SER C 107 3.78 -19.86 -6.55
CA SER C 107 4.68 -18.72 -6.70
C SER C 107 5.66 -18.90 -7.87
N VAL C 108 6.54 -19.89 -7.79
CA VAL C 108 7.77 -19.86 -8.57
C VAL C 108 7.91 -20.98 -9.59
N TYR C 109 7.13 -22.07 -9.50
CA TYR C 109 7.13 -23.18 -10.47
C TYR C 109 8.51 -23.84 -10.59
N THR C 110 8.91 -24.50 -9.52
CA THR C 110 10.20 -25.15 -9.44
C THR C 110 10.24 -26.41 -10.31
N ASN C 111 11.42 -27.00 -10.39
CA ASN C 111 11.64 -28.23 -11.15
C ASN C 111 10.97 -29.42 -10.46
N LEU C 112 10.84 -30.51 -11.19
CA LEU C 112 10.08 -31.67 -10.74
C LEU C 112 10.74 -32.94 -11.22
N ILE C 113 10.45 -34.04 -10.55
CA ILE C 113 11.17 -35.30 -10.71
C ILE C 113 10.28 -36.32 -11.40
N VAL C 114 10.74 -36.86 -12.52
CA VAL C 114 10.05 -37.92 -13.23
C VAL C 114 10.95 -39.15 -13.27
N ARG C 115 10.35 -40.34 -13.10
CA ARG C 115 11.13 -41.59 -13.11
C ARG C 115 10.74 -42.49 -14.30
N SER C 116 11.41 -43.64 -14.43
CA SER C 116 11.14 -44.64 -15.49
C SER C 116 9.72 -45.21 -15.36
N ASN C 117 9.26 -45.35 -14.11
CA ASN C 117 7.91 -45.88 -13.75
C ASN C 117 6.79 -44.97 -14.28
N GLY C 118 7.06 -43.67 -14.43
CA GLY C 118 6.04 -42.69 -14.89
C GLY C 118 5.46 -41.90 -13.74
N SER C 119 6.00 -42.12 -12.53
CA SER C 119 5.54 -41.37 -11.33
C SER C 119 6.20 -39.99 -11.31
N VAL C 120 5.43 -38.94 -11.57
CA VAL C 120 5.92 -37.57 -11.59
C VAL C 120 5.58 -36.96 -10.24
N LEU C 121 6.59 -36.42 -9.55
CA LEU C 121 6.43 -35.84 -8.22
C LEU C 121 6.90 -34.39 -8.26
N TRP C 122 6.04 -33.47 -7.83
CA TRP C 122 6.30 -32.05 -7.88
C TRP C 122 5.96 -31.42 -6.54
N LEU C 123 6.90 -30.64 -6.01
CA LEU C 123 6.79 -30.04 -4.67
C LEU C 123 7.15 -28.57 -4.75
N PRO C 124 6.20 -27.70 -5.10
CA PRO C 124 6.52 -26.29 -5.21
C PRO C 124 6.19 -25.53 -3.94
N PRO C 125 6.88 -24.42 -3.67
CA PRO C 125 6.52 -23.60 -2.51
C PRO C 125 5.44 -22.59 -2.83
N ALA C 126 4.51 -22.36 -1.90
CA ALA C 126 3.45 -21.39 -2.16
C ALA C 126 3.04 -20.72 -0.85
N ILE C 127 2.81 -19.41 -0.91
CA ILE C 127 2.21 -18.67 0.19
C ILE C 127 0.75 -18.45 -0.16
N TYR C 128 -0.10 -18.43 0.87
CA TYR C 128 -1.53 -18.27 0.67
C TYR C 128 -2.10 -17.36 1.74
N LYS C 129 -2.88 -16.38 1.31
CA LYS C 129 -3.66 -15.53 2.21
C LYS C 129 -5.09 -16.05 2.20
N SER C 130 -5.32 -17.09 2.99
CA SER C 130 -6.63 -17.71 3.06
C SER C 130 -7.57 -16.86 3.92
N ALA C 131 -8.85 -16.94 3.60
CA ALA C 131 -9.89 -16.22 4.33
C ALA C 131 -10.71 -17.22 5.13
N CYS C 132 -10.68 -17.09 6.45
CA CYS C 132 -11.46 -17.94 7.33
C CYS C 132 -12.22 -17.08 8.32
N LYS C 133 -13.31 -17.63 8.85
CA LYS C 133 -14.11 -16.88 9.82
C LYS C 133 -13.55 -17.05 11.23
N ILE C 134 -13.79 -16.04 12.06
CA ILE C 134 -13.21 -15.95 13.38
C ILE C 134 -14.32 -16.08 14.41
N GLU C 135 -14.33 -17.20 15.13
CA GLU C 135 -15.22 -17.34 16.28
C GLU C 135 -14.66 -16.54 17.44
N VAL C 136 -15.40 -15.51 17.86
CA VAL C 136 -14.82 -14.53 18.77
C VAL C 136 -15.72 -14.36 19.98
N LYS C 137 -16.54 -15.39 20.26
CA LYS C 137 -17.38 -15.38 21.46
C LYS C 137 -16.53 -15.42 22.72
N TYR C 138 -15.47 -16.21 22.72
CA TYR C 138 -14.52 -16.24 23.82
C TYR C 138 -13.28 -15.43 23.43
N PHE C 139 -12.73 -14.71 24.39
CA PHE C 139 -11.61 -13.83 24.09
C PHE C 139 -10.87 -13.55 25.39
N PRO C 140 -9.54 -13.74 25.45
CA PRO C 140 -8.65 -14.34 24.46
C PRO C 140 -8.38 -15.82 24.71
N PHE C 141 -9.41 -16.58 25.06
CA PHE C 141 -9.27 -18.02 25.31
C PHE C 141 -10.14 -18.75 24.29
N ASP C 142 -9.61 -18.93 23.08
CA ASP C 142 -10.49 -19.37 21.99
C ASP C 142 -9.80 -20.31 21.01
N GLN C 143 -10.57 -21.30 20.56
CA GLN C 143 -10.18 -22.13 19.43
C GLN C 143 -10.55 -21.43 18.13
N GLN C 144 -9.80 -21.72 17.08
CA GLN C 144 -10.09 -21.20 15.75
C GLN C 144 -10.00 -22.32 14.73
N ASN C 145 -11.07 -22.51 13.98
CA ASN C 145 -11.15 -23.48 12.90
C ASN C 145 -11.06 -22.71 11.59
N CYS C 146 -9.97 -22.89 10.84
CA CYS C 146 -9.79 -22.20 9.57
C CYS C 146 -9.41 -23.20 8.49
N THR C 147 -10.15 -23.17 7.38
CA THR C 147 -10.06 -24.21 6.37
C THR C 147 -9.35 -23.71 5.12
N LEU C 148 -8.86 -24.67 4.34
CA LEU C 148 -8.26 -24.44 3.02
C LEU C 148 -8.90 -25.41 2.05
N LYS C 149 -9.50 -24.90 0.99
CA LYS C 149 -10.21 -25.72 0.00
C LYS C 149 -9.41 -25.75 -1.28
N PHE C 150 -8.69 -26.85 -1.51
CA PHE C 150 -7.99 -27.05 -2.77
C PHE C 150 -8.89 -27.75 -3.78
N ARG C 151 -8.87 -27.22 -5.00
CA ARG C 151 -9.65 -27.74 -6.12
C ARG C 151 -8.95 -27.22 -7.37
N SER C 152 -9.25 -27.84 -8.52
CA SER C 152 -8.62 -27.42 -9.77
C SER C 152 -9.66 -26.79 -10.68
N TRP C 153 -9.41 -25.60 -11.17
CA TRP C 153 -10.37 -24.85 -12.03
C TRP C 153 -10.61 -25.52 -13.39
N THR C 154 -9.53 -26.12 -14.00
CA THR C 154 -9.64 -26.66 -15.35
C THR C 154 -10.48 -27.93 -15.38
N TYR C 155 -10.13 -28.93 -14.59
CA TYR C 155 -10.74 -30.23 -14.74
C TYR C 155 -11.80 -30.45 -13.67
N ASP C 156 -12.35 -31.66 -13.62
CA ASP C 156 -13.42 -32.01 -12.70
C ASP C 156 -13.36 -33.50 -12.41
N HIS C 157 -14.34 -33.99 -11.63
CA HIS C 157 -14.32 -35.38 -11.17
C HIS C 157 -14.57 -36.38 -12.29
N THR C 158 -15.19 -35.94 -13.39
CA THR C 158 -15.30 -36.81 -14.55
C THR C 158 -14.00 -36.91 -15.35
N GLU C 159 -12.98 -36.14 -14.99
CA GLU C 159 -11.73 -36.13 -15.74
C GLU C 159 -10.50 -36.42 -14.89
N ILE C 160 -10.44 -35.92 -13.65
CA ILE C 160 -9.39 -36.30 -12.72
C ILE C 160 -10.03 -36.63 -11.37
N ASP C 161 -9.49 -37.65 -10.71
CA ASP C 161 -9.79 -37.83 -9.30
C ASP C 161 -8.81 -37.01 -8.48
N MET C 162 -9.04 -36.97 -7.16
CA MET C 162 -8.16 -36.19 -6.29
C MET C 162 -8.14 -36.90 -4.94
N VAL C 163 -7.13 -37.76 -4.77
CA VAL C 163 -7.04 -38.66 -3.63
C VAL C 163 -6.09 -38.04 -2.61
N LEU C 164 -6.52 -37.99 -1.35
CA LEU C 164 -5.65 -37.51 -0.29
C LEU C 164 -4.72 -38.64 0.17
N MET C 165 -3.42 -38.35 0.22
CA MET C 165 -2.44 -39.40 0.49
C MET C 165 -2.33 -39.69 1.99
N THR C 166 -1.92 -38.69 2.77
CA THR C 166 -1.86 -38.80 4.22
C THR C 166 -3.00 -38.02 4.86
N PRO C 167 -3.59 -38.53 5.95
CA PRO C 167 -4.75 -37.84 6.55
C PRO C 167 -4.42 -36.50 7.21
N THR C 168 -3.17 -36.27 7.61
CA THR C 168 -2.76 -35.02 8.23
C THR C 168 -1.70 -34.35 7.38
N ALA C 169 -1.44 -33.09 7.69
CA ALA C 169 -0.37 -32.33 7.03
C ALA C 169 0.93 -32.49 7.83
N SER C 170 2.04 -32.54 7.11
CA SER C 170 3.32 -32.85 7.73
C SER C 170 3.89 -31.65 8.47
N MET C 171 4.42 -31.89 9.67
CA MET C 171 5.02 -30.79 10.47
C MET C 171 6.53 -31.02 10.57
N ASP C 172 7.15 -31.53 9.50
CA ASP C 172 8.58 -31.80 9.50
C ASP C 172 9.45 -30.58 9.21
N ASP C 173 8.85 -29.43 8.90
CA ASP C 173 9.62 -28.22 8.70
C ASP C 173 9.00 -27.06 9.48
N PHE C 174 8.12 -27.35 10.42
CA PHE C 174 7.35 -26.31 11.10
C PHE C 174 8.20 -25.63 12.17
N THR C 175 8.15 -24.30 12.18
CA THR C 175 8.74 -23.53 13.26
C THR C 175 7.63 -22.96 14.12
N PRO C 176 7.68 -23.16 15.45
CA PRO C 176 6.59 -22.66 16.30
C PRO C 176 6.59 -21.15 16.37
N SER C 177 5.43 -20.56 16.13
CA SER C 177 5.34 -19.11 15.93
C SER C 177 5.50 -18.34 17.23
N GLY C 178 5.21 -18.96 18.37
CA GLY C 178 5.26 -18.26 19.63
C GLY C 178 4.08 -17.36 19.90
N GLU C 179 3.08 -17.36 19.03
CA GLU C 179 1.87 -16.59 19.19
C GLU C 179 0.61 -17.46 19.12
N TRP C 180 0.68 -18.61 18.46
CA TRP C 180 -0.44 -19.52 18.28
C TRP C 180 0.06 -20.95 18.51
N ASP C 181 -0.89 -21.87 18.63
CA ASP C 181 -0.59 -23.29 18.80
C ASP C 181 -1.49 -24.11 17.88
N ILE C 182 -0.89 -24.77 16.90
CA ILE C 182 -1.65 -25.76 16.13
C ILE C 182 -1.93 -26.95 17.03
N VAL C 183 -3.12 -27.52 16.94
CA VAL C 183 -3.42 -28.64 17.82
C VAL C 183 -3.83 -29.86 16.99
N ALA C 184 -4.30 -29.62 15.77
CA ALA C 184 -4.65 -30.69 14.84
C ALA C 184 -4.72 -30.10 13.44
N LEU C 185 -4.23 -30.86 12.46
CA LEU C 185 -4.34 -30.48 11.05
C LEU C 185 -4.91 -31.61 10.22
N PRO C 186 -6.20 -31.89 10.32
CA PRO C 186 -6.77 -32.95 9.49
C PRO C 186 -7.10 -32.48 8.09
N GLY C 187 -7.07 -33.42 7.16
CA GLY C 187 -7.51 -33.16 5.81
C GLY C 187 -8.55 -34.18 5.41
N ARG C 188 -9.42 -33.79 4.48
CA ARG C 188 -10.47 -34.69 4.05
C ARG C 188 -10.83 -34.43 2.60
N ARG C 189 -11.40 -35.46 1.98
CA ARG C 189 -11.86 -35.42 0.59
C ARG C 189 -13.37 -35.25 0.58
N THR C 190 -13.85 -34.32 -0.24
CA THR C 190 -15.25 -33.97 -0.31
C THR C 190 -15.79 -34.25 -1.70
N VAL C 191 -16.85 -35.05 -1.78
CA VAL C 191 -17.51 -35.36 -3.03
C VAL C 191 -19.01 -35.40 -2.78
N ASN C 192 -19.79 -34.95 -3.77
CA ASN C 192 -21.23 -34.88 -3.63
C ASN C 192 -21.87 -36.03 -4.40
N PRO C 193 -22.57 -36.93 -3.74
CA PRO C 193 -23.52 -37.79 -4.46
C PRO C 193 -24.67 -36.95 -4.99
N GLN C 194 -25.26 -37.42 -6.10
CA GLN C 194 -26.30 -36.74 -6.86
C GLN C 194 -25.85 -35.37 -7.38
N ASP C 195 -24.54 -35.20 -7.57
CA ASP C 195 -23.90 -34.04 -8.17
C ASP C 195 -22.51 -34.43 -8.63
N PRO C 196 -22.36 -35.00 -9.82
CA PRO C 196 -21.02 -35.36 -10.30
C PRO C 196 -20.20 -34.15 -10.71
N SER C 197 -18.95 -34.39 -11.13
CA SER C 197 -17.96 -33.37 -11.45
C SER C 197 -17.73 -32.41 -10.27
N TYR C 198 -17.31 -33.00 -9.14
CA TYR C 198 -16.98 -32.22 -7.95
C TYR C 198 -15.98 -33.03 -7.13
N VAL C 199 -14.70 -32.70 -7.25
CA VAL C 199 -13.68 -33.12 -6.30
C VAL C 199 -13.42 -31.93 -5.37
N ASP C 200 -12.82 -32.20 -4.23
CA ASP C 200 -12.42 -31.16 -3.27
C ASP C 200 -11.51 -31.80 -2.23
N VAL C 201 -10.46 -31.09 -1.84
CA VAL C 201 -9.63 -31.50 -0.71
C VAL C 201 -9.53 -30.34 0.26
N THR C 202 -10.07 -30.52 1.46
CA THR C 202 -10.10 -29.44 2.44
C THR C 202 -9.23 -29.81 3.64
N TYR C 203 -8.33 -28.90 4.00
CA TYR C 203 -7.50 -29.02 5.18
C TYR C 203 -8.04 -28.11 6.28
N ASP C 204 -8.19 -28.64 7.48
CA ASP C 204 -8.62 -27.86 8.62
C ASP C 204 -7.42 -27.54 9.49
N PHE C 205 -7.26 -26.27 9.84
CA PHE C 205 -6.24 -25.84 10.79
C PHE C 205 -6.98 -25.44 12.05
N ILE C 206 -6.79 -26.20 13.12
CA ILE C 206 -7.43 -25.94 14.40
C ILE C 206 -6.34 -25.37 15.31
N ILE C 207 -6.51 -24.10 15.65
CA ILE C 207 -5.47 -23.32 16.30
C ILE C 207 -6.00 -22.89 17.67
N LYS C 208 -5.09 -22.72 18.62
CA LYS C 208 -5.42 -22.22 19.95
C LYS C 208 -4.50 -21.06 20.26
N ARG C 209 -5.06 -20.00 20.83
CA ARG C 209 -4.29 -18.79 21.08
C ARG C 209 -3.56 -19.08 22.38
N LYS C 210 -2.28 -18.65 22.43
CA LYS C 210 -1.49 -18.72 23.68
C LYS C 210 -1.98 -17.54 24.53
N PRO C 211 -2.84 -17.76 25.54
CA PRO C 211 -3.45 -16.66 26.30
C PRO C 211 -2.66 -15.93 27.41
N LEU C 212 -1.48 -15.39 27.12
CA LEU C 212 -0.82 -14.60 28.14
C LEU C 212 -0.64 -13.13 27.77
N PHE C 213 -0.44 -12.83 26.48
CA PHE C 213 -0.16 -11.45 26.08
C PHE C 213 -1.37 -10.54 26.26
N TYR C 214 -2.57 -11.05 25.96
CA TYR C 214 -3.75 -10.25 26.19
C TYR C 214 -4.24 -10.33 27.63
N THR C 215 -3.80 -11.34 28.39
CA THR C 215 -4.11 -11.37 29.81
C THR C 215 -3.33 -10.31 30.56
N ILE C 216 -2.06 -10.10 30.20
CA ILE C 216 -1.24 -9.11 30.91
C ILE C 216 -1.58 -7.69 30.52
N ASN C 217 -2.40 -7.47 29.48
CA ASN C 217 -2.65 -6.14 28.96
C ASN C 217 -4.11 -5.72 28.93
N LEU C 218 -5.05 -6.66 28.73
CA LEU C 218 -6.46 -6.30 28.60
C LEU C 218 -7.37 -7.09 29.53
N ILE C 219 -6.82 -7.81 30.50
CA ILE C 219 -7.60 -8.53 31.49
C ILE C 219 -7.34 -8.03 32.90
N ILE C 220 -6.07 -7.81 33.25
CA ILE C 220 -5.69 -7.26 34.55
C ILE C 220 -6.20 -5.82 34.71
N PRO C 221 -6.10 -4.90 33.72
CA PRO C 221 -6.82 -3.63 33.91
C PRO C 221 -8.33 -3.75 33.82
N CYS C 222 -8.84 -4.76 33.11
CA CYS C 222 -10.28 -4.98 33.04
C CYS C 222 -10.84 -5.45 34.37
N VAL C 223 -10.19 -6.43 35.01
CA VAL C 223 -10.61 -6.88 36.33
C VAL C 223 -10.13 -5.92 37.43
N LEU C 224 -9.30 -4.96 37.08
CA LEU C 224 -8.75 -3.99 38.03
C LEU C 224 -9.65 -2.76 38.16
N THR C 225 -10.06 -2.16 37.04
CA THR C 225 -10.95 -1.01 37.11
C THR C 225 -12.41 -1.38 37.33
N THR C 226 -12.73 -2.68 37.35
CA THR C 226 -14.08 -3.12 37.69
C THR C 226 -14.27 -3.12 39.21
N LEU C 227 -13.20 -3.41 39.95
CA LEU C 227 -13.25 -3.48 41.41
C LEU C 227 -13.50 -2.13 42.05
N LEU C 228 -13.22 -1.03 41.35
CA LEU C 228 -13.40 0.31 41.85
C LEU C 228 -14.78 0.87 41.54
N ALA C 229 -15.66 0.07 40.94
CA ALA C 229 -16.98 0.57 40.55
C ALA C 229 -17.94 0.61 41.74
N ILE C 230 -17.93 -0.41 42.58
CA ILE C 230 -18.75 -0.44 43.78
C ILE C 230 -18.02 0.14 44.99
N LEU C 231 -16.91 0.82 44.75
CA LEU C 231 -16.10 1.40 45.81
C LEU C 231 -16.45 2.85 46.07
N VAL C 232 -17.29 3.46 45.21
CA VAL C 232 -17.68 4.86 45.36
C VAL C 232 -18.74 5.07 46.42
N PHE C 233 -19.28 4.00 46.99
CA PHE C 233 -20.33 4.10 47.99
C PHE C 233 -19.78 4.11 49.40
N TYR C 234 -18.60 3.55 49.62
CA TYR C 234 -17.97 3.58 50.92
C TYR C 234 -17.29 4.92 51.19
N LEU C 235 -17.08 5.72 50.17
CA LEU C 235 -16.46 7.03 50.33
C LEU C 235 -17.48 7.99 50.95
N PRO C 236 -17.04 8.89 51.83
CA PRO C 236 -17.98 9.84 52.44
C PRO C 236 -18.44 10.88 51.43
N SER C 237 -19.60 11.46 51.72
CA SER C 237 -20.17 12.50 50.89
C SER C 237 -19.80 13.90 51.37
N ASP C 238 -18.88 14.00 52.33
CA ASP C 238 -18.48 15.28 52.86
C ASP C 238 -17.23 15.81 52.15
N CYS C 239 -16.23 14.95 51.96
CA CYS C 239 -15.10 15.28 51.10
C CYS C 239 -15.51 15.09 49.65
N GLY C 240 -15.60 16.18 48.91
CA GLY C 240 -16.17 16.16 47.57
C GLY C 240 -15.29 15.53 46.52
N GLU C 241 -15.10 14.21 46.61
CA GLU C 241 -14.28 13.47 45.66
C GLU C 241 -14.98 12.20 45.20
N LYS C 242 -16.31 12.20 45.18
CA LYS C 242 -17.06 11.06 44.69
C LYS C 242 -17.21 11.11 43.18
N MET C 243 -17.48 12.30 42.65
CA MET C 243 -17.68 12.49 41.23
C MET C 243 -16.41 12.20 40.45
N THR C 244 -15.25 12.49 41.03
CA THR C 244 -13.96 12.18 40.41
C THR C 244 -13.79 10.68 40.18
N LEU C 245 -14.09 9.88 41.20
CA LEU C 245 -13.92 8.43 41.10
C LEU C 245 -14.97 7.81 40.17
N CYS C 246 -16.22 8.28 40.26
CA CYS C 246 -17.28 7.76 39.40
C CYS C 246 -17.02 8.06 37.92
N ILE C 247 -16.67 9.31 37.61
CA ILE C 247 -16.38 9.72 36.26
C ILE C 247 -15.14 9.02 35.72
N SER C 248 -14.13 8.83 36.57
CA SER C 248 -12.89 8.19 36.11
C SER C 248 -13.11 6.72 35.78
N VAL C 249 -13.92 6.02 36.58
CA VAL C 249 -14.24 4.63 36.27
C VAL C 249 -15.07 4.53 35.01
N LEU C 250 -16.03 5.44 34.79
CA LEU C 250 -16.85 5.34 33.58
C LEU C 250 -16.04 5.67 32.33
N LEU C 251 -15.11 6.62 32.42
CA LEU C 251 -14.28 6.94 31.25
C LEU C 251 -13.27 5.84 30.96
N ALA C 252 -12.74 5.17 31.99
CA ALA C 252 -11.86 4.04 31.76
C ALA C 252 -12.59 2.87 31.12
N LEU C 253 -13.83 2.61 31.55
CA LEU C 253 -14.61 1.53 30.94
C LEU C 253 -14.97 1.84 29.49
N THR C 254 -15.31 3.10 29.18
CA THR C 254 -15.57 3.44 27.78
C THR C 254 -14.31 3.34 26.92
N PHE C 255 -13.14 3.66 27.50
CA PHE C 255 -11.90 3.52 26.76
C PHE C 255 -11.58 2.06 26.46
N PHE C 256 -11.79 1.17 27.43
CA PHE C 256 -11.53 -0.25 27.14
C PHE C 256 -12.61 -0.86 26.25
N LEU C 257 -13.83 -0.32 26.27
CA LEU C 257 -14.85 -0.81 25.35
C LEU C 257 -14.53 -0.38 23.92
N LEU C 258 -13.96 0.81 23.73
CA LEU C 258 -13.53 1.19 22.39
C LEU C 258 -12.24 0.49 21.98
N LEU C 259 -11.39 0.13 22.93
CA LEU C 259 -10.13 -0.52 22.59
C LEU C 259 -10.32 -2.01 22.32
N ILE C 260 -11.35 -2.63 22.91
CA ILE C 260 -11.64 -4.02 22.60
C ILE C 260 -12.27 -4.15 21.21
N SER C 261 -12.80 -3.07 20.65
CA SER C 261 -13.45 -3.09 19.35
C SER C 261 -12.49 -2.95 18.19
N LYS C 262 -11.19 -2.82 18.47
CA LYS C 262 -10.18 -2.69 17.42
C LYS C 262 -9.55 -4.02 17.04
N ILE C 263 -9.56 -4.99 17.95
CA ILE C 263 -8.93 -6.28 17.70
C ILE C 263 -9.98 -7.32 17.30
N VAL C 264 -11.22 -7.13 17.73
CA VAL C 264 -12.30 -8.04 17.35
C VAL C 264 -12.71 -7.76 15.91
N PRO C 265 -13.06 -8.78 15.11
CA PRO C 265 -13.60 -8.51 13.78
C PRO C 265 -15.00 -7.94 13.87
N PRO C 266 -15.33 -6.92 13.06
CA PRO C 266 -16.63 -6.27 13.17
C PRO C 266 -17.77 -7.08 12.56
N THR C 267 -18.09 -8.23 13.13
CA THR C 267 -19.17 -9.06 12.66
C THR C 267 -20.24 -9.19 13.74
N SER C 268 -21.49 -9.30 13.32
CA SER C 268 -22.63 -9.37 14.21
C SER C 268 -23.09 -10.80 14.47
N LEU C 269 -22.16 -11.75 14.49
CA LEU C 269 -22.49 -13.12 14.85
C LEU C 269 -22.79 -13.23 16.33
N ASP C 270 -21.81 -12.90 17.17
CA ASP C 270 -21.98 -12.89 18.61
C ASP C 270 -20.91 -11.98 19.20
N VAL C 271 -21.32 -11.14 20.15
CA VAL C 271 -20.39 -10.26 20.85
C VAL C 271 -19.57 -11.10 21.81
N PRO C 272 -18.32 -10.74 22.09
CA PRO C 272 -17.53 -11.50 23.08
C PRO C 272 -18.03 -11.27 24.49
N LEU C 273 -17.55 -12.11 25.40
CA LEU C 273 -17.94 -11.97 26.80
C LEU C 273 -17.35 -10.72 27.44
N ILE C 274 -16.20 -10.24 26.94
CA ILE C 274 -15.60 -9.02 27.48
C ILE C 274 -16.45 -7.82 27.12
N GLY C 275 -16.94 -7.75 25.89
CA GLY C 275 -17.77 -6.61 25.49
C GLY C 275 -19.10 -6.57 26.22
N LYS C 276 -19.72 -7.73 26.42
CA LYS C 276 -20.98 -7.80 27.16
C LYS C 276 -20.76 -7.49 28.63
N TYR C 277 -19.61 -7.91 29.18
CA TYR C 277 -19.28 -7.63 30.57
C TYR C 277 -19.03 -6.14 30.80
N LEU C 278 -18.28 -5.51 29.89
CA LEU C 278 -18.05 -4.08 30.00
C LEU C 278 -19.31 -3.27 29.77
N MET C 279 -20.22 -3.74 28.92
CA MET C 279 -21.49 -3.04 28.74
C MET C 279 -22.34 -3.11 30.00
N PHE C 280 -22.38 -4.29 30.64
CA PHE C 280 -23.10 -4.44 31.91
C PHE C 280 -22.48 -3.56 33.00
N THR C 281 -21.15 -3.55 33.11
CA THR C 281 -20.49 -2.76 34.14
C THR C 281 -20.60 -1.26 33.86
N MET C 282 -20.72 -0.89 32.58
CA MET C 282 -20.87 0.53 32.24
C MET C 282 -22.26 1.04 32.59
N VAL C 283 -23.30 0.22 32.34
CA VAL C 283 -24.64 0.56 32.80
C VAL C 283 -24.69 0.61 34.33
N LEU C 284 -23.93 -0.27 34.98
CA LEU C 284 -23.85 -0.28 36.45
C LEU C 284 -23.21 0.99 36.99
N VAL C 285 -22.13 1.47 36.36
CA VAL C 285 -21.47 2.70 36.79
C VAL C 285 -22.34 3.93 36.49
N THR C 286 -23.11 3.90 35.40
CA THR C 286 -24.01 5.02 35.11
C THR C 286 -25.13 5.12 36.15
N PHE C 287 -25.70 3.97 36.56
CA PHE C 287 -26.68 4.00 37.64
C PHE C 287 -26.03 4.37 38.97
N SER C 288 -24.74 4.05 39.14
CA SER C 288 -24.00 4.49 40.31
C SER C 288 -23.85 6.01 40.35
N ILE C 289 -23.65 6.64 39.19
CA ILE C 289 -23.57 8.10 39.14
C ILE C 289 -24.93 8.73 39.45
N VAL C 290 -26.01 8.18 38.86
CA VAL C 290 -27.32 8.80 39.06
C VAL C 290 -27.82 8.56 40.50
N THR C 291 -27.33 7.54 41.21
CA THR C 291 -27.66 7.48 42.63
C THR C 291 -26.68 8.23 43.51
N SER C 292 -25.44 8.45 43.05
CA SER C 292 -24.48 9.19 43.85
C SER C 292 -24.78 10.67 43.87
N VAL C 293 -25.32 11.20 42.78
CA VAL C 293 -25.71 12.61 42.76
C VAL C 293 -26.89 12.86 43.69
N CYS C 294 -27.84 11.95 43.74
CA CYS C 294 -28.99 12.14 44.61
C CYS C 294 -28.64 11.86 46.07
N VAL C 295 -27.68 10.98 46.34
CA VAL C 295 -27.27 10.79 47.73
C VAL C 295 -26.30 11.88 48.16
N LEU C 296 -25.73 12.64 47.23
CA LEU C 296 -24.94 13.80 47.57
C LEU C 296 -25.81 15.05 47.66
N ASN C 297 -27.02 15.01 47.11
CA ASN C 297 -27.94 16.14 47.25
C ASN C 297 -28.59 16.14 48.62
N VAL C 298 -28.96 14.97 49.15
CA VAL C 298 -29.61 14.91 50.46
C VAL C 298 -28.64 15.14 51.61
N HIS C 299 -27.34 15.14 51.35
CA HIS C 299 -26.37 15.44 52.39
C HIS C 299 -26.28 16.94 52.67
N HIS C 300 -26.44 17.77 51.65
CA HIS C 300 -26.30 19.21 51.78
C HIS C 300 -27.63 19.93 51.96
N ARG C 301 -28.65 19.23 52.48
CA ARG C 301 -29.93 19.87 52.75
C ARG C 301 -29.90 20.54 54.12
N SER C 302 -30.14 21.82 54.13
CA SER C 302 -30.12 22.66 55.33
C SER C 302 -31.52 22.78 55.91
N PRO C 303 -31.64 23.10 57.20
CA PRO C 303 -32.98 23.30 57.78
C PRO C 303 -33.69 24.54 57.28
N SER C 304 -32.97 25.52 56.75
CA SER C 304 -33.59 26.75 56.29
C SER C 304 -34.05 26.68 54.84
N THR C 305 -33.84 25.56 54.15
CA THR C 305 -34.26 25.42 52.77
C THR C 305 -35.19 24.24 52.52
N HIS C 306 -35.28 23.28 53.43
CA HIS C 306 -36.16 22.13 53.25
C HIS C 306 -36.81 21.78 54.58
N THR C 307 -37.89 21.02 54.50
CA THR C 307 -38.61 20.53 55.66
C THR C 307 -38.71 19.01 55.55
N MET C 308 -38.25 18.31 56.59
CA MET C 308 -38.19 16.85 56.57
C MET C 308 -39.60 16.29 56.74
N ALA C 309 -40.02 15.46 55.78
CA ALA C 309 -41.35 14.86 55.79
C ALA C 309 -41.48 13.82 56.89
N PRO C 310 -42.71 13.47 57.30
CA PRO C 310 -42.85 12.43 58.33
C PRO C 310 -42.47 11.03 57.88
N TRP C 311 -42.58 10.72 56.58
CA TRP C 311 -42.28 9.35 56.15
C TRP C 311 -40.79 9.09 56.13
N VAL C 312 -39.99 10.09 55.78
CA VAL C 312 -38.54 9.94 55.84
C VAL C 312 -38.05 10.03 57.29
N LYS C 313 -38.81 10.66 58.18
CA LYS C 313 -38.59 10.50 59.62
C LYS C 313 -38.77 9.05 60.05
N ARG C 314 -39.91 8.45 59.70
CA ARG C 314 -40.25 7.14 60.23
C ARG C 314 -39.63 5.97 59.46
N CYS C 315 -38.98 6.22 58.33
CA CYS C 315 -38.37 5.13 57.56
C CYS C 315 -36.85 5.11 57.60
N PHE C 316 -36.19 6.25 57.41
CA PHE C 316 -34.73 6.31 57.32
C PHE C 316 -34.07 6.63 58.65
N LEU C 317 -34.78 6.45 59.76
CA LEU C 317 -34.20 6.68 61.07
C LEU C 317 -34.51 5.58 62.07
N HIS C 318 -35.56 4.80 61.87
CA HIS C 318 -35.92 3.73 62.79
C HIS C 318 -35.93 2.34 62.16
N LYS C 319 -36.46 2.20 60.95
CA LYS C 319 -36.60 0.88 60.35
C LYS C 319 -35.29 0.41 59.72
N LEU C 320 -34.81 1.12 58.71
CA LEU C 320 -33.66 0.70 57.92
C LEU C 320 -32.28 0.78 58.58
N PRO C 321 -31.97 1.70 59.50
CA PRO C 321 -30.70 1.55 60.26
C PRO C 321 -30.65 0.30 61.13
N THR C 322 -31.79 -0.27 61.52
CA THR C 322 -31.79 -1.54 62.23
C THR C 322 -31.75 -2.73 61.29
N PHE C 323 -32.07 -2.52 60.01
CA PHE C 323 -32.04 -3.59 59.03
C PHE C 323 -30.63 -3.82 58.48
N LEU C 324 -29.77 -2.81 58.56
CA LEU C 324 -28.43 -2.88 57.98
C LEU C 324 -27.33 -2.74 59.02
N PHE C 325 -27.66 -2.87 60.31
CA PHE C 325 -26.73 -2.80 61.45
C PHE C 325 -25.97 -1.47 61.48
N MET C 326 -26.72 -0.39 61.68
CA MET C 326 -26.12 0.95 61.71
C MET C 326 -25.94 1.49 63.12
N LYS C 327 -26.93 1.28 64.00
CA LYS C 327 -26.83 1.50 65.45
C LYS C 327 -26.56 2.97 65.83
N ARG C 328 -27.08 3.90 65.02
CA ARG C 328 -26.93 5.35 65.19
C ARG C 328 -25.49 5.83 65.35
N ARG C 451 -31.39 52.36 85.95
CA ARG C 451 -32.33 51.25 85.82
C ARG C 451 -32.63 50.96 84.36
N GLN C 452 -32.78 52.04 83.58
CA GLN C 452 -33.04 51.90 82.15
C GLN C 452 -31.85 51.34 81.40
N ASP C 453 -30.64 51.55 81.92
CA ASP C 453 -29.45 50.96 81.32
C ASP C 453 -29.31 49.49 81.71
N VAL C 454 -29.84 49.12 82.88
CA VAL C 454 -29.72 47.76 83.39
C VAL C 454 -30.66 46.81 82.64
N GLN C 455 -31.81 47.31 82.18
CA GLN C 455 -32.86 46.46 81.63
C GLN C 455 -32.49 45.84 80.30
N GLU C 456 -31.74 46.54 79.46
CA GLU C 456 -31.44 46.04 78.13
C GLU C 456 -30.38 44.96 78.10
N ALA C 457 -29.52 44.89 79.12
CA ALA C 457 -28.49 43.85 79.16
C ALA C 457 -29.10 42.48 79.42
N LEU C 458 -30.13 42.41 80.27
CA LEU C 458 -30.82 41.14 80.52
C LEU C 458 -31.56 40.67 79.28
N GLU C 459 -32.14 41.61 78.53
CA GLU C 459 -32.76 41.28 77.25
C GLU C 459 -31.72 40.79 76.25
N GLY C 460 -30.51 41.36 76.29
CA GLY C 460 -29.44 40.88 75.44
C GLY C 460 -29.01 39.46 75.76
N VAL C 461 -28.89 39.14 77.05
CA VAL C 461 -28.50 37.79 77.47
C VAL C 461 -29.58 36.78 77.10
N SER C 462 -30.86 37.14 77.28
CA SER C 462 -31.95 36.24 76.89
C SER C 462 -31.99 36.04 75.37
N PHE C 463 -31.68 37.08 74.61
CA PHE C 463 -31.65 36.94 73.15
C PHE C 463 -30.49 36.05 72.70
N ILE C 464 -29.34 36.14 73.38
CA ILE C 464 -28.21 35.27 73.07
C ILE C 464 -28.55 33.81 73.38
N ALA C 465 -29.26 33.58 74.49
CA ALA C 465 -29.66 32.22 74.84
C ALA C 465 -30.64 31.63 73.82
N GLN C 466 -31.64 32.40 73.40
CA GLN C 466 -32.59 31.92 72.40
C GLN C 466 -31.91 31.69 71.04
N HIS C 467 -30.96 32.56 70.69
CA HIS C 467 -30.23 32.43 69.43
C HIS C 467 -29.40 31.15 69.41
N MET C 468 -28.69 30.86 70.50
CA MET C 468 -27.89 29.65 70.55
C MET C 468 -28.75 28.39 70.61
N LYS C 469 -29.95 28.48 71.20
CA LYS C 469 -30.84 27.32 71.21
C LYS C 469 -31.38 27.01 69.82
N ASN C 470 -31.75 28.06 69.06
CA ASN C 470 -32.18 27.84 67.67
C ASN C 470 -31.03 27.33 66.80
N ASP C 471 -29.80 27.80 67.07
CA ASP C 471 -28.64 27.31 66.34
C ASP C 471 -28.39 25.83 66.60
N ASP C 472 -28.58 25.40 67.85
CA ASP C 472 -28.39 23.99 68.17
C ASP C 472 -29.46 23.11 67.54
N GLU C 473 -30.69 23.62 67.46
CA GLU C 473 -31.74 22.86 66.77
C GLU C 473 -31.44 22.71 65.28
N ASP C 474 -30.94 23.77 64.65
CA ASP C 474 -30.58 23.67 63.23
C ASP C 474 -29.41 22.72 63.00
N GLN C 475 -28.44 22.70 63.93
CA GLN C 475 -27.33 21.76 63.81
C GLN C 475 -27.80 20.31 63.97
N SER C 476 -28.77 20.08 64.86
CA SER C 476 -29.29 18.72 65.02
C SER C 476 -30.06 18.28 63.76
N VAL C 477 -30.79 19.19 63.13
CA VAL C 477 -31.53 18.82 61.92
C VAL C 477 -30.58 18.56 60.76
N VAL C 478 -29.49 19.33 60.65
CA VAL C 478 -28.58 19.07 59.53
C VAL C 478 -27.75 17.80 59.76
N GLU C 479 -27.47 17.45 61.02
CA GLU C 479 -26.86 16.14 61.29
C GLU C 479 -27.83 15.00 60.99
N ASP C 480 -29.14 15.22 61.18
CA ASP C 480 -30.12 14.23 60.79
C ASP C 480 -30.13 14.01 59.29
N TRP C 481 -30.02 15.09 58.51
CA TRP C 481 -29.94 14.96 57.05
C TRP C 481 -28.69 14.20 56.62
N LYS C 482 -27.56 14.47 57.28
CA LYS C 482 -26.32 13.75 56.98
C LYS C 482 -26.46 12.27 57.27
N TYR C 483 -27.16 11.91 58.34
CA TYR C 483 -27.33 10.50 58.66
C TYR C 483 -28.27 9.80 57.69
N VAL C 484 -29.28 10.52 57.18
CA VAL C 484 -30.16 9.97 56.14
C VAL C 484 -29.36 9.66 54.88
N ALA C 485 -28.46 10.58 54.49
CA ALA C 485 -27.59 10.36 53.34
C ALA C 485 -26.69 9.14 53.55
N MET C 486 -26.20 8.97 54.78
CA MET C 486 -25.34 7.81 55.10
C MET C 486 -26.10 6.49 54.97
N VAL C 487 -27.34 6.46 55.45
CA VAL C 487 -28.17 5.25 55.37
C VAL C 487 -28.46 4.88 53.92
N VAL C 488 -28.83 5.87 53.09
CA VAL C 488 -29.13 5.59 51.68
C VAL C 488 -27.89 5.10 50.94
N ASP C 489 -26.72 5.65 51.30
CA ASP C 489 -25.47 5.25 50.66
C ASP C 489 -25.11 3.80 51.00
N ARG C 490 -25.27 3.42 52.28
CA ARG C 490 -25.00 2.02 52.66
C ARG C 490 -25.99 1.06 52.02
N LEU C 491 -27.25 1.47 51.88
CA LEU C 491 -28.26 0.64 51.23
C LEU C 491 -27.89 0.35 49.78
N PHE C 492 -27.48 1.38 49.04
CA PHE C 492 -27.10 1.13 47.66
C PHE C 492 -25.77 0.39 47.55
N LEU C 493 -24.90 0.49 48.56
CA LEU C 493 -23.70 -0.35 48.57
C LEU C 493 -24.07 -1.83 48.65
N TRP C 494 -24.95 -2.17 49.61
CA TRP C 494 -25.38 -3.56 49.78
C TRP C 494 -26.10 -4.10 48.55
N VAL C 495 -26.90 -3.28 47.86
CA VAL C 495 -27.61 -3.88 46.73
C VAL C 495 -26.74 -3.92 45.47
N PHE C 496 -25.86 -2.93 45.30
CA PHE C 496 -24.99 -2.88 44.10
C PHE C 496 -23.97 -4.02 44.12
N MET C 497 -23.37 -4.32 45.28
CA MET C 497 -22.39 -5.40 45.34
C MET C 497 -23.03 -6.76 45.03
N PHE C 498 -24.28 -6.93 45.47
CA PHE C 498 -25.01 -8.17 45.22
C PHE C 498 -25.36 -8.32 43.73
N VAL C 499 -25.82 -7.24 43.10
CA VAL C 499 -26.16 -7.34 41.68
C VAL C 499 -24.89 -7.45 40.83
N CYS C 500 -23.75 -6.94 41.32
CA CYS C 500 -22.50 -7.10 40.59
C CYS C 500 -22.01 -8.54 40.65
N VAL C 501 -22.12 -9.18 41.82
CA VAL C 501 -21.74 -10.59 41.94
C VAL C 501 -22.63 -11.47 41.07
N LEU C 502 -23.94 -11.20 41.08
CA LEU C 502 -24.85 -11.98 40.22
C LEU C 502 -24.57 -11.75 38.73
N GLY C 503 -24.18 -10.52 38.36
CA GLY C 503 -23.84 -10.26 36.97
C GLY C 503 -22.58 -10.98 36.52
N THR C 504 -21.55 -10.99 37.38
CA THR C 504 -20.32 -11.71 37.04
C THR C 504 -20.56 -13.21 36.93
N VAL C 505 -21.36 -13.79 37.83
CA VAL C 505 -21.65 -15.21 37.76
C VAL C 505 -22.50 -15.54 36.53
N GLY C 506 -23.52 -14.72 36.25
CA GLY C 506 -24.37 -14.96 35.10
C GLY C 506 -23.71 -14.72 33.76
N LEU C 507 -22.60 -13.97 33.73
CA LEU C 507 -21.86 -13.85 32.48
C LEU C 507 -20.76 -14.89 32.34
N PHE C 508 -20.04 -15.23 33.41
CA PHE C 508 -19.01 -16.25 33.33
C PHE C 508 -19.47 -17.60 33.89
N LEU C 509 -20.75 -17.91 33.68
CA LEU C 509 -21.27 -19.26 33.91
C LEU C 509 -20.52 -20.37 33.18
N PRO C 510 -20.16 -20.26 31.87
CA PRO C 510 -19.43 -21.43 31.36
C PRO C 510 -17.96 -21.48 31.76
N SER D 1 -4.30 -38.29 -25.83
CA SER D 1 -4.44 -39.40 -26.76
C SER D 1 -3.66 -39.13 -28.05
N GLU D 2 -3.81 -40.04 -29.02
CA GLU D 2 -3.20 -39.83 -30.32
C GLU D 2 -4.06 -38.95 -31.21
N ALA D 3 -5.38 -39.05 -31.08
CA ALA D 3 -6.27 -38.26 -31.90
C ALA D 3 -6.39 -36.82 -31.40
N GLU D 4 -6.20 -36.59 -30.10
CA GLU D 4 -6.22 -35.22 -29.59
C GLU D 4 -4.96 -34.46 -29.99
N HIS D 5 -3.83 -35.14 -30.14
CA HIS D 5 -2.60 -34.45 -30.52
C HIS D 5 -2.65 -34.01 -31.98
N ARG D 6 -3.21 -34.86 -32.84
CA ARG D 6 -3.36 -34.51 -34.25
C ARG D 6 -4.38 -33.40 -34.44
N LEU D 7 -5.45 -33.41 -33.64
CA LEU D 7 -6.45 -32.35 -33.71
C LEU D 7 -5.89 -31.03 -33.19
N PHE D 8 -5.06 -31.07 -32.14
CA PHE D 8 -4.44 -29.83 -31.67
C PHE D 8 -3.42 -29.31 -32.66
N GLU D 9 -2.74 -30.20 -33.38
CA GLU D 9 -1.79 -29.75 -34.40
C GLU D 9 -2.52 -29.13 -35.59
N ARG D 10 -3.64 -29.74 -36.00
CA ARG D 10 -4.40 -29.22 -37.15
C ARG D 10 -5.13 -27.94 -36.79
N LEU D 11 -5.50 -27.78 -35.53
CA LEU D 11 -6.45 -26.74 -35.13
C LEU D 11 -5.83 -25.35 -35.12
N PHE D 12 -4.53 -25.25 -34.84
CA PHE D 12 -3.83 -23.99 -34.66
C PHE D 12 -2.67 -23.86 -35.62
N GLU D 13 -2.82 -24.33 -36.85
CA GLU D 13 -1.75 -24.17 -37.83
C GLU D 13 -1.69 -22.73 -38.35
N ASP D 14 -2.83 -22.20 -38.81
CA ASP D 14 -2.93 -20.83 -39.28
C ASP D 14 -4.15 -20.16 -38.63
N TYR D 15 -3.94 -19.59 -37.45
CA TYR D 15 -5.04 -18.98 -36.70
C TYR D 15 -4.62 -17.57 -36.30
N ASN D 16 -5.10 -16.56 -37.04
CA ASN D 16 -4.96 -15.18 -36.63
C ASN D 16 -5.81 -14.93 -35.39
N GLU D 17 -5.19 -14.43 -34.34
CA GLU D 17 -5.84 -14.28 -33.04
C GLU D 17 -6.35 -12.87 -32.80
N ILE D 18 -6.34 -12.02 -33.82
CA ILE D 18 -6.85 -10.66 -33.70
C ILE D 18 -7.85 -10.31 -34.79
N ILE D 19 -8.33 -11.28 -35.54
CA ILE D 19 -9.49 -11.10 -36.41
C ILE D 19 -10.71 -11.64 -35.66
N ARG D 20 -11.81 -10.92 -35.75
CA ARG D 20 -12.98 -11.33 -34.97
C ARG D 20 -13.74 -12.45 -35.67
N PRO D 21 -14.17 -13.47 -34.93
CA PRO D 21 -14.63 -14.77 -35.50
C PRO D 21 -16.06 -14.81 -36.03
N VAL D 22 -16.21 -14.31 -37.25
CA VAL D 22 -17.48 -14.37 -37.97
C VAL D 22 -17.21 -14.84 -39.39
N ALA D 23 -18.15 -15.62 -39.94
CA ALA D 23 -18.01 -16.10 -41.30
C ALA D 23 -18.25 -14.97 -42.29
N ASN D 24 -19.30 -14.20 -42.08
CA ASN D 24 -19.57 -13.00 -42.86
C ASN D 24 -18.89 -11.84 -42.13
N VAL D 25 -19.16 -10.61 -42.52
CA VAL D 25 -18.56 -9.45 -41.89
C VAL D 25 -19.58 -8.63 -41.13
N SER D 26 -20.77 -8.43 -41.70
CA SER D 26 -21.82 -7.68 -41.03
C SER D 26 -22.45 -8.45 -39.87
N ASP D 27 -22.20 -9.74 -39.76
CA ASP D 27 -22.70 -10.52 -38.64
C ASP D 27 -21.95 -10.14 -37.36
N PRO D 28 -22.64 -9.82 -36.28
CA PRO D 28 -21.95 -9.62 -35.00
C PRO D 28 -21.82 -10.90 -34.21
N VAL D 29 -20.73 -11.01 -33.45
CA VAL D 29 -20.62 -12.09 -32.49
C VAL D 29 -21.57 -11.82 -31.34
N ILE D 30 -22.07 -12.89 -30.72
CA ILE D 30 -23.01 -12.81 -29.62
C ILE D 30 -22.35 -13.46 -28.41
N ILE D 31 -22.17 -12.68 -27.35
CA ILE D 31 -21.41 -13.11 -26.20
C ILE D 31 -22.36 -13.23 -25.03
N HIS D 32 -22.60 -14.45 -24.59
CA HIS D 32 -23.39 -14.69 -23.39
C HIS D 32 -22.53 -14.41 -22.17
N PHE D 33 -23.04 -13.57 -21.28
CA PHE D 33 -22.25 -13.01 -20.21
C PHE D 33 -22.93 -13.25 -18.87
N GLU D 34 -22.19 -13.80 -17.92
CA GLU D 34 -22.71 -14.05 -16.58
C GLU D 34 -21.57 -13.82 -15.61
N VAL D 35 -21.90 -13.34 -14.40
CA VAL D 35 -20.90 -13.08 -13.40
C VAL D 35 -21.30 -13.81 -12.11
N SER D 36 -20.32 -14.32 -11.38
CA SER D 36 -20.55 -15.02 -10.14
C SER D 36 -19.70 -14.37 -9.06
N MET D 37 -20.20 -14.33 -7.84
CA MET D 37 -19.49 -13.74 -6.71
C MET D 37 -19.05 -14.84 -5.76
N SER D 38 -17.76 -14.82 -5.40
CA SER D 38 -17.23 -15.76 -4.42
C SER D 38 -17.32 -15.22 -3.01
N GLN D 39 -16.75 -14.03 -2.77
CA GLN D 39 -16.96 -13.34 -1.50
C GLN D 39 -16.87 -11.85 -1.72
N LEU D 40 -17.51 -11.11 -0.82
CA LEU D 40 -17.38 -9.66 -0.74
C LEU D 40 -16.31 -9.34 0.28
N VAL D 41 -15.14 -8.88 -0.18
CA VAL D 41 -13.98 -8.78 0.69
C VAL D 41 -14.15 -7.65 1.68
N LYS D 42 -14.32 -6.43 1.19
CA LYS D 42 -14.62 -5.30 2.05
C LYS D 42 -15.33 -4.24 1.23
N VAL D 43 -16.10 -3.41 1.92
CA VAL D 43 -16.60 -2.16 1.38
C VAL D 43 -16.14 -1.04 2.31
N ASP D 44 -15.14 -0.29 1.88
CA ASP D 44 -14.63 0.82 2.67
C ASP D 44 -15.61 1.96 2.59
N GLU D 45 -16.27 2.26 3.71
CA GLU D 45 -17.14 3.43 3.73
C GLU D 45 -16.35 4.73 3.70
N VAL D 46 -15.11 4.73 4.16
CA VAL D 46 -14.31 5.95 4.21
C VAL D 46 -13.82 6.34 2.83
N ASN D 47 -13.19 5.39 2.12
CA ASN D 47 -12.59 5.69 0.78
C ASN D 47 -13.64 5.56 -0.33
N GLN D 48 -14.80 4.99 -0.02
CA GLN D 48 -15.89 4.74 -0.98
C GLN D 48 -15.43 3.82 -2.11
N ILE D 49 -15.10 2.58 -1.73
CA ILE D 49 -14.57 1.60 -2.66
C ILE D 49 -15.22 0.26 -2.31
N MET D 50 -15.11 -0.71 -3.20
CA MET D 50 -15.77 -1.99 -2.98
C MET D 50 -14.95 -3.11 -3.61
N GLU D 51 -14.47 -4.05 -2.80
CA GLU D 51 -13.60 -5.11 -3.27
C GLU D 51 -14.37 -6.42 -3.35
N THR D 52 -14.43 -7.00 -4.55
CA THR D 52 -15.16 -8.24 -4.77
C THR D 52 -14.29 -9.25 -5.51
N ASN D 53 -14.60 -10.53 -5.32
CA ASN D 53 -14.03 -11.66 -6.07
C ASN D 53 -15.08 -12.15 -7.05
N LEU D 54 -14.82 -11.99 -8.34
CA LEU D 54 -15.82 -12.33 -9.34
C LEU D 54 -15.26 -13.33 -10.34
N TRP D 55 -16.14 -14.20 -10.83
CA TRP D 55 -15.86 -15.12 -11.92
C TRP D 55 -16.68 -14.69 -13.13
N LEU D 56 -16.03 -14.48 -14.27
CA LEU D 56 -16.67 -13.84 -15.42
C LEU D 56 -16.87 -14.87 -16.53
N LYS D 57 -18.00 -15.57 -16.50
CA LYS D 57 -18.32 -16.60 -17.53
C LYS D 57 -18.69 -15.90 -18.85
N GLN D 58 -17.84 -16.05 -19.88
CA GLN D 58 -18.07 -15.45 -21.20
C GLN D 58 -18.15 -16.58 -22.20
N ILE D 59 -19.23 -16.63 -22.98
CA ILE D 59 -19.47 -17.72 -23.91
C ILE D 59 -19.70 -17.13 -25.30
N TRP D 60 -18.93 -17.58 -26.28
CA TRP D 60 -19.13 -17.07 -27.63
C TRP D 60 -18.89 -18.18 -28.63
N ASN D 61 -19.29 -17.92 -29.87
CA ASN D 61 -19.13 -18.92 -30.91
C ASN D 61 -17.92 -18.57 -31.79
N ASP D 62 -17.42 -19.56 -32.51
CA ASP D 62 -16.21 -19.40 -33.29
C ASP D 62 -16.32 -20.33 -34.48
N TYR D 63 -16.43 -19.76 -35.69
CA TYR D 63 -16.70 -20.56 -36.87
C TYR D 63 -15.50 -21.37 -37.33
N LYS D 64 -14.31 -21.04 -36.85
CA LYS D 64 -13.09 -21.65 -37.37
C LYS D 64 -12.62 -22.83 -36.52
N LEU D 65 -12.99 -22.88 -35.24
CA LEU D 65 -12.51 -23.94 -34.35
C LEU D 65 -13.54 -25.04 -34.16
N LYS D 66 -14.28 -25.41 -35.20
CA LYS D 66 -15.19 -26.55 -35.15
C LYS D 66 -14.62 -27.71 -35.94
N TRP D 67 -14.84 -28.93 -35.43
CA TRP D 67 -14.28 -30.14 -36.03
C TRP D 67 -15.30 -31.26 -35.98
N ASN D 68 -14.96 -32.37 -36.62
CA ASN D 68 -15.82 -33.55 -36.65
C ASN D 68 -15.38 -34.50 -35.54
N PRO D 69 -16.26 -34.88 -34.62
CA PRO D 69 -15.84 -35.84 -33.58
C PRO D 69 -15.59 -37.23 -34.12
N SER D 70 -16.27 -37.64 -35.18
CA SER D 70 -16.15 -39.01 -35.68
C SER D 70 -14.85 -39.29 -36.42
N ASP D 71 -14.04 -38.27 -36.71
CA ASP D 71 -12.76 -38.47 -37.35
C ASP D 71 -11.58 -38.18 -36.43
N TYR D 72 -11.83 -37.84 -35.18
CA TYR D 72 -10.78 -37.61 -34.21
C TYR D 72 -11.04 -38.39 -32.94
N GLY D 73 -11.40 -39.66 -33.09
CA GLY D 73 -11.49 -40.57 -31.96
C GLY D 73 -12.64 -40.32 -31.01
N GLY D 74 -13.69 -39.65 -31.47
CA GLY D 74 -14.79 -39.33 -30.57
C GLY D 74 -14.50 -38.22 -29.60
N ALA D 75 -13.43 -37.46 -29.80
CA ALA D 75 -13.10 -36.35 -28.92
C ALA D 75 -14.05 -35.19 -29.17
N GLU D 76 -14.56 -34.60 -28.10
CA GLU D 76 -15.48 -33.49 -28.21
C GLU D 76 -15.02 -32.23 -27.50
N PHE D 77 -14.17 -32.39 -26.48
CA PHE D 77 -13.74 -31.19 -25.71
C PHE D 77 -12.22 -31.04 -25.74
N MET D 78 -11.77 -29.78 -25.82
CA MET D 78 -10.37 -29.42 -25.81
C MET D 78 -10.13 -28.33 -24.79
N ARG D 79 -8.95 -28.31 -24.20
CA ARG D 79 -8.50 -27.20 -23.37
C ARG D 79 -7.34 -26.52 -24.07
N VAL D 80 -7.53 -25.24 -24.41
CA VAL D 80 -6.50 -24.44 -25.06
C VAL D 80 -6.18 -23.26 -24.16
N PRO D 81 -4.99 -22.67 -24.25
CA PRO D 81 -4.72 -21.46 -23.46
C PRO D 81 -5.49 -20.28 -23.99
N ALA D 82 -5.72 -19.30 -23.11
CA ALA D 82 -6.40 -18.08 -23.51
C ALA D 82 -5.50 -17.13 -24.28
N GLN D 83 -4.23 -17.46 -24.47
CA GLN D 83 -3.30 -16.62 -25.20
C GLN D 83 -3.40 -16.85 -26.71
N LYS D 84 -4.02 -17.94 -27.15
CA LYS D 84 -4.06 -18.28 -28.57
C LYS D 84 -5.37 -17.91 -29.26
N ILE D 85 -6.50 -17.93 -28.56
CA ILE D 85 -7.78 -17.69 -29.19
C ILE D 85 -8.09 -16.20 -29.17
N TRP D 86 -9.05 -15.81 -30.00
CA TRP D 86 -9.62 -14.47 -29.89
C TRP D 86 -10.50 -14.42 -28.65
N LYS D 87 -10.47 -13.28 -27.95
CA LYS D 87 -11.26 -13.16 -26.75
C LYS D 87 -11.64 -11.70 -26.55
N PRO D 88 -12.86 -11.40 -26.11
CA PRO D 88 -13.32 -10.02 -26.10
C PRO D 88 -12.74 -9.22 -24.93
N ASP D 89 -12.88 -7.90 -25.05
CA ASP D 89 -12.35 -6.98 -24.05
C ASP D 89 -13.51 -6.45 -23.19
N ILE D 90 -13.87 -7.25 -22.20
CA ILE D 90 -14.91 -6.87 -21.24
C ILE D 90 -14.23 -6.15 -20.10
N VAL D 91 -14.46 -4.83 -20.02
CA VAL D 91 -13.76 -3.94 -19.11
C VAL D 91 -14.79 -3.19 -18.30
N LEU D 92 -14.68 -3.23 -16.97
CA LEU D 92 -15.62 -2.48 -16.14
C LEU D 92 -15.23 -1.01 -16.15
N TYR D 93 -16.22 -0.14 -16.41
CA TYR D 93 -15.97 1.31 -16.60
C TYR D 93 -15.67 2.04 -15.28
N ASN D 94 -16.35 1.69 -14.19
CA ASN D 94 -16.19 2.42 -12.94
C ASN D 94 -15.20 1.72 -12.01
N ASN D 95 -13.95 1.72 -12.42
CA ASN D 95 -12.88 1.16 -11.62
C ASN D 95 -12.16 2.28 -10.87
N ALA D 96 -11.54 1.92 -9.74
CA ALA D 96 -10.90 2.89 -8.87
C ALA D 96 -9.45 2.60 -8.55
N VAL D 97 -9.01 1.34 -8.63
CA VAL D 97 -7.64 0.96 -8.31
C VAL D 97 -7.16 -0.06 -9.34
N GLY D 98 -6.04 0.23 -9.99
CA GLY D 98 -5.31 -0.77 -10.75
C GLY D 98 -5.62 -0.76 -12.22
N ASP D 99 -5.08 -1.78 -12.90
CA ASP D 99 -5.30 -1.97 -14.31
C ASP D 99 -6.71 -2.49 -14.57
N PHE D 100 -7.14 -2.37 -15.83
CA PHE D 100 -8.50 -2.76 -16.18
C PHE D 100 -8.58 -4.16 -16.79
N GLN D 101 -7.47 -4.66 -17.33
CA GLN D 101 -7.46 -5.93 -18.02
C GLN D 101 -7.63 -7.09 -17.05
N VAL D 102 -8.52 -8.01 -17.38
CA VAL D 102 -8.67 -9.26 -16.64
C VAL D 102 -7.53 -10.20 -17.03
N ASP D 103 -7.05 -10.98 -16.07
CA ASP D 103 -5.84 -11.78 -16.25
C ASP D 103 -6.12 -13.01 -17.11
N ASP D 104 -5.28 -13.22 -18.12
CA ASP D 104 -5.44 -14.34 -19.06
C ASP D 104 -4.27 -15.32 -18.88
N LYS D 105 -4.44 -16.25 -17.95
CA LYS D 105 -3.52 -17.36 -17.80
C LYS D 105 -4.34 -18.64 -17.67
N THR D 106 -5.60 -18.48 -17.29
CA THR D 106 -6.54 -19.58 -17.24
C THR D 106 -6.89 -20.06 -18.65
N LYS D 107 -7.47 -21.26 -18.73
CA LYS D 107 -7.67 -21.93 -20.01
C LYS D 107 -9.15 -21.94 -20.39
N ALA D 108 -9.40 -22.08 -21.69
CA ALA D 108 -10.74 -22.05 -22.25
C ALA D 108 -11.27 -23.47 -22.44
N LEU D 109 -12.41 -23.60 -23.11
CA LEU D 109 -13.03 -24.90 -23.35
C LEU D 109 -13.68 -24.88 -24.72
N LEU D 110 -13.26 -25.78 -25.59
CA LEU D 110 -13.75 -25.87 -26.97
C LEU D 110 -14.67 -27.07 -27.10
N LYS D 111 -15.94 -26.82 -27.36
CA LYS D 111 -16.81 -27.89 -27.80
C LYS D 111 -16.59 -28.11 -29.30
N TYR D 112 -17.04 -29.25 -29.82
CA TYR D 112 -16.80 -29.58 -31.23
C TYR D 112 -17.57 -28.68 -32.18
N THR D 113 -18.57 -27.94 -31.70
CA THR D 113 -19.36 -27.05 -32.52
C THR D 113 -18.91 -25.60 -32.45
N GLY D 114 -17.85 -25.31 -31.71
CA GLY D 114 -17.28 -23.98 -31.67
C GLY D 114 -17.57 -23.17 -30.43
N GLU D 115 -18.29 -23.72 -29.46
CA GLU D 115 -18.71 -22.99 -28.27
C GLU D 115 -17.50 -22.78 -27.37
N VAL D 116 -16.96 -21.57 -27.36
CA VAL D 116 -15.83 -21.25 -26.50
C VAL D 116 -16.36 -20.66 -25.20
N THR D 117 -15.92 -21.21 -24.08
CA THR D 117 -16.34 -20.81 -22.75
C THR D 117 -15.11 -20.43 -21.93
N TRP D 118 -15.08 -19.21 -21.42
CA TRP D 118 -13.90 -18.69 -20.75
C TRP D 118 -14.32 -18.07 -19.43
N ILE D 119 -13.73 -18.54 -18.33
CA ILE D 119 -14.13 -18.15 -16.98
C ILE D 119 -12.92 -17.56 -16.25
N PRO D 120 -12.56 -16.30 -16.43
CA PRO D 120 -11.47 -15.76 -15.64
C PRO D 120 -11.97 -15.26 -14.29
N PRO D 121 -11.19 -15.48 -13.23
CA PRO D 121 -11.48 -14.82 -11.96
C PRO D 121 -10.71 -13.52 -11.82
N ALA D 122 -11.27 -12.61 -11.01
CA ALA D 122 -10.66 -11.30 -10.84
C ALA D 122 -11.08 -10.67 -9.53
N ILE D 123 -10.15 -9.91 -8.95
CA ILE D 123 -10.46 -8.95 -7.89
C ILE D 123 -10.87 -7.63 -8.54
N PHE D 124 -11.98 -7.08 -8.10
CA PHE D 124 -12.50 -5.84 -8.68
C PHE D 124 -12.72 -4.80 -7.60
N LYS D 125 -12.24 -3.58 -7.87
CA LYS D 125 -12.35 -2.43 -6.97
C LYS D 125 -13.36 -1.47 -7.58
N SER D 126 -14.64 -1.68 -7.30
CA SER D 126 -15.67 -0.77 -7.75
C SER D 126 -15.61 0.52 -6.94
N SER D 127 -16.25 1.55 -7.48
CA SER D 127 -16.21 2.90 -6.94
C SER D 127 -17.62 3.42 -6.69
N CYS D 128 -18.43 2.64 -5.99
CA CYS D 128 -19.80 3.04 -5.71
C CYS D 128 -19.85 4.11 -4.63
N LYS D 129 -20.88 4.95 -4.70
CA LYS D 129 -21.13 5.94 -3.67
C LYS D 129 -22.04 5.37 -2.60
N ILE D 130 -21.84 5.79 -1.36
CA ILE D 130 -22.57 5.26 -0.22
C ILE D 130 -23.07 6.42 0.63
N ASP D 131 -24.33 6.32 1.07
CA ASP D 131 -24.92 7.32 1.94
C ASP D 131 -24.98 6.81 3.37
N VAL D 132 -24.55 7.64 4.31
CA VAL D 132 -24.49 7.28 5.71
C VAL D 132 -25.45 8.14 6.51
N THR D 133 -26.57 8.54 5.89
CA THR D 133 -27.56 9.34 6.60
C THR D 133 -28.25 8.56 7.71
N TYR D 134 -28.25 7.23 7.65
CA TYR D 134 -28.64 6.37 8.75
C TYR D 134 -27.42 5.57 9.14
N PHE D 135 -27.17 5.41 10.43
CA PHE D 135 -25.99 4.67 10.82
C PHE D 135 -26.22 4.07 12.20
N PRO D 136 -26.04 2.76 12.38
CA PRO D 136 -25.66 1.76 11.39
C PRO D 136 -26.84 1.02 10.79
N PHE D 137 -28.01 1.64 10.80
CA PHE D 137 -29.23 1.00 10.30
C PHE D 137 -29.46 1.31 8.83
N ASP D 138 -28.44 1.09 8.00
CA ASP D 138 -28.43 1.59 6.63
C ASP D 138 -28.45 0.46 5.61
N TYR D 139 -29.09 0.75 4.48
CA TYR D 139 -29.04 -0.07 3.28
C TYR D 139 -28.14 0.65 2.29
N GLN D 140 -27.40 -0.11 1.49
CA GLN D 140 -26.51 0.48 0.49
C GLN D 140 -26.66 -0.22 -0.85
N ASN D 141 -26.56 0.59 -1.91
CA ASN D 141 -26.75 0.17 -3.29
C ASN D 141 -25.49 0.51 -4.06
N CYS D 142 -24.83 -0.50 -4.61
CA CYS D 142 -23.60 -0.31 -5.36
C CYS D 142 -23.67 -1.01 -6.70
N THR D 143 -23.26 -0.32 -7.76
CA THR D 143 -23.40 -0.82 -9.12
C THR D 143 -22.03 -1.17 -9.70
N MET D 144 -22.04 -2.12 -10.63
CA MET D 144 -20.87 -2.49 -11.42
C MET D 144 -21.28 -2.46 -12.88
N LYS D 145 -20.46 -1.83 -13.72
CA LYS D 145 -20.82 -1.53 -15.11
C LYS D 145 -19.86 -2.26 -16.03
N PHE D 146 -20.20 -3.51 -16.37
CA PHE D 146 -19.41 -4.31 -17.30
C PHE D 146 -19.80 -3.96 -18.73
N GLY D 147 -18.84 -4.08 -19.64
CA GLY D 147 -19.14 -3.79 -21.02
C GLY D 147 -17.95 -3.82 -21.95
N SER D 148 -18.19 -3.97 -23.25
CA SER D 148 -17.10 -3.99 -24.20
C SER D 148 -16.58 -2.58 -24.42
N TRP D 149 -15.29 -2.49 -24.76
CA TRP D 149 -14.64 -1.18 -24.80
C TRP D 149 -14.55 -0.59 -26.19
N SER D 150 -14.26 -1.37 -27.23
CA SER D 150 -14.02 -0.79 -28.54
C SER D 150 -15.02 -1.19 -29.61
N TYR D 151 -15.78 -2.26 -29.43
CA TYR D 151 -16.64 -2.77 -30.49
C TYR D 151 -18.06 -2.26 -30.32
N ASP D 152 -18.75 -2.07 -31.45
CA ASP D 152 -20.05 -1.43 -31.49
C ASP D 152 -21.14 -2.36 -30.97
N LYS D 153 -22.39 -1.88 -31.06
CA LYS D 153 -23.53 -2.76 -30.86
C LYS D 153 -23.74 -3.64 -32.08
N ALA D 154 -23.21 -3.23 -33.23
CA ALA D 154 -23.33 -3.97 -34.46
C ALA D 154 -22.16 -4.92 -34.70
N LYS D 155 -21.26 -5.08 -33.72
CA LYS D 155 -20.17 -6.03 -33.88
C LYS D 155 -20.05 -6.96 -32.68
N ILE D 156 -20.40 -6.49 -31.49
CA ILE D 156 -20.51 -7.32 -30.30
C ILE D 156 -21.82 -7.01 -29.61
N ASP D 157 -22.66 -8.03 -29.42
CA ASP D 157 -23.96 -7.90 -28.77
C ASP D 157 -23.95 -8.74 -27.51
N LEU D 158 -23.98 -8.10 -26.35
CA LEU D 158 -23.98 -8.82 -25.09
C LEU D 158 -25.37 -9.32 -24.76
N VAL D 159 -25.43 -10.51 -24.14
CA VAL D 159 -26.67 -11.14 -23.71
C VAL D 159 -26.44 -11.70 -22.33
N LEU D 160 -27.31 -11.38 -21.37
CA LEU D 160 -27.22 -12.00 -20.06
C LEU D 160 -27.72 -13.43 -20.13
N ILE D 161 -27.06 -14.33 -19.40
CA ILE D 161 -27.58 -15.68 -19.25
C ILE D 161 -28.75 -15.68 -18.27
N GLY D 162 -28.50 -15.26 -17.04
CA GLY D 162 -29.54 -15.17 -16.03
C GLY D 162 -30.03 -13.74 -15.88
N SER D 163 -31.05 -13.59 -15.03
CA SER D 163 -31.58 -12.27 -14.73
C SER D 163 -30.96 -11.66 -13.49
N SER D 164 -30.04 -12.36 -12.83
CA SER D 164 -29.43 -11.90 -11.60
C SER D 164 -27.96 -12.32 -11.61
N MET D 165 -27.33 -12.25 -10.45
CA MET D 165 -25.94 -12.64 -10.29
C MET D 165 -25.89 -13.94 -9.47
N ASN D 166 -25.05 -14.87 -9.89
CA ASN D 166 -24.96 -16.17 -9.23
C ASN D 166 -24.29 -16.03 -7.87
N LEU D 167 -25.11 -16.02 -6.82
CA LEU D 167 -24.64 -16.17 -5.45
C LEU D 167 -24.72 -17.61 -4.99
N LYS D 168 -24.58 -18.55 -5.92
CA LYS D 168 -24.82 -19.96 -5.62
C LYS D 168 -23.65 -20.57 -4.88
N ASP D 169 -22.43 -20.15 -5.19
CA ASP D 169 -21.22 -20.58 -4.49
C ASP D 169 -20.62 -19.45 -3.66
N TYR D 170 -21.49 -18.68 -3.02
CA TYR D 170 -21.12 -17.46 -2.31
C TYR D 170 -20.70 -17.77 -0.87
N TRP D 171 -19.46 -17.41 -0.53
CA TRP D 171 -19.02 -17.43 0.85
C TRP D 171 -19.72 -16.31 1.63
N GLU D 172 -20.38 -16.69 2.73
CA GLU D 172 -21.12 -15.72 3.57
C GLU D 172 -20.12 -14.71 4.14
N SER D 173 -20.61 -13.52 4.53
CA SER D 173 -19.75 -12.48 5.08
C SER D 173 -19.82 -12.42 6.60
N GLY D 174 -21.00 -12.18 7.15
CA GLY D 174 -21.17 -11.98 8.58
C GLY D 174 -21.28 -10.53 9.01
N GLU D 175 -21.04 -9.59 8.10
CA GLU D 175 -21.22 -8.17 8.37
C GLU D 175 -22.28 -7.56 7.47
N TRP D 176 -22.21 -7.82 6.17
CA TRP D 176 -23.18 -7.34 5.19
C TRP D 176 -24.00 -8.50 4.70
N ALA D 177 -25.29 -8.25 4.47
CA ALA D 177 -26.21 -9.26 3.96
C ALA D 177 -26.80 -8.79 2.66
N ILE D 178 -26.69 -9.62 1.62
CA ILE D 178 -27.15 -9.28 0.28
C ILE D 178 -28.62 -9.60 0.17
N ILE D 179 -29.45 -8.60 -0.09
CA ILE D 179 -30.87 -8.84 -0.27
C ILE D 179 -31.17 -9.30 -1.68
N LYS D 180 -30.72 -8.55 -2.68
CA LYS D 180 -30.95 -8.89 -4.08
C LYS D 180 -29.82 -8.33 -4.92
N ALA D 181 -29.66 -8.88 -6.11
CA ALA D 181 -28.58 -8.48 -7.02
C ALA D 181 -29.03 -8.66 -8.46
N PRO D 182 -29.78 -7.70 -8.99
CA PRO D 182 -30.26 -7.81 -10.37
C PRO D 182 -29.16 -7.53 -11.37
N GLY D 183 -29.48 -7.75 -12.65
CA GLY D 183 -28.56 -7.49 -13.73
C GLY D 183 -29.30 -7.03 -14.97
N TYR D 184 -28.92 -5.88 -15.52
CA TYR D 184 -29.68 -5.23 -16.57
C TYR D 184 -28.78 -4.98 -17.78
N LYS D 185 -29.42 -4.84 -18.95
CA LYS D 185 -28.72 -4.58 -20.19
C LYS D 185 -29.14 -3.23 -20.76
N HIS D 186 -28.17 -2.41 -21.15
CA HIS D 186 -28.44 -1.09 -21.71
C HIS D 186 -27.69 -0.91 -23.02
N ASP D 187 -28.22 0.00 -23.85
CA ASP D 187 -27.60 0.41 -25.10
C ASP D 187 -27.45 1.92 -25.04
N ILE D 188 -26.25 2.40 -24.74
CA ILE D 188 -26.05 3.82 -24.50
C ILE D 188 -25.10 4.38 -25.56
N LYS D 189 -25.16 5.70 -25.73
CA LYS D 189 -24.43 6.39 -26.78
C LYS D 189 -23.62 7.51 -26.14
N TYR D 190 -22.31 7.51 -26.38
CA TYR D 190 -21.40 8.46 -25.78
C TYR D 190 -21.22 9.68 -26.67
N ASN D 191 -20.68 10.74 -26.08
CA ASN D 191 -20.47 11.98 -26.83
C ASN D 191 -19.12 12.06 -27.51
N CYS D 192 -18.26 11.06 -27.33
CA CYS D 192 -17.08 10.95 -28.19
C CYS D 192 -17.50 10.59 -29.61
N CYS D 193 -18.39 9.61 -29.73
CA CYS D 193 -18.47 8.74 -30.88
C CYS D 193 -19.91 8.68 -31.37
N GLU D 194 -20.09 8.34 -32.64
CA GLU D 194 -21.38 8.46 -33.28
C GLU D 194 -22.22 7.18 -33.21
N GLU D 195 -21.76 6.16 -32.50
CA GLU D 195 -22.36 4.84 -32.59
C GLU D 195 -22.72 4.30 -31.20
N ILE D 196 -23.70 3.40 -31.18
CA ILE D 196 -24.29 2.90 -29.95
C ILE D 196 -23.45 1.76 -29.40
N TYR D 197 -23.21 1.77 -28.09
CA TYR D 197 -22.46 0.73 -27.40
C TYR D 197 -23.30 0.08 -26.31
N PRO D 198 -23.30 -1.24 -26.22
CA PRO D 198 -24.06 -1.93 -25.16
C PRO D 198 -23.21 -2.16 -23.92
N ASP D 199 -23.91 -2.39 -22.81
CA ASP D 199 -23.26 -2.71 -21.54
C ASP D 199 -24.25 -3.44 -20.65
N ILE D 200 -23.73 -4.04 -19.58
CA ILE D 200 -24.51 -4.79 -18.61
C ILE D 200 -24.16 -4.29 -17.21
N THR D 201 -25.18 -3.91 -16.45
CA THR D 201 -24.99 -3.31 -15.13
C THR D 201 -25.56 -4.24 -14.06
N TYR D 202 -24.72 -4.63 -13.11
CA TYR D 202 -25.13 -5.45 -11.97
C TYR D 202 -25.22 -4.57 -10.73
N SER D 203 -26.40 -4.51 -10.14
CA SER D 203 -26.58 -3.81 -8.88
C SER D 203 -26.41 -4.76 -7.72
N LEU D 204 -26.11 -4.19 -6.55
CA LEU D 204 -26.01 -4.93 -5.31
C LEU D 204 -26.67 -4.12 -4.21
N TYR D 205 -27.69 -4.70 -3.59
CA TYR D 205 -28.46 -4.08 -2.53
C TYR D 205 -28.15 -4.85 -1.26
N ILE D 206 -27.38 -4.24 -0.37
CA ILE D 206 -26.88 -4.92 0.82
C ILE D 206 -27.33 -4.14 2.05
N ARG D 207 -27.33 -4.83 3.19
CA ARG D 207 -27.64 -4.19 4.47
C ARG D 207 -26.60 -4.57 5.50
N ARG D 208 -26.29 -3.63 6.38
CA ARG D 208 -25.38 -3.88 7.49
C ARG D 208 -26.18 -4.51 8.63
N LEU D 209 -25.63 -5.56 9.23
CA LEU D 209 -26.20 -6.16 10.42
C LEU D 209 -25.83 -5.29 11.61
N PRO D 210 -26.77 -4.50 12.15
CA PRO D 210 -26.41 -3.34 12.98
C PRO D 210 -26.27 -3.65 14.46
N LEU D 211 -25.48 -4.67 14.79
CA LEU D 211 -25.27 -5.06 16.18
C LEU D 211 -23.89 -4.72 16.71
N PHE D 212 -22.86 -4.78 15.87
CA PHE D 212 -21.52 -4.44 16.34
C PHE D 212 -21.38 -2.96 16.64
N TYR D 213 -22.03 -2.10 15.88
CA TYR D 213 -21.92 -0.67 16.12
C TYR D 213 -22.92 -0.14 17.12
N THR D 214 -23.97 -0.90 17.43
CA THR D 214 -24.90 -0.46 18.48
C THR D 214 -24.44 -0.86 19.86
N ILE D 215 -23.39 -1.66 19.98
CA ILE D 215 -22.83 -2.04 21.27
C ILE D 215 -21.54 -1.28 21.57
N ASN D 216 -20.97 -0.59 20.58
CA ASN D 216 -19.70 0.10 20.74
C ASN D 216 -19.78 1.59 20.45
N LEU D 217 -20.87 2.09 19.86
CA LEU D 217 -20.92 3.50 19.48
C LEU D 217 -22.23 4.20 19.82
N ILE D 218 -23.35 3.50 19.97
CA ILE D 218 -24.62 4.13 20.29
C ILE D 218 -24.95 4.06 21.78
N ILE D 219 -24.78 2.89 22.40
CA ILE D 219 -25.06 2.75 23.83
C ILE D 219 -24.11 3.56 24.72
N PRO D 220 -22.79 3.66 24.46
CA PRO D 220 -22.01 4.67 25.21
C PRO D 220 -22.42 6.11 24.93
N CYS D 221 -22.74 6.44 23.68
CA CYS D 221 -23.14 7.81 23.34
C CYS D 221 -24.47 8.18 23.97
N LEU D 222 -25.49 7.35 23.79
CA LEU D 222 -26.79 7.57 24.40
C LEU D 222 -26.74 7.42 25.91
N LEU D 223 -25.73 6.73 26.44
CA LEU D 223 -25.61 6.53 27.87
C LEU D 223 -24.94 7.73 28.55
N ILE D 224 -24.00 8.40 27.88
CA ILE D 224 -23.38 9.57 28.47
C ILE D 224 -24.06 10.87 28.07
N SER D 225 -24.96 10.85 27.07
CA SER D 225 -25.67 12.07 26.74
C SER D 225 -26.80 12.37 27.71
N PHE D 226 -27.17 11.41 28.55
CA PHE D 226 -28.21 11.59 29.55
C PHE D 226 -27.68 12.15 30.87
N LEU D 227 -26.38 12.43 30.95
CA LEU D 227 -25.80 12.97 32.16
C LEU D 227 -25.75 14.49 32.19
N THR D 228 -26.05 15.16 31.08
CA THR D 228 -25.96 16.61 31.04
C THR D 228 -27.15 17.30 31.67
N VAL D 229 -28.27 16.59 31.86
CA VAL D 229 -29.39 17.15 32.62
C VAL D 229 -29.27 16.78 34.09
N LEU D 230 -28.35 15.89 34.43
CA LEU D 230 -28.06 15.46 35.79
C LEU D 230 -27.20 16.45 36.56
N VAL D 231 -26.69 17.48 35.89
CA VAL D 231 -25.90 18.51 36.55
C VAL D 231 -26.78 19.32 37.49
N PHE D 232 -27.99 19.65 37.05
CA PHE D 232 -28.83 20.62 37.73
C PHE D 232 -29.53 20.07 38.96
N TYR D 233 -29.38 18.78 39.26
CA TYR D 233 -29.85 18.24 40.52
C TYR D 233 -28.74 18.20 41.56
N LEU D 234 -27.50 18.38 41.14
CA LEU D 234 -26.36 18.38 42.04
C LEU D 234 -26.30 19.70 42.80
N PRO D 235 -26.07 19.79 44.19
CA PRO D 235 -26.09 21.11 44.83
C PRO D 235 -24.80 21.87 44.59
N SER D 236 -24.94 23.20 44.50
CA SER D 236 -23.80 24.07 44.29
C SER D 236 -22.96 24.30 45.53
N ASP D 237 -23.41 23.83 46.70
CA ASP D 237 -22.61 23.95 47.91
C ASP D 237 -21.38 23.05 47.84
N CYS D 238 -21.51 21.90 47.18
CA CYS D 238 -20.35 21.09 46.86
C CYS D 238 -19.56 21.74 45.71
N GLY D 239 -18.36 21.23 45.48
CA GLY D 239 -17.51 21.82 44.46
C GLY D 239 -17.22 20.88 43.31
N GLU D 240 -18.24 20.16 42.83
CA GLU D 240 -18.03 19.13 41.83
C GLU D 240 -19.01 19.25 40.67
N LYS D 241 -19.43 20.48 40.33
CA LYS D 241 -20.36 20.64 39.22
C LYS D 241 -19.61 20.78 37.90
N VAL D 242 -18.39 21.56 37.69
CA VAL D 242 -17.57 21.79 36.51
C VAL D 242 -16.82 20.52 36.13
N THR D 243 -16.53 19.65 37.10
CA THR D 243 -15.94 18.34 36.81
C THR D 243 -16.85 17.49 35.95
N LEU D 244 -18.13 17.36 36.34
CA LEU D 244 -19.10 16.56 35.60
C LEU D 244 -19.36 17.16 34.21
N CYS D 245 -19.48 18.49 34.16
CA CYS D 245 -19.76 19.18 32.90
C CYS D 245 -18.61 19.05 31.90
N ILE D 246 -17.38 19.31 32.35
CA ILE D 246 -16.20 19.18 31.52
C ILE D 246 -16.01 17.74 31.06
N SER D 247 -16.30 16.79 31.95
CA SER D 247 -16.14 15.38 31.62
C SER D 247 -17.09 14.95 30.51
N VAL D 248 -18.36 15.34 30.61
CA VAL D 248 -19.29 14.93 29.57
C VAL D 248 -19.04 15.68 28.26
N LEU D 249 -18.56 16.93 28.33
CA LEU D 249 -18.21 17.67 27.12
C LEU D 249 -17.04 17.03 26.37
N LEU D 250 -15.95 16.73 27.08
CA LEU D 250 -14.78 16.16 26.42
C LEU D 250 -15.03 14.71 25.98
N SER D 251 -15.89 13.97 26.68
CA SER D 251 -16.22 12.63 26.22
C SER D 251 -17.05 12.66 24.94
N LEU D 252 -17.98 13.62 24.83
CA LEU D 252 -18.72 13.77 23.58
C LEU D 252 -17.82 14.24 22.44
N THR D 253 -16.81 15.05 22.73
CA THR D 253 -15.86 15.45 21.69
C THR D 253 -15.05 14.26 21.19
N VAL D 254 -14.62 13.38 22.09
CA VAL D 254 -13.87 12.18 21.67
C VAL D 254 -14.75 11.23 20.86
N PHE D 255 -16.02 11.04 21.25
CA PHE D 255 -16.93 10.23 20.44
C PHE D 255 -17.21 10.84 19.09
N LEU D 256 -17.26 12.18 19.00
CA LEU D 256 -17.43 12.84 17.71
C LEU D 256 -16.21 12.62 16.83
N LEU D 257 -15.01 12.61 17.42
CA LEU D 257 -13.80 12.26 16.67
C LEU D 257 -13.86 10.84 16.13
N VAL D 258 -14.31 9.89 16.96
CA VAL D 258 -14.38 8.49 16.53
C VAL D 258 -15.35 8.31 15.37
N ILE D 259 -16.53 8.95 15.46
CA ILE D 259 -17.49 8.76 14.38
C ILE D 259 -17.07 9.52 13.11
N THR D 260 -16.44 10.70 13.23
CA THR D 260 -15.98 11.37 12.02
C THR D 260 -14.73 10.72 11.44
N GLU D 261 -14.07 9.84 12.19
CA GLU D 261 -13.04 9.00 11.61
C GLU D 261 -13.62 7.79 10.89
N THR D 262 -14.74 7.25 11.36
CA THR D 262 -15.27 6.03 10.75
C THR D 262 -16.33 6.27 9.66
N ILE D 263 -16.62 7.51 9.28
CA ILE D 263 -17.59 7.79 8.21
C ILE D 263 -16.84 8.50 7.09
N PRO D 264 -17.39 8.52 5.87
CA PRO D 264 -16.78 9.34 4.83
C PRO D 264 -16.99 10.83 5.07
N SER D 265 -16.27 11.62 4.29
CA SER D 265 -16.33 13.08 4.36
C SER D 265 -17.22 13.67 3.28
N THR D 266 -18.28 12.96 2.89
CA THR D 266 -19.21 13.46 1.90
C THR D 266 -20.05 14.57 2.51
N SER D 267 -20.05 15.74 1.88
CA SER D 267 -20.70 16.92 2.44
C SER D 267 -22.12 17.10 1.95
N LEU D 268 -22.66 16.11 1.23
CA LEU D 268 -24.04 16.21 0.67
C LEU D 268 -25.04 16.18 1.82
N VAL D 269 -25.08 15.05 2.53
CA VAL D 269 -25.96 14.87 3.69
C VAL D 269 -25.11 14.51 4.90
N ILE D 270 -25.64 14.81 6.08
CA ILE D 270 -24.96 14.52 7.33
C ILE D 270 -25.65 13.36 8.05
N PRO D 271 -24.92 12.51 8.77
CA PRO D 271 -25.57 11.43 9.51
C PRO D 271 -26.39 11.96 10.67
N LEU D 272 -27.36 11.16 11.08
CA LEU D 272 -28.20 11.53 12.21
C LEU D 272 -27.47 11.38 13.54
N ILE D 273 -26.45 10.53 13.60
CA ILE D 273 -25.69 10.41 14.84
C ILE D 273 -24.77 11.61 15.01
N GLY D 274 -24.19 12.11 13.91
CA GLY D 274 -23.41 13.33 13.99
C GLY D 274 -24.24 14.56 14.30
N GLU D 275 -25.47 14.60 13.77
CA GLU D 275 -26.39 15.68 14.10
C GLU D 275 -26.81 15.62 15.56
N TYR D 276 -27.00 14.40 16.10
CA TYR D 276 -27.31 14.24 17.51
C TYR D 276 -26.13 14.65 18.39
N LEU D 277 -24.90 14.35 17.96
CA LEU D 277 -23.73 14.77 18.72
C LEU D 277 -23.56 16.28 18.70
N LEU D 278 -23.87 16.93 17.57
CA LEU D 278 -23.81 18.39 17.51
C LEU D 278 -24.86 19.03 18.41
N PHE D 279 -26.10 18.49 18.36
CA PHE D 279 -27.17 18.88 19.28
C PHE D 279 -26.74 18.78 20.74
N THR D 280 -26.15 17.65 21.11
CA THR D 280 -25.81 17.41 22.51
C THR D 280 -24.63 18.27 22.95
N MET D 281 -23.68 18.56 22.05
CA MET D 281 -22.56 19.42 22.43
C MET D 281 -23.01 20.87 22.60
N ILE D 282 -23.91 21.36 21.73
CA ILE D 282 -24.44 22.72 21.88
C ILE D 282 -25.19 22.86 23.20
N PHE D 283 -26.03 21.87 23.53
CA PHE D 283 -26.77 21.99 24.78
C PHE D 283 -25.95 21.70 26.04
N VAL D 284 -24.87 20.93 25.95
CA VAL D 284 -24.04 20.80 27.15
C VAL D 284 -23.19 22.05 27.37
N THR D 285 -22.80 22.76 26.30
CA THR D 285 -22.09 24.03 26.49
C THR D 285 -23.02 25.10 27.05
N LEU D 286 -24.27 25.11 26.59
CA LEU D 286 -25.25 26.02 27.19
C LEU D 286 -25.54 25.64 28.64
N SER D 287 -25.45 24.34 28.97
CA SER D 287 -25.61 23.93 30.36
C SER D 287 -24.47 24.43 31.23
N ILE D 288 -23.23 24.45 30.70
CA ILE D 288 -22.16 24.91 31.59
C ILE D 288 -22.16 26.43 31.71
N VAL D 289 -22.67 27.18 30.73
CA VAL D 289 -22.74 28.61 30.99
C VAL D 289 -23.89 28.93 31.97
N ILE D 290 -24.97 28.13 31.94
CA ILE D 290 -25.99 28.25 32.99
C ILE D 290 -25.43 27.91 34.37
N THR D 291 -24.58 26.88 34.45
CA THR D 291 -24.11 26.50 35.77
C THR D 291 -23.01 27.42 36.30
N VAL D 292 -22.27 28.12 35.43
CA VAL D 292 -21.34 29.11 35.98
C VAL D 292 -22.11 30.37 36.39
N PHE D 293 -23.23 30.68 35.73
CA PHE D 293 -24.06 31.78 36.21
C PHE D 293 -24.70 31.45 37.56
N VAL D 294 -25.12 30.20 37.77
CA VAL D 294 -25.76 29.89 39.05
C VAL D 294 -24.70 29.73 40.15
N LEU D 295 -23.46 29.39 39.80
CA LEU D 295 -22.39 29.42 40.81
C LEU D 295 -22.01 30.85 41.17
N ASN D 296 -22.10 31.80 40.25
CA ASN D 296 -21.87 33.18 40.65
C ASN D 296 -23.04 33.73 41.46
N VAL D 297 -24.26 33.25 41.20
CA VAL D 297 -25.40 33.68 42.01
C VAL D 297 -25.32 33.11 43.42
N HIS D 298 -24.81 31.88 43.57
CA HIS D 298 -24.83 31.22 44.88
C HIS D 298 -23.88 31.89 45.88
N TYR D 299 -22.58 31.91 45.58
CA TYR D 299 -21.59 32.52 46.46
C TYR D 299 -21.65 34.04 46.30
N ARG D 300 -22.53 34.67 47.06
CA ARG D 300 -22.72 36.11 46.91
C ARG D 300 -23.15 36.70 48.25
N THR D 301 -22.26 37.46 48.87
CA THR D 301 -22.40 38.03 50.21
C THR D 301 -23.16 39.36 50.17
N PRO D 302 -23.81 39.75 51.26
CA PRO D 302 -24.48 41.07 51.29
C PRO D 302 -23.54 42.26 51.35
N THR D 303 -22.24 42.07 51.60
CA THR D 303 -21.34 43.21 51.61
C THR D 303 -20.95 43.63 50.20
N THR D 304 -20.93 42.70 49.25
CA THR D 304 -20.49 43.01 47.89
C THR D 304 -21.64 43.34 46.95
N HIS D 305 -22.78 42.67 47.10
CA HIS D 305 -23.89 42.85 46.18
C HIS D 305 -25.17 43.11 46.96
N THR D 306 -25.95 44.10 46.51
CA THR D 306 -27.21 44.43 47.13
C THR D 306 -28.36 43.78 46.37
N MET D 307 -29.26 43.12 47.10
CA MET D 307 -30.33 42.38 46.48
C MET D 307 -31.44 43.33 46.01
N PRO D 308 -31.84 43.29 44.73
CA PRO D 308 -32.91 44.18 44.27
C PRO D 308 -34.29 43.79 44.78
N SER D 309 -35.32 44.54 44.38
CA SER D 309 -36.68 44.25 44.80
C SER D 309 -37.45 43.42 43.79
N TRP D 310 -37.08 43.47 42.51
CA TRP D 310 -37.76 42.66 41.51
C TRP D 310 -37.36 41.20 41.57
N VAL D 311 -36.26 40.88 42.26
CA VAL D 311 -35.88 39.49 42.49
C VAL D 311 -36.48 38.96 43.78
N LYS D 312 -37.00 39.85 44.64
CA LYS D 312 -37.76 39.42 45.81
C LYS D 312 -39.06 38.72 45.42
N THR D 313 -39.63 39.07 44.28
CA THR D 313 -40.94 38.59 43.88
C THR D 313 -40.91 37.56 42.74
N VAL D 314 -39.97 37.67 41.82
CA VAL D 314 -39.95 36.75 40.68
C VAL D 314 -39.29 35.42 41.07
N PHE D 315 -38.07 35.48 41.58
CA PHE D 315 -37.29 34.29 41.88
C PHE D 315 -37.51 33.76 43.30
N LEU D 316 -38.44 34.35 44.05
CA LEU D 316 -38.61 33.93 45.43
C LEU D 316 -40.08 33.72 45.79
N ASN D 317 -40.99 34.38 45.08
CA ASN D 317 -42.41 34.29 45.39
C ASN D 317 -43.22 33.61 44.29
N LEU D 318 -43.08 34.07 43.05
CA LEU D 318 -43.98 33.60 41.98
C LEU D 318 -43.58 32.23 41.47
N LEU D 319 -42.29 31.99 41.27
CA LEU D 319 -41.82 30.69 40.77
C LEU D 319 -41.91 29.52 41.76
N PRO D 320 -41.72 29.67 43.08
CA PRO D 320 -42.07 28.55 43.97
C PRO D 320 -43.55 28.25 44.06
N ARG D 321 -44.44 29.17 43.67
CA ARG D 321 -45.85 28.82 43.58
C ARG D 321 -46.13 27.93 42.37
N VAL D 322 -45.51 28.25 41.23
CA VAL D 322 -45.76 27.49 40.01
C VAL D 322 -45.06 26.14 40.08
N MET D 323 -43.82 26.13 40.56
CA MET D 323 -42.99 24.94 40.54
C MET D 323 -43.20 24.05 41.76
N PHE D 324 -44.05 24.47 42.70
CA PHE D 324 -44.40 23.73 43.92
C PHE D 324 -43.17 23.45 44.78
N MET D 325 -42.41 24.53 45.06
CA MET D 325 -41.24 24.40 45.92
C MET D 325 -41.63 24.46 47.39
N THR D 326 -42.28 25.56 47.80
CA THR D 326 -42.82 25.80 49.15
C THR D 326 -41.74 25.66 50.22
N ARG D 327 -40.75 26.57 50.14
CA ARG D 327 -39.58 26.64 51.03
C ARG D 327 -38.76 25.35 51.04
N ILE D 461 -18.20 49.43 85.54
CA ILE D 461 -19.54 48.87 85.65
C ILE D 461 -20.34 49.19 84.39
N LYS D 462 -20.33 50.47 83.99
CA LYS D 462 -21.04 50.88 82.78
C LYS D 462 -20.39 50.32 81.53
N GLU D 463 -19.07 50.10 81.56
CA GLU D 463 -18.37 49.52 80.43
C GLU D 463 -18.82 48.09 80.16
N ALA D 464 -19.13 47.34 81.21
CA ALA D 464 -19.63 45.98 81.02
C ALA D 464 -21.00 45.97 80.35
N ILE D 465 -21.87 46.93 80.72
CA ILE D 465 -23.19 47.00 80.12
C ILE D 465 -23.10 47.46 78.66
N GLN D 466 -22.19 48.40 78.38
CA GLN D 466 -21.93 48.80 76.99
C GLN D 466 -21.39 47.64 76.17
N SER D 467 -20.56 46.79 76.77
CA SER D 467 -20.02 45.64 76.06
C SER D 467 -21.08 44.58 75.80
N VAL D 468 -22.01 44.38 76.74
CA VAL D 468 -23.10 43.44 76.52
C VAL D 468 -24.04 43.95 75.42
N LYS D 469 -24.27 45.26 75.37
CA LYS D 469 -25.01 45.85 74.25
C LYS D 469 -24.29 45.65 72.92
N TYR D 470 -22.95 45.76 72.93
CA TYR D 470 -22.16 45.53 71.73
C TYR D 470 -22.26 44.08 71.25
N ILE D 471 -22.21 43.13 72.19
CA ILE D 471 -22.34 41.71 71.83
C ILE D 471 -23.72 41.42 71.26
N ALA D 472 -24.76 42.02 71.83
CA ALA D 472 -26.12 41.81 71.33
C ALA D 472 -26.30 42.37 69.92
N GLU D 473 -25.77 43.58 69.67
CA GLU D 473 -25.86 44.17 68.34
C GLU D 473 -25.05 43.38 67.32
N ASN D 474 -23.89 42.87 67.73
CA ASN D 474 -23.04 42.09 66.83
C ASN D 474 -23.73 40.78 66.43
N MET D 475 -24.34 40.08 67.39
CA MET D 475 -24.99 38.83 67.06
C MET D 475 -26.27 39.05 66.25
N LYS D 476 -26.97 40.17 66.47
CA LYS D 476 -28.15 40.45 65.65
C LYS D 476 -27.76 40.77 64.20
N ALA D 477 -26.67 41.54 64.02
CA ALA D 477 -26.21 41.84 62.66
C ALA D 477 -25.70 40.59 61.96
N GLN D 478 -25.04 39.69 62.69
CA GLN D 478 -24.57 38.43 62.11
C GLN D 478 -25.74 37.55 61.70
N ASN D 479 -26.80 37.51 62.50
CA ASN D 479 -27.99 36.74 62.15
C ASN D 479 -28.67 37.30 60.90
N GLU D 480 -28.74 38.62 60.78
CA GLU D 480 -29.36 39.22 59.60
C GLU D 480 -28.55 38.96 58.33
N ALA D 481 -27.21 39.03 58.44
CA ALA D 481 -26.37 38.71 57.30
C ALA D 481 -26.48 37.25 56.88
N LYS D 482 -26.63 36.34 57.86
CA LYS D 482 -26.83 34.93 57.53
C LYS D 482 -28.18 34.70 56.83
N GLU D 483 -29.20 35.48 57.21
CA GLU D 483 -30.50 35.36 56.52
C GLU D 483 -30.41 35.84 55.07
N ILE D 484 -29.65 36.92 54.83
CA ILE D 484 -29.48 37.41 53.46
C ILE D 484 -28.70 36.40 52.61
N GLN D 485 -27.68 35.75 53.21
CA GLN D 485 -26.96 34.70 52.49
C GLN D 485 -27.84 33.50 52.20
N ASP D 486 -28.78 33.17 53.10
CA ASP D 486 -29.71 32.09 52.81
C ASP D 486 -30.65 32.42 51.66
N ASP D 487 -31.05 33.69 51.54
CA ASP D 487 -31.85 34.10 50.39
C ASP D 487 -31.07 34.00 49.09
N TRP D 488 -29.79 34.40 49.12
CA TRP D 488 -28.95 34.27 47.93
C TRP D 488 -28.70 32.82 47.55
N LYS D 489 -28.69 31.90 48.52
CA LYS D 489 -28.58 30.49 48.15
C LYS D 489 -29.88 29.95 47.57
N TYR D 490 -31.03 30.40 48.11
CA TYR D 490 -32.29 29.85 47.65
C TYR D 490 -32.66 30.32 46.24
N VAL D 491 -32.24 31.53 45.85
CA VAL D 491 -32.54 31.94 44.48
C VAL D 491 -31.71 31.14 43.46
N ALA D 492 -30.48 30.76 43.84
CA ALA D 492 -29.69 29.88 42.99
C ALA D 492 -30.33 28.50 42.89
N MET D 493 -30.92 28.02 43.99
CA MET D 493 -31.65 26.76 43.96
C MET D 493 -32.85 26.81 43.01
N VAL D 494 -33.56 27.95 42.99
CA VAL D 494 -34.74 28.09 42.12
C VAL D 494 -34.34 28.11 40.64
N ILE D 495 -33.29 28.87 40.30
CA ILE D 495 -32.79 28.91 38.92
C ILE D 495 -32.32 27.52 38.48
N ASP D 496 -31.67 26.81 39.41
CA ASP D 496 -31.15 25.47 39.14
C ASP D 496 -32.29 24.50 38.81
N ARG D 497 -33.37 24.54 39.59
CA ARG D 497 -34.48 23.61 39.37
C ARG D 497 -35.26 23.93 38.09
N ILE D 498 -35.42 25.23 37.78
CA ILE D 498 -36.20 25.56 36.57
C ILE D 498 -35.42 25.19 35.31
N PHE D 499 -34.09 25.31 35.32
CA PHE D 499 -33.37 24.80 34.16
C PHE D 499 -33.27 23.29 34.13
N LEU D 500 -33.40 22.61 35.27
CA LEU D 500 -33.54 21.15 35.23
C LEU D 500 -34.82 20.74 34.50
N TRP D 501 -35.94 21.39 34.80
CA TRP D 501 -37.19 21.13 34.07
C TRP D 501 -37.02 21.38 32.57
N VAL D 502 -36.44 22.54 32.23
CA VAL D 502 -36.31 22.93 30.82
C VAL D 502 -35.44 21.95 30.05
N PHE D 503 -34.25 21.62 30.58
CA PHE D 503 -33.40 20.70 29.85
C PHE D 503 -33.87 19.26 29.89
N THR D 504 -34.66 18.84 30.87
CA THR D 504 -35.27 17.51 30.81
C THR D 504 -36.25 17.42 29.64
N LEU D 505 -37.10 18.45 29.48
CA LEU D 505 -38.05 18.45 28.38
C LEU D 505 -37.34 18.54 27.03
N VAL D 506 -36.30 19.38 26.94
CA VAL D 506 -35.56 19.54 25.68
C VAL D 506 -34.79 18.27 25.34
N CYS D 507 -34.25 17.56 26.34
CA CYS D 507 -33.49 16.35 26.06
C CYS D 507 -34.39 15.21 25.61
N ILE D 508 -35.57 15.07 26.23
CA ILE D 508 -36.50 14.03 25.77
C ILE D 508 -37.02 14.33 24.37
N LEU D 509 -37.34 15.60 24.10
CA LEU D 509 -37.81 16.01 22.77
C LEU D 509 -36.72 15.83 21.71
N GLY D 510 -35.46 16.09 22.06
CA GLY D 510 -34.39 15.98 21.09
C GLY D 510 -33.98 14.55 20.82
N THR D 511 -34.03 13.68 21.84
CA THR D 511 -33.75 12.27 21.58
C THR D 511 -34.89 11.61 20.83
N ALA D 512 -36.13 12.03 21.07
CA ALA D 512 -37.24 11.39 20.37
C ALA D 512 -37.37 11.91 18.94
N GLY D 513 -37.18 13.22 18.72
CA GLY D 513 -37.47 13.80 17.42
C GLY D 513 -36.36 13.70 16.41
N LEU D 514 -35.17 13.25 16.82
CA LEU D 514 -34.03 13.20 15.93
C LEU D 514 -33.40 11.82 15.83
N PHE D 515 -33.65 10.94 16.79
CA PHE D 515 -33.13 9.58 16.76
C PHE D 515 -34.23 8.53 16.69
N LEU D 516 -35.22 8.60 17.57
CA LEU D 516 -36.23 7.55 17.62
C LEU D 516 -37.23 7.65 16.49
N GLN D 517 -37.64 8.86 16.11
CA GLN D 517 -38.66 9.00 15.08
C GLN D 517 -38.16 8.77 13.64
N PRO D 518 -37.00 9.26 13.18
CA PRO D 518 -36.62 8.94 11.79
C PRO D 518 -36.14 7.52 11.59
N LEU D 519 -35.42 6.94 12.56
CA LEU D 519 -34.95 5.57 12.39
C LEU D 519 -36.07 4.53 12.50
N MET D 520 -37.21 4.90 13.09
CA MET D 520 -38.35 4.00 13.10
C MET D 520 -39.08 4.03 11.75
N ARG E 1 -7.54 -21.81 -46.74
CA ARG E 1 -8.87 -22.28 -46.36
C ARG E 1 -9.87 -21.14 -46.52
N VAL E 2 -10.92 -21.16 -45.71
CA VAL E 2 -11.90 -20.08 -45.70
C VAL E 2 -11.40 -18.97 -44.78
N ALA E 3 -11.40 -17.73 -45.27
CA ALA E 3 -11.04 -16.56 -44.50
C ALA E 3 -12.13 -15.51 -44.65
N ASN E 4 -11.99 -14.41 -43.91
CA ASN E 4 -12.91 -13.29 -44.02
C ASN E 4 -12.36 -12.25 -44.96
N ALA E 5 -13.12 -11.17 -45.13
CA ALA E 5 -12.57 -9.97 -45.74
C ALA E 5 -11.56 -9.30 -44.81
N GLU E 6 -11.87 -9.28 -43.50
CA GLU E 6 -11.02 -8.60 -42.54
C GLU E 6 -9.70 -9.32 -42.35
N GLU E 7 -9.69 -10.64 -42.46
CA GLU E 7 -8.44 -11.39 -42.30
C GLU E 7 -7.50 -11.14 -43.48
N LYS E 8 -8.04 -11.07 -44.69
CA LYS E 8 -7.23 -10.77 -45.86
C LYS E 8 -6.72 -9.34 -45.83
N LEU E 9 -7.58 -8.40 -45.45
CA LEU E 9 -7.15 -7.00 -45.32
C LEU E 9 -6.11 -6.83 -44.23
N MET E 10 -6.24 -7.59 -43.14
CA MET E 10 -5.28 -7.54 -42.05
C MET E 10 -3.95 -8.13 -42.48
N ASP E 11 -3.99 -9.18 -43.30
CA ASP E 11 -2.76 -9.76 -43.84
C ASP E 11 -2.11 -8.82 -44.85
N ASP E 12 -2.91 -7.96 -45.50
CA ASP E 12 -2.34 -7.03 -46.48
C ASP E 12 -1.74 -5.79 -45.82
N LEU E 13 -2.38 -5.27 -44.77
CA LEU E 13 -1.91 -4.02 -44.17
C LEU E 13 -0.63 -4.19 -43.38
N LEU E 14 -0.67 -4.99 -42.32
CA LEU E 14 0.45 -5.12 -41.39
C LEU E 14 1.37 -6.24 -41.88
N ASN E 15 2.12 -5.93 -42.93
CA ASN E 15 3.03 -6.87 -43.56
C ASN E 15 4.44 -6.48 -43.16
N LYS E 16 5.26 -7.49 -42.84
CA LYS E 16 6.54 -7.24 -42.19
C LYS E 16 7.54 -6.60 -43.15
N THR E 17 7.39 -6.83 -44.45
CA THR E 17 8.28 -6.20 -45.41
C THR E 17 7.86 -4.77 -45.70
N ARG E 18 6.65 -4.39 -45.30
CA ARG E 18 6.10 -3.11 -45.69
C ARG E 18 5.68 -2.24 -44.51
N TYR E 19 5.32 -2.83 -43.37
CA TYR E 19 4.91 -2.03 -42.23
C TYR E 19 5.81 -2.34 -41.05
N ASN E 20 6.26 -1.28 -40.38
CA ASN E 20 7.12 -1.38 -39.22
C ASN E 20 6.65 -0.35 -38.20
N ASN E 21 6.35 -0.77 -36.99
CA ASN E 21 5.79 0.11 -35.99
C ASN E 21 6.82 0.90 -35.21
N LEU E 22 8.03 1.08 -35.74
CA LEU E 22 9.06 1.83 -35.05
C LEU E 22 9.61 3.00 -35.87
N ILE E 23 9.14 3.21 -37.08
CA ILE E 23 9.50 4.37 -37.87
C ILE E 23 8.24 5.18 -38.13
N ARG E 24 8.32 6.48 -37.90
CA ARG E 24 7.10 7.28 -37.85
C ARG E 24 6.65 7.65 -39.27
N PRO E 25 5.33 7.81 -39.48
CA PRO E 25 4.84 8.09 -40.83
C PRO E 25 5.16 9.49 -41.34
N ALA E 26 6.41 9.71 -41.73
CA ALA E 26 6.82 10.95 -42.38
C ALA E 26 7.06 10.68 -43.84
N THR E 27 6.33 11.39 -44.71
CA THR E 27 6.48 11.19 -46.15
C THR E 27 7.82 11.75 -46.64
N SER E 28 8.33 12.77 -45.96
CA SER E 28 9.61 13.36 -46.32
C SER E 28 10.41 13.71 -45.06
N SER E 29 11.46 14.50 -45.21
CA SER E 29 12.27 14.92 -44.07
C SER E 29 11.67 16.20 -43.49
N SER E 30 11.73 16.29 -42.15
CA SER E 30 11.22 17.41 -41.36
C SER E 30 9.74 17.67 -41.63
N GLN E 31 8.93 16.61 -41.56
CA GLN E 31 7.48 16.71 -41.66
C GLN E 31 6.89 16.40 -40.30
N LEU E 32 6.06 17.30 -39.80
CA LEU E 32 5.50 17.21 -38.45
C LEU E 32 4.19 16.43 -38.53
N ILE E 33 4.12 15.33 -37.77
CA ILE E 33 2.89 14.57 -37.65
C ILE E 33 1.96 15.33 -36.72
N SER E 34 0.94 15.96 -37.28
CA SER E 34 -0.02 16.72 -36.47
C SER E 34 -0.97 15.73 -35.83
N ILE E 35 -0.84 15.53 -34.54
CA ILE E 35 -1.80 14.72 -33.80
C ILE E 35 -2.65 15.67 -32.98
N LYS E 36 -3.84 15.22 -32.62
CA LYS E 36 -4.71 16.08 -31.81
C LYS E 36 -5.35 15.26 -30.71
N LEU E 37 -5.51 15.89 -29.55
CA LEU E 37 -5.92 15.18 -28.35
C LEU E 37 -6.96 15.99 -27.59
N GLN E 38 -7.74 15.28 -26.79
CA GLN E 38 -8.87 15.87 -26.08
C GLN E 38 -9.16 14.99 -24.88
N LEU E 39 -9.09 15.55 -23.68
CA LEU E 39 -9.24 14.77 -22.46
C LEU E 39 -10.70 14.72 -22.05
N SER E 40 -11.14 13.54 -21.63
CA SER E 40 -12.50 13.30 -21.17
C SER E 40 -12.43 12.73 -19.77
N LEU E 41 -13.00 13.46 -18.81
CA LEU E 41 -12.95 13.04 -17.42
C LEU E 41 -14.10 12.06 -17.14
N ALA E 42 -13.89 11.17 -16.18
CA ALA E 42 -14.94 10.23 -15.80
C ALA E 42 -15.40 10.40 -14.37
N GLN E 43 -14.47 10.55 -13.41
CA GLN E 43 -14.82 10.64 -12.00
C GLN E 43 -13.66 11.22 -11.21
N LEU E 44 -13.96 12.10 -10.25
CA LEU E 44 -13.02 12.45 -9.18
C LEU E 44 -13.17 11.43 -8.07
N ILE E 45 -12.34 10.39 -8.11
CA ILE E 45 -12.50 9.33 -7.12
C ILE E 45 -11.92 9.73 -5.77
N SER E 46 -10.76 10.41 -5.74
CA SER E 46 -10.20 10.82 -4.45
C SER E 46 -9.26 12.00 -4.64
N VAL E 47 -9.19 12.85 -3.62
CA VAL E 47 -8.18 13.91 -3.53
C VAL E 47 -7.56 13.80 -2.13
N ASN E 48 -6.35 13.24 -2.06
CA ASN E 48 -5.65 13.03 -0.80
C ASN E 48 -4.88 14.30 -0.50
N GLU E 49 -5.34 15.05 0.51
CA GLU E 49 -4.73 16.32 0.83
C GLU E 49 -3.45 16.16 1.65
N ARG E 50 -3.33 15.05 2.37
CA ARG E 50 -2.16 14.88 3.23
C ARG E 50 -0.93 14.45 2.44
N GLU E 51 -1.12 13.59 1.44
CA GLU E 51 -0.03 13.20 0.55
C GLU E 51 -0.01 13.99 -0.74
N GLN E 52 -1.00 14.88 -0.94
CA GLN E 52 -1.11 15.78 -2.10
C GLN E 52 -1.20 15.00 -3.42
N ILE E 53 -2.12 14.04 -3.47
CA ILE E 53 -2.26 13.18 -4.64
C ILE E 53 -3.72 13.13 -5.02
N MET E 54 -4.06 13.56 -6.22
CA MET E 54 -5.41 13.36 -6.69
C MET E 54 -5.44 12.13 -7.60
N THR E 55 -6.57 11.46 -7.64
CA THR E 55 -6.75 10.27 -8.47
C THR E 55 -7.93 10.52 -9.37
N THR E 56 -7.73 10.36 -10.67
CA THR E 56 -8.79 10.57 -11.65
C THR E 56 -8.74 9.49 -12.72
N ASN E 57 -9.89 8.99 -13.14
CA ASN E 57 -9.97 8.19 -14.35
C ASN E 57 -10.37 9.09 -15.53
N VAL E 58 -9.49 9.16 -16.52
CA VAL E 58 -9.66 10.01 -17.66
C VAL E 58 -9.56 9.17 -18.93
N TRP E 59 -10.04 9.74 -20.02
CA TRP E 59 -10.08 9.11 -21.34
C TRP E 59 -9.39 10.07 -22.30
N LEU E 60 -8.08 9.99 -22.43
CA LEU E 60 -7.41 10.89 -23.36
C LEU E 60 -7.62 10.37 -24.77
N LYS E 61 -8.31 11.15 -25.60
CA LYS E 61 -8.65 10.77 -26.97
C LYS E 61 -7.63 11.43 -27.89
N GLN E 62 -6.84 10.63 -28.59
CA GLN E 62 -5.81 11.17 -29.46
C GLN E 62 -5.84 10.51 -30.81
N GLU E 63 -5.79 11.32 -31.86
CA GLU E 63 -5.92 10.82 -33.22
C GLU E 63 -4.95 11.52 -34.15
N TRP E 64 -4.52 10.78 -35.16
CA TRP E 64 -3.53 11.23 -36.12
C TRP E 64 -3.81 10.58 -37.47
N THR E 65 -2.84 10.67 -38.38
CA THR E 65 -3.00 10.16 -39.74
C THR E 65 -1.75 9.37 -40.13
N ASP E 66 -1.96 8.13 -40.56
CA ASP E 66 -0.89 7.21 -40.89
C ASP E 66 -1.11 6.77 -42.33
N TYR E 67 -0.18 7.13 -43.23
CA TYR E 67 -0.39 6.89 -44.64
C TYR E 67 -0.10 5.45 -45.06
N ARG E 68 0.44 4.63 -44.16
CA ARG E 68 0.62 3.21 -44.45
C ARG E 68 -0.68 2.43 -44.30
N LEU E 69 -1.59 2.89 -43.46
CA LEU E 69 -2.83 2.16 -43.20
C LEU E 69 -3.97 2.72 -44.05
N THR E 70 -3.85 2.66 -45.36
CA THR E 70 -4.92 3.04 -46.27
C THR E 70 -5.27 1.85 -47.16
N TRP E 71 -6.56 1.66 -47.41
CA TRP E 71 -6.97 0.57 -48.27
C TRP E 71 -8.18 1.01 -49.09
N ASN E 72 -8.29 0.44 -50.28
CA ASN E 72 -9.48 0.64 -51.11
C ASN E 72 -10.63 -0.14 -50.50
N SER E 73 -11.74 0.53 -50.23
CA SER E 73 -12.82 -0.07 -49.47
C SER E 73 -13.62 -1.10 -50.28
N SER E 74 -13.79 -0.86 -51.58
CA SER E 74 -14.65 -1.72 -52.38
C SER E 74 -13.99 -3.03 -52.78
N ARG E 75 -12.67 -3.15 -52.62
CA ARG E 75 -11.99 -4.39 -52.99
C ARG E 75 -12.21 -5.47 -51.94
N TYR E 76 -12.31 -5.10 -50.68
CA TYR E 76 -12.37 -6.02 -49.55
C TYR E 76 -13.78 -6.20 -49.00
N GLU E 77 -14.78 -6.29 -49.89
CA GLU E 77 -16.19 -6.58 -49.61
C GLU E 77 -16.92 -5.44 -48.91
N GLY E 78 -16.20 -4.37 -48.60
CA GLY E 78 -16.77 -3.18 -47.99
C GLY E 78 -16.56 -3.20 -46.50
N VAL E 79 -15.47 -2.57 -46.05
CA VAL E 79 -15.14 -2.44 -44.63
C VAL E 79 -14.56 -1.05 -44.44
N ASN E 80 -15.33 -0.17 -43.81
CA ASN E 80 -14.87 1.20 -43.63
C ASN E 80 -13.85 1.27 -42.51
N ILE E 81 -14.22 0.83 -41.30
CA ILE E 81 -13.34 0.92 -40.15
C ILE E 81 -12.80 -0.48 -39.86
N LEU E 82 -11.76 -0.51 -39.03
CA LEU E 82 -11.07 -1.76 -38.77
C LEU E 82 -10.34 -1.58 -37.44
N ARG E 83 -10.45 -2.56 -36.55
CA ARG E 83 -9.93 -2.45 -35.20
C ARG E 83 -8.74 -3.38 -35.02
N ILE E 84 -7.63 -2.82 -34.53
CA ILE E 84 -6.37 -3.54 -34.41
C ILE E 84 -5.77 -3.23 -33.05
N PRO E 85 -5.03 -4.17 -32.45
CA PRO E 85 -4.42 -3.89 -31.14
C PRO E 85 -3.35 -2.81 -31.22
N ALA E 86 -3.14 -2.13 -30.09
CA ALA E 86 -2.34 -0.91 -30.09
C ALA E 86 -0.85 -1.20 -30.20
N LYS E 87 -0.42 -2.39 -29.80
CA LYS E 87 1.01 -2.66 -29.78
C LYS E 87 1.56 -2.95 -31.16
N ARG E 88 0.69 -3.15 -32.15
CA ARG E 88 1.18 -3.58 -33.46
C ARG E 88 1.35 -2.44 -34.44
N ILE E 89 0.96 -1.22 -34.08
CA ILE E 89 1.19 -0.06 -34.94
C ILE E 89 1.87 1.06 -34.16
N TRP E 90 2.35 2.05 -34.91
CA TRP E 90 3.05 3.19 -34.33
C TRP E 90 2.10 4.08 -33.57
N LEU E 91 2.55 4.60 -32.43
CA LEU E 91 1.78 5.55 -31.67
C LEU E 91 2.70 6.43 -30.83
N PRO E 92 2.37 7.71 -30.68
CA PRO E 92 3.21 8.58 -29.86
C PRO E 92 3.00 8.29 -28.39
N ASP E 93 4.06 8.42 -27.61
CA ASP E 93 4.05 7.96 -26.23
C ASP E 93 3.72 9.11 -25.27
N ILE E 94 2.50 9.64 -25.39
CA ILE E 94 2.08 10.76 -24.55
C ILE E 94 1.64 10.24 -23.20
N VAL E 95 2.30 10.71 -22.14
CA VAL E 95 2.00 10.33 -20.77
C VAL E 95 2.01 11.58 -19.89
N LEU E 96 1.62 11.40 -18.63
CA LEU E 96 1.83 12.46 -17.65
C LEU E 96 3.28 12.52 -17.25
N TYR E 97 3.76 13.72 -16.93
CA TYR E 97 5.01 13.83 -16.20
C TYR E 97 4.83 14.08 -14.72
N ASN E 98 3.78 14.76 -14.30
CA ASN E 98 3.58 15.06 -12.88
C ASN E 98 2.67 14.03 -12.22
N ASN E 99 3.05 12.77 -12.28
CA ASN E 99 2.32 11.74 -11.55
C ASN E 99 3.08 11.31 -10.31
N ALA E 100 2.32 10.89 -9.30
CA ALA E 100 2.92 10.56 -8.00
C ALA E 100 3.66 9.23 -8.03
N ASP E 101 3.19 8.28 -8.82
CA ASP E 101 3.90 7.02 -8.97
C ASP E 101 5.06 7.20 -9.94
N GLY E 102 5.78 6.12 -10.17
CA GLY E 102 6.74 6.11 -11.25
C GLY E 102 6.16 5.65 -12.56
N THR E 103 4.84 5.50 -12.64
CA THR E 103 4.19 4.94 -13.83
C THR E 103 4.14 5.98 -14.94
N TYR E 104 5.31 6.21 -15.53
CA TYR E 104 5.41 6.91 -16.80
C TYR E 104 5.11 6.00 -17.98
N GLU E 105 4.82 4.73 -17.72
CA GLU E 105 4.46 3.79 -18.75
C GLU E 105 3.12 4.16 -19.37
N VAL E 106 2.88 3.61 -20.57
CA VAL E 106 1.62 3.86 -21.24
C VAL E 106 0.52 3.10 -20.52
N SER E 107 -0.71 3.58 -20.64
CA SER E 107 -1.88 2.96 -20.03
C SER E 107 -2.27 1.69 -20.79
N VAL E 108 -3.43 1.12 -20.47
CA VAL E 108 -3.76 -0.24 -20.88
C VAL E 108 -3.98 -0.30 -22.40
N TYR E 109 -3.63 -1.45 -22.97
CA TYR E 109 -3.46 -1.57 -24.41
C TYR E 109 -4.71 -2.13 -25.06
N THR E 110 -5.77 -1.33 -24.94
CA THR E 110 -6.99 -1.60 -25.67
C THR E 110 -6.75 -1.33 -27.15
N ASN E 111 -7.49 -2.06 -27.99
CA ASN E 111 -7.32 -1.91 -29.43
C ASN E 111 -7.93 -0.59 -29.91
N LEU E 112 -7.53 -0.20 -31.13
CA LEU E 112 -7.83 1.13 -31.65
C LEU E 112 -8.41 1.02 -33.04
N ILE E 113 -9.08 2.09 -33.45
CA ILE E 113 -9.90 2.14 -34.66
C ILE E 113 -9.12 2.87 -35.74
N VAL E 114 -9.00 2.27 -36.92
CA VAL E 114 -8.41 2.92 -38.08
C VAL E 114 -9.38 2.80 -39.25
N ARG E 115 -9.62 3.92 -39.93
CA ARG E 115 -10.59 3.98 -41.01
C ARG E 115 -9.88 3.76 -42.35
N SER E 116 -10.63 3.93 -43.45
CA SER E 116 -10.11 3.58 -44.76
C SER E 116 -9.06 4.56 -45.25
N ASN E 117 -9.11 5.80 -44.79
CA ASN E 117 -8.16 6.82 -45.22
C ASN E 117 -7.01 7.00 -44.25
N GLY E 118 -6.88 6.15 -43.24
CA GLY E 118 -5.77 6.19 -42.34
C GLY E 118 -5.95 7.05 -41.11
N SER E 119 -7.16 7.53 -40.84
CA SER E 119 -7.39 8.34 -39.65
C SER E 119 -7.39 7.42 -38.44
N VAL E 120 -6.30 7.45 -37.68
CA VAL E 120 -6.06 6.51 -36.59
C VAL E 120 -6.49 7.19 -35.29
N LEU E 121 -7.41 6.58 -34.57
CA LEU E 121 -7.98 7.13 -33.34
C LEU E 121 -7.70 6.17 -32.19
N TRP E 122 -7.32 6.71 -31.03
CA TRP E 122 -7.02 5.85 -29.90
C TRP E 122 -7.47 6.54 -28.62
N LEU E 123 -8.24 5.82 -27.81
CA LEU E 123 -8.85 6.35 -26.61
C LEU E 123 -8.63 5.33 -25.49
N PRO E 124 -7.48 5.36 -24.83
CA PRO E 124 -7.23 4.41 -23.75
C PRO E 124 -7.79 4.93 -22.44
N PRO E 125 -8.24 4.04 -21.56
CA PRO E 125 -8.71 4.49 -20.25
C PRO E 125 -7.58 4.47 -19.23
N ALA E 126 -7.55 5.47 -18.36
CA ALA E 126 -6.44 5.48 -17.42
C ALA E 126 -6.85 6.14 -16.11
N ILE E 127 -6.59 5.46 -15.01
CA ILE E 127 -6.57 6.16 -13.73
C ILE E 127 -5.17 6.72 -13.55
N TYR E 128 -5.11 7.92 -12.98
CA TYR E 128 -3.84 8.59 -12.74
C TYR E 128 -3.82 9.12 -11.32
N LYS E 129 -2.67 8.96 -10.68
CA LYS E 129 -2.39 9.56 -9.38
C LYS E 129 -1.53 10.80 -9.64
N SER E 130 -2.21 11.87 -10.02
CA SER E 130 -1.53 13.12 -10.32
C SER E 130 -1.10 13.81 -9.03
N ALA E 131 0.00 14.56 -9.12
CA ALA E 131 0.60 15.25 -7.99
C ALA E 131 0.40 16.75 -8.16
N CYS E 132 -0.40 17.34 -7.28
CA CYS E 132 -0.64 18.76 -7.30
C CYS E 132 -0.44 19.33 -5.91
N LYS E 133 -0.04 20.60 -5.84
CA LYS E 133 0.17 21.25 -4.56
C LYS E 133 -1.14 21.82 -4.03
N ILE E 134 -1.28 21.80 -2.72
CA ILE E 134 -2.55 22.10 -2.06
C ILE E 134 -2.42 23.45 -1.38
N GLU E 135 -3.16 24.44 -1.89
CA GLU E 135 -3.29 25.74 -1.25
C GLU E 135 -4.26 25.60 -0.07
N VAL E 136 -3.75 25.74 1.15
CA VAL E 136 -4.51 25.37 2.32
C VAL E 136 -4.64 26.55 3.30
N LYS E 137 -4.48 27.78 2.79
CA LYS E 137 -4.65 28.98 3.63
C LYS E 137 -6.08 29.12 4.11
N TYR E 138 -7.03 29.15 3.20
CA TYR E 138 -8.44 29.07 3.58
C TYR E 138 -8.81 27.60 3.75
N PHE E 139 -9.58 27.30 4.79
CA PHE E 139 -9.92 25.92 5.09
C PHE E 139 -11.15 25.88 5.98
N PRO E 140 -12.17 25.09 5.65
CA PRO E 140 -12.33 24.24 4.47
C PRO E 140 -12.97 24.98 3.29
N PHE E 141 -12.80 26.29 3.23
CA PHE E 141 -13.40 27.11 2.18
C PHE E 141 -12.38 27.43 1.09
N ASP E 142 -11.90 26.41 0.40
CA ASP E 142 -10.75 26.57 -0.48
C ASP E 142 -11.04 26.15 -1.91
N GLN E 143 -10.35 26.81 -2.84
CA GLN E 143 -10.21 26.37 -4.22
C GLN E 143 -8.98 25.51 -4.34
N GLN E 144 -8.96 24.64 -5.36
CA GLN E 144 -7.77 23.85 -5.65
C GLN E 144 -7.54 23.87 -7.15
N ASN E 145 -6.39 24.38 -7.57
CA ASN E 145 -5.94 24.32 -8.95
C ASN E 145 -4.95 23.17 -9.06
N CYS E 146 -5.40 22.03 -9.55
CA CYS E 146 -4.54 20.88 -9.74
C CYS E 146 -4.40 20.56 -11.22
N THR E 147 -3.17 20.38 -11.68
CA THR E 147 -2.86 20.35 -13.09
C THR E 147 -2.44 18.95 -13.54
N LEU E 148 -2.63 18.70 -14.83
CA LEU E 148 -2.18 17.48 -15.49
C LEU E 148 -1.40 17.87 -16.74
N LYS E 149 -0.20 17.30 -16.89
CA LYS E 149 0.80 17.76 -17.85
C LYS E 149 1.16 16.60 -18.77
N PHE E 150 0.59 16.57 -19.98
CA PHE E 150 0.84 15.49 -20.91
C PHE E 150 1.92 15.89 -21.91
N ARG E 151 2.77 14.91 -22.23
CA ARG E 151 3.95 15.13 -23.05
C ARG E 151 4.44 13.77 -23.53
N SER E 152 4.98 13.73 -24.75
CA SER E 152 5.57 12.52 -25.29
C SER E 152 7.03 12.45 -24.88
N TRP E 153 7.39 11.36 -24.26
CA TRP E 153 8.80 11.12 -23.83
C TRP E 153 9.78 10.86 -24.99
N THR E 154 9.37 10.15 -26.06
CA THR E 154 10.28 9.75 -27.14
C THR E 154 10.50 10.88 -28.13
N TYR E 155 9.45 11.33 -28.81
CA TYR E 155 9.60 12.33 -29.85
C TYR E 155 9.59 13.73 -29.22
N ASP E 156 9.61 14.77 -30.05
CA ASP E 156 9.66 16.14 -29.58
C ASP E 156 9.02 17.05 -30.62
N HIS E 157 9.11 18.36 -30.42
CA HIS E 157 8.38 19.30 -31.27
C HIS E 157 9.00 19.43 -32.66
N THR E 158 10.26 19.05 -32.82
CA THR E 158 10.83 18.98 -34.16
C THR E 158 10.39 17.74 -34.91
N GLU E 159 9.62 16.84 -34.29
CA GLU E 159 9.21 15.59 -34.92
C GLU E 159 7.70 15.39 -34.89
N ILE E 160 7.03 15.81 -33.81
CA ILE E 160 5.57 15.75 -33.74
C ILE E 160 5.04 17.07 -33.20
N ASP E 161 3.90 17.50 -33.73
CA ASP E 161 3.11 18.56 -33.13
C ASP E 161 2.12 17.97 -32.14
N MET E 162 1.50 18.84 -31.34
CA MET E 162 0.60 18.35 -30.30
C MET E 162 -0.51 19.38 -30.16
N VAL E 163 -1.60 19.17 -30.88
CA VAL E 163 -2.64 20.17 -31.11
C VAL E 163 -3.79 19.91 -30.16
N LEU E 164 -4.25 20.97 -29.50
CA LEU E 164 -5.45 20.86 -28.67
C LEU E 164 -6.69 21.03 -29.54
N MET E 165 -7.70 20.19 -29.31
CA MET E 165 -8.87 20.17 -30.17
C MET E 165 -9.99 21.08 -29.67
N THR E 166 -10.41 20.92 -28.42
CA THR E 166 -11.37 21.80 -27.79
C THR E 166 -10.73 22.49 -26.59
N PRO E 167 -11.12 23.73 -26.28
CA PRO E 167 -10.46 24.44 -25.17
C PRO E 167 -10.73 23.84 -23.79
N THR E 168 -11.93 23.32 -23.55
CA THR E 168 -12.29 22.75 -22.27
C THR E 168 -12.35 21.23 -22.39
N ALA E 169 -11.89 20.54 -21.36
CA ALA E 169 -12.02 19.10 -21.32
C ALA E 169 -13.47 18.69 -21.15
N SER E 170 -13.87 17.62 -21.83
CA SER E 170 -15.27 17.24 -21.89
C SER E 170 -15.71 16.59 -20.58
N MET E 171 -16.93 16.90 -20.16
CA MET E 171 -17.45 16.54 -18.85
C MET E 171 -18.72 15.70 -18.97
N ASP E 172 -18.86 14.95 -20.07
CA ASP E 172 -20.19 14.45 -20.44
C ASP E 172 -20.55 13.17 -19.67
N ASP E 173 -19.58 12.31 -19.42
CA ASP E 173 -19.83 11.11 -18.62
C ASP E 173 -19.66 11.35 -17.13
N PHE E 174 -19.51 12.61 -16.71
CA PHE E 174 -19.09 12.90 -15.34
C PHE E 174 -20.18 12.60 -14.33
N THR E 175 -19.84 11.79 -13.33
CA THR E 175 -20.68 11.50 -12.19
C THR E 175 -20.25 12.37 -11.02
N PRO E 176 -21.19 12.95 -10.28
CA PRO E 176 -20.82 13.93 -9.25
C PRO E 176 -20.15 13.27 -8.05
N SER E 177 -19.13 13.95 -7.52
CA SER E 177 -18.33 13.39 -6.45
C SER E 177 -19.03 13.46 -5.10
N GLY E 178 -19.79 14.52 -4.86
CA GLY E 178 -20.46 14.72 -3.60
C GLY E 178 -19.61 15.35 -2.51
N GLU E 179 -18.30 15.44 -2.72
CA GLU E 179 -17.38 16.10 -1.81
C GLU E 179 -16.74 17.34 -2.42
N TRP E 180 -16.50 17.32 -3.72
CA TRP E 180 -15.84 18.38 -4.46
C TRP E 180 -16.78 18.91 -5.55
N ASP E 181 -16.45 20.10 -6.06
CA ASP E 181 -17.27 20.73 -7.11
C ASP E 181 -16.32 21.31 -8.15
N ILE E 182 -16.31 20.73 -9.34
CA ILE E 182 -15.53 21.29 -10.44
C ILE E 182 -16.26 22.50 -11.00
N VAL E 183 -15.49 23.55 -11.30
CA VAL E 183 -16.09 24.82 -11.67
C VAL E 183 -15.70 25.18 -13.10
N ALA E 184 -14.55 24.70 -13.56
CA ALA E 184 -14.05 24.90 -14.90
C ALA E 184 -12.93 23.91 -15.14
N LEU E 185 -12.71 23.56 -16.41
CA LEU E 185 -11.61 22.68 -16.80
C LEU E 185 -10.91 23.24 -18.03
N PRO E 186 -10.05 24.25 -17.88
CA PRO E 186 -9.35 24.78 -19.06
C PRO E 186 -8.08 24.02 -19.38
N GLY E 187 -7.85 23.82 -20.67
CA GLY E 187 -6.63 23.20 -21.14
C GLY E 187 -5.89 24.13 -22.08
N ARG E 188 -4.56 24.08 -22.03
CA ARG E 188 -3.74 24.96 -22.85
C ARG E 188 -2.56 24.19 -23.44
N ARG E 189 -2.06 24.72 -24.54
CA ARG E 189 -0.96 24.15 -25.29
C ARG E 189 0.26 25.03 -25.09
N THR E 190 1.24 24.54 -24.34
CA THR E 190 2.38 25.35 -23.93
C THR E 190 3.60 24.97 -24.77
N VAL E 191 4.23 25.99 -25.35
CA VAL E 191 5.47 25.87 -26.11
C VAL E 191 6.35 27.07 -25.74
N ASN E 192 7.64 26.81 -25.53
CA ASN E 192 8.59 27.86 -25.17
C ASN E 192 9.23 28.42 -26.43
N PRO E 193 9.10 29.73 -26.71
CA PRO E 193 9.93 30.34 -27.73
C PRO E 193 11.38 30.40 -27.27
N GLN E 194 12.28 30.50 -28.26
CA GLN E 194 13.74 30.41 -28.08
C GLN E 194 14.15 29.10 -27.40
N ASP E 195 13.39 28.04 -27.65
CA ASP E 195 13.61 26.69 -27.15
C ASP E 195 12.82 25.72 -28.02
N PRO E 196 13.38 25.24 -29.12
CA PRO E 196 12.70 24.22 -29.90
C PRO E 196 12.72 22.88 -29.18
N SER E 197 11.95 21.93 -29.73
CA SER E 197 11.74 20.59 -29.16
C SER E 197 11.20 20.65 -27.74
N TYR E 198 10.14 21.44 -27.55
CA TYR E 198 9.41 21.44 -26.28
C TYR E 198 7.97 21.87 -26.56
N VAL E 199 7.04 20.92 -26.51
CA VAL E 199 5.62 21.20 -26.39
C VAL E 199 5.03 20.30 -25.31
N ASP E 200 4.00 20.80 -24.66
CA ASP E 200 3.17 19.96 -23.79
C ASP E 200 1.77 20.51 -23.75
N VAL E 201 0.85 19.71 -23.22
CA VAL E 201 -0.55 20.10 -23.09
C VAL E 201 -0.95 19.94 -21.64
N THR E 202 -1.42 21.01 -21.01
CA THR E 202 -1.76 20.98 -19.60
C THR E 202 -3.23 21.29 -19.39
N TYR E 203 -3.91 20.45 -18.62
CA TYR E 203 -5.27 20.68 -18.18
C TYR E 203 -5.26 21.11 -16.72
N ASP E 204 -6.17 22.01 -16.36
CA ASP E 204 -6.15 22.64 -15.04
C ASP E 204 -7.48 22.40 -14.36
N PHE E 205 -7.58 21.32 -13.60
CA PHE E 205 -8.80 21.03 -12.86
C PHE E 205 -8.83 22.01 -11.69
N ILE E 206 -9.68 23.03 -11.77
CA ILE E 206 -9.93 23.91 -10.64
C ILE E 206 -11.22 23.46 -9.97
N ILE E 207 -11.13 23.11 -8.70
CA ILE E 207 -12.19 22.44 -7.98
C ILE E 207 -12.54 23.26 -6.75
N LYS E 208 -13.82 23.52 -6.54
CA LYS E 208 -14.32 24.13 -5.32
C LYS E 208 -14.80 23.02 -4.38
N ARG E 209 -14.69 23.26 -3.09
CA ARG E 209 -14.99 22.25 -2.07
C ARG E 209 -16.33 22.52 -1.42
N LYS E 210 -17.11 21.46 -1.19
CA LYS E 210 -18.33 21.58 -0.41
C LYS E 210 -17.97 21.60 1.06
N PRO E 211 -18.20 22.71 1.77
CA PRO E 211 -17.64 22.88 3.11
C PRO E 211 -18.53 22.44 4.27
N LEU E 212 -19.63 21.73 4.01
CA LEU E 212 -20.62 21.51 5.07
C LEU E 212 -20.20 20.43 6.07
N PHE E 213 -19.26 19.56 5.72
CA PHE E 213 -18.86 18.51 6.64
C PHE E 213 -18.00 19.06 7.77
N TYR E 214 -16.89 19.72 7.41
CA TYR E 214 -15.97 20.25 8.41
C TYR E 214 -16.48 21.50 9.08
N THR E 215 -17.54 22.13 8.56
CA THR E 215 -18.16 23.24 9.27
C THR E 215 -18.89 22.74 10.51
N ILE E 216 -19.70 21.69 10.35
CA ILE E 216 -20.40 21.09 11.48
C ILE E 216 -19.42 20.36 12.39
N ASN E 217 -18.49 19.59 11.83
CA ASN E 217 -17.70 18.73 12.68
C ASN E 217 -16.45 19.38 13.28
N LEU E 218 -16.00 20.51 12.75
CA LEU E 218 -14.79 21.09 13.33
C LEU E 218 -14.91 22.57 13.68
N ILE E 219 -15.66 23.36 12.91
CA ILE E 219 -15.70 24.80 13.14
C ILE E 219 -16.56 25.12 14.36
N ILE E 220 -17.67 24.41 14.52
CA ILE E 220 -18.59 24.62 15.66
C ILE E 220 -17.95 24.22 17.00
N PRO E 221 -17.24 23.08 17.16
CA PRO E 221 -16.56 22.88 18.46
C PRO E 221 -15.39 23.82 18.68
N CYS E 222 -14.74 24.29 17.61
CA CYS E 222 -13.71 25.31 17.72
C CYS E 222 -14.25 26.60 18.34
N VAL E 223 -15.31 27.16 17.74
CA VAL E 223 -15.88 28.39 18.28
C VAL E 223 -16.59 28.14 19.59
N LEU E 224 -16.97 26.89 19.87
CA LEU E 224 -17.53 26.52 21.16
C LEU E 224 -16.50 26.64 22.28
N THR E 225 -15.33 26.01 22.11
CA THR E 225 -14.30 26.11 23.14
C THR E 225 -13.70 27.52 23.21
N THR E 226 -13.67 28.24 22.08
CA THR E 226 -13.23 29.64 22.13
C THR E 226 -14.23 30.51 22.89
N LEU E 227 -15.52 30.20 22.77
CA LEU E 227 -16.54 30.87 23.57
C LEU E 227 -16.39 30.53 25.04
N LEU E 228 -15.92 29.32 25.35
CA LEU E 228 -15.67 28.96 26.75
C LEU E 228 -14.36 29.52 27.28
N ALA E 229 -13.50 30.07 26.41
CA ALA E 229 -12.21 30.56 26.87
C ALA E 229 -12.33 31.82 27.74
N ILE E 230 -13.29 32.69 27.45
CA ILE E 230 -13.42 33.97 28.13
C ILE E 230 -14.42 33.89 29.29
N LEU E 231 -14.69 32.68 29.78
CA LEU E 231 -15.80 32.43 30.67
C LEU E 231 -15.37 32.15 32.11
N VAL E 232 -14.07 31.95 32.34
CA VAL E 232 -13.57 31.60 33.67
C VAL E 232 -13.50 32.79 34.61
N PHE E 233 -13.74 34.00 34.12
CA PHE E 233 -13.61 35.19 34.95
C PHE E 233 -14.89 35.59 35.64
N TYR E 234 -16.03 35.08 35.20
CA TYR E 234 -17.30 35.34 35.86
C TYR E 234 -17.54 34.39 37.02
N LEU E 235 -16.77 33.30 37.09
CA LEU E 235 -16.88 32.34 38.18
C LEU E 235 -16.31 32.95 39.46
N PRO E 236 -16.97 32.80 40.60
CA PRO E 236 -16.41 33.32 41.85
C PRO E 236 -15.25 32.47 42.33
N SER E 237 -14.29 33.12 42.98
CA SER E 237 -13.09 32.43 43.43
C SER E 237 -13.31 31.65 44.71
N ASP E 238 -14.48 31.75 45.34
CA ASP E 238 -14.71 31.04 46.60
C ASP E 238 -14.92 29.55 46.34
N CYS E 239 -15.61 29.21 45.26
CA CYS E 239 -15.72 27.82 44.85
C CYS E 239 -14.42 27.37 44.21
N GLY E 240 -13.98 26.16 44.56
CA GLY E 240 -12.70 25.68 44.08
C GLY E 240 -12.75 25.05 42.71
N GLU E 241 -13.23 25.81 41.72
CA GLU E 241 -13.38 25.29 40.35
C GLU E 241 -12.84 26.25 39.31
N LYS E 242 -11.94 27.14 39.71
CA LYS E 242 -11.37 28.16 38.79
C LYS E 242 -10.23 27.56 37.93
N MET E 243 -9.59 26.49 38.41
CA MET E 243 -8.47 25.90 37.69
C MET E 243 -8.91 24.81 36.72
N THR E 244 -9.95 24.06 37.09
CA THR E 244 -10.41 22.92 36.28
C THR E 244 -10.88 23.38 34.91
N LEU E 245 -11.65 24.48 34.87
CA LEU E 245 -12.18 24.97 33.61
C LEU E 245 -11.08 25.55 32.71
N CYS E 246 -10.10 26.23 33.31
CA CYS E 246 -9.00 26.81 32.56
C CYS E 246 -8.13 25.73 31.93
N ILE E 247 -7.70 24.75 32.73
CA ILE E 247 -6.86 23.67 32.23
C ILE E 247 -7.61 22.82 31.21
N SER E 248 -8.93 22.64 31.41
CA SER E 248 -9.73 21.85 30.48
C SER E 248 -9.86 22.53 29.13
N VAL E 249 -10.05 23.85 29.11
CA VAL E 249 -10.13 24.57 27.85
C VAL E 249 -8.79 24.55 27.12
N LEU E 250 -7.67 24.68 27.87
CA LEU E 250 -6.35 24.62 27.21
C LEU E 250 -6.07 23.25 26.63
N LEU E 251 -6.45 22.18 27.32
CA LEU E 251 -6.21 20.84 26.80
C LEU E 251 -7.12 20.54 25.61
N ALA E 252 -8.35 21.07 25.62
CA ALA E 252 -9.23 20.86 24.47
C ALA E 252 -8.72 21.62 23.24
N LEU E 253 -8.17 22.81 23.43
CA LEU E 253 -7.58 23.55 22.31
C LEU E 253 -6.33 22.86 21.76
N THR E 254 -5.48 22.29 22.62
CA THR E 254 -4.34 21.53 22.10
C THR E 254 -4.78 20.27 21.38
N PHE E 255 -5.89 19.68 21.84
CA PHE E 255 -6.46 18.53 21.13
C PHE E 255 -6.95 18.90 19.75
N PHE E 256 -7.65 20.02 19.61
CA PHE E 256 -8.10 20.43 18.28
C PHE E 256 -6.96 20.90 17.40
N LEU E 257 -5.88 21.43 17.99
CA LEU E 257 -4.72 21.80 17.19
C LEU E 257 -4.00 20.57 16.65
N LEU E 258 -3.85 19.54 17.48
CA LEU E 258 -3.27 18.29 16.98
C LEU E 258 -4.22 17.53 16.07
N LEU E 259 -5.52 17.80 16.14
CA LEU E 259 -6.46 17.21 15.20
C LEU E 259 -6.37 17.89 13.84
N ILE E 260 -6.30 19.23 13.84
CA ILE E 260 -6.24 19.96 12.57
C ILE E 260 -4.86 19.88 11.93
N SER E 261 -3.81 19.52 12.70
CA SER E 261 -2.49 19.33 12.10
C SER E 261 -2.31 17.95 11.46
N LYS E 262 -3.39 17.22 11.20
CA LYS E 262 -3.34 15.90 10.60
C LYS E 262 -4.03 15.84 9.24
N ILE E 263 -5.18 16.49 9.09
CA ILE E 263 -5.86 16.56 7.81
C ILE E 263 -5.19 17.57 6.87
N VAL E 264 -4.38 18.48 7.41
CA VAL E 264 -3.67 19.48 6.62
C VAL E 264 -2.40 18.82 6.09
N PRO E 265 -1.89 19.20 4.91
CA PRO E 265 -0.56 18.72 4.52
C PRO E 265 0.52 19.37 5.35
N PRO E 266 1.67 18.71 5.53
CA PRO E 266 2.73 19.26 6.39
C PRO E 266 3.66 20.21 5.63
N THR E 267 3.08 21.20 4.96
CA THR E 267 3.84 22.17 4.19
C THR E 267 4.03 23.43 5.02
N SER E 268 5.25 23.96 4.99
CA SER E 268 5.60 25.19 5.68
C SER E 268 5.45 26.41 4.79
N LEU E 269 4.82 26.26 3.63
CA LEU E 269 4.66 27.39 2.71
C LEU E 269 3.67 28.40 3.26
N ASP E 270 2.61 27.92 3.90
CA ASP E 270 1.61 28.77 4.53
C ASP E 270 0.88 27.97 5.58
N VAL E 271 0.37 28.65 6.61
CA VAL E 271 -0.41 28.01 7.66
C VAL E 271 -1.87 28.41 7.47
N PRO E 272 -2.83 27.56 7.84
CA PRO E 272 -4.24 27.92 7.63
C PRO E 272 -4.71 28.94 8.66
N LEU E 273 -5.92 29.45 8.44
CA LEU E 273 -6.48 30.42 9.37
C LEU E 273 -6.91 29.75 10.67
N ILE E 274 -7.26 28.46 10.62
CA ILE E 274 -7.67 27.75 11.82
C ILE E 274 -6.48 27.52 12.73
N GLY E 275 -5.31 27.20 12.16
CA GLY E 275 -4.13 26.98 12.99
C GLY E 275 -3.65 28.25 13.65
N LYS E 276 -3.68 29.35 12.93
CA LYS E 276 -3.32 30.65 13.50
C LYS E 276 -4.32 31.09 14.55
N TYR E 277 -5.60 30.77 14.32
CA TYR E 277 -6.65 31.11 15.26
C TYR E 277 -6.53 30.32 16.55
N LEU E 278 -6.27 29.02 16.46
CA LEU E 278 -6.08 28.20 17.65
C LEU E 278 -4.80 28.55 18.38
N MET E 279 -3.75 28.98 17.67
CA MET E 279 -2.54 29.43 18.37
C MET E 279 -2.81 30.72 19.14
N PHE E 280 -3.57 31.64 18.54
CA PHE E 280 -3.96 32.88 19.22
C PHE E 280 -4.80 32.59 20.45
N THR E 281 -5.79 31.71 20.31
CA THR E 281 -6.68 31.41 21.43
C THR E 281 -5.96 30.62 22.52
N MET E 282 -4.95 29.82 22.15
CA MET E 282 -4.20 29.08 23.15
C MET E 282 -3.29 30.00 23.96
N VAL E 283 -2.67 30.99 23.31
CA VAL E 283 -1.91 32.00 24.04
C VAL E 283 -2.82 32.80 24.97
N LEU E 284 -4.04 33.08 24.50
CA LEU E 284 -5.00 33.82 25.32
C LEU E 284 -5.45 33.00 26.54
N VAL E 285 -5.62 31.68 26.37
CA VAL E 285 -6.02 30.83 27.50
C VAL E 285 -4.86 30.68 28.50
N THR E 286 -3.62 30.63 28.02
CA THR E 286 -2.48 30.56 28.95
C THR E 286 -2.34 31.85 29.76
N PHE E 287 -2.57 33.00 29.12
CA PHE E 287 -2.60 34.26 29.88
C PHE E 287 -3.77 34.29 30.85
N SER E 288 -4.89 33.66 30.48
CA SER E 288 -6.03 33.54 31.39
C SER E 288 -5.67 32.68 32.61
N ILE E 289 -4.87 31.64 32.41
CA ILE E 289 -4.46 30.78 33.52
C ILE E 289 -3.54 31.53 34.47
N VAL E 290 -2.56 32.27 33.94
CA VAL E 290 -1.64 32.97 34.84
C VAL E 290 -2.35 34.11 35.57
N THR E 291 -3.28 34.82 34.91
CA THR E 291 -4.00 35.84 35.66
C THR E 291 -5.06 35.27 36.58
N SER E 292 -5.55 34.04 36.32
CA SER E 292 -6.51 33.43 37.22
C SER E 292 -5.83 32.95 38.49
N VAL E 293 -4.62 32.40 38.37
CA VAL E 293 -3.84 32.04 39.56
C VAL E 293 -3.44 33.29 40.33
N CYS E 294 -3.07 34.35 39.61
CA CYS E 294 -2.60 35.55 40.28
C CYS E 294 -3.74 36.35 40.92
N VAL E 295 -4.98 36.17 40.45
CA VAL E 295 -6.14 36.76 41.10
C VAL E 295 -6.75 35.82 42.12
N LEU E 296 -6.36 34.54 42.10
CA LEU E 296 -6.80 33.64 43.16
C LEU E 296 -5.91 33.77 44.38
N ASN E 297 -4.67 34.22 44.20
CA ASN E 297 -3.78 34.40 45.36
C ASN E 297 -4.21 35.57 46.21
N VAL E 298 -4.69 36.66 45.58
CA VAL E 298 -5.12 37.83 46.35
C VAL E 298 -6.49 37.70 46.97
N HIS E 299 -7.13 36.53 46.83
CA HIS E 299 -8.38 36.22 47.49
C HIS E 299 -8.19 35.69 48.91
N HIS E 300 -7.09 34.96 49.14
CA HIS E 300 -6.89 34.26 50.41
C HIS E 300 -5.90 34.98 51.32
N ARG E 301 -5.69 36.28 51.13
CA ARG E 301 -4.82 37.05 52.01
C ARG E 301 -5.57 37.42 53.28
N SER E 302 -4.94 37.22 54.42
CA SER E 302 -5.50 37.49 55.73
C SER E 302 -4.62 38.52 56.43
N PRO E 303 -5.14 39.20 57.47
CA PRO E 303 -4.27 40.10 58.25
C PRO E 303 -3.18 39.39 59.05
N SER E 304 -3.31 38.08 59.26
CA SER E 304 -2.27 37.34 59.98
C SER E 304 -1.10 36.96 59.10
N THR E 305 -1.18 37.18 57.79
CA THR E 305 -0.07 36.94 56.88
C THR E 305 0.40 38.20 56.18
N HIS E 306 -0.52 38.94 55.55
CA HIS E 306 -0.17 40.09 54.73
C HIS E 306 -0.77 41.36 55.32
N THR E 307 -0.38 42.48 54.73
CA THR E 307 -0.82 43.81 55.16
C THR E 307 -1.09 44.65 53.93
N MET E 308 -2.28 45.25 53.87
CA MET E 308 -2.74 45.95 52.68
C MET E 308 -2.01 47.28 52.55
N ALA E 309 -1.28 47.45 51.44
CA ALA E 309 -0.51 48.66 51.19
C ALA E 309 -1.46 49.83 50.89
N PRO E 310 -1.04 51.07 51.13
CA PRO E 310 -1.96 52.20 50.91
C PRO E 310 -2.29 52.46 49.45
N TRP E 311 -1.42 52.06 48.50
CA TRP E 311 -1.76 52.28 47.10
C TRP E 311 -2.84 51.31 46.62
N VAL E 312 -2.81 50.06 47.10
CA VAL E 312 -3.88 49.13 46.77
C VAL E 312 -5.11 49.38 47.64
N LYS E 313 -4.95 50.10 48.76
CA LYS E 313 -6.10 50.70 49.43
C LYS E 313 -6.82 51.69 48.52
N ARG E 314 -6.08 52.70 48.04
CA ARG E 314 -6.73 53.83 47.37
C ARG E 314 -7.05 53.57 45.90
N CYS E 315 -6.44 52.58 45.26
CA CYS E 315 -6.68 52.35 43.83
C CYS E 315 -7.81 51.37 43.56
N PHE E 316 -7.77 50.17 44.15
CA PHE E 316 -8.71 49.11 43.83
C PHE E 316 -9.98 49.15 44.67
N LEU E 317 -10.31 50.29 45.25
CA LEU E 317 -11.54 50.42 46.02
C LEU E 317 -12.33 51.68 45.70
N HIS E 318 -11.70 52.72 45.14
CA HIS E 318 -12.40 53.97 44.85
C HIS E 318 -12.44 54.30 43.38
N LYS E 319 -11.32 54.20 42.67
CA LYS E 319 -11.27 54.66 41.28
C LYS E 319 -11.90 53.64 40.33
N LEU E 320 -11.34 52.44 40.26
CA LEU E 320 -11.82 51.39 39.37
C LEU E 320 -13.21 50.82 39.66
N PRO E 321 -13.69 50.67 40.92
CA PRO E 321 -15.10 50.29 41.07
C PRO E 321 -16.09 51.35 40.62
N THR E 322 -15.73 52.63 40.67
CA THR E 322 -16.57 53.64 40.04
C THR E 322 -16.33 53.74 38.55
N PHE E 323 -15.23 53.17 38.06
CA PHE E 323 -14.94 53.14 36.63
C PHE E 323 -15.55 51.93 35.94
N LEU E 324 -15.65 50.79 36.63
CA LEU E 324 -16.19 49.56 36.05
C LEU E 324 -17.61 49.26 36.48
N PHE E 325 -18.30 50.24 37.10
CA PHE E 325 -19.70 50.15 37.54
C PHE E 325 -19.91 48.99 38.52
N MET E 326 -19.24 49.08 39.66
CA MET E 326 -19.36 48.10 40.74
C MET E 326 -20.22 48.62 41.89
N LYS E 327 -19.84 49.78 42.45
CA LYS E 327 -20.66 50.59 43.36
C LYS E 327 -20.95 49.88 44.69
N ARG E 328 -20.08 48.95 45.07
CA ARG E 328 -20.11 48.22 46.36
C ARG E 328 -21.43 47.54 46.69
N ARG E 451 -17.54 40.95 95.90
CA ARG E 451 -16.58 42.04 95.72
C ARG E 451 -15.37 41.56 94.94
N GLN E 452 -14.65 40.59 95.49
CA GLN E 452 -13.49 40.04 94.79
C GLN E 452 -13.89 39.15 93.63
N ASP E 453 -15.01 38.45 93.75
CA ASP E 453 -15.48 37.61 92.65
C ASP E 453 -16.16 38.44 91.56
N VAL E 454 -16.74 39.58 91.94
CA VAL E 454 -17.41 40.43 90.97
C VAL E 454 -16.39 41.16 90.10
N GLN E 455 -15.21 41.44 90.65
CA GLN E 455 -14.20 42.21 89.93
C GLN E 455 -13.62 41.45 88.74
N GLU E 456 -13.46 40.13 88.86
CA GLU E 456 -12.91 39.35 87.76
C GLU E 456 -13.94 39.19 86.64
N ALA E 457 -15.23 39.28 86.96
CA ALA E 457 -16.27 39.14 85.95
C ALA E 457 -16.27 40.28 84.95
N LEU E 458 -16.07 41.52 85.43
CA LEU E 458 -15.99 42.67 84.53
C LEU E 458 -14.76 42.58 83.63
N GLU E 459 -13.66 42.06 84.17
CA GLU E 459 -12.46 41.85 83.37
C GLU E 459 -12.68 40.80 82.29
N GLY E 460 -13.40 39.72 82.64
CA GLY E 460 -13.71 38.70 81.64
C GLY E 460 -14.63 39.20 80.54
N VAL E 461 -15.64 40.00 80.91
CA VAL E 461 -16.57 40.52 79.92
C VAL E 461 -15.88 41.54 79.01
N SER E 462 -14.96 42.35 79.58
CA SER E 462 -14.18 43.27 78.76
C SER E 462 -13.25 42.53 77.81
N PHE E 463 -12.69 41.40 78.26
CA PHE E 463 -11.86 40.59 77.38
C PHE E 463 -12.67 39.98 76.24
N ILE E 464 -13.91 39.56 76.53
CA ILE E 464 -14.80 39.03 75.50
C ILE E 464 -15.13 40.11 74.47
N ALA E 465 -15.38 41.34 74.92
CA ALA E 465 -15.69 42.43 74.01
C ALA E 465 -14.49 42.79 73.12
N GLN E 466 -13.29 42.81 73.71
CA GLN E 466 -12.08 43.07 72.93
C GLN E 466 -11.84 41.98 71.89
N HIS E 467 -12.11 40.72 72.26
CA HIS E 467 -11.91 39.61 71.33
C HIS E 467 -12.88 39.67 70.16
N MET E 468 -14.16 40.00 70.43
CA MET E 468 -15.13 40.10 69.36
C MET E 468 -14.88 41.30 68.45
N LYS E 469 -14.37 42.40 69.02
CA LYS E 469 -14.04 43.55 68.18
C LYS E 469 -12.85 43.26 67.27
N ASN E 470 -11.84 42.54 67.79
CA ASN E 470 -10.70 42.16 66.95
C ASN E 470 -11.11 41.18 65.86
N ASP E 471 -12.03 40.27 66.18
CA ASP E 471 -12.52 39.32 65.18
C ASP E 471 -13.30 40.04 64.08
N ASP E 472 -14.10 41.05 64.43
CA ASP E 472 -14.82 41.81 63.41
C ASP E 472 -13.89 42.64 62.55
N GLU E 473 -12.80 43.18 63.13
CA GLU E 473 -11.82 43.91 62.32
C GLU E 473 -11.12 43.01 61.32
N ASP E 474 -10.73 41.80 61.75
CA ASP E 474 -10.07 40.87 60.83
C ASP E 474 -11.02 40.39 59.73
N GLN E 475 -12.30 40.20 60.08
CA GLN E 475 -13.28 39.80 59.07
C GLN E 475 -13.54 40.91 58.06
N SER E 476 -13.50 42.18 58.51
CA SER E 476 -13.67 43.28 57.58
C SER E 476 -12.49 43.38 56.61
N VAL E 477 -11.27 43.12 57.10
CA VAL E 477 -10.11 43.19 56.20
C VAL E 477 -10.11 42.02 55.21
N VAL E 478 -10.57 40.83 55.64
CA VAL E 478 -10.56 39.72 54.68
C VAL E 478 -11.69 39.88 53.66
N GLU E 479 -12.81 40.53 54.03
CA GLU E 479 -13.81 40.89 53.03
C GLU E 479 -13.29 41.94 52.06
N ASP E 480 -12.44 42.85 52.53
CA ASP E 480 -11.81 43.82 51.65
C ASP E 480 -10.90 43.13 50.63
N TRP E 481 -10.14 42.13 51.07
CA TRP E 481 -9.30 41.37 50.12
C TRP E 481 -10.14 40.63 49.08
N LYS E 482 -11.28 40.06 49.52
CA LYS E 482 -12.17 39.39 48.57
C LYS E 482 -12.73 40.35 47.53
N TYR E 483 -13.08 41.57 47.95
CA TYR E 483 -13.58 42.55 46.98
C TYR E 483 -12.49 43.02 46.02
N VAL E 484 -11.25 43.12 46.50
CA VAL E 484 -10.14 43.50 45.63
C VAL E 484 -9.91 42.44 44.55
N ALA E 485 -9.96 41.16 44.95
CA ALA E 485 -9.84 40.08 43.97
C ALA E 485 -10.99 40.09 42.96
N MET E 486 -12.20 40.42 43.41
CA MET E 486 -13.35 40.54 42.50
C MET E 486 -13.17 41.66 41.49
N VAL E 487 -12.60 42.80 41.91
CA VAL E 487 -12.38 43.91 41.00
C VAL E 487 -11.33 43.57 39.95
N VAL E 488 -10.24 42.92 40.36
CA VAL E 488 -9.19 42.52 39.39
C VAL E 488 -9.74 41.48 38.40
N ASP E 489 -10.63 40.60 38.89
CA ASP E 489 -11.27 39.61 38.05
C ASP E 489 -12.14 40.25 36.96
N ARG E 490 -12.95 41.26 37.35
CA ARG E 490 -13.80 41.95 36.37
C ARG E 490 -12.99 42.76 35.38
N LEU E 491 -11.88 43.36 35.84
CA LEU E 491 -11.00 44.12 34.95
C LEU E 491 -10.41 43.23 33.85
N PHE E 492 -9.89 42.07 34.23
CA PHE E 492 -9.35 41.16 33.22
C PHE E 492 -10.44 40.54 32.35
N LEU E 493 -11.67 40.43 32.87
CA LEU E 493 -12.79 40.01 32.04
C LEU E 493 -13.03 40.98 30.89
N TRP E 494 -13.08 42.28 31.21
CA TRP E 494 -13.29 43.29 30.16
C TRP E 494 -12.13 43.34 29.18
N VAL E 495 -10.90 43.27 29.68
CA VAL E 495 -9.73 43.38 28.81
C VAL E 495 -9.64 42.18 27.86
N PHE E 496 -9.81 40.96 28.38
CA PHE E 496 -9.71 39.78 27.51
C PHE E 496 -10.90 39.64 26.58
N MET E 497 -12.09 40.11 26.96
CA MET E 497 -13.21 40.11 26.02
C MET E 497 -12.95 41.07 24.86
N PHE E 498 -12.39 42.25 25.17
CA PHE E 498 -12.05 43.23 24.15
C PHE E 498 -10.97 42.70 23.20
N VAL E 499 -9.91 42.10 23.74
CA VAL E 499 -8.82 41.58 22.92
C VAL E 499 -9.29 40.38 22.11
N CYS E 500 -10.18 39.56 22.66
CA CYS E 500 -10.66 38.40 21.91
C CYS E 500 -11.56 38.81 20.75
N VAL E 501 -12.42 39.82 20.94
CA VAL E 501 -13.26 40.30 19.85
C VAL E 501 -12.41 40.90 18.73
N LEU E 502 -11.43 41.75 19.11
CA LEU E 502 -10.57 42.35 18.08
C LEU E 502 -9.69 41.31 17.38
N GLY E 503 -9.27 40.27 18.09
CA GLY E 503 -8.48 39.23 17.46
C GLY E 503 -9.27 38.37 16.49
N THR E 504 -10.50 38.01 16.86
CA THR E 504 -11.36 37.25 15.96
C THR E 504 -11.70 38.06 14.72
N VAL E 505 -11.95 39.36 14.87
CA VAL E 505 -12.22 40.21 13.71
C VAL E 505 -10.98 40.32 12.83
N GLY E 506 -9.82 40.58 13.42
CA GLY E 506 -8.59 40.73 12.66
C GLY E 506 -8.09 39.46 12.00
N LEU E 507 -8.50 38.29 12.50
CA LEU E 507 -8.13 37.05 11.83
C LEU E 507 -9.15 36.63 10.78
N PHE E 508 -10.44 36.63 11.10
CA PHE E 508 -11.46 36.20 10.14
C PHE E 508 -11.99 37.35 9.30
N LEU E 509 -11.26 38.46 9.21
CA LEU E 509 -11.61 39.52 8.28
C LEU E 509 -11.51 39.11 6.80
N PRO E 510 -10.50 38.33 6.34
CA PRO E 510 -10.69 37.88 4.95
C PRO E 510 -11.71 36.72 4.83
N VAL F 2 -27.95 -42.71 -47.08
CA VAL F 2 -27.48 -41.38 -47.41
C VAL F 2 -27.42 -41.19 -48.91
N GLN F 3 -28.24 -40.28 -49.44
CA GLN F 3 -28.33 -40.05 -50.87
C GLN F 3 -28.31 -38.57 -51.18
N LEU F 4 -27.67 -38.26 -52.32
CA LEU F 4 -27.81 -36.97 -52.98
C LEU F 4 -28.50 -37.22 -54.32
N GLN F 5 -29.45 -36.36 -54.66
CA GLN F 5 -30.22 -36.49 -55.89
C GLN F 5 -30.00 -35.26 -56.74
N GLN F 6 -29.76 -35.46 -58.04
CA GLN F 6 -29.53 -34.36 -58.95
C GLN F 6 -30.46 -34.49 -60.14
N SER F 7 -30.39 -33.50 -61.04
CA SER F 7 -31.19 -33.51 -62.25
C SER F 7 -30.53 -34.37 -63.32
N GLY F 8 -31.25 -34.53 -64.44
CA GLY F 8 -30.73 -35.29 -65.55
C GLY F 8 -29.83 -34.45 -66.44
N PRO F 9 -29.32 -35.06 -67.50
CA PRO F 9 -28.48 -34.32 -68.45
C PRO F 9 -29.32 -33.40 -69.32
N GLU F 10 -28.75 -32.23 -69.64
CA GLU F 10 -29.46 -31.19 -70.36
C GLU F 10 -28.63 -30.70 -71.53
N LEU F 11 -29.31 -30.42 -72.64
CA LEU F 11 -28.69 -29.94 -73.87
C LEU F 11 -29.07 -28.47 -74.05
N VAL F 12 -28.11 -27.57 -73.79
CA VAL F 12 -28.33 -26.14 -73.84
C VAL F 12 -27.37 -25.53 -74.86
N ARG F 13 -27.91 -24.70 -75.76
CA ARG F 13 -27.10 -23.99 -76.73
C ARG F 13 -26.19 -22.97 -76.02
N PRO F 14 -25.02 -22.66 -76.60
CA PRO F 14 -24.12 -21.70 -75.95
C PRO F 14 -24.67 -20.28 -75.99
N GLY F 15 -24.56 -19.60 -74.85
CA GLY F 15 -25.11 -18.27 -74.67
C GLY F 15 -26.36 -18.21 -73.82
N VAL F 16 -26.82 -19.34 -73.28
CA VAL F 16 -28.02 -19.42 -72.47
C VAL F 16 -27.62 -19.97 -71.11
N SER F 17 -28.09 -19.34 -70.04
CA SER F 17 -27.76 -19.78 -68.69
C SER F 17 -28.49 -21.09 -68.35
N VAL F 18 -27.87 -21.88 -67.47
CA VAL F 18 -28.39 -23.19 -67.12
C VAL F 18 -28.45 -23.28 -65.59
N LYS F 19 -29.36 -24.11 -65.09
CA LYS F 19 -29.54 -24.27 -63.65
C LYS F 19 -29.69 -25.74 -63.31
N ILE F 20 -28.87 -26.22 -62.38
CA ILE F 20 -28.93 -27.60 -61.90
C ILE F 20 -29.16 -27.57 -60.39
N SER F 21 -29.59 -28.70 -59.85
CA SER F 21 -30.03 -28.78 -58.46
C SER F 21 -29.37 -29.95 -57.76
N CYS F 22 -29.45 -29.94 -56.44
CA CYS F 22 -28.90 -31.00 -55.60
C CYS F 22 -29.72 -31.08 -54.31
N LYS F 23 -30.35 -32.22 -54.07
CA LYS F 23 -31.22 -32.41 -52.92
C LYS F 23 -30.76 -33.62 -52.12
N GLY F 24 -30.48 -33.40 -50.83
CA GLY F 24 -29.86 -34.42 -50.00
C GLY F 24 -30.81 -34.97 -48.96
N SER F 25 -30.71 -36.28 -48.73
CA SER F 25 -31.49 -36.94 -47.69
C SER F 25 -30.67 -38.06 -47.09
N GLY F 26 -31.10 -38.54 -45.94
CA GLY F 26 -30.37 -39.55 -45.19
C GLY F 26 -29.46 -39.00 -44.11
N TYR F 27 -29.43 -37.69 -43.93
CA TYR F 27 -28.65 -37.07 -42.87
C TYR F 27 -29.29 -35.72 -42.55
N THR F 28 -28.87 -35.14 -41.42
CA THR F 28 -29.32 -33.80 -41.05
C THR F 28 -28.70 -32.78 -42.02
N PHE F 29 -29.56 -32.01 -42.69
CA PHE F 29 -29.10 -31.24 -43.84
C PHE F 29 -28.32 -30.01 -43.43
N THR F 30 -28.62 -29.42 -42.28
CA THR F 30 -27.77 -28.39 -41.74
C THR F 30 -26.52 -29.03 -41.13
N ASP F 31 -25.58 -28.17 -40.73
CA ASP F 31 -24.27 -28.45 -40.11
C ASP F 31 -23.29 -29.10 -41.10
N TYR F 32 -23.70 -29.40 -42.32
CA TYR F 32 -22.78 -29.75 -43.40
C TYR F 32 -22.62 -28.54 -44.32
N ALA F 33 -21.86 -28.74 -45.39
CA ALA F 33 -21.61 -27.71 -46.38
C ALA F 33 -21.47 -28.35 -47.74
N LEU F 34 -21.84 -27.60 -48.77
CA LEU F 34 -21.97 -28.14 -50.12
C LEU F 34 -20.85 -27.62 -51.01
N TYR F 35 -20.17 -28.54 -51.68
CA TYR F 35 -19.08 -28.25 -52.59
C TYR F 35 -19.54 -28.59 -54.00
N TRP F 36 -19.16 -27.78 -54.98
CA TRP F 36 -19.50 -28.03 -56.37
C TRP F 36 -18.22 -28.27 -57.16
N VAL F 37 -18.15 -29.42 -57.83
CA VAL F 37 -16.92 -29.87 -58.50
C VAL F 37 -17.25 -30.25 -59.93
N ARG F 38 -16.54 -29.67 -60.89
CA ARG F 38 -16.69 -30.03 -62.29
C ARG F 38 -15.62 -31.04 -62.70
N GLN F 39 -15.92 -31.81 -63.74
CA GLN F 39 -14.98 -32.81 -64.26
C GLN F 39 -15.08 -32.84 -65.78
N SER F 40 -13.96 -32.59 -66.45
CA SER F 40 -13.94 -32.53 -67.91
C SER F 40 -13.90 -33.95 -68.48
N HIS F 41 -13.74 -34.04 -69.80
CA HIS F 41 -13.69 -35.33 -70.48
C HIS F 41 -12.34 -36.02 -70.34
N ALA F 42 -11.32 -35.31 -69.87
CA ALA F 42 -10.00 -35.89 -69.64
C ALA F 42 -9.83 -36.41 -68.23
N LYS F 43 -10.91 -36.45 -67.44
CA LYS F 43 -10.93 -36.89 -66.03
C LYS F 43 -9.96 -36.09 -65.16
N SER F 44 -9.82 -34.80 -65.45
CA SER F 44 -9.06 -33.87 -64.63
C SER F 44 -10.05 -32.86 -64.08
N LEU F 45 -10.37 -33.00 -62.79
CA LEU F 45 -11.57 -32.39 -62.22
C LEU F 45 -11.21 -31.24 -61.29
N GLU F 46 -11.98 -30.15 -61.39
CA GLU F 46 -11.69 -28.90 -60.69
C GLU F 46 -12.87 -28.47 -59.82
N TRP F 47 -12.57 -27.52 -58.93
CA TRP F 47 -13.50 -27.07 -57.91
C TRP F 47 -14.10 -25.71 -58.28
N ILE F 48 -15.39 -25.55 -58.00
CA ILE F 48 -16.13 -24.35 -58.38
C ILE F 48 -16.44 -23.47 -57.17
N GLY F 49 -17.12 -24.01 -56.16
CA GLY F 49 -17.51 -23.17 -55.04
C GLY F 49 -18.03 -23.98 -53.88
N VAL F 50 -18.22 -23.27 -52.77
CA VAL F 50 -18.71 -23.84 -51.52
C VAL F 50 -19.81 -22.94 -50.97
N ILE F 51 -20.93 -23.54 -50.57
CA ILE F 51 -22.01 -22.81 -49.92
C ILE F 51 -22.31 -23.49 -48.59
N ASN F 52 -22.75 -22.69 -47.63
CA ASN F 52 -23.19 -23.19 -46.34
C ASN F 52 -24.71 -23.10 -46.32
N PRO F 53 -25.44 -24.22 -46.30
CA PRO F 53 -26.90 -24.15 -46.48
C PRO F 53 -27.67 -23.67 -45.27
N TYR F 54 -27.01 -23.44 -44.13
CA TYR F 54 -27.69 -22.90 -42.96
C TYR F 54 -27.72 -21.38 -42.96
N SER F 55 -26.69 -20.74 -43.51
CA SER F 55 -26.61 -19.29 -43.53
C SER F 55 -26.61 -18.71 -44.94
N GLY F 56 -26.01 -19.38 -45.90
CA GLY F 56 -25.91 -18.88 -47.26
C GLY F 56 -24.61 -18.21 -47.60
N ASN F 57 -23.60 -18.31 -46.74
CA ASN F 57 -22.29 -17.73 -47.03
C ASN F 57 -21.61 -18.54 -48.12
N THR F 58 -21.21 -17.87 -49.19
CA THR F 58 -20.61 -18.52 -50.34
C THR F 58 -19.14 -18.16 -50.46
N ASN F 59 -18.36 -19.08 -51.02
CA ASN F 59 -17.01 -18.77 -51.48
C ASN F 59 -16.83 -19.40 -52.84
N TYR F 60 -16.50 -18.58 -53.82
CA TYR F 60 -16.30 -19.01 -55.19
C TYR F 60 -14.81 -19.18 -55.47
N ASN F 61 -14.52 -19.96 -56.50
CA ASN F 61 -13.18 -19.99 -57.04
C ASN F 61 -12.95 -18.74 -57.85
N GLN F 62 -11.72 -18.22 -57.80
CA GLN F 62 -11.42 -16.96 -58.50
C GLN F 62 -11.41 -17.11 -60.00
N LYS F 63 -11.34 -18.34 -60.51
CA LYS F 63 -11.54 -18.57 -61.94
C LYS F 63 -13.00 -18.42 -62.33
N PHE F 64 -13.92 -18.75 -61.42
CA PHE F 64 -15.34 -18.88 -61.74
C PHE F 64 -16.21 -17.86 -61.02
N LYS F 65 -15.70 -16.65 -60.81
CA LYS F 65 -16.45 -15.69 -60.01
C LYS F 65 -17.57 -15.02 -60.81
N GLY F 66 -17.30 -14.66 -62.06
CA GLY F 66 -18.31 -14.00 -62.87
C GLY F 66 -19.26 -14.91 -63.60
N LYS F 67 -19.24 -16.22 -63.32
CA LYS F 67 -20.08 -17.18 -64.02
C LYS F 67 -21.12 -17.82 -63.13
N ALA F 68 -20.71 -18.45 -62.03
CA ALA F 68 -21.61 -19.29 -61.26
C ALA F 68 -22.33 -18.50 -60.18
N THR F 69 -23.57 -18.90 -59.91
CA THR F 69 -24.38 -18.32 -58.85
C THR F 69 -24.98 -19.46 -58.04
N MET F 70 -24.72 -19.44 -56.74
CA MET F 70 -25.02 -20.56 -55.85
C MET F 70 -26.03 -20.11 -54.81
N THR F 71 -27.19 -20.78 -54.77
CA THR F 71 -28.19 -20.49 -53.76
C THR F 71 -28.62 -21.79 -53.08
N VAL F 72 -29.23 -21.65 -51.91
CA VAL F 72 -29.83 -22.79 -51.22
C VAL F 72 -31.30 -22.51 -50.96
N ASP F 73 -31.97 -23.44 -50.29
CA ASP F 73 -33.38 -23.30 -49.95
C ASP F 73 -33.63 -24.18 -48.74
N LYS F 74 -33.85 -23.55 -47.58
CA LYS F 74 -34.06 -24.31 -46.35
C LYS F 74 -35.45 -24.92 -46.25
N SER F 75 -36.35 -24.65 -47.21
CA SER F 75 -37.66 -25.28 -47.20
C SER F 75 -37.57 -26.74 -47.61
N SER F 76 -37.13 -26.99 -48.85
CA SER F 76 -37.07 -28.34 -49.39
C SER F 76 -35.69 -28.97 -49.27
N SER F 77 -34.73 -28.28 -48.64
CA SER F 77 -33.35 -28.72 -48.44
C SER F 77 -32.67 -29.05 -49.78
N THR F 78 -32.57 -28.02 -50.63
CA THR F 78 -32.11 -28.21 -52.00
C THR F 78 -31.25 -27.01 -52.40
N ALA F 79 -30.09 -27.29 -52.99
CA ALA F 79 -29.20 -26.26 -53.51
C ALA F 79 -29.35 -26.12 -55.01
N TYR F 80 -29.23 -24.89 -55.49
CA TYR F 80 -29.34 -24.54 -56.90
C TYR F 80 -28.04 -23.90 -57.34
N MET F 81 -27.51 -24.36 -58.49
CA MET F 81 -26.34 -23.76 -59.11
C MET F 81 -26.71 -23.29 -60.51
N GLU F 82 -26.41 -22.04 -60.82
CA GLU F 82 -26.75 -21.44 -62.10
C GLU F 82 -25.49 -20.97 -62.79
N LEU F 83 -25.21 -21.54 -63.96
CA LEU F 83 -24.07 -21.16 -64.79
C LEU F 83 -24.51 -20.20 -65.89
N ALA F 84 -23.68 -19.20 -66.14
CA ALA F 84 -23.91 -18.24 -67.20
C ALA F 84 -22.71 -18.24 -68.14
N ARG F 85 -22.93 -17.69 -69.34
CA ARG F 85 -21.93 -17.59 -70.41
C ARG F 85 -21.35 -18.95 -70.79
N LEU F 86 -22.23 -19.88 -71.12
CA LEU F 86 -21.79 -21.22 -71.52
C LEU F 86 -21.13 -21.18 -72.89
N THR F 87 -19.95 -21.79 -72.97
CA THR F 87 -19.22 -21.95 -74.22
C THR F 87 -19.03 -23.44 -74.51
N SER F 88 -18.19 -23.73 -75.50
CA SER F 88 -17.93 -25.12 -75.86
C SER F 88 -17.02 -25.83 -74.85
N ASP F 89 -16.30 -25.07 -74.02
CA ASP F 89 -15.38 -25.66 -73.05
C ASP F 89 -16.04 -25.87 -71.68
N ASP F 90 -17.36 -26.02 -71.63
CA ASP F 90 -18.06 -26.26 -70.38
C ASP F 90 -18.88 -27.55 -70.39
N SER F 91 -18.79 -28.34 -71.45
CA SER F 91 -19.45 -29.64 -71.49
C SER F 91 -18.71 -30.59 -70.56
N ALA F 92 -19.28 -30.86 -69.39
CA ALA F 92 -18.56 -31.55 -68.34
C ALA F 92 -19.56 -32.30 -67.46
N ILE F 93 -19.05 -32.87 -66.37
CA ILE F 93 -19.87 -33.55 -65.37
C ILE F 93 -19.78 -32.76 -64.08
N TYR F 94 -20.93 -32.37 -63.54
CA TYR F 94 -21.00 -31.53 -62.35
C TYR F 94 -21.48 -32.36 -61.16
N TYR F 95 -20.69 -32.37 -60.10
CA TYR F 95 -20.98 -33.08 -58.87
C TYR F 95 -21.25 -32.07 -57.76
N CYS F 96 -22.26 -32.38 -56.96
CA CYS F 96 -22.43 -31.76 -55.65
C CYS F 96 -21.97 -32.75 -54.60
N ALA F 97 -21.26 -32.25 -53.59
CA ALA F 97 -20.71 -33.12 -52.56
C ALA F 97 -20.84 -32.45 -51.21
N SER F 98 -21.46 -33.13 -50.26
CA SER F 98 -21.72 -32.57 -48.94
C SER F 98 -20.70 -33.12 -47.96
N GLY F 99 -20.01 -32.22 -47.27
CA GLY F 99 -19.05 -32.63 -46.26
C GLY F 99 -19.29 -31.87 -44.97
N TYR F 100 -18.77 -32.43 -43.88
CA TYR F 100 -18.85 -31.72 -42.61
C TYR F 100 -17.92 -30.52 -42.67
N ASP F 101 -18.32 -29.44 -41.99
CA ASP F 101 -17.57 -28.19 -42.00
C ASP F 101 -16.50 -28.13 -40.93
N GLY F 102 -15.97 -29.28 -40.52
CA GLY F 102 -14.89 -29.36 -39.58
C GLY F 102 -13.61 -29.86 -40.23
N TYR F 103 -12.56 -29.90 -39.42
CA TYR F 103 -11.18 -29.98 -39.89
C TYR F 103 -10.71 -31.13 -40.77
N PRO F 104 -11.42 -32.26 -40.92
CA PRO F 104 -11.22 -33.03 -42.16
C PRO F 104 -11.34 -32.19 -43.41
N TYR F 105 -12.40 -31.36 -43.53
CA TYR F 105 -12.67 -30.50 -44.69
C TYR F 105 -12.65 -31.29 -45.99
N THR F 106 -13.38 -32.39 -46.01
CA THR F 106 -13.38 -33.30 -47.14
C THR F 106 -14.79 -33.39 -47.72
N MET F 107 -14.91 -34.22 -48.74
CA MET F 107 -16.20 -34.52 -49.36
C MET F 107 -16.61 -35.90 -48.83
N ASP F 108 -17.45 -35.90 -47.79
CA ASP F 108 -17.83 -37.16 -47.17
C ASP F 108 -18.79 -37.95 -48.05
N TYR F 109 -19.65 -37.28 -48.80
CA TYR F 109 -20.62 -37.96 -49.64
C TYR F 109 -20.66 -37.27 -51.00
N TRP F 110 -20.94 -38.07 -52.03
CA TRP F 110 -20.89 -37.60 -53.41
C TRP F 110 -22.20 -37.92 -54.12
N GLY F 111 -22.54 -37.08 -55.10
CA GLY F 111 -23.75 -37.27 -55.86
C GLY F 111 -23.52 -38.11 -57.09
N PRO F 112 -24.58 -38.33 -57.88
CA PRO F 112 -24.40 -39.08 -59.13
C PRO F 112 -23.67 -38.31 -60.20
N GLY F 113 -23.96 -37.03 -60.37
CA GLY F 113 -23.29 -36.22 -61.37
C GLY F 113 -24.15 -35.92 -62.58
N ALA F 114 -24.33 -34.64 -62.89
CA ALA F 114 -25.10 -34.23 -64.05
C ALA F 114 -24.17 -33.96 -65.23
N SER F 115 -24.70 -34.16 -66.43
CA SER F 115 -23.91 -34.03 -67.66
C SER F 115 -24.40 -32.84 -68.46
N VAL F 116 -23.53 -31.84 -68.62
CA VAL F 116 -23.85 -30.65 -69.41
C VAL F 116 -23.09 -30.74 -70.72
N THR F 117 -23.82 -30.82 -71.83
CA THR F 117 -23.23 -30.91 -73.16
C THR F 117 -23.66 -29.67 -73.94
N VAL F 118 -22.70 -28.82 -74.27
CA VAL F 118 -22.98 -27.58 -74.98
C VAL F 118 -22.31 -27.57 -76.35
N GLN G 1 -2.11 -21.07 -56.71
CA GLN G 1 -1.02 -20.85 -55.76
C GLN G 1 -0.22 -22.14 -55.54
N ILE G 2 -0.93 -23.26 -55.38
CA ILE G 2 -0.31 -24.58 -55.29
C ILE G 2 -0.94 -25.48 -56.34
N VAL G 3 -0.12 -26.03 -57.22
CA VAL G 3 -0.56 -26.96 -58.26
C VAL G 3 0.06 -28.31 -57.98
N LEU G 4 -0.77 -29.33 -57.83
CA LEU G 4 -0.31 -30.67 -57.54
C LEU G 4 -0.02 -31.43 -58.83
N THR G 5 0.91 -32.38 -58.74
CA THR G 5 1.30 -33.18 -59.90
C THR G 5 1.57 -34.60 -59.43
N GLN G 6 0.92 -35.58 -60.04
CA GLN G 6 1.08 -36.96 -59.65
C GLN G 6 2.06 -37.69 -60.56
N SER G 7 2.64 -38.75 -60.02
CA SER G 7 3.56 -39.60 -60.75
C SER G 7 3.43 -41.04 -60.28
N PRO G 8 3.27 -42.00 -61.21
CA PRO G 8 3.18 -41.79 -62.65
C PRO G 8 1.75 -41.56 -63.12
N ALA G 9 1.57 -41.28 -64.40
CA ALA G 9 0.22 -41.06 -64.94
C ALA G 9 -0.54 -42.36 -65.08
N ILE G 10 0.02 -43.33 -65.81
CA ILE G 10 -0.58 -44.64 -66.01
C ILE G 10 0.42 -45.68 -65.51
N MET G 11 -0.03 -46.58 -64.65
CA MET G 11 0.82 -47.67 -64.17
C MET G 11 -0.03 -48.90 -63.93
N SER G 12 0.63 -50.01 -63.66
CA SER G 12 -0.03 -51.30 -63.49
C SER G 12 0.85 -52.20 -62.65
N ALA G 13 0.21 -53.20 -62.03
CA ALA G 13 0.93 -54.13 -61.18
C ALA G 13 0.18 -55.46 -61.12
N SER G 14 0.90 -56.50 -60.74
CA SER G 14 0.39 -57.85 -60.56
C SER G 14 -0.17 -58.01 -59.15
N PRO G 15 -1.13 -58.91 -58.94
CA PRO G 15 -1.66 -59.15 -57.59
C PRO G 15 -0.62 -59.74 -56.66
N GLY G 16 -0.27 -58.98 -55.62
CA GLY G 16 0.80 -59.36 -54.72
C GLY G 16 2.08 -58.60 -54.97
N GLU G 17 1.97 -57.28 -55.18
CA GLU G 17 3.13 -56.46 -55.50
C GLU G 17 3.00 -55.10 -54.83
N LYS G 18 4.13 -54.56 -54.38
CA LYS G 18 4.15 -53.26 -53.73
C LYS G 18 3.98 -52.15 -54.76
N VAL G 19 3.06 -51.22 -54.49
CA VAL G 19 2.70 -50.15 -55.42
C VAL G 19 2.93 -48.82 -54.70
N THR G 20 3.65 -47.90 -55.35
CA THR G 20 3.94 -46.60 -54.78
C THR G 20 3.54 -45.51 -55.78
N MET G 21 2.72 -44.56 -55.32
CA MET G 21 2.32 -43.40 -56.10
C MET G 21 2.76 -42.14 -55.38
N THR G 22 3.15 -41.12 -56.13
CA THR G 22 3.62 -39.89 -55.53
C THR G 22 2.77 -38.70 -56.00
N CYS G 23 2.56 -37.76 -55.08
CA CYS G 23 1.90 -36.50 -55.35
C CYS G 23 2.82 -35.39 -54.86
N SER G 24 3.14 -34.47 -55.76
CA SER G 24 4.08 -33.39 -55.47
C SER G 24 3.37 -32.05 -55.57
N ALA G 25 3.95 -31.06 -54.88
CA ALA G 25 3.36 -29.74 -54.78
C ALA G 25 4.37 -28.69 -55.19
N SER G 26 3.88 -27.47 -55.42
CA SER G 26 4.78 -26.37 -55.75
C SER G 26 5.47 -25.83 -54.51
N SER G 27 4.72 -25.61 -53.44
CA SER G 27 5.28 -25.17 -52.16
C SER G 27 4.91 -26.19 -51.09
N SER G 28 5.22 -25.85 -49.84
CA SER G 28 5.11 -26.80 -48.74
C SER G 28 3.71 -26.82 -48.16
N MET G 29 3.33 -27.99 -47.62
CA MET G 29 2.10 -28.17 -46.89
C MET G 29 2.30 -29.31 -45.91
N THR G 30 1.26 -29.61 -45.12
CA THR G 30 1.37 -30.66 -44.13
C THR G 30 0.27 -31.70 -44.21
N TYR G 31 -0.92 -31.33 -44.68
CA TYR G 31 -2.05 -32.24 -44.70
C TYR G 31 -2.68 -32.30 -46.08
N MET G 32 -2.93 -33.51 -46.58
CA MET G 32 -3.39 -33.70 -47.95
C MET G 32 -4.23 -34.96 -48.03
N HIS G 33 -5.28 -34.92 -48.84
CA HIS G 33 -6.29 -35.98 -48.87
C HIS G 33 -6.22 -36.74 -50.18
N TRP G 34 -6.79 -37.95 -50.18
CA TRP G 34 -6.77 -38.87 -51.31
C TRP G 34 -8.16 -39.42 -51.57
N TYR G 35 -8.60 -39.33 -52.82
CA TYR G 35 -9.91 -39.81 -53.26
C TYR G 35 -9.77 -40.89 -54.31
N GLN G 36 -10.70 -41.85 -54.29
CA GLN G 36 -10.75 -42.94 -55.26
C GLN G 36 -12.01 -42.86 -56.09
N GLN G 37 -11.86 -42.88 -57.41
CA GLN G 37 -12.98 -42.96 -58.34
C GLN G 37 -12.84 -44.22 -59.19
N LYS G 38 -13.91 -45.01 -59.25
CA LYS G 38 -13.92 -46.17 -60.13
C LYS G 38 -14.42 -45.73 -61.52
N SER G 39 -14.69 -46.69 -62.39
CA SER G 39 -15.18 -46.38 -63.72
C SER G 39 -16.69 -46.22 -63.70
N GLY G 40 -17.18 -45.10 -64.22
CA GLY G 40 -18.61 -44.84 -64.35
C GLY G 40 -19.27 -44.17 -63.17
N THR G 41 -18.88 -44.55 -61.95
CA THR G 41 -19.51 -44.05 -60.75
C THR G 41 -18.78 -42.82 -60.22
N SER G 42 -19.16 -42.39 -59.01
CA SER G 42 -18.79 -41.25 -58.19
C SER G 42 -17.60 -41.57 -57.31
N PRO G 43 -16.78 -40.57 -56.98
CA PRO G 43 -15.64 -40.82 -56.08
C PRO G 43 -16.08 -41.09 -54.66
N LYS G 44 -15.12 -41.51 -53.84
CA LYS G 44 -15.32 -41.76 -52.43
C LYS G 44 -14.15 -41.18 -51.63
N ARG G 45 -14.43 -40.78 -50.40
CA ARG G 45 -13.35 -40.35 -49.52
C ARG G 45 -12.55 -41.57 -49.09
N TRP G 46 -11.24 -41.52 -49.29
CA TRP G 46 -10.43 -42.71 -49.15
C TRP G 46 -9.34 -42.57 -48.11
N ILE G 47 -8.57 -41.48 -48.15
CA ILE G 47 -7.53 -41.20 -47.14
C ILE G 47 -7.61 -39.72 -46.78
N TYR G 48 -7.62 -39.41 -45.49
CA TYR G 48 -7.64 -38.04 -45.02
C TYR G 48 -6.52 -37.82 -44.02
N ASP G 49 -6.08 -36.55 -43.91
CA ASP G 49 -4.98 -36.12 -43.03
C ASP G 49 -3.68 -36.88 -43.27
N THR G 50 -3.46 -37.27 -44.54
CA THR G 50 -2.21 -37.77 -45.14
C THR G 50 -1.85 -39.19 -44.68
N SER G 51 -2.48 -39.68 -43.61
CA SER G 51 -2.14 -40.99 -43.10
C SER G 51 -3.33 -41.83 -42.67
N GLN G 52 -4.49 -41.24 -42.44
CA GLN G 52 -5.61 -41.96 -41.85
C GLN G 52 -6.47 -42.59 -42.93
N LEU G 53 -7.28 -43.56 -42.52
CA LEU G 53 -8.15 -44.30 -43.41
C LEU G 53 -9.60 -44.01 -43.07
N ALA G 54 -10.48 -44.13 -44.06
CA ALA G 54 -11.90 -43.91 -43.89
C ALA G 54 -12.56 -45.14 -43.27
N SER G 55 -13.88 -45.18 -43.29
CA SER G 55 -14.61 -46.25 -42.62
C SER G 55 -14.52 -47.57 -43.39
N GLY G 56 -15.03 -47.59 -44.61
CA GLY G 56 -15.07 -48.82 -45.38
C GLY G 56 -13.85 -49.05 -46.25
N VAL G 57 -12.66 -48.95 -45.67
CA VAL G 57 -11.41 -49.08 -46.39
C VAL G 57 -10.62 -50.22 -45.74
N PRO G 58 -10.11 -51.18 -46.51
CA PRO G 58 -9.25 -52.21 -45.92
C PRO G 58 -7.92 -51.62 -45.49
N ALA G 59 -7.33 -52.24 -44.46
CA ALA G 59 -6.18 -51.68 -43.76
C ALA G 59 -4.84 -52.05 -44.40
N ARG G 60 -4.83 -52.34 -45.69
CA ARG G 60 -3.59 -52.66 -46.38
C ARG G 60 -2.86 -51.41 -46.86
N PHE G 61 -3.57 -50.31 -47.09
CA PHE G 61 -2.95 -49.15 -47.71
C PHE G 61 -2.20 -48.34 -46.67
N ARG G 62 -1.33 -47.46 -47.14
CA ARG G 62 -0.58 -46.59 -46.24
C ARG G 62 -0.18 -45.32 -46.97
N GLY G 63 -0.59 -44.18 -46.44
CA GLY G 63 -0.22 -42.88 -46.99
C GLY G 63 0.80 -42.22 -46.08
N SER G 64 1.79 -41.57 -46.68
CA SER G 64 2.83 -40.93 -45.89
C SER G 64 3.49 -39.85 -46.73
N GLY G 65 4.02 -38.84 -46.06
CA GLY G 65 4.74 -37.80 -46.74
C GLY G 65 4.76 -36.53 -45.93
N SER G 66 5.54 -35.56 -46.44
CA SER G 66 5.71 -34.28 -45.77
C SER G 66 6.31 -33.30 -46.76
N GLY G 67 6.35 -32.03 -46.34
CA GLY G 67 6.96 -30.98 -47.12
C GLY G 67 6.25 -30.72 -48.42
N THR G 68 6.86 -31.16 -49.52
CA THR G 68 6.26 -31.05 -50.85
C THR G 68 6.17 -32.41 -51.53
N SER G 69 6.34 -33.51 -50.79
CA SER G 69 6.32 -34.84 -51.39
C SER G 69 5.45 -35.76 -50.56
N PHE G 70 4.48 -36.40 -51.21
CA PHE G 70 3.60 -37.33 -50.51
C PHE G 70 3.46 -38.58 -51.36
N SER G 71 2.99 -39.66 -50.73
CA SER G 71 2.98 -40.95 -51.40
C SER G 71 1.89 -41.83 -50.80
N LEU G 72 1.32 -42.66 -51.68
CA LEU G 72 0.40 -43.72 -51.28
C LEU G 72 1.04 -45.05 -51.62
N THR G 73 0.83 -46.06 -50.76
CA THR G 73 1.52 -47.32 -50.87
C THR G 73 0.54 -48.47 -50.65
N ILE G 74 0.56 -49.41 -51.58
CA ILE G 74 -0.23 -50.64 -51.52
C ILE G 74 0.74 -51.79 -51.26
N SER G 75 0.53 -52.50 -50.16
CA SER G 75 1.38 -53.65 -49.85
C SER G 75 0.92 -54.88 -50.64
N SER G 76 -0.32 -55.28 -50.45
CA SER G 76 -0.89 -56.43 -51.16
C SER G 76 -1.87 -55.91 -52.21
N MET G 77 -1.56 -56.16 -53.48
CA MET G 77 -2.40 -55.71 -54.57
C MET G 77 -3.69 -56.51 -54.61
N GLU G 78 -4.80 -55.81 -54.85
CA GLU G 78 -6.14 -56.39 -54.84
C GLU G 78 -6.64 -56.56 -56.27
N ALA G 79 -7.56 -57.51 -56.46
CA ALA G 79 -8.13 -57.73 -57.79
C ALA G 79 -9.04 -56.58 -58.20
N GLU G 80 -9.84 -56.05 -57.28
CA GLU G 80 -10.77 -54.96 -57.57
C GLU G 80 -10.18 -53.59 -57.29
N ASP G 81 -8.86 -53.46 -57.32
CA ASP G 81 -8.18 -52.21 -57.00
C ASP G 81 -7.85 -51.40 -58.27
N ALA G 82 -8.60 -51.60 -59.34
CA ALA G 82 -8.42 -50.84 -60.57
C ALA G 82 -9.29 -49.60 -60.49
N ALA G 83 -8.68 -48.44 -60.31
CA ALA G 83 -9.42 -47.20 -60.10
C ALA G 83 -8.54 -46.02 -60.48
N THR G 84 -8.96 -44.83 -60.10
CA THR G 84 -8.22 -43.60 -60.37
C THR G 84 -8.11 -42.84 -59.05
N TYR G 85 -6.89 -42.45 -58.71
CA TYR G 85 -6.61 -41.84 -57.41
C TYR G 85 -6.23 -40.39 -57.60
N TYR G 86 -6.87 -39.52 -56.82
CA TYR G 86 -6.66 -38.09 -56.85
C TYR G 86 -6.15 -37.62 -55.50
N CYS G 87 -5.24 -36.65 -55.51
CA CYS G 87 -4.71 -36.05 -54.31
C CYS G 87 -5.12 -34.58 -54.28
N GLN G 88 -5.46 -34.08 -53.09
CA GLN G 88 -5.97 -32.72 -53.04
C GLN G 88 -5.66 -32.04 -51.71
N GLN G 89 -5.45 -30.73 -51.81
CA GLN G 89 -5.12 -29.88 -50.68
C GLN G 89 -6.11 -28.73 -50.61
N TRP G 90 -6.48 -28.38 -49.39
CA TRP G 90 -7.34 -27.24 -49.10
C TRP G 90 -6.56 -26.14 -48.37
N SER G 91 -5.29 -26.40 -48.06
CA SER G 91 -4.45 -25.52 -47.27
C SER G 91 -4.08 -24.22 -47.99
N SER G 92 -4.29 -24.14 -49.30
CA SER G 92 -4.04 -22.91 -50.03
C SER G 92 -5.24 -22.60 -50.90
N ASN G 93 -5.67 -21.34 -50.86
CA ASN G 93 -6.78 -20.89 -51.69
C ASN G 93 -6.27 -20.78 -53.12
N PRO G 94 -6.89 -21.45 -54.11
CA PRO G 94 -8.09 -22.31 -54.09
C PRO G 94 -7.86 -23.82 -54.03
N LEU G 95 -8.97 -24.53 -53.90
CA LEU G 95 -8.97 -25.99 -53.79
C LEU G 95 -8.56 -26.61 -55.12
N THR G 96 -7.32 -27.08 -55.19
CA THR G 96 -6.80 -27.71 -56.40
C THR G 96 -6.71 -29.22 -56.17
N PHE G 97 -7.16 -29.99 -57.16
CA PHE G 97 -7.08 -31.43 -57.08
C PHE G 97 -5.80 -31.89 -57.76
N GLY G 98 -5.68 -33.20 -58.01
CA GLY G 98 -4.55 -33.75 -58.71
C GLY G 98 -4.88 -34.10 -60.14
N GLY G 99 -3.84 -34.52 -60.87
CA GLY G 99 -4.04 -34.95 -62.24
C GLY G 99 -4.71 -36.30 -62.34
N GLY G 100 -4.43 -37.19 -61.39
CA GLY G 100 -5.06 -38.49 -61.37
C GLY G 100 -4.15 -39.61 -61.82
N THR G 101 -4.07 -40.68 -61.04
CA THR G 101 -3.30 -41.86 -61.40
C THR G 101 -4.26 -43.02 -61.60
N LYS G 102 -4.25 -43.59 -62.80
CA LYS G 102 -5.13 -44.70 -63.13
C LYS G 102 -4.37 -46.01 -62.93
N LEU G 103 -4.79 -46.79 -61.95
CA LEU G 103 -4.18 -48.07 -61.63
C LEU G 103 -5.08 -49.18 -62.13
N GLU G 104 -4.58 -49.95 -63.09
CA GLU G 104 -5.30 -51.06 -63.71
C GLU G 104 -4.46 -52.33 -63.65
N LEU G 105 -5.09 -53.45 -63.97
CA LEU G 105 -4.43 -54.75 -63.89
C LEU G 105 -3.51 -54.99 -65.08
N VAL H 2 38.47 14.50 -54.58
CA VAL H 2 38.67 13.17 -54.04
C VAL H 2 39.63 12.38 -54.91
N GLN H 3 40.83 12.12 -54.40
CA GLN H 3 41.84 11.38 -55.13
C GLN H 3 42.54 10.41 -54.21
N LEU H 4 43.04 9.33 -54.81
CA LEU H 4 43.87 8.33 -54.15
C LEU H 4 45.11 8.11 -54.99
N GLN H 5 46.28 8.16 -54.37
CA GLN H 5 47.55 7.98 -55.05
C GLN H 5 48.26 6.77 -54.47
N GLN H 6 48.89 5.99 -55.33
CA GLN H 6 49.65 4.82 -54.90
C GLN H 6 51.10 4.97 -55.36
N SER H 7 51.86 3.88 -55.16
CA SER H 7 53.21 3.79 -55.68
C SER H 7 53.16 3.35 -57.14
N GLY H 8 54.33 3.22 -57.75
CA GLY H 8 54.42 2.76 -59.12
C GLY H 8 54.61 1.28 -59.21
N PRO H 9 54.77 0.76 -60.44
CA PRO H 9 55.04 -0.66 -60.60
C PRO H 9 56.46 -1.01 -60.16
N GLU H 10 56.60 -2.16 -59.50
CA GLU H 10 57.87 -2.57 -58.91
C GLU H 10 58.19 -4.01 -59.27
N LEU H 11 59.48 -4.28 -59.48
CA LEU H 11 60.00 -5.62 -59.75
C LEU H 11 60.69 -6.12 -58.50
N VAL H 12 60.23 -7.26 -57.98
CA VAL H 12 60.76 -7.84 -56.76
C VAL H 12 61.16 -9.28 -57.03
N ARG H 13 62.42 -9.60 -56.80
CA ARG H 13 62.88 -10.99 -56.87
C ARG H 13 62.29 -11.78 -55.69
N PRO H 14 61.99 -13.07 -55.89
CA PRO H 14 61.26 -13.82 -54.86
C PRO H 14 62.11 -14.08 -53.63
N GLY H 15 61.45 -14.07 -52.47
CA GLY H 15 62.11 -14.12 -51.19
C GLY H 15 62.35 -12.76 -50.56
N VAL H 16 61.94 -11.68 -51.22
CA VAL H 16 62.18 -10.32 -50.77
C VAL H 16 60.84 -9.66 -50.49
N SER H 17 60.74 -8.97 -49.35
CA SER H 17 59.51 -8.28 -48.98
C SER H 17 59.33 -7.03 -49.83
N VAL H 18 58.09 -6.53 -49.86
CA VAL H 18 57.73 -5.36 -50.65
C VAL H 18 56.80 -4.50 -49.81
N LYS H 19 56.90 -3.17 -49.99
CA LYS H 19 56.04 -2.23 -49.30
C LYS H 19 55.43 -1.27 -50.31
N ILE H 20 54.10 -1.18 -50.31
CA ILE H 20 53.36 -0.28 -51.18
C ILE H 20 52.54 0.67 -50.32
N SER H 21 52.21 1.83 -50.89
CA SER H 21 51.60 2.91 -50.14
C SER H 21 50.30 3.35 -50.79
N CYS H 22 49.51 4.08 -50.01
CA CYS H 22 48.25 4.65 -50.51
C CYS H 22 47.95 5.92 -49.74
N LYS H 23 47.91 7.05 -50.43
CA LYS H 23 47.65 8.36 -49.82
C LYS H 23 46.37 8.94 -50.38
N GLY H 24 45.47 9.37 -49.51
CA GLY H 24 44.17 9.88 -49.89
C GLY H 24 44.03 11.36 -49.65
N SER H 25 43.29 12.03 -50.53
CA SER H 25 43.03 13.46 -50.38
C SER H 25 41.64 13.76 -50.92
N GLY H 26 41.15 14.96 -50.62
CA GLY H 26 39.86 15.40 -51.09
C GLY H 26 38.71 15.06 -50.18
N TYR H 27 38.97 14.41 -49.05
CA TYR H 27 37.94 14.06 -48.09
C TYR H 27 38.62 13.86 -46.74
N THR H 28 37.80 13.77 -45.69
CA THR H 28 38.33 13.51 -44.36
C THR H 28 38.85 12.08 -44.27
N PHE H 29 40.12 11.94 -43.89
CA PHE H 29 40.77 10.63 -44.00
C PHE H 29 40.38 9.71 -42.87
N THR H 30 39.98 10.27 -41.72
CA THR H 30 39.29 9.48 -40.72
C THR H 30 37.86 9.23 -41.19
N ASP H 31 37.20 8.28 -40.50
CA ASP H 31 35.82 7.82 -40.67
C ASP H 31 35.61 7.02 -41.97
N TYR H 32 36.64 6.86 -42.80
CA TYR H 32 36.60 5.93 -43.92
C TYR H 32 37.64 4.84 -43.68
N ALA H 33 37.23 3.58 -43.83
CA ALA H 33 38.17 2.48 -43.71
C ALA H 33 38.83 2.21 -45.07
N LEU H 34 39.99 1.56 -45.01
CA LEU H 34 40.78 1.24 -46.18
C LEU H 34 40.80 -0.28 -46.40
N TYR H 35 40.59 -0.68 -47.64
CA TYR H 35 40.55 -2.08 -48.04
C TYR H 35 41.68 -2.32 -49.02
N TRP H 36 42.33 -3.47 -48.92
CA TRP H 36 43.35 -3.85 -49.89
C TRP H 36 42.85 -5.04 -50.70
N VAL H 37 42.72 -4.86 -52.00
CA VAL H 37 42.08 -5.83 -52.89
C VAL H 37 43.05 -6.16 -54.02
N ARG H 38 43.36 -7.44 -54.20
CA ARG H 38 44.27 -7.87 -55.25
C ARG H 38 43.51 -8.52 -56.39
N GLN H 39 43.96 -8.26 -57.62
CA GLN H 39 43.36 -8.79 -58.82
C GLN H 39 44.42 -9.52 -59.62
N SER H 40 44.20 -10.80 -59.89
CA SER H 40 45.16 -11.62 -60.61
C SER H 40 44.98 -11.43 -62.12
N HIS H 41 45.64 -12.28 -62.90
CA HIS H 41 45.52 -12.22 -64.35
C HIS H 41 44.34 -13.01 -64.87
N ALA H 42 43.62 -13.73 -64.00
CA ALA H 42 42.42 -14.46 -64.39
C ALA H 42 41.14 -13.67 -64.13
N LYS H 43 41.27 -12.37 -63.84
CA LYS H 43 40.16 -11.45 -63.53
C LYS H 43 39.32 -11.91 -62.34
N SER H 44 39.91 -12.66 -61.42
CA SER H 44 39.21 -13.21 -60.26
C SER H 44 39.85 -12.57 -59.03
N LEU H 45 39.30 -11.43 -58.62
CA LEU H 45 39.96 -10.58 -57.65
C LEU H 45 39.59 -10.97 -56.23
N GLU H 46 40.58 -10.91 -55.33
CA GLU H 46 40.46 -11.40 -53.97
C GLU H 46 40.69 -10.27 -52.98
N TRP H 47 40.44 -10.57 -51.71
CA TRP H 47 40.49 -9.59 -50.64
C TRP H 47 41.60 -9.93 -49.65
N ILE H 48 42.27 -8.90 -49.14
CA ILE H 48 43.42 -9.07 -48.26
C ILE H 48 43.11 -8.58 -46.84
N GLY H 49 42.71 -7.33 -46.69
CA GLY H 49 42.54 -6.82 -45.36
C GLY H 49 41.88 -5.46 -45.33
N VAL H 50 41.43 -5.10 -44.13
CA VAL H 50 40.78 -3.83 -43.82
C VAL H 50 41.51 -3.18 -42.65
N ILE H 51 41.87 -1.90 -42.83
CA ILE H 51 42.46 -1.13 -41.73
C ILE H 51 41.58 0.09 -41.48
N ASN H 52 41.49 0.48 -40.23
CA ASN H 52 40.74 1.66 -39.82
C ASN H 52 41.74 2.72 -39.39
N PRO H 53 41.91 3.80 -40.14
CA PRO H 53 43.02 4.73 -39.89
C PRO H 53 42.84 5.61 -38.67
N TYR H 54 41.69 5.59 -38.02
CA TYR H 54 41.53 6.35 -36.78
C TYR H 54 42.13 5.61 -35.59
N SER H 55 42.16 4.27 -35.64
CA SER H 55 42.63 3.47 -34.53
C SER H 55 43.63 2.40 -34.89
N GLY H 56 43.69 1.95 -36.14
CA GLY H 56 44.58 0.89 -36.51
C GLY H 56 44.05 -0.50 -36.28
N ASN H 57 42.73 -0.65 -36.12
CA ASN H 57 42.13 -1.96 -35.91
C ASN H 57 42.13 -2.72 -37.23
N THR H 58 43.08 -3.64 -37.38
CA THR H 58 43.23 -4.41 -38.61
C THR H 58 42.46 -5.71 -38.50
N ASN H 59 41.99 -6.19 -39.66
CA ASN H 59 41.32 -7.49 -39.75
C ASN H 59 41.76 -8.13 -41.06
N TYR H 60 42.61 -9.14 -40.96
CA TYR H 60 43.17 -9.79 -42.14
C TYR H 60 42.26 -10.90 -42.63
N ASN H 61 42.48 -11.30 -43.87
CA ASN H 61 41.87 -12.51 -44.39
C ASN H 61 42.65 -13.71 -43.88
N GLN H 62 41.92 -14.79 -43.60
CA GLN H 62 42.54 -16.00 -43.04
C GLN H 62 43.49 -16.69 -44.01
N LYS H 63 43.31 -16.44 -45.31
CA LYS H 63 44.26 -16.95 -46.30
C LYS H 63 45.58 -16.20 -46.24
N PHE H 64 45.53 -14.91 -45.90
CA PHE H 64 46.68 -14.02 -45.99
C PHE H 64 47.08 -13.46 -44.64
N LYS H 65 46.98 -14.28 -43.59
CA LYS H 65 47.21 -13.75 -42.24
C LYS H 65 48.69 -13.57 -41.94
N GLY H 66 49.53 -14.53 -42.32
CA GLY H 66 50.93 -14.46 -41.99
C GLY H 66 51.81 -13.91 -43.09
N LYS H 67 51.25 -13.09 -43.97
CA LYS H 67 52.02 -12.55 -45.08
C LYS H 67 51.92 -11.03 -45.18
N ALA H 68 50.81 -10.46 -44.71
CA ALA H 68 50.54 -9.05 -44.89
C ALA H 68 50.70 -8.28 -43.58
N THR H 69 51.19 -7.06 -43.71
CA THR H 69 51.30 -6.14 -42.56
C THR H 69 50.76 -4.79 -42.99
N MET H 70 49.77 -4.30 -42.27
CA MET H 70 49.02 -3.10 -42.64
C MET H 70 49.20 -2.04 -41.56
N THR H 71 49.78 -0.89 -41.93
CA THR H 71 50.01 0.19 -40.99
C THR H 71 49.46 1.49 -41.57
N VAL H 72 49.31 2.49 -40.69
CA VAL H 72 48.87 3.81 -41.12
C VAL H 72 49.89 4.86 -40.75
N ASP H 73 49.61 6.11 -41.12
CA ASP H 73 50.42 7.26 -40.72
C ASP H 73 49.45 8.44 -40.66
N LYS H 74 48.98 8.75 -39.45
CA LYS H 74 47.92 9.74 -39.26
C LYS H 74 48.39 11.17 -39.49
N SER H 75 49.69 11.43 -39.46
CA SER H 75 50.18 12.79 -39.66
C SER H 75 50.05 13.19 -41.13
N SER H 76 50.40 12.30 -42.05
CA SER H 76 50.43 12.61 -43.47
C SER H 76 49.28 11.97 -44.25
N SER H 77 48.39 11.23 -43.57
CA SER H 77 47.23 10.53 -44.15
C SER H 77 47.67 9.55 -45.25
N THR H 78 48.44 8.54 -44.84
CA THR H 78 49.03 7.59 -45.77
C THR H 78 49.08 6.23 -45.10
N ALA H 79 48.62 5.20 -45.82
CA ALA H 79 48.68 3.83 -45.32
C ALA H 79 49.74 3.04 -46.07
N TYR H 80 50.34 2.10 -45.36
CA TYR H 80 51.40 1.24 -45.88
C TYR H 80 50.97 -0.21 -45.78
N MET H 81 51.35 -1.00 -46.78
CA MET H 81 51.11 -2.43 -46.80
C MET H 81 52.39 -3.15 -47.21
N GLU H 82 52.82 -4.10 -46.39
CA GLU H 82 54.01 -4.88 -46.65
C GLU H 82 53.63 -6.34 -46.86
N LEU H 83 54.13 -6.93 -47.94
CA LEU H 83 54.02 -8.36 -48.19
C LEU H 83 55.38 -9.02 -48.08
N ALA H 84 55.42 -10.17 -47.42
CA ALA H 84 56.64 -10.93 -47.23
C ALA H 84 56.45 -12.34 -47.77
N ARG H 85 57.59 -12.99 -48.06
CA ARG H 85 57.68 -14.33 -48.65
C ARG H 85 56.89 -14.42 -49.95
N LEU H 86 57.28 -13.58 -50.91
CA LEU H 86 56.59 -13.52 -52.19
C LEU H 86 56.92 -14.74 -53.04
N THR H 87 55.89 -15.35 -53.61
CA THR H 87 56.02 -16.49 -54.50
C THR H 87 55.60 -16.08 -55.91
N SER H 88 55.52 -17.07 -56.80
CA SER H 88 55.17 -16.79 -58.19
C SER H 88 53.69 -16.44 -58.38
N ASP H 89 52.85 -16.70 -57.37
CA ASP H 89 51.42 -16.42 -57.46
C ASP H 89 51.05 -15.05 -56.92
N ASP H 90 51.98 -14.09 -56.94
CA ASP H 90 51.71 -12.76 -56.43
C ASP H 90 51.91 -11.66 -57.45
N SER H 91 52.21 -11.99 -58.70
CA SER H 91 52.31 -10.99 -59.76
C SER H 91 50.90 -10.55 -60.12
N ALA H 92 50.44 -9.46 -59.53
CA ALA H 92 49.04 -9.08 -59.62
C ALA H 92 48.92 -7.56 -59.61
N ILE H 93 47.68 -7.08 -59.56
CA ILE H 93 47.38 -5.66 -59.45
C ILE H 93 46.80 -5.43 -58.07
N TYR H 94 47.36 -4.47 -57.34
CA TYR H 94 46.97 -4.20 -55.96
C TYR H 94 46.23 -2.87 -55.90
N TYR H 95 45.02 -2.89 -55.33
CA TYR H 95 44.18 -1.71 -55.20
C TYR H 95 44.00 -1.39 -53.73
N CYS H 96 44.07 -0.10 -53.42
CA CYS H 96 43.61 0.43 -52.14
C CYS H 96 42.28 1.11 -52.38
N ALA H 97 41.31 0.87 -51.51
CA ALA H 97 39.96 1.37 -51.72
C ALA H 97 39.41 1.89 -50.41
N SER H 98 39.05 3.16 -50.37
CA SER H 98 38.49 3.76 -49.17
C SER H 98 36.97 3.79 -49.26
N GLY H 99 36.32 3.44 -48.16
CA GLY H 99 34.87 3.45 -48.12
C GLY H 99 34.39 3.73 -46.73
N TYR H 100 33.20 4.33 -46.62
CA TYR H 100 32.61 4.64 -45.34
C TYR H 100 32.27 3.35 -44.61
N ASP H 101 32.48 3.33 -43.30
CA ASP H 101 32.33 2.10 -42.52
C ASP H 101 30.92 1.89 -41.99
N GLY H 102 29.93 2.44 -42.67
CA GLY H 102 28.54 2.20 -42.33
C GLY H 102 27.97 1.03 -43.09
N TYR H 103 26.67 0.82 -42.90
CA TYR H 103 25.99 -0.38 -43.38
C TYR H 103 25.91 -0.70 -44.87
N PRO H 104 26.14 0.20 -45.82
CA PRO H 104 26.49 -0.30 -47.15
C PRO H 104 27.71 -1.21 -47.14
N TYR H 105 28.77 -0.82 -46.42
CA TYR H 105 30.05 -1.53 -46.34
C TYR H 105 30.64 -1.82 -47.71
N THR H 106 30.65 -0.79 -48.55
CA THR H 106 31.07 -0.90 -49.94
C THR H 106 32.24 0.03 -50.21
N MET H 107 33.04 -0.34 -51.21
CA MET H 107 34.18 0.46 -51.63
C MET H 107 33.67 1.69 -52.37
N ASP H 108 33.61 2.82 -51.67
CA ASP H 108 33.09 4.04 -52.28
C ASP H 108 34.06 4.63 -53.30
N TYR H 109 35.37 4.55 -53.05
CA TYR H 109 36.36 5.15 -53.92
C TYR H 109 37.50 4.17 -54.14
N TRP H 110 38.12 4.24 -55.31
CA TRP H 110 39.13 3.27 -55.73
C TRP H 110 40.38 3.98 -56.20
N GLY H 111 41.52 3.31 -56.03
CA GLY H 111 42.79 3.85 -56.44
C GLY H 111 43.13 3.47 -57.86
N PRO H 112 44.28 3.93 -58.35
CA PRO H 112 44.67 3.58 -59.73
C PRO H 112 45.08 2.13 -59.88
N GLY H 113 45.82 1.60 -58.91
CA GLY H 113 46.22 0.20 -58.94
C GLY H 113 47.69 -0.01 -59.24
N ALA H 114 48.47 -0.39 -58.22
CA ALA H 114 49.86 -0.70 -58.44
C ALA H 114 49.99 -2.08 -59.09
N SER H 115 51.13 -2.33 -59.70
CA SER H 115 51.40 -3.59 -60.38
C SER H 115 52.65 -4.22 -59.78
N VAL H 116 52.53 -5.46 -59.31
CA VAL H 116 53.63 -6.16 -58.66
C VAL H 116 53.96 -7.40 -59.47
N THR H 117 55.21 -7.50 -59.93
CA THR H 117 55.68 -8.62 -60.74
C THR H 117 56.80 -9.32 -59.97
N VAL H 118 56.61 -10.60 -59.70
CA VAL H 118 57.62 -11.37 -58.96
C VAL H 118 58.58 -12.04 -59.93
N GLN I 1 33.31 -17.84 -46.33
CA GLN I 1 32.74 -19.18 -46.33
C GLN I 1 31.82 -19.37 -47.53
N ILE I 2 31.06 -18.33 -47.86
CA ILE I 2 30.16 -18.38 -49.01
C ILE I 2 30.95 -18.17 -50.27
N VAL I 3 30.79 -19.09 -51.23
CA VAL I 3 31.44 -19.01 -52.54
C VAL I 3 30.42 -18.50 -53.55
N LEU I 4 30.75 -17.43 -54.24
CA LEU I 4 29.87 -16.84 -55.23
C LEU I 4 30.25 -17.35 -56.62
N THR I 5 29.24 -17.58 -57.46
CA THR I 5 29.45 -18.08 -58.81
C THR I 5 28.49 -17.37 -59.74
N GLN I 6 29.02 -16.76 -60.80
CA GLN I 6 28.18 -16.04 -61.75
C GLN I 6 27.86 -16.90 -62.97
N SER I 7 26.85 -16.45 -63.71
CA SER I 7 26.44 -17.08 -64.94
C SER I 7 25.77 -16.03 -65.82
N PRO I 8 26.17 -15.92 -67.09
CA PRO I 8 27.28 -16.64 -67.73
C PRO I 8 28.63 -15.98 -67.52
N ALA I 9 29.67 -16.49 -68.19
CA ALA I 9 31.02 -15.97 -68.04
C ALA I 9 31.35 -14.92 -69.11
N ILE I 10 31.12 -15.28 -70.38
CA ILE I 10 31.24 -14.35 -71.50
C ILE I 10 29.88 -14.29 -72.18
N MET I 11 29.35 -13.09 -72.35
CA MET I 11 28.07 -12.93 -73.02
C MET I 11 28.08 -11.64 -73.82
N SER I 12 27.06 -11.48 -74.66
CA SER I 12 26.93 -10.31 -75.51
C SER I 12 25.47 -10.15 -75.89
N ALA I 13 25.10 -8.91 -76.23
CA ALA I 13 23.73 -8.62 -76.63
C ALA I 13 23.72 -7.39 -77.51
N SER I 14 22.73 -7.34 -78.40
CA SER I 14 22.55 -6.20 -79.28
C SER I 14 22.02 -5.00 -78.49
N PRO I 15 22.25 -3.77 -78.98
CA PRO I 15 21.68 -2.60 -78.31
C PRO I 15 20.16 -2.58 -78.43
N GLY I 16 19.50 -2.45 -77.29
CA GLY I 16 18.05 -2.54 -77.24
C GLY I 16 17.59 -3.95 -76.97
N GLU I 17 18.14 -4.58 -75.93
CA GLU I 17 17.84 -5.97 -75.64
C GLU I 17 18.02 -6.22 -74.14
N LYS I 18 17.15 -7.06 -73.59
CA LYS I 18 17.22 -7.42 -72.17
C LYS I 18 18.46 -8.25 -71.90
N VAL I 19 19.17 -7.92 -70.82
CA VAL I 19 20.39 -8.61 -70.43
C VAL I 19 20.21 -9.07 -68.99
N THR I 20 20.39 -10.36 -68.75
CA THR I 20 20.18 -10.93 -67.42
C THR I 20 21.43 -11.68 -66.97
N MET I 21 21.96 -11.30 -65.81
CA MET I 21 23.13 -11.93 -65.23
C MET I 21 22.75 -12.47 -63.86
N THR I 22 23.20 -13.69 -63.55
CA THR I 22 22.85 -14.31 -62.28
C THR I 22 24.10 -14.49 -61.44
N CYS I 23 23.97 -14.24 -60.14
CA CYS I 23 25.00 -14.52 -59.15
C CYS I 23 24.40 -15.44 -58.10
N SER I 24 25.06 -16.56 -57.84
CA SER I 24 24.55 -17.60 -56.97
C SER I 24 25.51 -17.84 -55.81
N ALA I 25 24.95 -18.16 -54.65
CA ALA I 25 25.70 -18.32 -53.42
C ALA I 25 25.58 -19.75 -52.93
N SER I 26 26.48 -20.12 -52.00
CA SER I 26 26.44 -21.44 -51.42
C SER I 26 25.31 -21.55 -50.39
N SER I 27 25.39 -20.76 -49.32
CA SER I 27 24.32 -20.66 -48.35
C SER I 27 23.51 -19.40 -48.63
N SER I 28 22.56 -19.09 -47.76
CA SER I 28 21.61 -18.02 -48.01
C SER I 28 22.11 -16.69 -47.46
N MET I 29 21.80 -15.61 -48.18
CA MET I 29 22.06 -14.25 -47.72
C MET I 29 20.91 -13.37 -48.18
N THR I 30 21.02 -12.09 -47.88
CA THR I 30 19.98 -11.15 -48.28
C THR I 30 20.50 -9.94 -49.03
N TYR I 31 21.66 -9.39 -48.66
CA TYR I 31 22.16 -8.16 -49.26
C TYR I 31 23.48 -8.43 -49.97
N MET I 32 23.59 -7.95 -51.21
CA MET I 32 24.75 -8.24 -52.04
C MET I 32 24.97 -7.08 -52.99
N HIS I 33 26.24 -6.79 -53.30
CA HIS I 33 26.62 -5.58 -54.01
C HIS I 33 27.21 -5.92 -55.36
N TRP I 34 27.19 -4.95 -56.28
CA TRP I 34 27.58 -5.13 -57.67
C TRP I 34 28.52 -4.00 -58.09
N TYR I 35 29.62 -4.36 -58.76
CA TYR I 35 30.65 -3.43 -59.20
C TYR I 35 30.90 -3.55 -60.70
N GLN I 36 31.15 -2.42 -61.33
CA GLN I 36 31.50 -2.35 -62.76
C GLN I 36 32.96 -1.99 -62.94
N GLN I 37 33.67 -2.79 -63.72
CA GLN I 37 35.04 -2.47 -64.14
C GLN I 37 35.07 -2.42 -65.66
N LYS I 38 35.50 -1.28 -66.20
CA LYS I 38 35.71 -1.17 -67.63
C LYS I 38 37.12 -1.63 -68.00
N SER I 39 37.46 -1.51 -69.27
CA SER I 39 38.74 -2.02 -69.77
C SER I 39 39.85 -1.04 -69.41
N GLY I 40 40.87 -1.53 -68.69
CA GLY I 40 42.03 -0.72 -68.38
C GLY I 40 41.85 0.33 -67.31
N THR I 41 40.73 0.32 -66.59
CA THR I 41 40.52 1.27 -65.51
C THR I 41 40.20 0.55 -64.21
N SER I 42 39.89 1.31 -63.16
CA SER I 42 39.53 0.92 -61.81
C SER I 42 38.01 0.73 -61.70
N PRO I 43 37.56 -0.17 -60.84
CA PRO I 43 36.11 -0.38 -60.67
C PRO I 43 35.43 0.80 -59.99
N LYS I 44 34.12 0.85 -60.16
CA LYS I 44 33.28 1.83 -59.49
C LYS I 44 32.18 1.11 -58.74
N ARG I 45 31.72 1.71 -57.65
CA ARG I 45 30.55 1.18 -56.97
C ARG I 45 29.33 1.40 -57.85
N TRP I 46 28.56 0.35 -58.08
CA TRP I 46 27.53 0.40 -59.09
C TRP I 46 26.14 0.13 -58.53
N ILE I 47 25.97 -0.94 -57.77
CA ILE I 47 24.69 -1.23 -57.08
C ILE I 47 25.00 -1.70 -55.67
N TYR I 48 24.33 -1.12 -54.68
CA TYR I 48 24.45 -1.56 -53.30
C TYR I 48 23.07 -1.97 -52.77
N ASP I 49 23.08 -2.83 -51.75
CA ASP I 49 21.88 -3.34 -51.07
C ASP I 49 20.88 -4.00 -52.03
N THR I 50 21.40 -4.65 -53.08
CA THR I 50 20.76 -5.60 -54.00
C THR I 50 19.79 -4.92 -54.97
N SER I 51 19.37 -3.68 -54.70
CA SER I 51 18.47 -3.01 -55.62
C SER I 51 18.76 -1.54 -55.83
N GLN I 52 19.60 -0.92 -55.00
CA GLN I 52 19.75 0.53 -55.02
C GLN I 52 20.89 0.93 -55.93
N LEU I 53 20.61 1.89 -56.80
CA LEU I 53 21.61 2.42 -57.70
C LEU I 53 22.57 3.35 -56.96
N ALA I 54 23.76 3.51 -57.52
CA ALA I 54 24.75 4.40 -56.96
C ALA I 54 24.49 5.83 -57.45
N SER I 55 25.45 6.73 -57.24
CA SER I 55 25.27 8.13 -57.56
C SER I 55 25.23 8.39 -59.06
N GLY I 56 26.30 8.06 -59.77
CA GLY I 56 26.35 8.29 -61.20
C GLY I 56 26.01 7.07 -62.03
N VAL I 57 24.81 6.52 -61.84
CA VAL I 57 24.35 5.34 -62.55
C VAL I 57 23.05 5.69 -63.25
N PRO I 58 22.93 5.43 -64.56
CA PRO I 58 21.64 5.66 -65.23
C PRO I 58 20.60 4.65 -64.79
N ALA I 59 19.33 5.04 -64.94
CA ALA I 59 18.20 4.32 -64.37
C ALA I 59 17.71 3.17 -65.24
N ARG I 60 18.55 2.64 -66.12
CA ARG I 60 18.16 1.54 -66.98
C ARG I 60 18.24 0.20 -66.27
N PHE I 61 18.92 0.12 -65.13
CA PHE I 61 19.31 -1.16 -64.58
C PHE I 61 18.41 -1.53 -63.40
N ARG I 62 18.43 -2.80 -63.04
CA ARG I 62 17.61 -3.27 -61.93
C ARG I 62 18.23 -4.53 -61.34
N GLY I 63 18.47 -4.54 -60.04
CA GLY I 63 18.96 -5.72 -59.34
C GLY I 63 17.84 -6.30 -58.49
N SER I 64 17.78 -7.63 -58.42
CA SER I 64 16.74 -8.28 -57.64
C SER I 64 17.19 -9.68 -57.26
N GLY I 65 16.76 -10.13 -56.10
CA GLY I 65 17.04 -11.50 -55.70
C GLY I 65 16.98 -11.65 -54.21
N SER I 66 17.10 -12.90 -53.78
CA SER I 66 17.05 -13.28 -52.36
C SER I 66 17.56 -14.70 -52.25
N GLY I 67 17.73 -15.14 -51.00
CA GLY I 67 18.13 -16.49 -50.70
C GLY I 67 19.52 -16.81 -51.21
N THR I 68 19.58 -17.61 -52.26
CA THR I 68 20.83 -17.94 -52.92
C THR I 68 20.84 -17.57 -54.39
N SER I 69 19.88 -16.77 -54.85
CA SER I 69 19.80 -16.38 -56.25
C SER I 69 19.64 -14.87 -56.37
N PHE I 70 20.54 -14.24 -57.13
CA PHE I 70 20.45 -12.81 -57.38
C PHE I 70 20.67 -12.56 -58.86
N SER I 71 20.19 -11.42 -59.33
CA SER I 71 20.23 -11.15 -60.77
C SER I 71 20.29 -9.65 -61.02
N LEU I 72 21.22 -9.26 -61.88
CA LEU I 72 21.26 -7.93 -62.45
C LEU I 72 20.58 -7.98 -63.81
N THR I 73 19.87 -6.90 -64.15
CA THR I 73 19.00 -6.88 -65.32
C THR I 73 19.13 -5.53 -66.01
N ILE I 74 19.36 -5.57 -67.31
CA ILE I 74 19.49 -4.38 -68.14
C ILE I 74 18.35 -4.39 -69.15
N SER I 75 17.55 -3.32 -69.15
CA SER I 75 16.46 -3.22 -70.11
C SER I 75 16.96 -2.77 -71.47
N SER I 76 17.58 -1.59 -71.52
CA SER I 76 18.06 -0.99 -72.76
C SER I 76 19.58 -1.09 -72.81
N MET I 77 20.08 -2.02 -73.61
CA MET I 77 21.52 -2.16 -73.84
C MET I 77 22.04 -0.94 -74.59
N GLU I 78 23.30 -0.59 -74.33
CA GLU I 78 23.92 0.55 -75.00
C GLU I 78 25.37 0.19 -75.29
N ALA I 79 25.97 0.91 -76.25
CA ALA I 79 27.34 0.62 -76.65
C ALA I 79 28.36 1.03 -75.59
N GLU I 80 28.01 1.90 -74.66
CA GLU I 80 28.89 2.31 -73.58
C GLU I 80 28.73 1.43 -72.33
N ASP I 81 28.18 0.23 -72.49
CA ASP I 81 27.87 -0.65 -71.38
C ASP I 81 28.75 -1.89 -71.40
N ALA I 82 29.70 -1.97 -72.33
CA ALA I 82 30.60 -3.12 -72.40
C ALA I 82 31.61 -3.05 -71.27
N ALA I 83 31.49 -3.94 -70.29
CA ALA I 83 32.32 -3.90 -69.10
C ALA I 83 32.34 -5.28 -68.47
N THR I 84 32.80 -5.36 -67.23
CA THR I 84 32.84 -6.59 -66.46
C THR I 84 32.15 -6.32 -65.13
N TYR I 85 31.20 -7.17 -64.76
CA TYR I 85 30.40 -6.96 -63.57
C TYR I 85 30.74 -8.01 -62.53
N TYR I 86 30.97 -7.56 -61.30
CA TYR I 86 31.32 -8.41 -60.18
C TYR I 86 30.26 -8.32 -59.10
N CYS I 87 29.96 -9.45 -58.46
CA CYS I 87 29.05 -9.50 -57.33
C CYS I 87 29.83 -9.87 -56.09
N GLN I 88 29.59 -9.14 -54.98
CA GLN I 88 30.34 -9.42 -53.77
C GLN I 88 29.45 -9.32 -52.54
N GLN I 89 29.80 -10.13 -51.54
CA GLN I 89 29.07 -10.27 -50.30
C GLN I 89 30.01 -10.08 -49.13
N TRP I 90 29.44 -9.72 -47.98
CA TRP I 90 30.19 -9.46 -46.77
C TRP I 90 29.50 -10.09 -45.57
N SER I 91 28.39 -10.81 -45.78
CA SER I 91 27.60 -11.38 -44.71
C SER I 91 28.29 -12.57 -44.02
N SER I 92 29.27 -13.18 -44.67
CA SER I 92 30.01 -14.28 -44.06
C SER I 92 31.49 -14.06 -44.26
N ASN I 93 32.25 -14.35 -43.21
CA ASN I 93 33.70 -14.13 -43.19
C ASN I 93 34.36 -15.17 -44.10
N PRO I 94 35.17 -14.78 -45.10
CA PRO I 94 35.63 -13.45 -45.51
C PRO I 94 34.91 -12.81 -46.69
N LEU I 95 35.38 -11.62 -47.06
CA LEU I 95 34.85 -10.87 -48.18
C LEU I 95 35.19 -11.57 -49.49
N THR I 96 34.17 -12.01 -50.22
CA THR I 96 34.36 -12.76 -51.44
C THR I 96 33.77 -12.01 -52.62
N PHE I 97 34.47 -12.03 -53.75
CA PHE I 97 34.00 -11.48 -55.00
C PHE I 97 33.51 -12.58 -55.93
N GLY I 98 32.76 -12.18 -56.95
CA GLY I 98 32.30 -13.10 -57.96
C GLY I 98 33.35 -13.37 -59.01
N GLY I 99 32.98 -14.19 -59.98
CA GLY I 99 33.89 -14.49 -61.08
C GLY I 99 34.02 -13.34 -62.04
N GLY I 100 32.91 -12.69 -62.36
CA GLY I 100 32.94 -11.52 -63.23
C GLY I 100 32.36 -11.79 -64.60
N THR I 101 31.12 -11.35 -64.83
CA THR I 101 30.46 -11.55 -66.12
C THR I 101 30.88 -10.42 -67.05
N LYS I 102 31.41 -10.78 -68.21
CA LYS I 102 31.89 -9.81 -69.18
C LYS I 102 30.81 -9.58 -70.25
N LEU I 103 30.37 -8.33 -70.37
CA LEU I 103 29.32 -7.95 -71.31
C LEU I 103 29.94 -7.07 -72.38
N GLU I 104 29.87 -7.52 -73.64
CA GLU I 104 30.43 -6.78 -74.76
C GLU I 104 29.43 -6.86 -75.91
N LEU I 105 29.86 -6.44 -77.10
CA LEU I 105 28.97 -6.42 -78.25
C LEU I 105 29.34 -7.47 -79.27
C1 NAG J . 44.13 -3.78 -29.81
C2 NAG J . 44.66 -4.28 -31.15
C3 NAG J . 46.09 -4.83 -30.98
C4 NAG J . 46.99 -3.79 -30.32
C5 NAG J . 46.37 -3.35 -29.00
C6 NAG J . 47.12 -2.25 -28.30
C7 NAG J . 43.63 -5.49 -33.03
C8 NAG J . 42.68 -6.58 -33.42
N2 NAG J . 43.79 -5.30 -31.70
O3 NAG J . 46.62 -5.19 -32.25
O4 NAG J . 48.28 -4.34 -30.13
O5 NAG J . 45.04 -2.84 -29.24
O6 NAG J . 46.49 -1.00 -28.48
O7 NAG J . 44.22 -4.80 -33.85
C1 NAG J . 49.28 -3.60 -30.89
C2 NAG J . 50.63 -3.73 -30.19
C3 NAG J . 51.69 -2.96 -30.95
C4 NAG J . 51.73 -3.38 -32.41
C5 NAG J . 50.34 -3.30 -33.04
C6 NAG J . 50.30 -3.85 -34.44
C7 NAG J . 50.40 -4.11 -27.78
C8 NAG J . 50.33 -3.48 -26.42
N2 NAG J . 50.54 -3.28 -28.80
O3 NAG J . 52.96 -3.17 -30.34
O4 NAG J . 52.62 -2.54 -33.15
O5 NAG J . 49.40 -4.06 -32.26
O6 NAG J . 51.50 -3.56 -35.14
O7 NAG J . 50.32 -5.33 -27.93
C1 NAG K . 27.49 15.00 2.48
C2 NAG K . 28.54 16.09 2.46
C3 NAG K . 29.46 15.89 1.27
C4 NAG K . 30.07 14.50 1.27
C5 NAG K . 28.99 13.43 1.43
C6 NAG K . 29.55 12.05 1.68
C7 NAG K . 28.29 18.39 3.28
C8 NAG K . 27.59 19.69 3.12
N2 NAG K . 27.93 17.41 2.44
O3 NAG K . 30.48 16.90 1.31
O4 NAG K . 30.72 14.23 0.04
O5 NAG K . 28.13 13.72 2.55
O6 NAG K . 28.80 11.36 2.67
O7 NAG K . 29.16 18.22 4.13
C1 NAG K . 32.15 14.40 0.11
C2 NAG K . 32.83 13.45 -0.89
C3 NAG K . 34.33 13.75 -0.98
C4 NAG K . 34.58 15.22 -1.25
C5 NAG K . 33.89 16.04 -0.17
C6 NAG K . 34.03 17.54 -0.35
C7 NAG K . 31.70 11.28 -1.11
C8 NAG K . 31.62 9.87 -0.59
N2 NAG K . 32.61 12.06 -0.52
O3 NAG K . 34.89 12.95 -2.02
O4 NAG K . 35.98 15.47 -1.20
O5 NAG K . 32.48 15.75 -0.20
O6 NAG K . 33.90 17.90 -1.72
O7 NAG K . 30.98 11.69 -2.01
C1 BMA K . 36.48 15.84 -2.50
C2 BMA K . 37.62 16.87 -2.26
C3 BMA K . 38.37 17.18 -3.57
C4 BMA K . 38.70 15.93 -4.39
C5 BMA K . 37.45 15.04 -4.57
C6 BMA K . 37.73 13.75 -5.31
O2 BMA K . 38.58 16.34 -1.35
O3 BMA K . 39.57 17.90 -3.29
O4 BMA K . 39.18 16.30 -5.67
O5 BMA K . 36.95 14.72 -3.25
O6 BMA K . 38.87 13.12 -4.74
C1 MAN K . 39.31 19.31 -3.42
C2 MAN K . 40.39 19.90 -4.40
C3 MAN K . 41.75 20.00 -3.71
C4 MAN K . 41.63 20.76 -2.37
C5 MAN K . 40.63 20.04 -1.47
C6 MAN K . 40.42 20.75 -0.14
O2 MAN K . 40.05 21.24 -4.80
O3 MAN K . 42.73 20.60 -4.54
O4 MAN K . 42.90 20.82 -1.73
O5 MAN K . 39.35 19.97 -2.14
O6 MAN K . 39.51 19.97 0.63
C1 MAN K . 39.65 12.46 -5.76
C2 MAN K . 40.07 11.05 -5.24
C3 MAN K . 41.15 11.18 -4.15
C4 MAN K . 42.31 12.07 -4.61
C5 MAN K . 41.77 13.44 -5.07
C6 MAN K . 42.85 14.35 -5.62
O2 MAN K . 40.65 10.26 -6.26
O3 MAN K . 41.62 9.91 -3.73
O4 MAN K . 43.23 12.26 -3.54
O5 MAN K . 40.80 13.23 -6.12
O6 MAN K . 43.61 13.62 -6.57
C1 NAG L . 42.48 -20.14 -12.37
C2 NAG L . 42.21 -18.72 -11.82
C3 NAG L . 43.30 -18.28 -10.84
C4 NAG L . 43.53 -19.34 -9.76
C5 NAG L . 43.86 -20.66 -10.45
C6 NAG L . 44.09 -21.81 -9.50
C7 NAG L . 42.91 -17.38 -13.84
C8 NAG L . 42.44 -16.35 -14.80
N2 NAG L . 42.02 -17.74 -12.89
O3 NAG L . 42.91 -17.05 -10.24
O4 NAG L . 44.59 -18.96 -8.89
O5 NAG L . 42.76 -21.04 -11.28
O6 NAG L . 45.19 -22.62 -9.93
O7 NAG L . 44.05 -17.86 -13.90
C1 NAG L . 44.06 -18.69 -7.57
C2 NAG L . 45.16 -18.80 -6.52
C3 NAG L . 44.62 -18.49 -5.12
C4 NAG L . 43.89 -17.14 -5.10
C5 NAG L . 42.86 -17.08 -6.23
C6 NAG L . 42.21 -15.72 -6.37
C7 NAG L . 45.34 -21.30 -6.29
C8 NAG L . 46.30 -22.44 -6.40
N2 NAG L . 45.87 -20.09 -6.54
O3 NAG L . 45.72 -18.49 -4.20
O4 NAG L . 43.20 -16.97 -3.87
O5 NAG L . 43.46 -17.38 -7.49
O6 NAG L . 42.47 -15.16 -7.65
O7 NAG L . 44.15 -21.48 -6.02
C1 BMA L . 43.92 -16.11 -2.96
C2 BMA L . 42.94 -15.17 -2.22
C3 BMA L . 43.66 -14.39 -1.10
C4 BMA L . 44.49 -15.34 -0.20
C5 BMA L . 45.45 -16.17 -1.06
C6 BMA L . 46.28 -17.16 -0.26
O2 BMA L . 41.89 -15.89 -1.59
O3 BMA L . 42.78 -13.62 -0.32
O4 BMA L . 45.24 -14.60 0.75
O5 BMA L . 44.66 -16.92 -2.02
O6 BMA L . 46.82 -16.48 0.86
C1 NAG M . 21.51 -18.82 17.36
C2 NAG M . 22.61 -19.57 18.13
C3 NAG M . 22.97 -20.86 17.39
C4 NAG M . 21.74 -21.72 17.15
C5 NAG M . 20.68 -20.89 16.41
C6 NAG M . 19.37 -21.62 16.24
C7 NAG M . 24.42 -18.59 19.46
C8 NAG M . 25.62 -17.69 19.46
N2 NAG M . 23.79 -18.73 18.30
O3 NAG M . 23.95 -21.55 18.15
O4 NAG M . 22.04 -22.85 16.35
O5 NAG M . 20.39 -19.70 17.15
O6 NAG M . 19.09 -22.45 17.35
O7 NAG M . 24.04 -19.17 20.47
C1 NAG M . 22.17 -24.05 17.13
C2 NAG M . 21.40 -25.22 16.52
C3 NAG M . 21.64 -26.49 17.32
C4 NAG M . 23.14 -26.78 17.46
C5 NAG M . 23.86 -25.54 18.01
C6 NAG M . 25.36 -25.69 18.03
C7 NAG M . 19.19 -25.32 15.45
C8 NAG M . 17.75 -24.93 15.55
N2 NAG M . 19.98 -24.93 16.46
O3 NAG M . 21.00 -27.58 16.64
O4 NAG M . 23.34 -27.84 18.40
O5 NAG M . 23.57 -24.39 17.20
O6 NAG M . 26.01 -24.42 18.06
O7 NAG M . 19.63 -25.96 14.50
C1 BMA M . 23.63 -29.08 17.72
C2 BMA M . 24.70 -29.88 18.42
C3 BMA M . 24.98 -31.17 17.66
C4 BMA M . 23.69 -31.94 17.44
C5 BMA M . 22.68 -31.04 16.73
C6 BMA M . 21.37 -31.77 16.45
O2 BMA M . 24.27 -30.20 19.75
O3 BMA M . 25.91 -31.99 18.38
O4 BMA M . 23.94 -33.10 16.66
O5 BMA M . 22.45 -29.87 17.51
O6 BMA M . 21.29 -33.02 17.15
C1 MAN M . 27.23 -31.44 18.22
C2 MAN M . 27.49 -31.04 16.77
C3 MAN M . 27.67 -32.26 15.87
C4 MAN M . 28.68 -33.22 16.49
C5 MAN M . 28.30 -33.54 17.93
C6 MAN M . 29.31 -34.48 18.55
O2 MAN M . 28.66 -30.22 16.70
O3 MAN M . 28.13 -31.84 14.58
O4 MAN M . 28.70 -34.43 15.72
O5 MAN M . 28.26 -32.32 18.67
O6 MAN M . 30.61 -33.90 18.50
C1 MAN M . 20.51 -33.95 16.35
C2 MAN M . 19.02 -33.45 16.18
C3 MAN M . 18.13 -33.97 17.32
C4 MAN M . 18.29 -35.48 17.49
C5 MAN M . 19.76 -35.77 17.83
C6 MAN M . 20.03 -37.23 18.08
O2 MAN M . 18.44 -33.95 14.98
O3 MAN M . 16.76 -33.64 17.11
O4 MAN M . 17.45 -35.95 18.55
O5 MAN M . 20.59 -35.34 16.72
O6 MAN M . 21.07 -37.34 19.07
C1 NAG N . 7.98 -46.11 -9.40
C2 NAG N . 9.02 -46.06 -8.27
C3 NAG N . 8.85 -47.15 -7.23
C4 NAG N . 7.41 -47.17 -6.78
C5 NAG N . 6.54 -47.45 -8.00
C6 NAG N . 5.08 -47.64 -7.60
C7 NAG N . 10.61 -46.94 -9.87
C8 NAG N . 11.87 -46.62 -10.64
N2 NAG N . 10.35 -46.14 -8.85
O3 NAG N . 9.71 -46.87 -6.11
O4 NAG N . 7.21 -48.16 -5.77
O5 NAG N . 6.65 -46.37 -8.91
O6 NAG N . 4.33 -48.03 -8.76
O7 NAG N . 9.88 -47.87 -10.17
C1 NAG N . 6.96 -47.45 -4.53
C2 NAG N . 6.62 -48.43 -3.41
C3 NAG N . 6.29 -47.68 -2.13
C4 NAG N . 7.39 -46.69 -1.78
C5 NAG N . 7.77 -45.84 -2.99
C6 NAG N . 8.98 -44.97 -2.67
C7 NAG N . 4.39 -48.77 -4.33
C8 NAG N . 3.39 -49.76 -4.81
N2 NAG N . 5.50 -49.27 -3.80
O3 NAG N . 6.11 -48.62 -1.06
O4 NAG N . 6.93 -45.83 -0.73
O5 NAG N . 8.07 -46.64 -4.13
O6 NAG N . 10.13 -45.81 -2.50
O7 NAG N . 4.21 -47.56 -4.41
C1 BMA N . 7.53 -46.20 0.52
C2 BMA N . 8.09 -44.94 1.23
C3 BMA N . 8.55 -45.26 2.65
C4 BMA N . 7.48 -46.04 3.44
C5 BMA N . 7.11 -47.32 2.66
C6 BMA N . 6.06 -48.15 3.35
O2 BMA N . 7.09 -43.93 1.35
O3 BMA N . 8.93 -44.10 3.37
O4 BMA N . 7.96 -46.40 4.73
O5 BMA N . 6.60 -46.91 1.36
O6 BMA N . 6.54 -48.47 4.65
C1 NAG O . -14.12 -26.92 10.87
C2 NAG O . -14.81 -28.17 11.40
C3 NAG O . -15.33 -29.03 10.24
C4 NAG O . -16.15 -28.21 9.25
C5 NAG O . -15.40 -26.95 8.84
C6 NAG O . -16.22 -26.00 8.03
C7 NAG O . -14.22 -29.34 13.49
C8 NAG O . -13.18 -30.13 14.20
N2 NAG O . -13.91 -28.95 12.24
O3 NAG O . -16.12 -30.09 10.75
O4 NAG O . -16.41 -28.98 8.09
O5 NAG O . -14.99 -26.23 10.01
O6 NAG O . -17.59 -26.03 8.40
O7 NAG O . -15.30 -29.06 13.99
C1 NAG O . -17.81 -29.34 7.94
C2 NAG O . -18.09 -29.63 6.46
C3 NAG O . -19.54 -30.05 6.25
C4 NAG O . -19.92 -31.21 7.18
C5 NAG O . -19.53 -30.88 8.63
C6 NAG O . -19.72 -32.06 9.56
C7 NAG O . -18.22 -27.30 5.52
C8 NAG O . -17.64 -26.39 4.48
N2 NAG O . -17.71 -28.54 5.56
O3 NAG O . -19.70 -30.38 4.88
O4 NAG O . -21.31 -31.43 7.16
O5 NAG O . -18.15 -30.49 8.72
O6 NAG O . -18.66 -32.15 10.50
O7 NAG O . -19.09 -26.90 6.31
C1 BMA O . -21.69 -32.50 6.24
C2 BMA O . -21.82 -33.85 6.98
C3 BMA O . -22.23 -34.92 5.95
C4 BMA O . -23.48 -34.50 5.14
C5 BMA O . -23.33 -33.08 4.54
C6 BMA O . -24.61 -32.58 3.94
O2 BMA O . -22.85 -33.81 7.96
O3 BMA O . -22.45 -36.20 6.54
O4 BMA O . -23.70 -35.43 4.08
O5 BMA O . -22.94 -32.17 5.60
O6 BMA O . -24.42 -31.24 3.48
C1 MAN O . -21.26 -37.04 6.50
C2 MAN O . -20.76 -37.24 5.03
C3 MAN O . -21.63 -38.23 4.26
C4 MAN O . -21.87 -39.52 5.07
C5 MAN O . -22.48 -39.14 6.42
C6 MAN O . -22.78 -40.35 7.29
O2 MAN O . -19.43 -37.78 4.99
O3 MAN O . -21.08 -38.54 2.98
O4 MAN O . -22.75 -40.39 4.37
O5 MAN O . -21.54 -38.29 7.13
O6 MAN O . -23.95 -40.05 8.06
C1 MAN O . -24.60 -31.21 2.04
C2 MAN O . -24.07 -29.84 1.53
C3 MAN O . -25.04 -28.72 1.91
C4 MAN O . -26.47 -29.03 1.44
C5 MAN O . -26.93 -30.37 2.03
C6 MAN O . -28.29 -30.81 1.53
O2 MAN O . -24.01 -29.82 0.10
O3 MAN O . -24.62 -27.45 1.42
O4 MAN O . -27.35 -28.00 1.84
O5 MAN O . -25.98 -31.42 1.69
O6 MAN O . -28.58 -32.08 2.10
C1 NAG P . -23.23 -11.07 -45.58
C2 NAG P . -23.14 -11.71 -46.97
C3 NAG P . -23.83 -10.84 -48.01
C4 NAG P . -25.26 -10.54 -47.60
C5 NAG P . -25.28 -9.92 -46.20
C6 NAG P . -26.66 -9.70 -45.66
C7 NAG P . -21.34 -13.03 -48.03
C8 NAG P . -19.87 -13.11 -48.32
N2 NAG P . -21.75 -11.95 -47.34
O3 NAG P . -23.81 -11.49 -49.28
O4 NAG P . -25.86 -9.62 -48.52
O5 NAG P . -24.61 -10.79 -45.28
O6 NAG P . -26.91 -10.51 -44.51
O7 NAG P . -22.13 -13.90 -48.39
C1 NAG P . -26.89 -10.27 -49.31
C2 NAG P . -27.76 -9.17 -49.99
C3 NAG P . -28.79 -9.77 -50.97
C4 NAG P . -28.12 -10.75 -51.93
C5 NAG P . -27.31 -11.79 -51.15
C6 NAG P . -26.54 -12.73 -52.05
C7 NAG P . -29.24 -8.16 -48.07
C8 NAG P . -29.86 -9.48 -47.66
N2 NAG P . -28.33 -8.14 -49.09
O3 NAG P . -29.39 -8.72 -51.71
O4 NAG P . -29.09 -11.41 -52.70
O5 NAG P . -26.34 -11.12 -50.32
O6 NAG P . -26.02 -12.05 -53.17
O7 NAG P . -29.54 -7.13 -47.49
C1 NAG Q . -29.77 0.55 -7.17
C2 NAG Q . -31.27 0.47 -7.35
C3 NAG Q . -31.61 -0.05 -8.74
C4 NAG Q . -30.94 0.81 -9.81
C5 NAG Q . -29.44 0.94 -9.54
C6 NAG Q . -28.76 1.94 -10.45
C7 NAG Q . -32.79 0.11 -5.45
C8 NAG Q . -33.33 -0.88 -4.47
N2 NAG Q . -31.89 -0.36 -6.32
O3 NAG Q . -33.03 -0.07 -8.89
O4 NAG Q . -31.06 0.16 -11.07
O5 NAG Q . -29.21 1.39 -8.19
O6 NAG Q . -29.19 3.27 -10.17
O7 NAG Q . -33.13 1.28 -5.45
C1 NAG Q . -32.10 0.63 -11.92
C2 NAG Q . -31.64 0.43 -13.37
C3 NAG Q . -32.79 0.72 -14.35
C4 NAG Q . -34.03 -0.09 -13.97
C5 NAG Q . -34.41 0.25 -12.54
C6 NAG Q . -35.61 -0.50 -12.02
C7 NAG Q . -29.44 0.84 -14.36
C8 NAG Q . -28.35 1.85 -14.58
N2 NAG Q . -30.50 1.27 -13.67
O3 NAG Q . -32.36 0.40 -15.67
O4 NAG Q . -35.09 0.21 -14.88
O5 NAG Q . -33.31 -0.08 -11.68
O6 NAG Q . -35.60 -1.86 -12.45
O7 NAG Q . -29.35 -0.30 -14.77
C1 BMA Q . -35.37 -0.98 -15.66
C2 BMA Q . -36.82 -0.95 -16.11
C3 BMA Q . -37.13 -2.25 -16.82
C4 BMA Q . -36.16 -2.51 -18.00
C5 BMA Q . -34.68 -2.34 -17.53
C6 BMA Q . -33.68 -2.36 -18.68
O2 BMA Q . -37.02 0.08 -17.06
O3 BMA Q . -38.48 -2.29 -17.28
O4 BMA Q . -36.35 -3.80 -18.51
O5 BMA Q . -34.53 -1.08 -16.82
O6 BMA Q . -33.97 -1.26 -19.53
C1 MAN Q . -39.29 -3.01 -16.33
C2 MAN Q . -40.47 -3.65 -17.12
C3 MAN Q . -41.44 -2.55 -17.60
C4 MAN Q . -41.84 -1.59 -16.45
C5 MAN Q . -40.59 -1.04 -15.74
C6 MAN Q . -40.91 -0.21 -14.52
O2 MAN Q . -41.25 -4.51 -16.29
O3 MAN Q . -42.60 -3.09 -18.21
O4 MAN Q . -42.60 -0.52 -16.98
O5 MAN Q . -39.77 -2.17 -15.31
O6 MAN Q . -39.72 0.46 -14.12
C1 MAN Q . -33.36 -1.47 -20.83
C2 MAN Q . -33.34 -0.09 -21.55
C3 MAN Q . -34.76 0.30 -22.00
C4 MAN Q . -35.46 -0.84 -22.78
C5 MAN Q . -35.45 -2.11 -21.92
C6 MAN Q . -36.07 -3.30 -22.60
O2 MAN Q . -32.55 -0.14 -22.74
O3 MAN Q . -34.77 1.50 -22.78
O4 MAN Q . -36.80 -0.49 -23.06
O5 MAN Q . -34.08 -2.45 -21.57
O6 MAN Q . -37.44 -3.01 -22.83
C1 NAG R . -11.46 10.40 -43.73
C2 NAG R . -12.41 9.71 -42.75
C3 NAG R . -13.53 10.67 -42.35
C4 NAG R . -13.00 12.03 -41.91
C5 NAG R . -11.89 12.55 -42.84
C6 NAG R . -11.13 13.73 -42.29
C7 NAG R . -13.68 8.24 -44.35
C8 NAG R . -14.07 6.82 -44.62
N2 NAG R . -12.94 8.45 -43.26
O3 NAG R . -14.30 10.08 -41.31
O4 NAG R . -14.07 12.96 -41.96
O5 NAG R . -10.91 11.54 -43.11
O6 NAG R . -9.79 13.74 -42.73
O7 NAG R . -14.04 9.16 -45.10
C1 NAG R . -14.47 13.49 -40.67
C2 NAG R . -15.24 14.79 -40.91
C3 NAG R . -15.73 15.39 -39.59
C4 NAG R . -16.49 14.37 -38.76
C5 NAG R . -15.68 13.07 -38.63
C6 NAG R . -16.45 11.95 -37.96
C7 NAG R . -13.35 16.38 -41.38
C8 NAG R . -12.82 17.34 -42.39
N2 NAG R . -14.50 15.76 -41.71
O3 NAG R . -16.56 16.51 -39.90
O4 NAG R . -16.69 14.87 -37.45
O5 NAG R . -15.29 12.58 -39.93
O6 NAG R . -15.97 10.67 -38.36
O7 NAG R . -12.74 16.17 -40.32
C1 BMA R . -18.01 15.39 -37.19
C2 BMA R . -18.20 15.38 -35.64
C3 BMA R . -19.35 16.32 -35.21
C4 BMA R . -19.28 17.68 -35.90
C5 BMA R . -19.33 17.45 -37.41
C6 BMA R . -19.34 18.74 -38.20
O2 BMA R . -17.03 15.84 -34.99
O3 BMA R . -19.39 16.48 -33.80
O4 BMA R . -20.36 18.49 -35.49
O5 BMA R . -18.16 16.69 -37.78
O6 BMA R . -20.21 19.66 -37.56
C1 NAG S . -3.45 26.85 -12.43
C2 NAG S . -3.62 28.24 -13.05
C3 NAG S . -2.69 28.42 -14.26
C4 NAG S . -1.26 28.04 -13.92
C5 NAG S . -1.21 26.64 -13.32
C6 NAG S . 0.16 26.24 -12.85
C7 NAG S . -5.86 29.14 -12.66
C8 NAG S . -7.25 29.28 -13.22
N2 NAG S . -4.99 28.48 -13.43
O3 NAG S . -2.77 29.77 -14.69
O4 NAG S . -0.45 28.01 -15.09
O5 NAG S . -2.07 26.59 -12.17
O6 NAG S . 0.59 27.05 -11.76
O7 NAG S . -5.55 29.60 -11.58
C1 NAG S . 0.37 29.16 -15.28
C2 NAG S . 1.69 28.81 -15.98
C3 NAG S . 2.50 30.06 -16.30
C4 NAG S . 1.66 31.03 -17.12
C5 NAG S . 0.35 31.33 -16.40
C6 NAG S . -0.61 32.14 -17.24
C7 NAG S . 3.06 27.94 -14.05
C8 NAG S . 3.84 26.76 -13.57
N2 NAG S . 2.49 27.81 -15.26
O3 NAG S . 3.67 29.67 -16.99
O4 NAG S . 2.37 32.26 -17.32
O5 NAG S . -0.34 30.11 -16.07
O6 NAG S . -1.74 31.37 -17.62
O7 NAG S . 2.93 28.96 -13.35
C1 BMA S . 2.84 32.29 -18.68
C2 BMA S . 2.44 33.62 -19.37
C3 BMA S . 3.04 33.60 -20.78
C4 BMA S . 4.56 33.35 -20.76
C5 BMA S . 4.82 32.02 -20.04
C6 BMA S . 6.28 31.68 -19.92
O2 BMA S . 2.99 34.74 -18.70
O3 BMA S . 2.76 34.79 -21.52
O4 BMA S . 5.06 33.27 -22.09
O5 BMA S . 4.27 32.13 -18.71
O6 BMA S . 6.86 32.50 -18.91
C1 MAN S . 1.61 34.62 -22.40
C2 MAN S . 1.84 33.44 -23.42
C3 MAN S . 2.79 33.86 -24.56
C4 MAN S . 2.43 35.25 -25.14
C5 MAN S . 2.38 36.26 -23.99
C6 MAN S . 2.06 37.68 -24.44
O2 MAN S . 0.62 33.03 -24.04
O3 MAN S . 2.84 32.89 -25.60
O4 MAN S . 3.38 35.65 -26.10
O5 MAN S . 1.35 35.85 -23.06
O6 MAN S . 2.07 38.51 -23.29
C1 MAN S . 8.18 32.90 -19.35
C2 MAN S . 9.13 31.67 -19.25
C3 MAN S . 9.41 31.33 -17.79
C4 MAN S . 9.92 32.57 -17.03
C5 MAN S . 8.90 33.73 -17.16
C6 MAN S . 9.38 35.02 -16.52
O2 MAN S . 10.40 31.94 -19.83
O3 MAN S . 10.32 30.25 -17.66
O4 MAN S . 10.13 32.27 -15.66
O5 MAN S . 8.66 33.99 -18.57
O6 MAN S . 8.34 35.99 -16.62
N1 NCT T . 30.12 -9.16 -9.44
C1 NCT T . 30.23 -8.10 -8.68
C2 NCT T . 31.43 -7.79 -8.06
C3 NCT T . 32.50 -8.64 -8.24
C4 NCT T . 32.35 -9.76 -9.05
C5 NCT T . 31.13 -9.99 -9.63
N2 NCT T . 30.64 -5.50 -7.64
C6 NCT T . 31.55 -6.57 -7.18
C7 NCT T . 31.12 -6.92 -5.75
C8 NCT T . 30.38 -5.66 -5.26
C9 NCT T . 29.73 -5.13 -6.54
C10 NCT T . 31.48 -4.31 -7.79
CAA Y01 U . 14.61 12.37 40.76
CBA Y01 U . 16.05 12.11 41.22
CAB Y01 U . 16.98 12.16 40.01
CAN Y01 U . 16.46 13.19 42.22
CAJ Y01 U . 15.59 13.12 43.47
CAO Y01 U . 15.91 14.32 44.37
CBB Y01 U . 15.29 14.15 45.76
CAC Y01 U . 15.92 12.93 46.42
CBE Y01 U . 15.49 15.40 46.67
CAP Y01 U . 15.88 16.69 45.90
CAQ Y01 U . 15.11 17.87 46.56
CBG Y01 U . 14.70 17.24 47.90
CBI Y01 U . 14.26 15.80 47.48
CAE Y01 U . 13.02 15.83 46.56
CAU Y01 U . 13.95 15.01 48.73
CAS Y01 U . 12.94 15.73 49.63
CBF Y01 U . 13.38 17.16 49.97
CBD Y01 U . 13.59 17.95 48.67
CAK Y01 U . 14.14 19.34 49.00
CAI Y01 U . 13.31 20.01 50.06
CAZ Y01 U . 12.56 19.38 50.90
CAV Y01 U . 11.94 20.20 52.01
CBH Y01 U . 12.44 17.87 50.95
CAD Y01 U . 10.97 17.54 50.66
CAT Y01 U . 12.77 17.37 52.36
CAR Y01 U . 12.09 18.20 53.45
CBC Y01 U . 12.51 19.67 53.33
OAW Y01 U . 11.99 20.44 54.44
CAA Y01 V . 7.09 33.79 28.70
CBA Y01 V . 7.40 34.65 29.92
CAB Y01 V . 8.80 34.31 30.45
CAN Y01 V . 6.35 34.44 31.01
CAJ Y01 V . 6.35 32.98 31.47
CAO Y01 V . 5.49 32.80 32.74
CBB Y01 V . 6.24 32.90 34.08
CAC Y01 V . 7.74 32.56 33.92
CBE Y01 V . 6.07 34.27 34.80
CAP Y01 V . 4.81 35.05 34.31
CAQ Y01 V . 4.07 35.57 35.57
CBG Y01 V . 5.19 35.56 36.61
CBI Y01 V . 5.87 34.18 36.32
CAE Y01 V . 4.93 33.00 36.66
CAU Y01 V . 7.14 34.11 37.16
CAS Y01 V . 6.84 34.38 38.65
CBF Y01 V . 6.08 35.69 38.87
CBD Y01 V . 4.77 35.65 38.07
CAK Y01 V . 4.01 36.98 38.26
CAI Y01 V . 3.96 37.39 39.70
CAZ Y01 V . 4.92 37.13 40.54
CAV Y01 V . 4.86 37.80 41.91
CBH Y01 V . 5.84 35.97 40.34
CAD Y01 V . 5.19 34.75 41.00
CAT Y01 V . 7.20 36.21 41.01
CAR Y01 V . 7.05 36.74 42.43
CBC Y01 V . 6.29 38.07 42.40
OAW Y01 V . 6.24 38.62 43.74
NA NA W . -10.14 17.68 39.32
C1 NAG X . 22.87 -18.47 -30.28
C2 NAG X . 21.74 -18.58 -31.32
C3 NAG X . 20.55 -17.73 -30.89
C4 NAG X . 20.09 -18.12 -29.49
C5 NAG X . 21.25 -18.02 -28.50
C6 NAG X . 20.90 -18.52 -27.12
C7 NAG X . 22.10 -18.95 -33.72
C8 NAG X . 22.63 -18.37 -34.99
N2 NAG X . 22.21 -18.17 -32.64
O3 NAG X . 19.49 -17.94 -31.82
O4 NAG X . 19.05 -17.24 -29.06
O5 NAG X . 22.35 -18.83 -28.96
O6 NAG X . 19.64 -19.16 -27.10
O7 NAG X . 21.58 -20.07 -33.67
C1 NAG Y . 46.68 -22.46 -27.23
C2 NAG Y . 47.28 -23.79 -26.79
C3 NAG Y . 48.80 -23.76 -26.96
C4 NAG Y . 49.18 -23.38 -28.39
C5 NAG Y . 48.51 -22.05 -28.77
C6 NAG Y . 48.73 -21.68 -30.22
C7 NAG Y . 46.73 -25.33 -24.96
C8 NAG Y . 46.37 -25.46 -23.51
N2 NAG Y . 46.93 -24.09 -25.41
O3 NAG Y . 49.33 -25.05 -26.65
O4 NAG Y . 50.59 -23.24 -28.50
O5 NAG Y . 47.09 -22.15 -28.58
O6 NAG Y . 47.71 -22.22 -31.05
O7 NAG Y . 46.84 -26.31 -25.70
CAA Y01 Z . 13.26 10.30 47.89
CBA Y01 Z . 12.48 11.45 47.25
CAB Y01 Z . 12.41 11.23 45.74
CAN Y01 Z . 11.06 11.52 47.83
CAJ Y01 Z . 10.32 10.21 47.61
CAO Y01 Z . 9.13 10.08 48.58
CBB Y01 Z . 9.41 9.30 49.88
CAC Y01 Z . 10.53 8.26 49.67
CBE Y01 Z . 9.73 10.23 51.10
CAP Y01 Z . 9.06 11.63 50.93
CAQ Y01 Z . 8.55 12.07 52.33
CBG Y01 Z . 9.30 11.10 53.24
CBI Y01 Z . 9.21 9.75 52.46
CAE Y01 Z . 7.75 9.27 52.31
CAU Y01 Z . 10.03 8.72 53.23
CAS Y01 Z . 9.55 8.59 54.69
CBF Y01 Z . 9.60 9.94 55.41
CBD Y01 Z . 8.75 10.97 54.66
CAK Y01 Z . 8.95 12.34 55.34
CAI Y01 Z . 8.70 12.25 56.81
CAZ Y01 Z . 8.95 11.18 57.50
CAV Y01 Z . 8.84 11.28 59.01
CBH Y01 Z . 9.17 9.83 56.86
CAD Y01 Z . 7.84 9.07 56.96
CAT Y01 Z . 10.22 9.03 57.64
CAR Y01 Z . 9.96 9.09 59.14
CBC Y01 Z . 10.02 10.53 59.63
OAW Y01 Z . 9.90 10.56 61.09
CAA Y01 AA . -6.53 -9.26 51.49
CBA Y01 AA . -6.68 -8.70 50.08
CAB Y01 AA . -7.35 -9.75 49.17
CAN Y01 AA . -7.54 -7.44 50.12
CAJ Y01 AA . -6.79 -6.34 50.85
CAO Y01 AA . -7.76 -5.19 51.16
CBB Y01 AA . -7.21 -4.34 52.31
CAC Y01 AA . -6.06 -3.50 51.73
CBE Y01 AA . -8.27 -3.43 52.96
CAP Y01 AA . -9.74 -3.93 52.73
CAQ Y01 AA . -10.49 -3.79 54.09
CBG Y01 AA . -9.60 -2.79 54.83
CBI Y01 AA . -8.17 -3.33 54.48
CAE Y01 AA . -7.91 -4.72 55.09
CAU Y01 AA . -7.17 -2.32 55.03
CAS Y01 AA . -7.36 -2.09 56.54
CBF Y01 AA . -8.79 -1.64 56.85
CBD Y01 AA . -9.80 -2.69 56.33
CAK Y01 AA . -11.24 -2.19 56.59
CAI Y01 AA . -11.40 -1.64 57.97
CAZ Y01 AA . -10.44 -1.09 58.65
CAV Y01 AA . -10.80 -0.51 60.01
CBH Y01 AA . -9.00 -1.36 58.33
CAD Y01 AA . -8.54 -2.56 59.16
CAT Y01 AA . -8.16 -0.14 58.73
CAR Y01 AA . -8.47 0.28 60.18
CBC Y01 AA . -9.93 0.72 60.27
OAW Y01 AA . -10.19 1.22 61.62
C1 NAG BA . 11.06 -35.75 -33.07
C2 NAG BA . 12.43 -35.11 -33.37
C3 NAG BA . 12.76 -35.23 -34.86
C4 NAG BA . 12.65 -36.69 -35.32
C5 NAG BA . 11.28 -37.25 -34.97
C6 NAG BA . 11.15 -38.72 -35.29
C7 NAG BA . 13.54 -33.10 -32.49
C8 NAG BA . 13.39 -31.66 -32.13
N2 NAG BA . 12.45 -33.72 -32.96
O3 NAG BA . 14.06 -34.74 -35.11
O4 NAG BA . 12.84 -36.76 -36.73
O5 NAG BA . 11.05 -37.12 -33.56
O6 NAG BA . 11.29 -39.52 -34.13
O7 NAG BA . 14.61 -33.69 -32.36
C1 NAG CA . 14.69 -52.13 -22.56
C2 NAG CA . 14.51 -53.62 -22.26
C3 NAG CA . 15.28 -54.44 -23.28
C4 NAG CA . 14.86 -54.05 -24.70
C5 NAG CA . 14.98 -52.54 -24.91
C6 NAG CA . 14.42 -52.09 -26.23
C7 NAG CA . 14.11 -54.27 -19.91
C8 NAG CA . 12.64 -54.28 -20.23
N2 NAG CA . 14.94 -53.95 -20.92
O3 NAG CA . 15.01 -55.82 -23.07
O4 NAG CA . 15.69 -54.71 -25.65
O5 NAG CA . 14.24 -51.83 -23.89
O6 NAG CA . 13.01 -52.19 -26.26
O7 NAG CA . 14.53 -54.54 -18.78
CAA Y01 DA . -12.38 -5.08 47.16
CBA Y01 DA . -13.89 -4.83 47.20
CAB Y01 DA . -14.57 -5.65 46.09
CAN Y01 DA . -14.45 -5.29 48.54
CAJ Y01 DA . -13.82 -4.49 49.67
CAO Y01 DA . -14.34 -3.05 49.63
CBB Y01 DA . -14.31 -2.47 51.05
CAC Y01 DA . -13.46 -1.18 51.02
CBE Y01 DA . -15.71 -2.13 51.63
CAP Y01 DA . -16.89 -2.71 50.82
CAQ Y01 DA . -17.94 -3.20 51.84
CBG Y01 DA . -17.46 -2.53 53.14
CBI Y01 DA . -15.92 -2.69 53.04
CAE Y01 DA . -15.49 -4.17 53.09
CAU Y01 DA . -15.28 -1.91 54.18
CAS Y01 DA . -15.88 -2.28 55.55
CBF Y01 DA . -17.41 -2.26 55.57
CBD Y01 DA . -17.96 -3.13 54.44
CAK Y01 DA . -19.50 -3.07 54.43
CAI Y01 DA . -20.04 -3.38 55.80
CAZ Y01 DA . -19.44 -3.01 56.88
CAV Y01 DA . -20.16 -3.24 58.19
CBH Y01 DA . -17.97 -2.69 56.93
CAD Y01 DA . -17.26 -3.97 57.40
CAT Y01 DA . -17.73 -1.57 57.95
CAR Y01 DA . -18.42 -1.87 59.29
CBC Y01 DA . -19.93 -2.02 59.09
OAW Y01 DA . -20.58 -2.23 60.37
CAA Y01 EA . -33.74 4.55 36.00
CBA Y01 EA . -33.52 3.39 36.99
CAB Y01 EA . -33.90 2.07 36.31
CAN Y01 EA . -32.06 3.36 37.39
CAJ Y01 EA . -31.75 4.58 38.26
CAO Y01 EA . -32.42 4.39 39.61
CBB Y01 EA . -32.88 5.72 40.24
CAC Y01 EA . -33.68 6.53 39.21
CBE Y01 EA . -33.76 5.55 41.49
CAP Y01 EA . -33.86 4.09 42.02
CAQ Y01 EA . -33.92 4.19 43.56
CBG Y01 EA . -34.14 5.68 43.80
CBI Y01 EA . -33.25 6.33 42.69
CAE Y01 EA . -31.75 6.05 42.91
CAU Y01 EA . -33.52 7.82 42.70
CAS Y01 EA . -33.27 8.42 44.09
CBF Y01 EA . -34.07 7.72 45.19
CBD Y01 EA . -33.77 6.22 45.18
CAK Y01 EA . -34.66 5.52 46.22
CAI Y01 EA . -34.57 6.21 47.55
CAZ Y01 EA . -34.37 7.49 47.67
CAV Y01 EA . -34.44 8.09 49.06
CBH Y01 EA . -33.78 8.31 46.56
CAD Y01 EA . -32.27 8.38 46.80
CAT Y01 EA . -34.35 9.74 46.62
CAR Y01 EA . -34.22 10.31 48.03
CBC Y01 EA . -35.06 9.48 48.99
OAW Y01 EA . -35.05 10.11 50.30
C1 DD9 FA . -22.13 36.87 78.89
C2 DD9 FA . -22.51 36.64 77.42
C3 DD9 FA . -21.33 35.99 76.70
C4 DD9 FA . -21.75 35.61 75.28
C5 DD9 FA . -20.63 34.82 74.61
C6 DD9 FA . -21.05 34.47 73.19
C7 DD9 FA . -19.85 33.90 72.42
C8 DD9 FA . -20.19 33.78 70.94
C9 DD9 FA . -18.96 33.25 70.19
N1 NCT GA . -12.43 3.26 -27.76
C1 NCT GA . -13.45 3.46 -26.94
C2 NCT GA . -14.60 4.06 -27.39
C3 NCT GA . -14.66 4.48 -28.70
C4 NCT GA . -13.57 4.26 -29.54
C5 NCT GA . -12.45 3.63 -29.02
N2 NCT GA . -15.97 3.12 -25.57
C6 NCT GA . -15.77 4.29 -26.46
C7 NCT GA . -15.43 5.49 -25.54
C8 NCT GA . -16.06 5.11 -24.20
C9 NCT GA . -16.03 3.58 -24.18
C10 NCT GA . -17.31 2.63 -25.85
CAA Y01 HA . -37.82 9.59 33.71
CBA Y01 HA . -36.59 9.82 32.82
CAB Y01 HA . -37.04 10.42 31.49
CAN Y01 HA . -35.64 10.78 33.51
CAJ Y01 HA . -34.25 10.73 32.88
CAO Y01 HA . -33.32 11.70 33.61
CBB Y01 HA . -33.13 11.27 35.06
CAC Y01 HA . -31.76 10.61 35.17
CBE Y01 HA . -33.24 12.45 36.08
CAP Y01 HA . -34.11 13.62 35.53
CAQ Y01 HA . -35.13 14.00 36.65
CBG Y01 HA . -34.40 13.49 37.90
CBI Y01 HA . -33.90 12.09 37.42
CAE Y01 HA . -35.06 11.10 37.18
CAU Y01 HA . -32.97 11.59 38.52
CAS Y01 HA . -33.68 11.51 39.89
CBF Y01 HA . -34.42 12.78 40.31
CBD Y01 HA . -35.27 13.34 39.15
CAK Y01 HA . -35.80 14.73 39.58
CAI Y01 HA . -36.50 14.62 40.90
CAZ Y01 HA . -36.26 13.68 41.77
CAV Y01 HA . -37.10 13.65 43.04
CBH Y01 HA . -35.37 12.51 41.47
CAD Y01 HA . -36.28 11.33 41.11
CAT Y01 HA . -34.57 12.14 42.73
CAR Y01 HA . -35.51 11.97 43.92
CBC Y01 HA . -36.20 13.30 44.23
OAW Y01 HA . -36.99 13.16 45.44
CAA Y01 IA . -23.72 27.89 24.27
CBA Y01 IA . -24.07 28.91 23.20
CAB Y01 IA . -24.05 28.24 21.82
CAN Y01 IA . -25.45 29.49 23.47
CAJ Y01 IA . -25.41 30.42 24.68
CAO Y01 IA . -26.69 31.25 24.72
CBB Y01 IA . -26.68 32.20 25.92
CAC Y01 IA . -26.11 33.54 25.42
CBE Y01 IA . -28.08 32.45 26.52
CAP Y01 IA . -29.16 31.39 26.11
CAQ Y01 IA . -30.04 31.14 27.37
CBG Y01 IA . -29.65 32.33 28.26
CBI Y01 IA . -28.10 32.39 28.06
CAE Y01 IA . -27.39 31.12 28.55
CAU Y01 IA . -27.56 33.61 28.80
CAS Y01 IA . -27.97 33.58 30.27
CBF Y01 IA . -29.49 33.49 30.42
CBD Y01 IA . -30.01 32.23 29.73
CAK Y01 IA . -31.55 32.21 29.78
CAI Y01 IA . -32.08 32.58 31.13
CAZ Y01 IA . -31.37 33.11 32.07
CAV Y01 IA . -32.04 33.34 33.42
CBH Y01 IA . -29.96 33.58 31.88
CAD Y01 IA . -29.07 32.70 32.76
CAT Y01 IA . -29.83 35.03 32.37
CAR Y01 IA . -30.46 35.22 33.74
CBC Y01 IA . -31.94 34.83 33.75
OAW Y01 IA . -32.52 35.07 35.04
C1 NAG JA . 3.42 -9.33 -47.91
C2 NAG JA . 4.88 -9.31 -48.42
C3 NAG JA . 5.18 -10.54 -49.28
C4 NAG JA . 4.77 -11.82 -48.56
C5 NAG JA . 3.31 -11.74 -48.13
C6 NAG JA . 2.85 -12.95 -47.35
C7 NAG JA . 4.69 -7.60 -50.26
C8 NAG JA . 5.26 -6.30 -50.75
N2 NAG JA . 5.23 -8.07 -49.11
O3 NAG JA . 6.57 -10.59 -49.59
O4 NAG JA . 4.95 -12.94 -49.42
O5 NAG JA . 3.14 -10.59 -47.28
O6 NAG JA . 3.59 -14.11 -47.71
O7 NAG JA . 3.79 -8.19 -50.87
C1 NAG KA . -11.07 0.62 -55.79
C2 NAG KA . -10.76 1.95 -56.48
C3 NAG KA . -11.73 2.21 -57.62
C4 NAG KA . -11.77 1.02 -58.58
C5 NAG KA . -12.08 -0.26 -57.81
C6 NAG KA . -12.00 -1.49 -58.68
C7 NAG KA . -9.94 4.09 -55.59
C8 NAG KA . -10.10 5.13 -54.53
N2 NAG KA . -10.78 3.05 -55.53
O3 NAG KA . -11.35 3.39 -58.31
O4 NAG KA . -12.77 1.23 -59.57
O5 NAG KA . -11.11 -0.44 -56.77
O6 NAG KA . -10.88 -2.28 -58.36
O7 NAG KA . -9.10 4.19 -56.47
CAA Y01 LA . -20.52 34.43 24.81
CBA Y01 LA . -21.87 34.04 25.42
CAB Y01 LA . -22.54 32.96 24.57
CAN Y01 LA . -21.66 33.52 26.83
CAJ Y01 LA . -21.88 34.68 27.80
CAO Y01 LA . -20.80 34.68 28.88
CBB Y01 LA . -20.26 36.10 29.17
CAC Y01 LA . -19.80 36.68 27.81
CBE Y01 LA . -21.33 36.96 29.90
CAP Y01 LA . -21.90 36.14 31.11
CAQ Y01 LA . -22.04 37.09 32.32
CBG Y01 LA . -22.00 38.45 31.63
CBI Y01 LA . -20.86 38.26 30.57
CAE Y01 LA . -19.50 38.05 31.25
CAU Y01 LA . -20.87 39.54 29.72
CAS Y01 LA . -20.67 40.80 30.58
CBF Y01 LA . -21.72 40.92 31.70
CBD Y01 LA . -21.74 39.64 32.54
CAK Y01 LA . -22.92 39.74 33.51
CAI Y01 LA . -22.78 40.98 34.35
CAZ Y01 LA . -22.29 42.09 33.87
CAV Y01 LA . -22.40 43.33 34.73
CBH Y01 LA . -21.48 42.13 32.60
CAD Y01 LA . -20.01 42.19 33.01
CAT Y01 LA . -21.81 43.40 31.81
CAR Y01 LA . -21.76 44.63 32.71
CBC Y01 LA . -22.80 44.51 33.84
OAW Y01 LA . -22.79 45.72 34.63
CAA Y01 MA . 2.30 36.07 31.29
CBA Y01 MA . 2.74 37.54 31.22
CAB Y01 MA . 3.29 37.83 29.83
CAN Y01 MA . 1.52 38.43 31.49
CAJ Y01 MA . 1.08 38.28 32.94
CAO Y01 MA . 0.62 39.63 33.49
CBB Y01 MA . 1.11 39.80 34.92
CAC Y01 MA . 2.65 39.79 34.90
CBE Y01 MA . 0.64 41.13 35.59
CAP Y01 MA . -0.50 41.86 34.84
CAQ Y01 MA . -1.40 42.51 35.92
CBG Y01 MA . -0.62 42.29 37.23
CBI Y01 MA . 0.06 40.91 37.00
CAE Y01 MA . -0.97 39.77 36.96
CAU Y01 MA . 1.08 40.70 38.12
CAS Y01 MA . 0.50 40.96 39.54
CBF Y01 MA . -0.42 42.18 39.66
CBD Y01 MA . -1.43 42.24 38.52
CAK Y01 MA . -2.26 43.53 38.63
CAI Y01 MA . -2.81 43.68 40.02
CAZ Y01 MA . -2.18 43.27 41.08
CAV Y01 MA . -2.83 43.49 42.43
CBH Y01 MA . -1.13 42.20 41.01
CAD Y01 MA . -1.87 40.87 41.22
CAT Y01 MA . -0.12 42.39 42.14
CAR Y01 MA . -0.81 42.59 43.50
CBC Y01 MA . -1.75 43.78 43.46
OAW Y01 MA . -2.37 43.95 44.77
#